data_7LZH
#
_entry.id   7LZH
#
_cell.length_a   1.00
_cell.length_b   1.00
_cell.length_c   1.00
_cell.angle_alpha   90.00
_cell.angle_beta   90.00
_cell.angle_gamma   90.00
#
_symmetry.space_group_name_H-M   'P 1'
#
loop_
_entity.id
_entity.type
_entity.pdbx_description
1 polymer 'Glutamate receptor 3.4'
2 branched 2-acetamido-2-deoxy-beta-D-glucopyranose-(1-4)-2-acetamido-2-deoxy-beta-D-glucopyranose
3 non-polymer 'GLUTAMIC ACID'
4 non-polymer 2-acetamido-2-deoxy-beta-D-glucopyranose
5 non-polymer GLUTATHIONE
#
_entity_poly.entity_id   1
_entity_poly.type   'polypeptide(L)'
_entity_poly.pdbx_seq_one_letter_code
;MGFLVMIREVSMAKAIRVVLLCVSVLWVVPKECACRSNFSRNSSSSSSSSLRPLRQRPSSVNVGALFTYDSFIGRAAKPA
VKAAMDDVNADQSVLKGIKLNIIFQDSNCSGFIGTMGALQLMENKVVAAIGPQSSGIAHMISYVANELHVPLLSFGATDP
TLSSLQFPYFLRTTQNDYFQMHAIADFLSYSGWRQVIAIFVDDECGRNGISVLGDVLAKKRSRISYKAAITPGADSSSIR
DLLVSVNLMESRVFVVHVNPDSGLNVFSVAKSLGMMASGYVWIATDWLPTAMDSMEHVDSDTMDLLQGVVAFRHYTIESS
VKRQFMARWKNLRPNDGFNSYAMYAYDSVWLVARALDVFFRENNNITFSNDPNLHKTNGSTIQLSALSVFNEGEKFMKII
LGMNHTGVTGPIQFDSDRNRVNPAYEVLNLEGTAPRTVGYWSNHSGLSVVHPETLYSRPPNTSTANQRLKGIIYPGEVTK
PPRGWVFPNNGKPLRIGVPNRVSYTDYVSKDKNPPGVRGYCIDVFEAAIELLPYPVPRTYILYGDGKRNPSYDNLVNEVV
ADNFDVAVGDITIVTNRTRYVDFTQPFIESGLVVVAPVKEAKSSPWSFLKPFTIEMWAVTGGFFLFVGAMVWILEHRFNQ
EFRGPPRRQLITIFWFSFSTMFFSHRENTVSSLGRFVLIIWLFVVLIINSSYTASLTSILTIRQLTSRIEGIDSLVTSNE
PIGVQDGTFARNYLINELNILPSRIVPLKDEEQYLSALQRGPNAGGVAAIVDELPYIEVLLTNSNCKFRTVGQEFTRTGW
GFAFQRDSPLAVDMSTAILQLSEEGELEKIHRKWLNYKHECSMQISNSEDSQLSLKSFWGLFLICGITCFMALTVFFWRV
FWQYQRLLPESADEERAGEVSEPSRSGRGSRAPSFKELIKVVDKREAEIKEILKQKSSKKLKSTQSAAGTSQSQHGEIT
;
_entity_poly.pdbx_strand_id   A,B,C,D
#
loop_
_chem_comp.id
_chem_comp.type
_chem_comp.name
_chem_comp.formula
GSH non-polymer GLUTATHIONE 'C10 H17 N3 O6 S'
NAG D-saccharide, beta linking 2-acetamido-2-deoxy-beta-D-glucopyranose 'C8 H15 N O6'
#
# COMPACT_ATOMS: atom_id res chain seq x y z
N GLN A 56 -76.41 -24.62 32.36
CA GLN A 56 -77.20 -25.82 32.09
C GLN A 56 -76.29 -26.86 31.43
N ARG A 57 -75.97 -27.91 32.17
CA ARG A 57 -75.09 -28.96 31.67
C ARG A 57 -75.82 -29.83 30.66
N PRO A 58 -75.34 -29.93 29.41
CA PRO A 58 -76.11 -30.62 28.37
C PRO A 58 -76.14 -32.14 28.50
N SER A 59 -76.75 -32.80 27.53
CA SER A 59 -76.84 -34.26 27.55
C SER A 59 -75.52 -34.89 27.15
N SER A 60 -74.83 -34.31 26.16
CA SER A 60 -73.62 -34.91 25.64
C SER A 60 -72.75 -33.82 25.02
N VAL A 61 -71.44 -34.04 25.07
CA VAL A 61 -70.48 -33.18 24.38
C VAL A 61 -69.71 -34.01 23.37
N ASN A 62 -69.34 -33.39 22.27
CA ASN A 62 -68.66 -34.06 21.17
C ASN A 62 -67.27 -33.49 21.02
N VAL A 63 -66.26 -34.36 21.04
CA VAL A 63 -64.91 -33.95 20.69
C VAL A 63 -64.51 -34.68 19.41
N GLY A 64 -63.48 -34.16 18.76
CA GLY A 64 -63.02 -34.71 17.51
C GLY A 64 -61.90 -35.72 17.71
N ALA A 65 -61.56 -36.40 16.62
CA ALA A 65 -60.49 -37.40 16.62
C ALA A 65 -59.99 -37.56 15.20
N LEU A 66 -58.85 -36.95 14.90
CA LEU A 66 -58.20 -37.09 13.60
C LEU A 66 -56.95 -37.92 13.78
N PHE A 67 -57.05 -39.22 13.46
CA PHE A 67 -55.86 -40.04 13.49
C PHE A 67 -55.98 -41.16 12.47
N THR A 68 -54.89 -41.39 11.74
CA THR A 68 -54.87 -42.38 10.67
C THR A 68 -54.97 -43.77 11.26
N TYR A 69 -56.01 -44.52 10.85
CA TYR A 69 -56.23 -45.85 11.40
C TYR A 69 -55.15 -46.82 10.95
N ASP A 70 -54.75 -46.74 9.68
CA ASP A 70 -53.88 -47.75 9.08
C ASP A 70 -52.41 -47.32 9.22
N SER A 71 -51.99 -47.15 10.46
CA SER A 71 -50.60 -46.92 10.77
C SER A 71 -50.28 -47.50 12.13
N PHE A 72 -49.00 -47.44 12.50
CA PHE A 72 -48.58 -48.06 13.75
C PHE A 72 -49.01 -47.24 14.96
N ILE A 73 -49.28 -45.96 14.76
CA ILE A 73 -49.71 -45.13 15.88
C ILE A 73 -51.22 -45.23 16.07
N GLY A 74 -51.98 -45.17 14.98
CA GLY A 74 -53.43 -45.12 15.07
C GLY A 74 -54.09 -46.39 15.53
N ARG A 75 -53.53 -47.55 15.16
CA ARG A 75 -54.09 -48.82 15.61
C ARG A 75 -53.88 -49.06 17.09
N ALA A 76 -52.96 -48.32 17.72
CA ALA A 76 -52.91 -48.26 19.16
C ALA A 76 -53.74 -47.11 19.71
N ALA A 77 -53.90 -46.04 18.93
CA ALA A 77 -54.63 -44.87 19.42
C ALA A 77 -56.12 -45.12 19.49
N LYS A 78 -56.68 -45.83 18.50
CA LYS A 78 -58.12 -46.07 18.45
C LYS A 78 -58.66 -46.86 19.64
N PRO A 79 -58.01 -47.90 20.19
CA PRO A 79 -58.52 -48.43 21.45
C PRO A 79 -58.32 -47.49 22.62
N ALA A 80 -57.20 -46.74 22.63
CA ALA A 80 -56.88 -45.90 23.78
C ALA A 80 -57.85 -44.74 23.92
N VAL A 81 -58.29 -44.17 22.81
CA VAL A 81 -59.32 -43.14 22.86
C VAL A 81 -60.65 -43.77 23.25
N LYS A 82 -60.91 -44.99 22.77
CA LYS A 82 -62.11 -45.69 23.19
C LYS A 82 -62.01 -46.17 24.63
N ALA A 83 -60.80 -46.38 25.14
CA ALA A 83 -60.65 -46.83 26.53
C ALA A 83 -60.96 -45.69 27.50
N ALA A 84 -60.37 -44.51 27.27
CA ALA A 84 -60.58 -43.40 28.17
C ALA A 84 -61.98 -42.83 28.08
N MET A 85 -62.62 -43.00 26.92
CA MET A 85 -64.03 -42.65 26.81
C MET A 85 -64.89 -43.53 27.71
N ASP A 86 -64.49 -44.79 27.88
CA ASP A 86 -65.22 -45.68 28.76
C ASP A 86 -64.97 -45.37 30.23
N ASP A 87 -63.84 -44.74 30.55
CA ASP A 87 -63.56 -44.43 31.95
C ASP A 87 -64.14 -43.09 32.37
N VAL A 88 -64.24 -42.12 31.46
CA VAL A 88 -64.83 -40.84 31.84
C VAL A 88 -66.34 -40.96 31.99
N ASN A 89 -66.96 -41.92 31.31
CA ASN A 89 -68.36 -42.22 31.54
C ASN A 89 -68.55 -43.20 32.69
N ALA A 90 -67.47 -43.75 33.21
CA ALA A 90 -67.52 -44.53 34.44
C ALA A 90 -67.17 -43.70 35.67
N ASP A 91 -66.32 -42.69 35.50
CA ASP A 91 -65.97 -41.77 36.59
C ASP A 91 -67.03 -40.69 36.67
N GLN A 92 -67.85 -40.73 37.72
CA GLN A 92 -68.95 -39.79 37.87
C GLN A 92 -68.50 -38.44 38.39
N SER A 93 -67.25 -38.32 38.86
CA SER A 93 -66.75 -37.01 39.27
C SER A 93 -66.52 -36.09 38.08
N VAL A 94 -66.17 -36.66 36.92
CA VAL A 94 -66.00 -35.87 35.70
C VAL A 94 -67.16 -36.02 34.74
N LEU A 95 -68.13 -36.88 35.05
CA LEU A 95 -69.26 -37.09 34.16
C LEU A 95 -70.20 -35.89 34.20
N LYS A 96 -70.72 -35.58 35.40
CA LYS A 96 -71.54 -34.39 35.69
C LYS A 96 -72.81 -34.35 34.85
N GLY A 97 -73.41 -35.52 34.64
CA GLY A 97 -74.61 -35.61 33.84
C GLY A 97 -74.39 -35.47 32.35
N ILE A 98 -73.16 -35.63 31.86
CA ILE A 98 -72.83 -35.43 30.46
C ILE A 98 -72.15 -36.70 29.94
N LYS A 99 -72.73 -37.28 28.89
CA LYS A 99 -72.18 -38.49 28.28
C LYS A 99 -71.21 -38.07 27.18
N LEU A 100 -69.92 -38.08 27.50
CA LEU A 100 -68.89 -37.65 26.56
C LEU A 100 -68.67 -38.76 25.53
N ASN A 101 -69.34 -38.65 24.39
CA ASN A 101 -69.06 -39.51 23.25
C ASN A 101 -68.07 -38.81 22.31
N ILE A 102 -67.26 -39.60 21.62
CA ILE A 102 -66.17 -39.09 20.82
C ILE A 102 -66.41 -39.45 19.37
N ILE A 103 -66.64 -38.44 18.53
CA ILE A 103 -66.81 -38.66 17.11
C ILE A 103 -65.46 -38.94 16.49
N PHE A 104 -65.34 -40.07 15.80
CA PHE A 104 -64.10 -40.42 15.13
C PHE A 104 -64.10 -39.91 13.70
N GLN A 105 -62.90 -39.66 13.18
CA GLN A 105 -62.75 -39.25 11.80
C GLN A 105 -61.35 -39.66 11.35
N ASP A 106 -61.25 -40.78 10.66
CA ASP A 106 -59.95 -41.22 10.22
C ASP A 106 -59.49 -40.44 8.98
N SER A 107 -58.26 -40.72 8.58
CA SER A 107 -57.71 -40.21 7.35
C SER A 107 -56.70 -41.22 6.82
N ASN A 108 -56.45 -41.14 5.50
CA ASN A 108 -55.51 -42.04 4.78
C ASN A 108 -54.13 -41.39 4.69
N CYS A 109 -53.74 -40.67 5.71
CA CYS A 109 -52.48 -39.94 5.82
C CYS A 109 -52.21 -39.04 4.63
N SER A 110 -53.26 -38.61 3.94
CA SER A 110 -53.11 -37.63 2.88
C SER A 110 -53.63 -36.29 3.35
N GLY A 111 -53.02 -35.23 2.82
CA GLY A 111 -53.41 -33.89 3.20
C GLY A 111 -54.80 -33.50 2.76
N PHE A 112 -55.35 -34.16 1.74
CA PHE A 112 -56.67 -33.76 1.27
C PHE A 112 -57.78 -34.31 2.16
N ILE A 113 -57.91 -35.63 2.25
CA ILE A 113 -59.04 -36.19 2.98
C ILE A 113 -58.86 -36.10 4.48
N GLY A 114 -57.67 -35.74 4.95
CA GLY A 114 -57.55 -35.37 6.36
C GLY A 114 -58.32 -34.11 6.67
N THR A 115 -58.15 -33.08 5.84
CA THR A 115 -58.87 -31.83 6.05
C THR A 115 -60.35 -32.00 5.74
N MET A 116 -60.66 -32.72 4.66
CA MET A 116 -62.06 -32.90 4.24
C MET A 116 -62.84 -33.73 5.25
N GLY A 117 -62.17 -34.63 5.96
CA GLY A 117 -62.80 -35.27 7.09
C GLY A 117 -62.97 -34.32 8.27
N ALA A 118 -61.99 -33.43 8.47
CA ALA A 118 -62.06 -32.52 9.60
C ALA A 118 -63.02 -31.37 9.34
N LEU A 119 -63.17 -30.97 8.08
CA LEU A 119 -64.26 -30.06 7.73
C LEU A 119 -65.61 -30.71 7.95
N GLN A 120 -65.70 -32.04 7.82
CA GLN A 120 -66.91 -32.72 8.24
C GLN A 120 -67.03 -32.75 9.76
N LEU A 121 -65.89 -32.76 10.47
CA LEU A 121 -65.97 -32.62 11.93
C LEU A 121 -66.42 -31.23 12.34
N MET A 122 -66.05 -30.21 11.57
CA MET A 122 -66.43 -28.87 11.96
C MET A 122 -67.86 -28.54 11.56
N GLU A 123 -68.39 -29.18 10.53
CA GLU A 123 -69.82 -29.09 10.27
C GLU A 123 -70.62 -29.76 11.37
N ASN A 124 -70.06 -30.83 11.94
CA ASN A 124 -70.58 -31.37 13.18
C ASN A 124 -70.26 -30.41 14.33
N LYS A 125 -71.03 -30.50 15.40
CA LYS A 125 -70.74 -29.70 16.57
C LYS A 125 -69.59 -30.33 17.36
N VAL A 126 -68.62 -29.51 17.74
CA VAL A 126 -67.46 -29.97 18.51
C VAL A 126 -67.17 -28.97 19.61
N VAL A 127 -66.37 -29.42 20.57
CA VAL A 127 -65.79 -28.53 21.58
C VAL A 127 -64.28 -28.61 21.62
N ALA A 128 -63.69 -29.67 21.06
CA ALA A 128 -62.26 -29.85 20.95
C ALA A 128 -62.03 -30.92 19.90
N ALA A 129 -60.77 -31.17 19.58
CA ALA A 129 -60.42 -32.19 18.61
C ALA A 129 -59.09 -32.80 18.99
N ILE A 130 -59.09 -34.10 19.30
CA ILE A 130 -57.86 -34.83 19.53
C ILE A 130 -57.07 -34.85 18.24
N GLY A 131 -55.94 -34.17 18.25
CA GLY A 131 -55.37 -33.61 17.05
C GLY A 131 -54.76 -34.60 16.09
N PRO A 132 -54.29 -34.09 14.96
CA PRO A 132 -53.64 -34.95 13.98
C PRO A 132 -52.27 -35.35 14.50
N GLN A 133 -51.76 -36.47 14.02
CA GLN A 133 -50.39 -36.83 14.30
C GLN A 133 -49.52 -36.78 13.06
N SER A 134 -50.12 -36.52 11.90
CA SER A 134 -49.34 -36.56 10.67
C SER A 134 -48.44 -35.36 10.51
N SER A 135 -48.73 -34.27 11.23
CA SER A 135 -47.97 -33.02 11.26
C SER A 135 -47.86 -32.31 9.91
N GLY A 136 -48.64 -32.74 8.93
CA GLY A 136 -48.85 -31.96 7.73
C GLY A 136 -50.33 -31.69 7.67
N ILE A 137 -51.10 -32.61 8.24
CA ILE A 137 -52.49 -32.30 8.55
C ILE A 137 -52.53 -31.24 9.63
N ALA A 138 -51.61 -31.31 10.59
CA ALA A 138 -51.66 -30.42 11.73
C ALA A 138 -51.27 -28.99 11.41
N HIS A 139 -50.63 -28.72 10.29
CA HIS A 139 -50.51 -27.33 9.85
C HIS A 139 -51.85 -26.82 9.38
N MET A 140 -52.48 -27.51 8.43
CA MET A 140 -53.65 -26.97 7.77
C MET A 140 -54.87 -26.94 8.69
N ILE A 141 -55.04 -27.98 9.51
CA ILE A 141 -56.16 -27.98 10.44
C ILE A 141 -55.96 -26.93 11.52
N SER A 142 -54.72 -26.59 11.82
CA SER A 142 -54.50 -25.44 12.68
C SER A 142 -54.48 -24.12 11.91
N TYR A 143 -55.02 -24.10 10.69
CA TYR A 143 -55.55 -22.87 10.13
C TYR A 143 -57.07 -22.82 10.18
N VAL A 144 -57.75 -23.96 10.07
CA VAL A 144 -59.20 -23.94 10.25
C VAL A 144 -59.58 -23.97 11.72
N ALA A 145 -58.66 -24.32 12.61
CA ALA A 145 -58.93 -24.18 14.03
C ALA A 145 -58.42 -22.85 14.58
N ASN A 146 -57.71 -22.09 13.77
CA ASN A 146 -57.35 -20.73 14.13
C ASN A 146 -58.44 -19.75 13.72
N GLU A 147 -59.43 -20.21 12.96
CA GLU A 147 -60.53 -19.35 12.57
C GLU A 147 -61.88 -19.82 13.10
N LEU A 148 -61.95 -21.03 13.64
CA LEU A 148 -63.14 -21.47 14.33
C LEU A 148 -62.94 -21.53 15.83
N HIS A 149 -61.74 -21.18 16.31
CA HIS A 149 -61.38 -21.03 17.72
C HIS A 149 -61.57 -22.32 18.51
N VAL A 150 -61.38 -23.45 17.85
CA VAL A 150 -61.53 -24.76 18.47
C VAL A 150 -60.15 -25.25 18.90
N PRO A 151 -59.98 -25.68 20.15
CA PRO A 151 -58.68 -26.16 20.58
C PRO A 151 -58.34 -27.49 19.93
N LEU A 152 -57.10 -27.61 19.49
CA LEU A 152 -56.65 -28.74 18.69
C LEU A 152 -55.53 -29.42 19.46
N LEU A 153 -55.90 -30.40 20.28
CA LEU A 153 -54.94 -31.05 21.18
C LEU A 153 -54.35 -32.24 20.46
N SER A 154 -53.11 -32.10 19.99
CA SER A 154 -52.47 -33.19 19.29
C SER A 154 -51.82 -34.16 20.26
N PHE A 155 -51.78 -35.43 19.88
CA PHE A 155 -51.08 -36.43 20.65
C PHE A 155 -49.83 -36.95 19.94
N GLY A 156 -49.69 -36.70 18.65
CA GLY A 156 -48.52 -37.19 17.96
C GLY A 156 -47.94 -36.18 17.00
N ALA A 157 -48.00 -34.90 17.37
CA ALA A 157 -47.53 -33.84 16.49
C ALA A 157 -46.05 -33.94 16.23
N THR A 158 -45.24 -33.66 17.25
CA THR A 158 -43.78 -33.63 17.19
C THR A 158 -43.28 -32.83 15.99
N ASP A 159 -43.67 -31.58 15.96
CA ASP A 159 -43.19 -30.73 14.88
C ASP A 159 -42.73 -29.42 15.50
N PRO A 160 -41.50 -29.05 15.32
CA PRO A 160 -40.93 -27.97 16.12
C PRO A 160 -41.26 -26.56 15.67
N THR A 161 -42.29 -26.39 14.83
CA THR A 161 -42.75 -25.07 14.47
C THR A 161 -44.20 -24.83 14.85
N LEU A 162 -44.90 -25.85 15.34
CA LEU A 162 -46.29 -25.67 15.69
C LEU A 162 -46.47 -25.02 17.05
N SER A 163 -45.42 -24.94 17.85
CA SER A 163 -45.49 -24.27 19.14
C SER A 163 -45.01 -22.84 18.96
N SER A 164 -45.85 -22.03 18.34
CA SER A 164 -45.55 -20.62 18.12
C SER A 164 -46.85 -19.83 18.17
N LEU A 165 -46.71 -18.52 18.06
CA LEU A 165 -47.84 -17.63 18.26
C LEU A 165 -48.76 -17.54 17.06
N GLN A 166 -48.32 -18.00 15.89
CA GLN A 166 -49.24 -18.01 14.76
C GLN A 166 -50.30 -19.10 14.89
N PHE A 167 -50.05 -20.12 15.72
CA PHE A 167 -51.03 -21.17 16.00
C PHE A 167 -51.40 -21.06 17.47
N PRO A 168 -52.37 -20.25 17.84
CA PRO A 168 -52.69 -20.10 19.26
C PRO A 168 -53.57 -21.19 19.81
N TYR A 169 -54.27 -21.94 18.96
CA TYR A 169 -55.19 -22.97 19.42
C TYR A 169 -54.64 -24.37 19.24
N PHE A 170 -53.33 -24.52 19.12
CA PHE A 170 -52.74 -25.82 18.87
C PHE A 170 -51.92 -26.21 20.10
N LEU A 171 -52.56 -26.87 21.04
CA LEU A 171 -51.86 -27.37 22.21
C LEU A 171 -51.33 -28.76 21.90
N ARG A 172 -50.15 -29.06 22.41
CA ARG A 172 -49.44 -30.29 22.12
C ARG A 172 -49.26 -31.09 23.40
N THR A 173 -49.89 -32.26 23.45
CA THR A 173 -49.78 -33.10 24.64
C THR A 173 -48.54 -33.96 24.63
N THR A 174 -48.09 -34.40 23.46
CA THR A 174 -46.84 -35.13 23.39
C THR A 174 -45.66 -34.18 23.56
N GLN A 175 -44.47 -34.75 23.65
CA GLN A 175 -43.31 -33.92 23.86
C GLN A 175 -42.87 -33.31 22.56
N ASN A 176 -42.34 -32.10 22.65
CA ASN A 176 -41.94 -31.33 21.48
C ASN A 176 -40.73 -32.00 20.84
N ASP A 177 -40.76 -32.13 19.52
CA ASP A 177 -39.65 -32.73 18.81
C ASP A 177 -38.43 -31.83 18.79
N TYR A 178 -38.57 -30.59 19.23
CA TYR A 178 -37.46 -29.67 19.44
C TYR A 178 -36.48 -30.18 20.48
N PHE A 179 -36.89 -31.10 21.36
CA PHE A 179 -36.00 -31.57 22.40
C PHE A 179 -35.16 -32.78 22.00
N GLN A 180 -35.65 -33.62 21.08
CA GLN A 180 -34.80 -34.69 20.58
C GLN A 180 -33.59 -34.15 19.86
N MET A 181 -33.79 -33.08 19.09
CA MET A 181 -32.66 -32.46 18.42
C MET A 181 -31.76 -31.71 19.38
N HIS A 182 -32.16 -31.53 20.63
CA HIS A 182 -31.16 -31.26 21.64
C HIS A 182 -30.54 -32.56 22.14
N ALA A 183 -31.34 -33.60 22.32
CA ALA A 183 -30.83 -34.82 22.91
C ALA A 183 -29.88 -35.54 21.98
N ILE A 184 -30.07 -35.41 20.67
CA ILE A 184 -29.01 -35.86 19.77
C ILE A 184 -27.85 -34.90 19.84
N ALA A 185 -28.10 -33.60 19.88
CA ALA A 185 -27.00 -32.66 19.96
C ALA A 185 -26.36 -32.60 21.34
N ASP A 186 -26.90 -33.30 22.34
CA ASP A 186 -26.11 -33.60 23.52
C ASP A 186 -25.39 -34.93 23.37
N PHE A 187 -25.97 -35.86 22.62
CA PHE A 187 -25.35 -37.16 22.42
C PHE A 187 -24.14 -37.07 21.51
N LEU A 188 -24.15 -36.17 20.54
CA LEU A 188 -23.05 -36.10 19.59
C LEU A 188 -21.82 -35.47 20.22
N SER A 189 -21.99 -34.32 20.86
CA SER A 189 -20.86 -33.68 21.51
C SER A 189 -20.42 -34.42 22.76
N TYR A 190 -21.23 -35.35 23.26
CA TYR A 190 -20.75 -36.33 24.23
C TYR A 190 -19.68 -37.21 23.62
N SER A 191 -20.01 -37.88 22.52
CA SER A 191 -19.04 -38.71 21.84
C SER A 191 -18.03 -37.90 21.06
N GLY A 192 -18.34 -36.65 20.74
CA GLY A 192 -17.41 -35.82 20.01
C GLY A 192 -17.26 -36.15 18.55
N TRP A 193 -18.37 -36.22 17.81
CA TRP A 193 -18.32 -36.55 16.39
C TRP A 193 -18.35 -35.34 15.50
N ARG A 194 -19.16 -34.35 15.83
CA ARG A 194 -19.09 -32.99 15.28
C ARG A 194 -19.34 -32.86 13.79
N GLN A 195 -19.66 -33.94 13.07
CA GLN A 195 -19.93 -33.83 11.65
C GLN A 195 -20.84 -34.95 11.19
N VAL A 196 -22.12 -34.64 11.04
CA VAL A 196 -23.19 -35.60 10.94
C VAL A 196 -23.83 -35.47 9.56
N ILE A 197 -24.21 -36.59 8.96
CA ILE A 197 -24.92 -36.57 7.69
C ILE A 197 -26.32 -37.12 7.90
N ALA A 198 -27.32 -36.26 7.76
CA ALA A 198 -28.66 -36.59 8.21
C ALA A 198 -29.47 -37.21 7.09
N ILE A 199 -30.50 -37.95 7.46
CA ILE A 199 -31.43 -38.58 6.54
C ILE A 199 -32.83 -38.39 7.08
N PHE A 200 -33.73 -37.83 6.29
CA PHE A 200 -35.03 -37.49 6.82
C PHE A 200 -36.06 -37.53 5.72
N VAL A 201 -37.28 -37.92 6.08
CA VAL A 201 -38.36 -37.85 5.11
C VAL A 201 -38.67 -36.38 4.86
N ASP A 202 -39.02 -36.04 3.62
CA ASP A 202 -39.15 -34.63 3.25
C ASP A 202 -40.61 -34.22 3.35
N ASP A 203 -41.16 -34.40 4.53
CA ASP A 203 -42.50 -34.00 4.91
C ASP A 203 -42.36 -32.70 5.70
N GLU A 204 -43.45 -32.24 6.32
CA GLU A 204 -43.30 -31.11 7.22
C GLU A 204 -42.58 -31.47 8.50
N CYS A 205 -42.50 -32.75 8.85
CA CYS A 205 -41.82 -33.16 10.07
C CYS A 205 -40.32 -33.33 9.88
N GLY A 206 -39.86 -33.58 8.67
CA GLY A 206 -38.45 -33.71 8.47
C GLY A 206 -37.78 -32.37 8.34
N ARG A 207 -38.27 -31.54 7.42
CA ARG A 207 -37.62 -30.27 7.10
C ARG A 207 -37.66 -29.28 8.24
N ASN A 208 -38.62 -29.43 9.16
CA ASN A 208 -38.63 -28.63 10.37
C ASN A 208 -37.78 -29.26 11.45
N GLY A 209 -37.75 -30.58 11.51
CA GLY A 209 -36.97 -31.28 12.49
C GLY A 209 -35.49 -31.08 12.29
N ILE A 210 -34.96 -31.46 11.13
CA ILE A 210 -33.52 -31.40 10.92
C ILE A 210 -33.04 -29.98 10.65
N SER A 211 -33.94 -29.02 10.47
CA SER A 211 -33.49 -27.64 10.52
C SER A 211 -33.14 -27.22 11.93
N VAL A 212 -33.75 -27.85 12.94
CA VAL A 212 -33.40 -27.54 14.32
C VAL A 212 -32.04 -28.11 14.67
N LEU A 213 -31.82 -29.38 14.33
CA LEU A 213 -30.54 -30.05 14.56
C LEU A 213 -29.41 -29.39 13.78
N GLY A 214 -29.71 -28.71 12.68
CA GLY A 214 -28.70 -27.88 12.06
C GLY A 214 -28.33 -26.70 12.92
N ASP A 215 -29.26 -26.22 13.74
CA ASP A 215 -29.02 -25.01 14.51
C ASP A 215 -28.48 -25.32 15.89
N VAL A 216 -28.97 -26.37 16.54
CA VAL A 216 -28.48 -26.69 17.88
C VAL A 216 -27.05 -27.21 17.80
N LEU A 217 -26.70 -27.91 16.72
CA LEU A 217 -25.31 -28.30 16.53
C LEU A 217 -24.42 -27.13 16.17
N ALA A 218 -24.98 -26.01 15.72
CA ALA A 218 -24.11 -24.87 15.43
C ALA A 218 -23.63 -24.18 16.69
N LYS A 219 -24.34 -24.32 17.81
CA LYS A 219 -23.87 -23.75 19.07
C LYS A 219 -22.64 -24.47 19.56
N LYS A 220 -22.56 -25.77 19.34
CA LYS A 220 -21.43 -26.59 19.74
C LYS A 220 -20.41 -26.73 18.63
N ARG A 221 -20.50 -25.88 17.61
CA ARG A 221 -19.62 -25.80 16.45
C ARG A 221 -19.58 -27.07 15.63
N SER A 222 -20.58 -27.94 15.78
CA SER A 222 -20.81 -29.05 14.88
C SER A 222 -21.64 -28.59 13.69
N ARG A 223 -21.90 -29.49 12.76
CA ARG A 223 -22.69 -29.13 11.59
C ARG A 223 -23.27 -30.39 10.97
N ILE A 224 -24.29 -30.19 10.16
CA ILE A 224 -24.84 -31.25 9.33
C ILE A 224 -24.27 -31.10 7.94
N SER A 225 -23.59 -32.13 7.44
CA SER A 225 -22.91 -32.02 6.17
C SER A 225 -23.89 -31.99 5.00
N TYR A 226 -24.64 -33.06 4.81
CA TYR A 226 -25.43 -33.24 3.61
C TYR A 226 -26.83 -33.68 4.00
N LYS A 227 -27.78 -32.76 3.98
CA LYS A 227 -29.16 -33.08 4.33
C LYS A 227 -29.76 -33.91 3.22
N ALA A 228 -29.47 -35.21 3.26
CA ALA A 228 -30.10 -36.13 2.32
C ALA A 228 -31.57 -36.25 2.65
N ALA A 229 -32.40 -36.38 1.62
CA ALA A 229 -33.83 -36.25 1.84
C ALA A 229 -34.57 -37.22 0.95
N ILE A 230 -35.14 -38.25 1.53
CA ILE A 230 -35.98 -39.15 0.76
C ILE A 230 -37.29 -38.45 0.46
N THR A 231 -37.89 -38.80 -0.64
CA THR A 231 -39.20 -38.32 -1.06
C THR A 231 -40.28 -39.12 -0.34
N PRO A 232 -41.35 -38.47 0.14
CA PRO A 232 -42.34 -39.19 0.99
C PRO A 232 -43.04 -40.34 0.31
N GLY A 233 -43.28 -40.25 -0.99
CA GLY A 233 -43.67 -41.44 -1.71
C GLY A 233 -42.41 -42.14 -2.17
N ALA A 234 -41.95 -43.12 -1.39
CA ALA A 234 -40.67 -43.75 -1.62
C ALA A 234 -40.83 -45.24 -1.84
N ASP A 235 -40.29 -45.72 -2.95
CA ASP A 235 -40.15 -47.15 -3.20
C ASP A 235 -38.85 -47.65 -2.59
N SER A 236 -38.48 -48.88 -2.95
CA SER A 236 -37.17 -49.37 -2.57
C SER A 236 -36.08 -48.99 -3.56
N SER A 237 -36.40 -48.14 -4.54
CA SER A 237 -35.38 -47.72 -5.49
C SER A 237 -34.86 -46.33 -5.19
N SER A 238 -35.72 -45.42 -4.72
CA SER A 238 -35.25 -44.11 -4.35
C SER A 238 -34.46 -44.12 -3.05
N ILE A 239 -34.62 -45.16 -2.24
CA ILE A 239 -33.77 -45.32 -1.06
C ILE A 239 -32.37 -45.76 -1.48
N ARG A 240 -32.28 -46.68 -2.45
CA ARG A 240 -30.97 -47.13 -2.90
C ARG A 240 -30.24 -46.06 -3.68
N ASP A 241 -30.98 -45.22 -4.42
CA ASP A 241 -30.34 -44.12 -5.14
C ASP A 241 -29.78 -43.08 -4.19
N LEU A 242 -30.33 -42.99 -2.98
CA LEU A 242 -29.85 -42.00 -2.03
C LEU A 242 -28.76 -42.56 -1.13
N LEU A 243 -28.99 -43.72 -0.51
CA LEU A 243 -28.05 -44.27 0.45
C LEU A 243 -26.74 -44.71 -0.19
N VAL A 244 -26.73 -44.97 -1.49
CA VAL A 244 -25.45 -45.11 -2.19
C VAL A 244 -24.77 -43.76 -2.29
N SER A 245 -25.53 -42.70 -2.59
CA SER A 245 -24.91 -41.41 -2.80
C SER A 245 -24.48 -40.72 -1.52
N VAL A 246 -24.74 -41.28 -0.35
CA VAL A 246 -24.22 -40.74 0.90
C VAL A 246 -23.17 -41.63 1.52
N ASN A 247 -22.96 -42.84 1.01
CA ASN A 247 -21.78 -43.60 1.39
C ASN A 247 -20.52 -42.94 0.87
N LEU A 248 -20.63 -42.27 -0.28
CA LEU A 248 -19.48 -41.66 -0.90
C LEU A 248 -19.29 -40.25 -0.40
N MET A 249 -19.31 -40.04 0.92
CA MET A 249 -19.19 -38.71 1.49
C MET A 249 -18.41 -38.78 2.80
N GLU A 250 -18.30 -37.61 3.43
CA GLU A 250 -17.26 -37.36 4.41
C GLU A 250 -17.66 -37.74 5.83
N SER A 251 -18.80 -38.35 6.03
CA SER A 251 -19.22 -38.65 7.39
C SER A 251 -19.88 -40.01 7.47
N ARG A 252 -19.83 -40.58 8.66
CA ARG A 252 -20.46 -41.86 8.90
C ARG A 252 -21.34 -41.83 10.14
N VAL A 253 -21.89 -40.69 10.46
CA VAL A 253 -22.75 -40.57 11.63
C VAL A 253 -24.13 -40.23 11.11
N PHE A 254 -24.97 -41.23 10.90
CA PHE A 254 -26.24 -41.03 10.25
C PHE A 254 -27.35 -40.84 11.27
N VAL A 255 -27.99 -39.68 11.25
CA VAL A 255 -29.24 -39.47 11.95
C VAL A 255 -30.36 -39.82 10.98
N VAL A 256 -31.28 -40.67 11.38
CA VAL A 256 -32.44 -40.96 10.55
C VAL A 256 -33.69 -40.52 11.30
N HIS A 257 -34.53 -39.74 10.63
CA HIS A 257 -35.79 -39.27 11.20
C HIS A 257 -36.85 -39.46 10.11
N VAL A 258 -37.45 -40.64 10.07
CA VAL A 258 -38.37 -41.06 9.03
C VAL A 258 -39.69 -41.39 9.72
N ASN A 259 -40.81 -41.29 9.01
CA ASN A 259 -42.07 -41.76 9.53
C ASN A 259 -42.01 -43.28 9.73
N PRO A 260 -42.74 -43.82 10.72
CA PRO A 260 -42.45 -45.19 11.18
C PRO A 260 -42.84 -46.29 10.21
N ASP A 261 -43.86 -46.09 9.37
CA ASP A 261 -44.34 -47.20 8.54
C ASP A 261 -43.34 -47.56 7.45
N SER A 262 -42.75 -46.58 6.80
CA SER A 262 -41.70 -46.84 5.84
C SER A 262 -40.31 -46.64 6.43
N GLY A 263 -40.21 -46.50 7.74
CA GLY A 263 -38.92 -46.18 8.32
C GLY A 263 -38.00 -47.37 8.40
N LEU A 264 -38.54 -48.54 8.69
CA LEU A 264 -37.74 -49.74 8.83
C LEU A 264 -37.20 -50.24 7.50
N ASN A 265 -37.77 -49.79 6.39
CA ASN A 265 -37.27 -50.12 5.06
C ASN A 265 -36.02 -49.31 4.70
N VAL A 266 -35.59 -48.38 5.55
CA VAL A 266 -34.30 -47.75 5.30
C VAL A 266 -33.18 -48.70 5.69
N PHE A 267 -33.30 -49.35 6.85
CA PHE A 267 -32.23 -50.23 7.32
C PHE A 267 -32.17 -51.53 6.54
N SER A 268 -33.30 -51.98 5.99
CA SER A 268 -33.27 -53.16 5.13
C SER A 268 -32.60 -52.89 3.80
N VAL A 269 -32.45 -51.63 3.42
CA VAL A 269 -31.56 -51.28 2.34
C VAL A 269 -30.13 -51.09 2.83
N ALA A 270 -29.96 -50.52 4.03
CA ALA A 270 -28.61 -50.27 4.54
C ALA A 270 -27.87 -51.54 4.91
N LYS A 271 -28.60 -52.58 5.35
CA LYS A 271 -27.95 -53.86 5.57
C LYS A 271 -27.57 -54.51 4.25
N SER A 272 -28.49 -54.52 3.30
CA SER A 272 -28.27 -55.18 2.02
C SER A 272 -27.48 -54.33 1.03
N LEU A 273 -26.88 -53.22 1.49
CA LEU A 273 -25.93 -52.47 0.69
C LEU A 273 -24.56 -52.50 1.34
N GLY A 274 -24.44 -53.16 2.49
CA GLY A 274 -23.18 -53.22 3.17
C GLY A 274 -22.85 -51.98 3.97
N MET A 275 -23.85 -51.17 4.31
CA MET A 275 -23.58 -49.97 5.08
C MET A 275 -23.36 -50.29 6.55
N MET A 276 -24.26 -51.03 7.16
CA MET A 276 -24.14 -51.28 8.59
C MET A 276 -23.05 -52.30 8.82
N ALA A 277 -21.91 -51.81 9.29
CA ALA A 277 -20.68 -52.57 9.47
C ALA A 277 -19.87 -51.83 10.51
N SER A 278 -18.57 -52.11 10.57
CA SER A 278 -17.71 -51.38 11.48
C SER A 278 -17.49 -49.95 10.98
N GLY A 279 -17.79 -48.98 11.83
CA GLY A 279 -17.51 -47.60 11.53
C GLY A 279 -18.66 -46.79 10.94
N TYR A 280 -19.91 -47.12 11.27
CA TYR A 280 -21.09 -46.48 10.72
C TYR A 280 -22.07 -46.29 11.87
N VAL A 281 -22.01 -45.15 12.54
CA VAL A 281 -22.92 -44.95 13.66
C VAL A 281 -24.28 -44.55 13.12
N TRP A 282 -25.30 -45.34 13.42
CA TRP A 282 -26.67 -44.99 13.11
C TRP A 282 -27.32 -44.48 14.38
N ILE A 283 -27.88 -43.28 14.33
CA ILE A 283 -28.68 -42.74 15.41
C ILE A 283 -30.09 -42.62 14.90
N ALA A 284 -31.06 -43.05 15.67
CA ALA A 284 -32.43 -43.03 15.21
C ALA A 284 -33.29 -42.33 16.24
N THR A 285 -34.27 -41.58 15.77
CA THR A 285 -35.19 -40.91 16.68
C THR A 285 -36.40 -41.79 16.94
N ASP A 286 -37.43 -41.24 17.57
CA ASP A 286 -38.53 -41.96 18.24
C ASP A 286 -39.27 -42.97 17.39
N TRP A 287 -39.15 -42.88 16.06
CA TRP A 287 -39.87 -43.79 15.19
C TRP A 287 -39.39 -45.22 15.32
N LEU A 288 -38.12 -45.43 15.66
CA LEU A 288 -37.56 -46.78 15.68
C LEU A 288 -38.07 -47.62 16.84
N PRO A 289 -38.19 -47.13 18.08
CA PRO A 289 -38.89 -47.94 19.07
C PRO A 289 -40.37 -48.05 18.81
N THR A 290 -40.96 -47.06 18.14
CA THR A 290 -42.35 -47.19 17.76
C THR A 290 -42.51 -48.17 16.60
N ALA A 291 -41.46 -48.36 15.80
CA ALA A 291 -41.50 -49.39 14.77
C ALA A 291 -41.34 -50.78 15.37
N MET A 292 -40.76 -50.88 16.57
CA MET A 292 -40.62 -52.17 17.20
C MET A 292 -41.80 -52.47 18.13
N ASP A 293 -42.14 -51.53 18.99
CA ASP A 293 -43.15 -51.76 20.02
C ASP A 293 -44.56 -51.86 19.45
N SER A 294 -44.79 -51.40 18.22
CA SER A 294 -46.07 -51.61 17.58
C SER A 294 -46.23 -53.04 17.09
N MET A 295 -45.14 -53.68 16.69
CA MET A 295 -45.15 -55.12 16.50
C MET A 295 -45.35 -55.80 17.85
N GLU A 296 -46.18 -56.84 17.86
CA GLU A 296 -46.55 -57.49 19.11
C GLU A 296 -45.35 -58.15 19.77
N HIS A 297 -44.53 -58.84 18.98
CA HIS A 297 -43.25 -59.36 19.44
C HIS A 297 -42.21 -59.02 18.39
N VAL A 298 -40.99 -58.74 18.84
CA VAL A 298 -39.90 -58.50 17.91
C VAL A 298 -39.54 -59.82 17.24
N ASP A 299 -39.67 -59.89 15.92
CA ASP A 299 -39.58 -61.14 15.18
C ASP A 299 -38.15 -61.66 15.02
N SER A 300 -37.15 -60.96 15.57
CA SER A 300 -35.73 -61.31 15.65
C SER A 300 -35.03 -61.38 14.31
N ASP A 301 -35.72 -61.10 13.20
CA ASP A 301 -35.03 -60.80 11.95
C ASP A 301 -34.83 -59.30 11.79
N THR A 302 -35.86 -58.51 12.10
CA THR A 302 -35.72 -57.06 12.12
C THR A 302 -34.77 -56.62 13.22
N MET A 303 -34.72 -57.37 14.32
CA MET A 303 -33.72 -57.11 15.35
C MET A 303 -32.31 -57.41 14.85
N ASP A 304 -32.16 -58.33 13.91
CA ASP A 304 -30.84 -58.54 13.32
C ASP A 304 -30.45 -57.40 12.38
N LEU A 305 -31.45 -56.72 11.79
CA LEU A 305 -31.15 -55.52 11.02
C LEU A 305 -30.66 -54.39 11.90
N LEU A 306 -31.09 -54.37 13.17
CA LEU A 306 -30.79 -53.27 14.07
C LEU A 306 -29.76 -53.76 15.09
N GLN A 307 -28.49 -53.69 14.71
CA GLN A 307 -27.39 -54.14 15.55
C GLN A 307 -26.43 -52.98 15.75
N GLY A 308 -26.74 -52.10 16.70
CA GLY A 308 -25.86 -50.99 16.99
C GLY A 308 -26.48 -49.61 16.83
N VAL A 309 -27.74 -49.54 16.46
CA VAL A 309 -28.38 -48.26 16.19
C VAL A 309 -28.94 -47.66 17.48
N VAL A 310 -28.43 -46.49 17.85
CA VAL A 310 -28.66 -45.92 19.17
C VAL A 310 -29.96 -45.13 19.17
N ALA A 311 -31.09 -45.82 19.33
CA ALA A 311 -32.37 -45.15 19.16
C ALA A 311 -32.74 -44.37 20.41
N PHE A 312 -33.61 -43.37 20.26
CA PHE A 312 -34.15 -42.64 21.40
C PHE A 312 -35.61 -43.00 21.57
N ARG A 313 -36.16 -42.67 22.74
CA ARG A 313 -37.54 -43.05 23.01
C ARG A 313 -38.07 -42.16 24.13
N HIS A 314 -39.37 -41.90 24.09
CA HIS A 314 -40.00 -41.06 25.11
C HIS A 314 -40.04 -41.75 26.46
N TYR A 315 -39.31 -41.19 27.42
CA TYR A 315 -39.33 -41.71 28.76
C TYR A 315 -40.55 -41.23 29.52
N THR A 316 -41.13 -42.12 30.32
CA THR A 316 -42.30 -41.84 31.12
C THR A 316 -42.13 -42.46 32.50
N ILE A 317 -42.30 -41.64 33.54
CA ILE A 317 -42.21 -42.12 34.91
C ILE A 317 -43.40 -43.01 35.24
N GLU A 318 -43.14 -44.11 35.94
CA GLU A 318 -44.14 -45.10 36.29
C GLU A 318 -44.94 -44.69 37.52
N SER A 319 -46.17 -45.19 37.58
CA SER A 319 -47.04 -45.04 38.73
C SER A 319 -48.01 -46.22 38.71
N SER A 320 -48.89 -46.27 39.72
CA SER A 320 -49.93 -47.28 39.72
C SER A 320 -51.01 -46.99 38.69
N VAL A 321 -51.13 -45.73 38.24
CA VAL A 321 -52.11 -45.41 37.23
C VAL A 321 -51.68 -45.94 35.87
N LYS A 322 -50.39 -45.83 35.56
CA LYS A 322 -49.88 -46.42 34.33
C LYS A 322 -49.80 -47.93 34.44
N ARG A 323 -49.58 -48.43 35.66
CA ARG A 323 -49.45 -49.87 35.87
C ARG A 323 -50.79 -50.58 35.65
N GLN A 324 -51.88 -50.01 36.17
CA GLN A 324 -53.19 -50.59 35.92
C GLN A 324 -53.64 -50.39 34.48
N PHE A 325 -53.09 -49.40 33.78
CA PHE A 325 -53.40 -49.23 32.36
C PHE A 325 -52.75 -50.30 31.52
N MET A 326 -51.55 -50.75 31.91
CA MET A 326 -50.88 -51.81 31.17
C MET A 326 -51.62 -53.13 31.30
N ALA A 327 -52.14 -53.43 32.49
CA ALA A 327 -53.03 -54.57 32.64
C ALA A 327 -54.37 -54.35 31.95
N ARG A 328 -54.85 -53.10 31.93
CA ARG A 328 -56.01 -52.75 31.12
C ARG A 328 -55.72 -52.94 29.64
N TRP A 329 -54.48 -52.65 29.24
CA TRP A 329 -54.09 -52.84 27.85
C TRP A 329 -54.02 -54.32 27.49
N LYS A 330 -53.59 -55.16 28.44
CA LYS A 330 -53.64 -56.60 28.23
C LYS A 330 -55.06 -57.13 28.19
N ASN A 331 -55.99 -56.44 28.85
CA ASN A 331 -57.40 -56.83 28.77
C ASN A 331 -57.98 -56.54 27.40
N LEU A 332 -57.46 -55.52 26.71
CA LEU A 332 -58.03 -55.13 25.43
C LEU A 332 -57.53 -56.03 24.30
N ARG A 333 -56.20 -56.12 24.16
CA ARG A 333 -55.47 -56.78 23.09
C ARG A 333 -55.93 -56.35 21.70
N PRO A 334 -55.51 -55.16 21.21
CA PRO A 334 -55.57 -54.90 19.76
C PRO A 334 -54.29 -55.36 19.07
N ASN A 335 -54.01 -56.67 19.20
CA ASN A 335 -52.76 -57.33 18.84
C ASN A 335 -51.54 -56.72 19.56
N ASP A 336 -51.78 -56.09 20.72
CA ASP A 336 -50.77 -55.66 21.67
C ASP A 336 -49.74 -54.69 21.08
N GLY A 337 -50.20 -53.76 20.24
CA GLY A 337 -49.29 -52.80 19.65
C GLY A 337 -49.01 -51.60 20.52
N PHE A 338 -48.61 -51.83 21.78
CA PHE A 338 -48.41 -50.77 22.76
C PHE A 338 -47.14 -50.02 22.39
N ASN A 339 -47.29 -48.82 21.85
CA ASN A 339 -46.18 -48.08 21.25
C ASN A 339 -45.93 -46.72 21.87
N SER A 340 -46.54 -46.45 23.02
CA SER A 340 -46.39 -45.27 23.88
C SER A 340 -47.01 -44.01 23.31
N TYR A 341 -47.47 -44.00 22.05
CA TYR A 341 -48.32 -42.90 21.63
C TYR A 341 -49.75 -43.10 22.10
N ALA A 342 -50.18 -44.35 22.27
CA ALA A 342 -51.47 -44.60 22.90
C ALA A 342 -51.46 -44.18 24.35
N MET A 343 -50.30 -44.19 24.98
CA MET A 343 -50.16 -43.65 26.33
C MET A 343 -50.36 -42.15 26.35
N TYR A 344 -50.03 -41.45 25.26
CA TYR A 344 -50.42 -40.04 25.16
C TYR A 344 -51.86 -39.90 24.72
N ALA A 345 -52.36 -40.80 23.90
CA ALA A 345 -53.74 -40.72 23.45
C ALA A 345 -54.70 -41.03 24.58
N TYR A 346 -54.30 -41.89 25.51
CA TYR A 346 -55.10 -42.10 26.71
C TYR A 346 -54.99 -40.90 27.63
N ASP A 347 -53.88 -40.16 27.55
CA ASP A 347 -53.73 -38.97 28.38
C ASP A 347 -54.62 -37.84 27.90
N SER A 348 -54.65 -37.61 26.58
CA SER A 348 -55.28 -36.42 26.01
C SER A 348 -56.78 -36.40 26.19
N VAL A 349 -57.41 -37.56 26.33
CA VAL A 349 -58.85 -37.58 26.58
C VAL A 349 -59.15 -37.14 28.00
N TRP A 350 -58.30 -37.53 28.96
CA TRP A 350 -58.43 -37.00 30.32
C TRP A 350 -58.13 -35.51 30.37
N LEU A 351 -57.15 -35.07 29.59
CA LEU A 351 -56.78 -33.66 29.60
C LEU A 351 -57.86 -32.80 28.97
N VAL A 352 -58.64 -33.36 28.04
CA VAL A 352 -59.88 -32.72 27.64
C VAL A 352 -60.87 -32.73 28.79
N ALA A 353 -61.14 -33.92 29.35
CA ALA A 353 -62.28 -34.12 30.23
C ALA A 353 -62.12 -33.40 31.56
N ARG A 354 -60.90 -33.36 32.10
CA ARG A 354 -60.67 -32.61 33.33
C ARG A 354 -60.78 -31.11 33.07
N ALA A 355 -60.29 -30.65 31.92
CA ALA A 355 -60.54 -29.28 31.52
C ALA A 355 -61.97 -29.05 31.09
N LEU A 356 -62.65 -30.09 30.61
CA LEU A 356 -64.07 -29.98 30.35
C LEU A 356 -64.85 -29.87 31.66
N ASP A 357 -64.32 -30.48 32.73
CA ASP A 357 -64.98 -30.42 34.03
C ASP A 357 -64.85 -29.03 34.64
N VAL A 358 -63.65 -28.45 34.60
CA VAL A 358 -63.40 -27.15 35.23
C VAL A 358 -64.11 -26.03 34.49
N PHE A 359 -64.23 -26.15 33.16
CA PHE A 359 -64.86 -25.10 32.38
C PHE A 359 -66.35 -25.00 32.63
N PHE A 360 -67.01 -26.11 32.96
CA PHE A 360 -68.45 -26.07 33.18
C PHE A 360 -68.83 -25.66 34.59
N ARG A 361 -67.88 -25.60 35.52
CA ARG A 361 -68.16 -24.98 36.80
C ARG A 361 -68.14 -23.46 36.71
N GLU A 362 -67.53 -22.92 35.66
CA GLU A 362 -67.58 -21.48 35.39
C GLU A 362 -68.67 -21.15 34.39
N ASN A 363 -68.60 -21.73 33.19
CA ASN A 363 -69.57 -21.46 32.15
C ASN A 363 -70.79 -22.36 32.33
N ASN A 364 -71.97 -21.77 32.14
CA ASN A 364 -73.21 -22.53 32.23
C ASN A 364 -73.43 -23.41 31.00
N ASN A 365 -72.94 -22.98 29.83
CA ASN A 365 -73.31 -23.63 28.58
C ASN A 365 -72.31 -23.24 27.50
N ILE A 366 -71.96 -24.21 26.65
CA ILE A 366 -71.19 -23.88 25.45
C ILE A 366 -72.06 -23.09 24.48
N THR A 367 -71.40 -22.40 23.56
CA THR A 367 -72.10 -21.53 22.63
C THR A 367 -71.49 -21.61 21.24
N PHE A 368 -72.36 -21.61 20.24
CA PHE A 368 -72.01 -21.77 18.83
C PHE A 368 -72.46 -20.54 18.06
N SER A 369 -72.40 -20.64 16.74
CA SER A 369 -72.98 -19.64 15.85
C SER A 369 -73.23 -20.29 14.50
N ASN A 370 -73.69 -19.48 13.55
CA ASN A 370 -73.88 -19.92 12.17
C ASN A 370 -73.24 -18.88 11.26
N ASP A 371 -72.53 -19.36 10.24
CA ASP A 371 -71.89 -18.46 9.30
C ASP A 371 -72.35 -18.83 7.88
N ILE A 382 -72.93 -23.75 -4.84
CA ILE A 382 -71.61 -24.09 -4.36
C ILE A 382 -71.69 -24.49 -2.89
N GLN A 383 -70.56 -24.93 -2.34
CA GLN A 383 -70.48 -25.33 -0.95
C GLN A 383 -70.03 -24.14 -0.11
N LEU A 384 -70.98 -23.51 0.57
CA LEU A 384 -70.74 -22.24 1.25
C LEU A 384 -69.94 -22.45 2.54
N SER A 385 -69.64 -21.34 3.20
CA SER A 385 -68.95 -21.37 4.49
C SER A 385 -69.98 -21.38 5.63
N ALA A 386 -70.77 -22.44 5.66
CA ALA A 386 -71.81 -22.63 6.66
C ALA A 386 -71.29 -23.38 7.89
N LEU A 387 -69.99 -23.34 8.14
CA LEU A 387 -69.41 -24.02 9.29
C LEU A 387 -69.73 -23.26 10.57
N SER A 388 -70.15 -23.97 11.59
CA SER A 388 -70.49 -23.36 12.87
C SER A 388 -69.22 -22.97 13.60
N VAL A 389 -68.99 -21.66 13.76
CA VAL A 389 -67.85 -21.21 14.54
C VAL A 389 -68.12 -21.49 16.01
N PHE A 390 -67.06 -21.58 16.79
CA PHE A 390 -67.20 -21.85 18.22
C PHE A 390 -67.03 -20.53 18.94
N ASN A 391 -68.15 -19.94 19.36
CA ASN A 391 -68.10 -18.75 20.19
C ASN A 391 -67.53 -19.10 21.55
N GLU A 392 -66.73 -18.17 22.09
CA GLU A 392 -66.15 -18.24 23.43
C GLU A 392 -65.27 -19.49 23.58
N GLY A 393 -64.18 -19.46 22.82
CA GLY A 393 -63.26 -20.58 22.76
C GLY A 393 -61.91 -20.28 23.36
N GLU A 394 -61.48 -19.02 23.22
CA GLU A 394 -60.20 -18.62 23.78
C GLU A 394 -60.22 -18.60 25.30
N LYS A 395 -61.40 -18.48 25.91
CA LYS A 395 -61.51 -18.71 27.34
C LYS A 395 -61.35 -20.18 27.66
N PHE A 396 -61.96 -21.06 26.85
CA PHE A 396 -61.79 -22.49 27.05
C PHE A 396 -60.37 -22.93 26.70
N MET A 397 -59.71 -22.24 25.78
CA MET A 397 -58.32 -22.53 25.52
C MET A 397 -57.43 -22.08 26.68
N LYS A 398 -57.81 -20.99 27.35
CA LYS A 398 -56.96 -20.42 28.37
C LYS A 398 -56.92 -21.28 29.62
N ILE A 399 -58.01 -21.99 29.94
CA ILE A 399 -58.00 -22.84 31.12
C ILE A 399 -57.24 -24.12 30.90
N ILE A 400 -57.05 -24.53 29.64
CA ILE A 400 -56.29 -25.76 29.38
C ILE A 400 -54.79 -25.49 29.51
N LEU A 401 -54.36 -24.26 29.22
CA LEU A 401 -52.96 -23.93 29.42
C LEU A 401 -52.59 -23.83 30.90
N GLY A 402 -53.57 -23.55 31.75
CA GLY A 402 -53.29 -23.47 33.18
C GLY A 402 -53.56 -24.76 33.91
N MET A 403 -53.53 -25.87 33.18
CA MET A 403 -53.83 -27.17 33.77
C MET A 403 -52.62 -27.68 34.52
N ASN A 404 -52.88 -28.35 35.66
CA ASN A 404 -51.84 -28.96 36.46
C ASN A 404 -52.14 -30.44 36.69
N HIS A 405 -52.83 -31.07 35.75
CA HIS A 405 -53.25 -32.45 35.90
C HIS A 405 -52.05 -33.40 35.84
N THR A 406 -52.19 -34.55 36.49
CA THR A 406 -51.19 -35.61 36.43
C THR A 406 -51.85 -36.83 35.80
N GLY A 407 -51.58 -37.05 34.51
CA GLY A 407 -52.13 -38.16 33.77
C GLY A 407 -51.35 -39.44 33.98
N VAL A 408 -51.43 -40.33 33.00
CA VAL A 408 -50.68 -41.58 33.10
C VAL A 408 -49.20 -41.33 32.84
N THR A 409 -48.87 -40.30 32.07
CA THR A 409 -47.49 -39.96 31.79
C THR A 409 -47.00 -38.81 32.68
N GLY A 410 -47.13 -39.02 33.98
CA GLY A 410 -46.58 -38.13 34.96
C GLY A 410 -47.27 -36.78 35.01
N PRO A 411 -46.55 -35.75 35.40
CA PRO A 411 -47.15 -34.41 35.50
C PRO A 411 -47.36 -33.81 34.13
N ILE A 412 -48.33 -32.91 34.03
CA ILE A 412 -48.63 -32.17 32.82
C ILE A 412 -48.66 -30.69 33.17
N GLN A 413 -47.83 -29.91 32.51
CA GLN A 413 -47.84 -28.48 32.70
C GLN A 413 -47.28 -27.85 31.43
N PHE A 414 -47.80 -26.69 31.07
CA PHE A 414 -47.38 -26.00 29.86
C PHE A 414 -46.83 -24.65 30.25
N ASP A 415 -45.58 -24.39 29.90
CA ASP A 415 -45.01 -23.07 30.14
C ASP A 415 -45.38 -22.11 29.03
N SER A 416 -44.67 -20.98 28.95
CA SER A 416 -44.99 -19.96 27.96
C SER A 416 -44.70 -20.40 26.53
N ASP A 417 -43.82 -21.37 26.33
CA ASP A 417 -43.50 -21.85 25.00
C ASP A 417 -44.40 -23.00 24.55
N ARG A 418 -45.45 -23.31 25.30
CA ARG A 418 -46.45 -24.34 25.01
C ARG A 418 -45.86 -25.74 24.91
N ASN A 419 -44.65 -25.96 25.40
CA ASN A 419 -44.11 -27.30 25.51
C ASN A 419 -44.74 -28.01 26.70
N ARG A 420 -44.53 -29.32 26.78
CA ARG A 420 -44.85 -29.98 28.03
C ARG A 420 -43.62 -29.89 28.92
N VAL A 421 -43.84 -29.84 30.24
CA VAL A 421 -42.90 -29.17 31.13
C VAL A 421 -41.62 -29.99 31.34
N ASN A 422 -41.72 -31.33 31.29
CA ASN A 422 -40.58 -32.18 31.62
C ASN A 422 -40.32 -33.17 30.49
N PRO A 423 -39.56 -32.77 29.46
CA PRO A 423 -39.23 -33.71 28.40
C PRO A 423 -38.04 -34.58 28.80
N ALA A 424 -38.19 -35.89 28.62
CA ALA A 424 -37.18 -36.82 29.06
C ALA A 424 -37.10 -37.96 28.06
N TYR A 425 -35.89 -38.24 27.57
CA TYR A 425 -35.72 -39.25 26.54
C TYR A 425 -34.85 -40.39 27.02
N GLU A 426 -35.40 -41.60 26.95
CA GLU A 426 -34.76 -42.84 27.36
C GLU A 426 -33.97 -43.39 26.19
N VAL A 427 -32.66 -43.12 26.17
CA VAL A 427 -31.79 -43.62 25.12
C VAL A 427 -31.76 -45.13 25.18
N LEU A 428 -31.67 -45.79 24.02
CA LEU A 428 -31.56 -47.23 24.03
C LEU A 428 -30.67 -47.70 22.91
N ASN A 429 -29.94 -48.78 23.16
CA ASN A 429 -29.05 -49.43 22.21
C ASN A 429 -29.66 -50.75 21.78
N LEU A 430 -29.40 -51.15 20.54
CA LEU A 430 -29.88 -52.39 19.97
C LEU A 430 -28.65 -53.20 19.56
N GLU A 431 -28.28 -54.21 20.36
CA GLU A 431 -27.08 -54.96 20.02
C GLU A 431 -27.33 -56.47 20.02
N GLY A 432 -28.28 -56.94 20.83
CA GLY A 432 -28.54 -58.36 20.88
C GLY A 432 -29.92 -58.67 20.37
N THR A 433 -30.73 -59.31 21.21
CA THR A 433 -32.15 -59.42 20.99
C THR A 433 -32.94 -58.62 22.02
N ALA A 434 -32.25 -57.86 22.85
CA ALA A 434 -32.87 -57.09 23.92
C ALA A 434 -32.43 -55.63 23.86
N PRO A 435 -33.39 -54.70 23.81
CA PRO A 435 -33.07 -53.27 23.86
C PRO A 435 -32.77 -52.83 25.28
N ARG A 436 -31.49 -52.59 25.57
CA ARG A 436 -31.08 -52.11 26.89
C ARG A 436 -30.85 -50.61 26.85
N THR A 437 -31.17 -49.95 27.96
CA THR A 437 -31.29 -48.50 27.99
C THR A 437 -30.00 -47.93 28.56
N VAL A 438 -29.12 -47.44 27.69
CA VAL A 438 -27.78 -47.03 28.10
C VAL A 438 -27.76 -45.71 28.84
N GLY A 439 -28.92 -45.10 29.07
CA GLY A 439 -28.94 -43.89 29.85
C GLY A 439 -30.33 -43.30 29.89
N TYR A 440 -30.39 -42.01 30.20
CA TYR A 440 -31.61 -41.22 30.18
C TYR A 440 -31.21 -39.76 29.91
N TRP A 441 -31.82 -39.15 28.90
CA TRP A 441 -31.66 -37.72 28.64
C TRP A 441 -32.82 -36.98 29.28
N SER A 442 -32.54 -35.83 29.89
CA SER A 442 -33.59 -34.99 30.44
C SER A 442 -33.38 -33.57 29.97
N ASN A 443 -34.42 -32.74 30.11
CA ASN A 443 -34.20 -31.30 29.92
C ASN A 443 -33.35 -30.75 31.05
N HIS A 444 -33.47 -31.32 32.25
CA HIS A 444 -32.91 -30.70 33.44
C HIS A 444 -31.40 -30.82 33.48
N SER A 445 -30.89 -32.05 33.53
CA SER A 445 -29.47 -32.28 33.59
C SER A 445 -28.87 -32.65 32.25
N GLY A 446 -29.43 -33.64 31.58
CA GLY A 446 -28.91 -34.05 30.30
C GLY A 446 -27.92 -35.18 30.42
N LEU A 447 -28.29 -36.33 29.87
CA LEU A 447 -27.49 -37.56 29.82
C LEU A 447 -27.07 -38.06 31.19
N SER A 448 -28.04 -38.53 31.97
CA SER A 448 -27.77 -39.20 33.22
C SER A 448 -27.63 -40.70 32.96
N VAL A 449 -27.56 -41.48 34.04
CA VAL A 449 -27.71 -42.93 33.97
C VAL A 449 -28.75 -43.32 35.02
N VAL A 450 -29.00 -42.43 35.96
CA VAL A 450 -30.09 -42.61 36.90
C VAL A 450 -31.41 -42.34 36.21
N HIS A 451 -32.50 -42.74 36.85
CA HIS A 451 -33.82 -42.35 36.37
C HIS A 451 -33.97 -40.84 36.53
N PRO A 452 -34.37 -40.13 35.47
CA PRO A 452 -34.28 -38.66 35.47
C PRO A 452 -35.33 -37.95 36.32
N GLU A 453 -36.12 -38.66 37.11
CA GLU A 453 -36.97 -38.00 38.09
C GLU A 453 -36.23 -37.64 39.37
N THR A 454 -35.06 -38.23 39.60
CA THR A 454 -34.33 -37.96 40.83
C THR A 454 -33.76 -36.55 40.84
N LEU A 455 -33.24 -36.10 39.71
CA LEU A 455 -32.51 -34.84 39.66
C LEU A 455 -33.43 -33.63 39.57
N TYR A 456 -34.74 -33.82 39.52
CA TYR A 456 -35.67 -32.71 39.34
C TYR A 456 -35.76 -31.82 40.58
N SER A 457 -35.47 -32.36 41.75
CA SER A 457 -35.42 -31.54 42.96
C SER A 457 -34.05 -30.93 43.19
N ARG A 458 -33.02 -31.42 42.51
CA ARG A 458 -31.67 -30.91 42.65
C ARG A 458 -31.55 -29.54 41.97
N PRO A 459 -30.45 -28.82 42.20
CA PRO A 459 -30.07 -27.76 41.28
C PRO A 459 -29.63 -28.34 39.95
N PRO A 460 -29.66 -27.55 38.87
CA PRO A 460 -29.17 -28.06 37.59
C PRO A 460 -27.67 -28.20 37.56
N ASN A 461 -27.18 -29.43 37.67
CA ASN A 461 -25.74 -29.69 37.73
C ASN A 461 -25.23 -29.84 36.30
N THR A 462 -24.42 -28.87 35.86
CA THR A 462 -23.85 -28.88 34.52
C THR A 462 -22.38 -29.23 34.65
N SER A 463 -22.09 -30.53 34.70
CA SER A 463 -20.74 -31.03 34.91
C SER A 463 -20.42 -32.08 33.86
N THR A 464 -19.15 -32.19 33.53
CA THR A 464 -18.70 -33.20 32.57
C THR A 464 -18.80 -34.60 33.16
N ALA A 465 -18.69 -34.74 34.48
CA ALA A 465 -18.93 -36.03 35.12
C ALA A 465 -20.42 -36.34 35.24
N ASN A 466 -21.29 -35.36 34.99
CA ASN A 466 -22.72 -35.62 35.02
C ASN A 466 -23.21 -36.16 33.68
N GLN A 467 -22.70 -35.61 32.58
CA GLN A 467 -23.01 -36.15 31.26
C GLN A 467 -22.27 -37.47 31.12
N ARG A 468 -22.97 -38.57 31.35
CA ARG A 468 -22.33 -39.86 31.50
C ARG A 468 -23.27 -40.93 30.97
N LEU A 469 -22.72 -41.87 30.23
CA LEU A 469 -23.51 -42.93 29.61
C LEU A 469 -22.85 -44.27 29.81
N LYS A 470 -23.65 -45.33 29.68
CA LYS A 470 -23.18 -46.68 29.90
C LYS A 470 -22.38 -47.20 28.70
N GLY A 471 -22.18 -48.51 28.65
CA GLY A 471 -21.48 -49.11 27.54
C GLY A 471 -22.33 -49.21 26.29
N ILE A 472 -21.89 -48.56 25.22
CA ILE A 472 -22.63 -48.48 23.97
C ILE A 472 -21.97 -49.42 22.98
N ILE A 473 -22.77 -50.25 22.31
CA ILE A 473 -22.30 -51.13 21.25
C ILE A 473 -22.68 -50.50 19.93
N TYR A 474 -21.69 -50.04 19.19
CA TYR A 474 -21.89 -49.45 17.87
C TYR A 474 -21.97 -50.57 16.84
N PRO A 475 -22.40 -50.29 15.61
CA PRO A 475 -22.45 -51.36 14.61
C PRO A 475 -21.07 -51.84 14.19
N GLY A 476 -21.06 -53.04 13.64
CA GLY A 476 -19.83 -53.79 13.47
C GLY A 476 -19.36 -54.48 14.73
N GLU A 477 -20.20 -54.51 15.77
CA GLU A 477 -19.93 -55.12 17.07
C GLU A 477 -18.73 -54.50 17.77
N VAL A 478 -18.37 -53.28 17.42
CA VAL A 478 -17.30 -52.56 18.11
C VAL A 478 -17.91 -51.87 19.32
N THR A 479 -17.07 -51.42 20.25
CA THR A 479 -17.56 -50.70 21.40
C THR A 479 -16.74 -49.48 21.77
N LYS A 480 -15.58 -49.31 21.18
CA LYS A 480 -14.98 -47.99 21.14
C LYS A 480 -15.76 -47.14 20.15
N PRO A 481 -16.03 -45.88 20.46
CA PRO A 481 -16.81 -45.03 19.55
C PRO A 481 -16.10 -44.82 18.23
N PRO A 482 -16.71 -45.25 17.12
CA PRO A 482 -16.02 -45.22 15.84
C PRO A 482 -15.88 -43.81 15.32
N ARG A 483 -14.76 -43.56 14.68
CA ARG A 483 -14.46 -42.23 14.17
C ARG A 483 -15.39 -41.89 13.02
N GLY A 484 -15.93 -40.68 13.05
CA GLY A 484 -16.92 -40.27 12.08
C GLY A 484 -16.39 -40.06 10.69
N TRP A 485 -15.26 -39.37 10.57
CA TRP A 485 -14.73 -38.98 9.28
C TRP A 485 -14.26 -40.19 8.48
N VAL A 486 -14.59 -40.19 7.20
CA VAL A 486 -14.06 -41.11 6.20
C VAL A 486 -13.88 -40.29 4.92
N PHE A 487 -12.70 -40.35 4.32
CA PHE A 487 -12.42 -39.51 3.17
C PHE A 487 -13.28 -39.94 1.98
N PRO A 488 -13.88 -39.00 1.27
CA PRO A 488 -14.89 -39.36 0.27
C PRO A 488 -14.29 -39.91 -1.00
N ASN A 489 -15.11 -40.67 -1.72
CA ASN A 489 -14.71 -41.30 -2.97
C ASN A 489 -15.33 -40.60 -4.17
N ASN A 490 -15.55 -39.29 -4.07
CA ASN A 490 -16.23 -38.54 -5.11
C ASN A 490 -15.31 -38.21 -6.26
N GLY A 491 -15.75 -37.31 -7.13
CA GLY A 491 -14.97 -36.90 -8.28
C GLY A 491 -13.75 -36.06 -7.97
N LYS A 492 -13.60 -35.60 -6.73
CA LYS A 492 -12.41 -34.84 -6.38
C LYS A 492 -11.31 -35.77 -5.89
N PRO A 493 -10.09 -35.68 -6.43
CA PRO A 493 -8.96 -36.36 -5.81
C PRO A 493 -8.20 -35.42 -4.88
N LEU A 494 -7.42 -36.01 -4.01
CA LEU A 494 -6.63 -35.25 -3.03
C LEU A 494 -5.46 -34.59 -3.74
N ARG A 495 -5.50 -33.27 -3.90
CA ARG A 495 -4.47 -32.56 -4.66
C ARG A 495 -3.22 -32.39 -3.79
N ILE A 496 -2.36 -33.41 -3.79
CA ILE A 496 -1.07 -33.29 -3.11
C ILE A 496 -0.20 -32.31 -3.89
N GLY A 497 0.25 -31.26 -3.22
CA GLY A 497 1.13 -30.29 -3.83
C GLY A 497 2.59 -30.55 -3.55
N VAL A 498 3.28 -31.12 -4.52
CA VAL A 498 4.67 -31.53 -4.37
C VAL A 498 5.57 -30.43 -4.92
N PRO A 499 6.61 -30.01 -4.20
CA PRO A 499 7.53 -29.01 -4.75
C PRO A 499 8.41 -29.61 -5.81
N ASN A 500 8.97 -28.74 -6.63
CA ASN A 500 9.73 -29.13 -7.82
C ASN A 500 11.19 -28.81 -7.55
N ARG A 501 11.90 -29.79 -7.02
CA ARG A 501 13.24 -29.57 -6.49
C ARG A 501 14.29 -29.68 -7.58
N VAL A 502 15.20 -28.72 -7.61
CA VAL A 502 16.39 -28.80 -8.43
C VAL A 502 17.58 -29.26 -7.62
N SER A 503 17.80 -28.66 -6.46
CA SER A 503 18.83 -29.09 -5.52
C SER A 503 18.28 -30.16 -4.60
N TYR A 504 19.10 -31.18 -4.32
CA TYR A 504 18.79 -32.28 -3.40
C TYR A 504 17.53 -33.02 -3.82
N THR A 505 17.63 -33.70 -4.95
CA THR A 505 16.50 -34.46 -5.47
C THR A 505 16.40 -35.86 -4.89
N ASP A 506 16.90 -36.06 -3.68
CA ASP A 506 16.71 -37.30 -2.94
C ASP A 506 15.49 -37.25 -2.04
N TYR A 507 15.17 -36.08 -1.49
CA TYR A 507 14.06 -35.98 -0.55
C TYR A 507 12.72 -36.02 -1.27
N VAL A 508 12.59 -35.22 -2.33
CA VAL A 508 11.36 -35.16 -3.12
C VAL A 508 11.74 -34.60 -4.49
N SER A 509 11.18 -35.18 -5.55
CA SER A 509 11.73 -34.88 -6.88
C SER A 509 10.72 -35.16 -7.97
N LYS A 510 10.97 -34.54 -9.13
CA LYS A 510 10.28 -34.92 -10.35
C LYS A 510 10.66 -36.34 -10.74
N ASP A 511 9.72 -37.06 -11.35
CA ASP A 511 9.98 -38.43 -11.76
C ASP A 511 9.12 -38.77 -12.97
N LYS A 512 9.63 -39.70 -13.77
CA LYS A 512 8.93 -40.21 -14.95
C LYS A 512 8.05 -41.41 -14.64
N ASN A 513 7.99 -41.83 -13.38
CA ASN A 513 7.23 -43.02 -12.99
C ASN A 513 5.73 -42.73 -13.00
N PRO A 514 4.89 -43.75 -13.09
CA PRO A 514 3.43 -43.54 -13.07
C PRO A 514 2.86 -42.97 -11.78
N PRO A 515 3.53 -43.02 -10.60
CA PRO A 515 3.07 -42.08 -9.55
C PRO A 515 3.33 -40.64 -9.89
N GLY A 516 4.49 -40.32 -10.46
CA GLY A 516 4.79 -38.98 -10.90
C GLY A 516 5.87 -38.29 -10.10
N VAL A 517 6.07 -38.64 -8.84
CA VAL A 517 7.12 -38.04 -8.02
C VAL A 517 7.89 -39.12 -7.28
N ARG A 518 9.08 -38.75 -6.83
CA ARG A 518 10.04 -39.66 -6.26
C ARG A 518 10.69 -38.97 -5.08
N GLY A 519 11.04 -39.73 -4.07
CA GLY A 519 11.87 -39.16 -3.04
C GLY A 519 11.78 -39.96 -1.75
N TYR A 520 11.95 -39.23 -0.65
CA TYR A 520 11.82 -39.77 0.70
C TYR A 520 10.52 -39.37 1.37
N CYS A 521 10.20 -38.07 1.38
CA CYS A 521 8.97 -37.62 2.02
C CYS A 521 7.73 -38.14 1.33
N ILE A 522 7.81 -38.41 0.03
CA ILE A 522 6.70 -39.05 -0.67
C ILE A 522 6.48 -40.45 -0.14
N ASP A 523 7.54 -41.22 0.07
CA ASP A 523 7.38 -42.57 0.55
C ASP A 523 7.11 -42.64 2.04
N VAL A 524 7.33 -41.55 2.77
CA VAL A 524 6.78 -41.48 4.11
C VAL A 524 5.29 -41.21 4.04
N PHE A 525 4.88 -40.34 3.11
CA PHE A 525 3.48 -40.05 2.91
C PHE A 525 2.71 -41.24 2.36
N GLU A 526 3.34 -42.01 1.46
CA GLU A 526 2.71 -43.22 0.95
C GLU A 526 2.55 -44.27 2.04
N ALA A 527 3.57 -44.46 2.86
CA ALA A 527 3.50 -45.51 3.87
C ALA A 527 2.68 -45.11 5.08
N ALA A 528 2.11 -43.91 5.11
CA ALA A 528 1.12 -43.57 6.12
C ALA A 528 -0.29 -43.81 5.62
N ILE A 529 -0.48 -43.81 4.30
CA ILE A 529 -1.81 -44.00 3.71
C ILE A 529 -2.32 -45.40 3.96
N GLU A 530 -1.50 -46.43 3.75
CA GLU A 530 -1.93 -47.79 4.02
C GLU A 530 -2.02 -48.13 5.51
N LEU A 531 -1.71 -47.20 6.40
CA LEU A 531 -2.08 -47.42 7.79
C LEU A 531 -3.50 -46.94 8.09
N LEU A 532 -3.98 -45.98 7.32
CA LEU A 532 -5.32 -45.48 7.53
C LEU A 532 -6.35 -46.48 7.00
N PRO A 533 -7.53 -46.55 7.61
CA PRO A 533 -8.61 -47.37 7.08
C PRO A 533 -9.35 -46.78 5.89
N TYR A 534 -8.80 -45.75 5.23
CA TYR A 534 -9.56 -44.96 4.29
C TYR A 534 -9.01 -45.23 2.91
N PRO A 535 -9.78 -45.70 1.97
CA PRO A 535 -9.30 -45.70 0.58
C PRO A 535 -9.29 -44.29 0.02
N VAL A 536 -8.12 -43.70 -0.11
CA VAL A 536 -7.98 -42.27 -0.42
C VAL A 536 -7.54 -42.14 -1.87
N PRO A 537 -8.38 -41.65 -2.77
CA PRO A 537 -7.91 -41.28 -4.11
C PRO A 537 -7.09 -40.01 -4.05
N ARG A 538 -6.03 -39.97 -4.85
CA ARG A 538 -5.10 -38.87 -4.74
C ARG A 538 -4.32 -38.70 -6.03
N THR A 539 -3.90 -37.46 -6.27
CA THR A 539 -3.10 -37.10 -7.42
C THR A 539 -1.87 -36.35 -6.93
N TYR A 540 -0.91 -36.13 -7.82
CA TYR A 540 0.31 -35.42 -7.47
C TYR A 540 0.55 -34.31 -8.47
N ILE A 541 0.47 -33.07 -8.01
CA ILE A 541 0.67 -31.92 -8.86
C ILE A 541 1.98 -31.26 -8.47
N LEU A 542 2.92 -31.18 -9.41
CA LEU A 542 4.16 -30.48 -9.15
C LEU A 542 3.89 -28.98 -9.09
N TYR A 543 4.80 -28.25 -8.46
CA TYR A 543 4.53 -26.85 -8.25
C TYR A 543 5.45 -25.89 -8.99
N GLY A 544 6.76 -25.99 -8.80
CA GLY A 544 7.67 -24.99 -9.28
C GLY A 544 8.28 -25.32 -10.65
N ASP A 545 9.17 -24.43 -11.08
CA ASP A 545 9.91 -24.64 -12.30
C ASP A 545 11.03 -25.66 -12.06
N GLY A 546 11.63 -26.10 -13.16
CA GLY A 546 12.79 -26.97 -13.11
C GLY A 546 14.12 -26.24 -13.09
N LYS A 547 14.13 -24.95 -12.78
CA LYS A 547 15.35 -24.16 -12.79
C LYS A 547 15.88 -23.87 -11.39
N ARG A 548 15.02 -23.59 -10.43
CA ARG A 548 15.43 -23.33 -9.06
C ARG A 548 14.44 -23.98 -8.11
N ASN A 549 14.67 -23.81 -6.82
CA ASN A 549 13.71 -24.30 -5.84
C ASN A 549 12.46 -23.43 -5.89
N PRO A 550 11.29 -23.99 -5.59
CA PRO A 550 10.10 -23.15 -5.43
C PRO A 550 10.06 -22.52 -4.06
N SER A 551 9.54 -21.29 -4.02
CA SER A 551 9.44 -20.54 -2.78
C SER A 551 8.43 -21.22 -1.88
N TYR A 552 8.89 -21.76 -0.75
CA TYR A 552 8.00 -22.51 0.11
C TYR A 552 7.02 -21.63 0.87
N ASP A 553 7.24 -20.32 0.94
CA ASP A 553 6.17 -19.47 1.43
C ASP A 553 5.11 -19.27 0.37
N ASN A 554 5.43 -19.53 -0.89
CA ASN A 554 4.42 -19.58 -1.94
C ASN A 554 3.97 -20.99 -2.26
N LEU A 555 4.46 -21.99 -1.54
CA LEU A 555 3.82 -23.30 -1.59
C LEU A 555 2.70 -23.40 -0.58
N VAL A 556 2.98 -22.97 0.67
CA VAL A 556 1.98 -22.95 1.71
C VAL A 556 0.92 -21.90 1.43
N ASN A 557 1.26 -20.83 0.70
CA ASN A 557 0.25 -19.90 0.24
C ASN A 557 -0.71 -20.55 -0.75
N GLU A 558 -0.27 -21.59 -1.45
CA GLU A 558 -1.15 -22.33 -2.33
C GLU A 558 -1.88 -23.45 -1.61
N VAL A 559 -1.81 -23.50 -0.29
CA VAL A 559 -2.65 -24.37 0.51
C VAL A 559 -3.70 -23.57 1.28
N VAL A 560 -3.34 -22.36 1.68
CA VAL A 560 -4.31 -21.45 2.30
C VAL A 560 -5.39 -21.06 1.30
N ALA A 561 -4.99 -20.72 0.08
CA ALA A 561 -5.93 -20.40 -0.98
C ALA A 561 -6.53 -21.64 -1.65
N ASP A 562 -6.30 -22.82 -1.07
CA ASP A 562 -7.04 -24.06 -1.34
C ASP A 562 -6.84 -24.55 -2.77
N ASN A 563 -5.74 -24.17 -3.41
CA ASN A 563 -5.42 -24.80 -4.69
C ASN A 563 -4.89 -26.22 -4.49
N PHE A 564 -4.23 -26.48 -3.37
CA PHE A 564 -3.80 -27.83 -3.01
C PHE A 564 -4.40 -28.18 -1.66
N ASP A 565 -4.92 -29.39 -1.54
CA ASP A 565 -5.43 -29.81 -0.24
C ASP A 565 -4.33 -30.15 0.74
N VAL A 566 -3.13 -30.48 0.26
CA VAL A 566 -2.02 -30.91 1.10
C VAL A 566 -0.70 -30.67 0.39
N ALA A 567 0.26 -30.04 1.05
CA ALA A 567 1.60 -29.91 0.52
C ALA A 567 2.50 -30.93 1.20
N VAL A 568 2.88 -31.97 0.46
CA VAL A 568 3.82 -32.98 0.94
C VAL A 568 5.19 -32.62 0.42
N GLY A 569 6.15 -32.49 1.31
CA GLY A 569 7.52 -32.26 0.88
C GLY A 569 8.44 -31.98 2.03
N ASP A 570 9.26 -30.97 1.89
CA ASP A 570 10.22 -30.59 2.92
C ASP A 570 9.77 -29.33 3.65
N ILE A 571 8.47 -29.24 3.90
CA ILE A 571 7.91 -28.03 4.48
C ILE A 571 8.27 -27.97 5.95
N THR A 572 8.84 -26.86 6.38
CA THR A 572 9.43 -26.73 7.70
C THR A 572 8.54 -25.86 8.57
N ILE A 573 8.33 -26.28 9.81
CA ILE A 573 7.37 -25.67 10.71
C ILE A 573 7.93 -24.35 11.22
N VAL A 574 7.36 -23.24 10.75
CA VAL A 574 7.70 -21.90 11.24
C VAL A 574 6.42 -21.34 11.83
N THR A 575 6.54 -20.29 12.65
CA THR A 575 5.38 -19.83 13.40
C THR A 575 4.53 -18.83 12.62
N ASN A 576 4.74 -18.67 11.31
CA ASN A 576 3.59 -18.26 10.50
C ASN A 576 2.94 -19.46 9.87
N ARG A 577 3.73 -20.45 9.48
CA ARG A 577 3.17 -21.57 8.76
C ARG A 577 2.29 -22.43 9.64
N THR A 578 2.57 -22.46 10.95
CA THR A 578 1.65 -23.15 11.84
C THR A 578 0.38 -22.34 12.05
N ARG A 579 0.45 -21.03 11.80
CA ARG A 579 -0.70 -20.19 12.08
C ARG A 579 -1.74 -20.29 10.97
N TYR A 580 -1.32 -20.39 9.72
CA TYR A 580 -2.29 -20.37 8.64
C TYR A 580 -2.72 -21.75 8.17
N VAL A 581 -1.89 -22.77 8.25
CA VAL A 581 -2.29 -24.13 7.93
C VAL A 581 -2.06 -24.99 9.18
N ASP A 582 -2.48 -26.24 9.12
CA ASP A 582 -2.18 -27.21 10.15
C ASP A 582 -1.13 -28.18 9.67
N PHE A 583 -0.22 -28.54 10.55
CA PHE A 583 0.80 -29.52 10.26
C PHE A 583 0.52 -30.82 10.98
N THR A 584 1.23 -31.86 10.57
CA THR A 584 1.20 -33.11 11.30
C THR A 584 2.22 -33.04 12.42
N GLN A 585 2.52 -34.16 13.05
CA GLN A 585 3.65 -34.18 13.94
C GLN A 585 4.94 -34.17 13.13
N PRO A 586 6.02 -33.67 13.69
CA PRO A 586 7.30 -33.72 12.99
C PRO A 586 7.81 -35.13 12.81
N PHE A 587 7.79 -35.61 11.58
CA PHE A 587 8.24 -36.97 11.30
C PHE A 587 9.76 -37.06 11.17
N ILE A 588 10.45 -35.93 11.04
CA ILE A 588 11.90 -35.91 11.05
C ILE A 588 12.32 -34.59 11.70
N GLU A 589 13.50 -34.60 12.32
CA GLU A 589 13.99 -33.43 13.03
C GLU A 589 15.00 -32.68 12.18
N SER A 590 15.00 -31.36 12.29
CA SER A 590 15.88 -30.53 11.49
C SER A 590 16.19 -29.26 12.26
N GLY A 591 17.33 -28.68 11.93
CA GLY A 591 17.70 -27.39 12.50
C GLY A 591 18.64 -26.68 11.56
N LEU A 592 18.62 -25.36 11.63
CA LEU A 592 19.54 -24.57 10.82
C LEU A 592 20.94 -24.69 11.40
N VAL A 593 21.90 -25.14 10.57
CA VAL A 593 23.29 -25.21 11.00
C VAL A 593 24.09 -24.24 10.15
N VAL A 594 25.40 -24.15 10.42
CA VAL A 594 26.31 -23.30 9.67
C VAL A 594 27.43 -24.20 9.16
N VAL A 595 27.47 -24.43 7.86
CA VAL A 595 28.56 -25.19 7.26
C VAL A 595 29.58 -24.18 6.72
N ALA A 596 30.85 -24.57 6.76
CA ALA A 596 31.97 -23.66 6.57
C ALA A 596 33.20 -24.51 6.27
N PRO A 597 34.23 -23.94 5.65
CA PRO A 597 35.45 -24.72 5.42
C PRO A 597 36.20 -25.04 6.70
N VAL A 598 36.87 -26.19 6.69
CA VAL A 598 37.59 -26.71 7.85
C VAL A 598 38.90 -25.96 8.05
N LYS A 599 39.53 -26.17 9.20
CA LYS A 599 40.82 -25.56 9.51
C LYS A 599 41.94 -26.38 8.88
N GLU A 600 42.63 -25.79 7.91
CA GLU A 600 43.81 -26.40 7.31
C GLU A 600 45.03 -25.75 7.93
N ALA A 601 45.44 -26.24 9.10
CA ALA A 601 46.61 -25.73 9.81
C ALA A 601 47.82 -26.54 9.37
N LYS A 602 48.74 -25.90 8.67
CA LYS A 602 49.87 -26.58 8.07
C LYS A 602 50.90 -26.97 9.13
N SER A 603 51.80 -27.87 8.75
CA SER A 603 52.87 -28.32 9.63
C SER A 603 54.03 -28.77 8.75
N SER A 604 55.20 -28.17 8.93
CA SER A 604 56.36 -28.43 8.09
C SER A 604 57.59 -27.90 8.79
N PRO A 605 58.79 -28.40 8.43
CA PRO A 605 60.00 -27.63 8.69
C PRO A 605 60.09 -26.37 7.84
N TRP A 606 59.33 -26.29 6.75
CA TRP A 606 59.13 -25.02 6.07
C TRP A 606 58.38 -24.04 6.95
N SER A 607 57.42 -24.54 7.74
CA SER A 607 56.71 -23.69 8.68
C SER A 607 57.60 -23.30 9.86
N PHE A 608 58.66 -24.07 10.11
CA PHE A 608 59.68 -23.67 11.06
C PHE A 608 60.46 -22.47 10.55
N LEU A 609 61.09 -22.59 9.38
CA LEU A 609 61.91 -21.54 8.79
C LEU A 609 61.11 -20.43 8.13
N LYS A 610 59.78 -20.48 8.21
CA LYS A 610 58.93 -19.49 7.54
C LYS A 610 59.13 -18.02 7.93
N PRO A 611 59.38 -17.62 9.20
CA PRO A 611 59.41 -16.18 9.49
C PRO A 611 60.56 -15.39 8.86
N PHE A 612 61.49 -16.01 8.15
CA PHE A 612 62.36 -15.27 7.26
C PHE A 612 62.23 -15.78 5.84
N THR A 613 62.53 -14.88 4.90
CA THR A 613 62.60 -15.20 3.49
C THR A 613 63.75 -16.19 3.26
N ILE A 614 63.61 -16.99 2.18
CA ILE A 614 64.64 -17.97 1.82
C ILE A 614 65.95 -17.27 1.48
N GLU A 615 65.90 -16.04 0.96
CA GLU A 615 67.12 -15.26 0.81
C GLU A 615 67.66 -14.78 2.15
N MET A 616 66.80 -14.57 3.15
CA MET A 616 67.27 -14.08 4.44
C MET A 616 67.98 -15.17 5.23
N TRP A 617 67.56 -16.43 5.06
CA TRP A 617 68.27 -17.52 5.74
C TRP A 617 69.64 -17.78 5.13
N ALA A 618 69.91 -17.29 3.92
CA ALA A 618 71.24 -17.40 3.35
C ALA A 618 72.09 -16.17 3.63
N VAL A 619 71.46 -15.00 3.80
CA VAL A 619 72.20 -13.80 4.17
C VAL A 619 72.62 -13.88 5.63
N THR A 620 71.73 -14.36 6.51
CA THR A 620 72.04 -14.44 7.93
C THR A 620 73.09 -15.52 8.20
N GLY A 621 72.92 -16.71 7.62
CA GLY A 621 73.94 -17.72 7.71
C GLY A 621 75.19 -17.36 6.93
N GLY A 622 75.07 -16.49 5.94
CA GLY A 622 76.24 -16.02 5.20
C GLY A 622 77.04 -14.98 5.97
N PHE A 623 76.34 -14.04 6.62
CA PHE A 623 77.00 -13.01 7.42
C PHE A 623 77.18 -13.42 8.87
N PHE A 624 77.25 -14.71 9.15
CA PHE A 624 77.94 -15.22 10.33
C PHE A 624 79.30 -15.82 10.00
N LEU A 625 79.51 -16.23 8.75
CA LEU A 625 80.81 -16.75 8.36
C LEU A 625 81.73 -15.63 7.86
N PHE A 626 81.17 -14.64 7.17
CA PHE A 626 81.99 -13.50 6.75
C PHE A 626 82.36 -12.63 7.95
N VAL A 627 81.45 -12.50 8.91
CA VAL A 627 81.83 -11.93 10.19
C VAL A 627 82.72 -12.91 10.96
N GLY A 628 82.48 -14.21 10.79
CA GLY A 628 83.38 -15.20 11.36
C GLY A 628 84.74 -15.23 10.69
N ALA A 629 84.81 -14.84 9.42
CA ALA A 629 86.11 -14.68 8.77
C ALA A 629 86.82 -13.41 9.22
N MET A 630 86.10 -12.46 9.81
CA MET A 630 86.75 -11.29 10.37
C MET A 630 87.53 -11.65 11.64
N VAL A 631 87.14 -12.74 12.29
CA VAL A 631 87.88 -13.24 13.44
C VAL A 631 89.27 -13.73 13.03
N TRP A 632 89.39 -14.35 11.84
CA TRP A 632 90.67 -14.85 11.35
C TRP A 632 91.64 -13.72 11.07
N ILE A 633 91.12 -12.56 10.67
CA ILE A 633 91.96 -11.37 10.47
C ILE A 633 92.51 -10.88 11.80
N LEU A 634 91.69 -10.93 12.87
CA LEU A 634 92.21 -10.61 14.19
C LEU A 634 93.07 -11.75 14.72
N GLU A 635 92.81 -12.98 14.30
CA GLU A 635 93.61 -14.12 14.74
C GLU A 635 94.68 -14.47 13.70
N GLN A 649 89.33 -28.71 7.60
CA GLN A 649 88.11 -28.69 8.41
C GLN A 649 88.44 -28.55 9.89
N LEU A 650 89.47 -29.28 10.34
CA LEU A 650 89.86 -29.25 11.75
C LEU A 650 90.55 -27.95 12.13
N ILE A 651 91.18 -27.27 11.17
CA ILE A 651 91.81 -25.99 11.47
C ILE A 651 90.77 -24.89 11.55
N THR A 652 89.70 -25.00 10.75
CA THR A 652 88.67 -23.97 10.73
C THR A 652 87.79 -24.02 11.98
N ILE A 653 87.83 -25.14 12.72
CA ILE A 653 87.05 -25.24 13.95
C ILE A 653 87.75 -24.57 15.13
N PHE A 654 88.97 -24.07 14.92
CA PHE A 654 89.68 -23.40 16.00
C PHE A 654 89.09 -22.03 16.31
N TRP A 655 88.38 -21.43 15.35
CA TRP A 655 87.76 -20.12 15.60
C TRP A 655 86.53 -20.24 16.48
N PHE A 656 85.84 -21.38 16.39
CA PHE A 656 84.67 -21.61 17.23
C PHE A 656 85.03 -21.79 18.70
N SER A 657 86.26 -22.24 18.98
CA SER A 657 86.73 -22.27 20.36
C SER A 657 87.11 -20.88 20.85
N PHE A 658 87.32 -19.93 19.94
CA PHE A 658 87.67 -18.58 20.30
C PHE A 658 86.48 -17.62 20.31
N SER A 659 85.40 -17.96 19.60
CA SER A 659 84.22 -17.12 19.52
C SER A 659 83.09 -17.64 20.42
N THR A 660 83.44 -18.19 21.58
CA THR A 660 82.44 -18.74 22.49
C THR A 660 81.74 -17.64 23.28
N MET A 661 82.53 -16.75 23.89
CA MET A 661 81.98 -15.65 24.68
C MET A 661 82.66 -14.33 24.34
N SER A 672 90.86 -4.78 22.70
CA SER A 672 91.49 -4.55 21.40
C SER A 672 90.45 -4.12 20.36
N LEU A 673 90.72 -4.44 19.09
CA LEU A 673 89.79 -4.12 18.03
C LEU A 673 88.84 -5.27 17.73
N GLY A 674 89.27 -6.51 17.97
CA GLY A 674 88.41 -7.66 17.78
C GLY A 674 87.27 -7.74 18.77
N ARG A 675 87.43 -7.15 19.95
CA ARG A 675 86.32 -7.03 20.89
C ARG A 675 85.26 -6.07 20.37
N PHE A 676 85.67 -5.04 19.61
CA PHE A 676 84.69 -4.13 19.02
C PHE A 676 83.92 -4.78 17.89
N VAL A 677 84.51 -5.79 17.24
CA VAL A 677 83.76 -6.58 16.28
C VAL A 677 82.70 -7.40 17.00
N LEU A 678 83.02 -7.90 18.20
CA LEU A 678 82.07 -8.68 18.98
C LEU A 678 80.95 -7.83 19.56
N ILE A 679 81.16 -6.54 19.76
CA ILE A 679 80.11 -5.68 20.31
C ILE A 679 79.03 -5.41 19.26
N ILE A 680 79.44 -5.12 18.02
CA ILE A 680 78.47 -4.88 16.97
C ILE A 680 77.78 -6.18 16.56
N TRP A 681 78.54 -7.27 16.50
CA TRP A 681 77.96 -8.58 16.19
C TRP A 681 77.01 -9.06 17.28
N LEU A 682 77.19 -8.60 18.51
CA LEU A 682 76.21 -8.90 19.56
C LEU A 682 74.87 -8.23 19.27
N PHE A 683 74.88 -6.95 18.90
CA PHE A 683 73.63 -6.26 18.63
C PHE A 683 73.00 -6.69 17.31
N VAL A 684 73.74 -7.40 16.46
CA VAL A 684 73.12 -8.06 15.32
C VAL A 684 72.29 -9.24 15.78
N VAL A 685 72.88 -10.11 16.59
CA VAL A 685 72.17 -11.29 17.08
C VAL A 685 71.08 -10.90 18.08
N LEU A 686 71.22 -9.75 18.76
CA LEU A 686 70.12 -9.23 19.54
C LEU A 686 69.07 -8.51 18.71
N ILE A 687 69.15 -8.59 17.39
CA ILE A 687 68.08 -8.15 16.51
C ILE A 687 67.48 -9.33 15.74
N ILE A 688 68.33 -10.24 15.25
CA ILE A 688 67.83 -11.46 14.63
C ILE A 688 67.15 -12.37 15.64
N ASN A 689 67.51 -12.30 16.92
CA ASN A 689 66.64 -12.85 17.94
C ASN A 689 65.36 -12.03 18.05
N SER A 690 65.49 -10.71 18.00
CA SER A 690 64.34 -9.86 18.30
C SER A 690 63.52 -9.52 17.07
N SER A 691 63.78 -10.16 15.94
CA SER A 691 62.87 -10.05 14.81
C SER A 691 62.27 -11.39 14.44
N TYR A 692 63.03 -12.47 14.59
CA TYR A 692 62.48 -13.80 14.37
C TYR A 692 61.37 -14.13 15.35
N THR A 693 61.45 -13.58 16.56
CA THR A 693 60.30 -13.62 17.45
C THR A 693 59.16 -12.79 16.88
N ALA A 694 59.45 -11.63 16.33
CA ALA A 694 58.37 -10.75 15.88
C ALA A 694 57.78 -11.18 14.56
N SER A 695 58.41 -12.13 13.86
CA SER A 695 57.75 -12.68 12.68
C SER A 695 57.29 -14.10 12.90
N LEU A 696 57.53 -14.67 14.08
CA LEU A 696 56.86 -15.92 14.43
C LEU A 696 55.64 -15.64 15.29
N THR A 697 55.61 -14.51 15.98
CA THR A 697 54.37 -14.04 16.59
C THR A 697 53.38 -13.59 15.54
N SER A 698 53.82 -12.76 14.61
CA SER A 698 52.95 -12.18 13.61
C SER A 698 52.46 -13.17 12.57
N ILE A 699 52.97 -14.40 12.57
CA ILE A 699 52.31 -15.50 11.89
C ILE A 699 51.33 -16.21 12.81
N LEU A 700 51.74 -16.49 14.05
CA LEU A 700 50.90 -17.24 14.96
C LEU A 700 49.79 -16.43 15.60
N THR A 701 49.62 -15.16 15.22
CA THR A 701 48.43 -14.44 15.62
C THR A 701 47.47 -14.30 14.46
N ILE A 702 48.00 -13.98 13.28
CA ILE A 702 47.17 -13.80 12.09
C ILE A 702 46.61 -15.13 11.62
N ARG A 703 47.31 -16.23 11.90
CA ARG A 703 46.72 -17.55 11.70
C ARG A 703 45.54 -17.77 12.64
N GLN A 704 45.56 -17.18 13.82
CA GLN A 704 44.43 -17.32 14.74
C GLN A 704 43.35 -16.28 14.45
N LEU A 705 43.74 -15.02 14.27
CA LEU A 705 42.80 -13.93 14.07
C LEU A 705 42.46 -13.69 12.61
N THR A 706 42.51 -14.72 11.78
CA THR A 706 41.96 -14.62 10.45
C THR A 706 40.43 -14.62 10.50
N SER A 707 39.81 -14.54 9.33
CA SER A 707 38.35 -14.48 9.25
C SER A 707 37.79 -15.84 9.64
N ARG A 708 37.35 -15.95 10.89
CA ARG A 708 36.91 -17.21 11.45
C ARG A 708 35.46 -17.10 11.90
N ILE A 709 34.78 -18.25 11.92
CA ILE A 709 33.44 -18.40 12.47
C ILE A 709 33.39 -19.72 13.23
N GLU A 710 32.86 -19.68 14.45
CA GLU A 710 32.70 -20.87 15.27
C GLU A 710 31.33 -20.90 15.92
N GLY A 711 30.38 -20.19 15.34
CA GLY A 711 29.03 -20.11 15.86
C GLY A 711 28.24 -19.13 15.04
N ILE A 712 26.93 -19.13 15.28
CA ILE A 712 26.08 -18.21 14.53
C ILE A 712 26.31 -16.78 14.97
N ASP A 713 26.69 -16.55 16.23
CA ASP A 713 27.00 -15.21 16.68
C ASP A 713 28.29 -14.68 16.07
N SER A 714 29.20 -15.59 15.69
CA SER A 714 30.36 -15.18 14.91
C SER A 714 29.95 -14.75 13.51
N LEU A 715 28.89 -15.35 12.97
CA LEU A 715 28.48 -15.09 11.60
C LEU A 715 27.58 -13.87 11.49
N VAL A 716 26.94 -13.46 12.58
CA VAL A 716 26.12 -12.25 12.57
C VAL A 716 27.00 -11.01 12.47
N THR A 717 28.04 -10.95 13.30
CA THR A 717 28.80 -9.72 13.46
C THR A 717 29.93 -9.54 12.44
N SER A 718 30.43 -10.63 11.86
CA SER A 718 31.64 -10.52 11.05
C SER A 718 31.38 -10.12 9.61
N ASN A 719 30.18 -9.60 9.30
CA ASN A 719 29.71 -8.94 8.07
C ASN A 719 30.26 -9.49 6.75
N GLU A 720 30.37 -10.82 6.65
CA GLU A 720 30.75 -11.50 5.44
C GLU A 720 29.52 -11.98 4.70
N PRO A 721 29.57 -12.13 3.38
CA PRO A 721 28.41 -12.65 2.64
C PRO A 721 28.10 -14.10 3.01
N ILE A 722 26.83 -14.35 3.28
CA ILE A 722 26.33 -15.64 3.72
C ILE A 722 25.53 -16.26 2.57
N GLY A 723 25.82 -17.52 2.26
CA GLY A 723 25.01 -18.22 1.30
C GLY A 723 23.83 -18.89 1.98
N VAL A 724 22.70 -18.92 1.28
CA VAL A 724 21.57 -19.74 1.66
C VAL A 724 21.12 -20.49 0.42
N GLN A 725 20.20 -21.41 0.61
CA GLN A 725 19.53 -21.99 -0.53
C GLN A 725 18.37 -21.10 -0.95
N ASP A 726 17.97 -21.21 -2.21
CA ASP A 726 16.88 -20.40 -2.72
C ASP A 726 15.56 -21.02 -2.30
N GLY A 727 14.57 -20.15 -2.11
CA GLY A 727 13.22 -20.58 -1.79
C GLY A 727 13.12 -21.28 -0.46
N THR A 728 13.28 -20.55 0.63
CA THR A 728 13.27 -21.15 1.95
C THR A 728 12.73 -20.13 2.93
N PHE A 729 12.59 -20.56 4.19
CA PHE A 729 12.32 -19.61 5.24
C PHE A 729 13.60 -19.06 5.84
N ALA A 730 14.74 -19.70 5.56
CA ALA A 730 16.01 -19.26 6.11
C ALA A 730 16.43 -17.90 5.60
N ARG A 731 15.97 -17.52 4.40
CA ARG A 731 16.21 -16.17 3.92
C ARG A 731 15.45 -15.15 4.76
N ASN A 732 14.20 -15.44 5.07
CA ASN A 732 13.36 -14.49 5.79
C ASN A 732 13.29 -14.81 7.28
N TYR A 733 14.18 -15.66 7.78
CA TYR A 733 14.39 -15.81 9.21
C TYR A 733 15.64 -15.11 9.70
N LEU A 734 16.69 -15.10 8.90
CA LEU A 734 17.89 -14.34 9.25
C LEU A 734 17.65 -12.85 9.17
N ILE A 735 16.87 -12.41 8.19
CA ILE A 735 16.55 -10.99 8.07
C ILE A 735 15.61 -10.57 9.19
N ASN A 736 14.60 -11.38 9.47
CA ASN A 736 13.54 -10.98 10.40
C ASN A 736 13.98 -11.10 11.85
N GLU A 737 14.85 -12.05 12.18
CA GLU A 737 15.13 -12.34 13.57
C GLU A 737 16.58 -12.13 13.97
N LEU A 738 17.52 -12.57 13.16
CA LEU A 738 18.92 -12.48 13.53
C LEU A 738 19.54 -11.12 13.20
N ASN A 739 18.79 -10.22 12.56
CA ASN A 739 19.22 -8.88 12.15
C ASN A 739 20.46 -8.95 11.26
N ILE A 740 20.26 -9.53 10.09
CA ILE A 740 21.28 -9.60 9.05
C ILE A 740 20.80 -8.76 7.87
N LEU A 741 21.72 -7.99 7.29
CA LEU A 741 21.44 -7.16 6.14
C LEU A 741 20.98 -8.02 4.95
N PRO A 742 20.07 -7.51 4.13
CA PRO A 742 19.64 -8.27 2.94
C PRO A 742 20.71 -8.35 1.87
N SER A 743 21.72 -7.49 1.91
CA SER A 743 22.79 -7.54 0.92
C SER A 743 23.82 -8.62 1.24
N ARG A 744 23.85 -9.13 2.47
CA ARG A 744 24.79 -10.18 2.82
C ARG A 744 24.28 -11.55 2.39
N ILE A 745 22.97 -11.77 2.45
CA ILE A 745 22.41 -13.08 2.15
C ILE A 745 22.34 -13.26 0.64
N VAL A 746 23.02 -14.28 0.15
CA VAL A 746 23.16 -14.52 -1.29
C VAL A 746 22.44 -15.83 -1.61
N PRO A 747 21.45 -15.82 -2.50
CA PRO A 747 20.79 -17.07 -2.89
C PRO A 747 21.67 -17.92 -3.81
N LEU A 748 21.34 -19.20 -3.88
CA LEU A 748 22.17 -20.19 -4.56
C LEU A 748 21.27 -21.29 -5.08
N LYS A 749 21.46 -21.72 -6.34
CA LYS A 749 20.45 -22.60 -6.95
C LYS A 749 20.64 -24.08 -6.59
N ASP A 750 21.76 -24.69 -6.96
CA ASP A 750 21.83 -26.15 -6.88
C ASP A 750 23.10 -26.60 -6.14
N GLU A 751 23.24 -27.91 -6.01
CA GLU A 751 24.28 -28.49 -5.17
C GLU A 751 25.67 -28.44 -5.79
N GLU A 752 25.81 -28.07 -7.06
CA GLU A 752 27.14 -27.82 -7.58
C GLU A 752 27.61 -26.41 -7.25
N GLN A 753 26.69 -25.45 -7.20
CA GLN A 753 27.04 -24.10 -6.82
C GLN A 753 27.11 -23.95 -5.31
N TYR A 754 26.68 -24.97 -4.55
CA TYR A 754 26.92 -24.97 -3.12
C TYR A 754 28.36 -25.29 -2.78
N LEU A 755 29.17 -25.69 -3.76
CA LEU A 755 30.60 -25.86 -3.60
C LEU A 755 31.38 -24.68 -4.15
N SER A 756 31.01 -24.20 -5.35
CA SER A 756 31.68 -23.08 -5.98
C SER A 756 31.46 -21.75 -5.27
N ALA A 757 30.51 -21.68 -4.34
CA ALA A 757 30.39 -20.52 -3.48
C ALA A 757 31.15 -20.68 -2.19
N LEU A 758 31.83 -21.81 -1.98
CA LEU A 758 32.73 -21.98 -0.86
C LEU A 758 34.15 -22.29 -1.25
N GLN A 759 34.38 -22.82 -2.45
CA GLN A 759 35.75 -22.97 -2.93
C GLN A 759 36.37 -21.61 -3.22
N ARG A 760 35.55 -20.65 -3.63
CA ARG A 760 36.03 -19.28 -3.84
C ARG A 760 36.14 -18.50 -2.54
N GLY A 761 35.55 -19.00 -1.45
CA GLY A 761 35.65 -18.34 -0.17
C GLY A 761 34.86 -17.06 -0.13
N PRO A 762 35.11 -16.22 0.88
CA PRO A 762 34.38 -14.95 0.99
C PRO A 762 34.71 -13.96 -0.12
N ASN A 763 35.89 -14.08 -0.73
CA ASN A 763 36.27 -13.25 -1.85
C ASN A 763 35.85 -13.92 -3.16
N ALA A 764 36.13 -13.24 -4.27
CA ALA A 764 35.84 -13.70 -5.64
C ALA A 764 34.36 -14.01 -5.85
N GLY A 765 33.49 -13.22 -5.20
CA GLY A 765 32.07 -13.34 -5.38
C GLY A 765 31.40 -14.45 -4.60
N GLY A 766 32.15 -15.31 -3.93
CA GLY A 766 31.57 -16.38 -3.14
C GLY A 766 31.11 -15.90 -1.78
N VAL A 767 30.69 -16.86 -0.96
CA VAL A 767 30.15 -16.58 0.35
C VAL A 767 30.96 -17.31 1.41
N ALA A 768 30.85 -16.82 2.64
CA ALA A 768 31.65 -17.38 3.73
C ALA A 768 31.05 -18.69 4.24
N ALA A 769 29.74 -18.73 4.45
CA ALA A 769 29.10 -19.88 5.04
C ALA A 769 27.72 -20.08 4.44
N ILE A 770 27.32 -21.34 4.32
CA ILE A 770 25.97 -21.70 3.88
C ILE A 770 25.18 -22.11 5.11
N VAL A 771 23.99 -21.56 5.26
CA VAL A 771 23.10 -21.87 6.37
C VAL A 771 21.95 -22.70 5.82
N ASP A 772 21.93 -23.99 6.15
CA ASP A 772 20.88 -24.88 5.69
C ASP A 772 20.38 -25.73 6.84
N GLU A 773 19.31 -26.46 6.57
CA GLU A 773 18.77 -27.39 7.54
C GLU A 773 19.67 -28.61 7.65
N LEU A 774 19.60 -29.26 8.81
CA LEU A 774 20.46 -30.41 9.09
C LEU A 774 20.34 -31.58 8.11
N PRO A 775 19.15 -32.03 7.67
CA PRO A 775 19.15 -33.14 6.71
C PRO A 775 19.54 -32.76 5.30
N TYR A 776 19.66 -31.48 4.99
CA TYR A 776 20.30 -31.11 3.73
C TYR A 776 21.81 -31.19 3.85
N ILE A 777 22.33 -30.80 5.01
CA ILE A 777 23.77 -30.72 5.20
C ILE A 777 24.38 -32.11 5.35
N GLU A 778 23.69 -33.07 5.95
CA GLU A 778 24.26 -34.41 6.03
C GLU A 778 24.27 -35.13 4.68
N VAL A 779 23.63 -34.57 3.66
CA VAL A 779 23.85 -35.04 2.30
C VAL A 779 25.09 -34.40 1.71
N LEU A 780 25.31 -33.12 2.00
CA LEU A 780 26.37 -32.35 1.34
C LEU A 780 27.75 -32.77 1.78
N LEU A 781 27.90 -33.21 3.04
CA LEU A 781 29.19 -33.71 3.51
C LEU A 781 29.59 -35.01 2.82
N THR A 782 28.65 -35.93 2.64
CA THR A 782 28.97 -37.19 1.98
C THR A 782 29.18 -36.98 0.49
N ASN A 783 28.39 -36.11 -0.13
CA ASN A 783 28.51 -35.84 -1.56
C ASN A 783 29.82 -35.15 -1.91
N SER A 784 30.41 -34.39 -0.99
CA SER A 784 31.70 -33.77 -1.23
C SER A 784 32.77 -34.53 -0.44
N ASN A 785 33.98 -33.99 -0.45
CA ASN A 785 35.07 -34.59 0.30
C ASN A 785 35.02 -34.10 1.74
N CYS A 786 36.06 -34.37 2.50
CA CYS A 786 36.06 -34.07 3.94
C CYS A 786 36.60 -32.68 4.22
N LYS A 787 36.09 -31.67 3.50
CA LYS A 787 36.62 -30.32 3.55
C LYS A 787 35.69 -29.34 4.25
N PHE A 788 34.54 -29.80 4.74
CA PHE A 788 33.59 -28.93 5.39
C PHE A 788 33.08 -29.60 6.66
N ARG A 789 32.67 -28.77 7.61
CA ARG A 789 32.23 -29.29 8.88
C ARG A 789 31.31 -28.25 9.52
N THR A 790 30.23 -28.72 10.13
CA THR A 790 29.23 -27.86 10.75
C THR A 790 29.85 -27.20 11.98
N VAL A 791 30.14 -25.90 11.88
CA VAL A 791 30.91 -25.23 12.91
C VAL A 791 30.13 -24.90 14.17
N GLY A 792 28.81 -25.08 14.15
CA GLY A 792 27.98 -24.77 15.29
C GLY A 792 26.96 -25.86 15.56
N GLN A 793 26.13 -25.61 16.56
CA GLN A 793 24.99 -26.46 16.77
C GLN A 793 23.78 -25.85 16.06
N GLU A 794 22.65 -26.54 16.17
CA GLU A 794 21.42 -26.04 15.56
C GLU A 794 20.87 -24.90 16.40
N PHE A 795 20.70 -23.74 15.76
CA PHE A 795 20.24 -22.56 16.47
C PHE A 795 18.76 -22.28 16.25
N THR A 796 18.04 -23.17 15.58
CA THR A 796 16.57 -23.17 15.56
C THR A 796 16.15 -24.60 15.24
N ARG A 797 15.73 -25.35 16.25
CA ARG A 797 15.49 -26.78 16.10
C ARG A 797 14.00 -27.04 16.10
N THR A 798 13.42 -27.19 14.92
CA THR A 798 11.97 -27.31 14.77
C THR A 798 11.51 -28.65 14.21
N GLY A 799 11.95 -29.07 13.02
CA GLY A 799 11.47 -30.27 12.40
C GLY A 799 10.61 -29.97 11.17
N TRP A 800 10.35 -31.03 10.41
CA TRP A 800 9.59 -30.94 9.18
C TRP A 800 8.15 -31.37 9.39
N GLY A 801 7.42 -31.54 8.29
CA GLY A 801 6.05 -31.98 8.40
C GLY A 801 5.21 -31.75 7.16
N PHE A 802 4.04 -32.38 7.12
CA PHE A 802 3.11 -32.23 6.03
C PHE A 802 2.20 -31.05 6.28
N ALA A 803 1.97 -30.24 5.26
CA ALA A 803 1.15 -29.05 5.40
C ALA A 803 -0.24 -29.33 4.86
N PHE A 804 -1.22 -29.44 5.75
CA PHE A 804 -2.58 -29.72 5.33
C PHE A 804 -3.38 -28.45 5.12
N GLN A 805 -4.58 -28.64 4.58
CA GLN A 805 -5.60 -27.61 4.61
C GLN A 805 -5.98 -27.33 6.06
N ARG A 806 -6.31 -26.08 6.37
CA ARG A 806 -6.44 -25.68 7.76
C ARG A 806 -7.70 -26.28 8.38
N ASP A 807 -7.52 -26.91 9.54
CA ASP A 807 -8.56 -27.60 10.30
C ASP A 807 -9.21 -28.69 9.46
N SER A 808 -8.37 -29.44 8.80
CA SER A 808 -8.92 -30.59 8.13
C SER A 808 -8.82 -31.81 9.04
N PRO A 809 -9.83 -32.68 9.06
CA PRO A 809 -9.82 -33.84 9.95
C PRO A 809 -8.85 -34.92 9.54
N LEU A 810 -8.17 -34.79 8.41
CA LEU A 810 -7.11 -35.72 8.05
C LEU A 810 -5.87 -35.50 8.90
N ALA A 811 -5.72 -34.33 9.52
CA ALA A 811 -4.54 -34.02 10.33
C ALA A 811 -4.53 -34.84 11.60
N VAL A 812 -5.70 -35.10 12.17
CA VAL A 812 -5.76 -35.97 13.34
C VAL A 812 -5.69 -37.43 12.88
N ASP A 813 -5.95 -37.66 11.60
CA ASP A 813 -5.85 -39.02 11.08
C ASP A 813 -4.41 -39.40 10.79
N MET A 814 -3.61 -38.46 10.28
CA MET A 814 -2.24 -38.82 9.94
C MET A 814 -1.26 -38.47 11.05
N SER A 815 -1.66 -37.68 12.04
CA SER A 815 -0.83 -37.58 13.23
C SER A 815 -0.85 -38.89 14.01
N THR A 816 -1.95 -39.61 13.98
CA THR A 816 -2.00 -40.90 14.63
C THR A 816 -1.31 -41.95 13.76
N ALA A 817 -1.23 -41.71 12.46
CA ALA A 817 -0.52 -42.64 11.59
C ALA A 817 0.99 -42.54 11.79
N ILE A 818 1.53 -41.32 11.79
CA ILE A 818 2.97 -41.11 11.90
C ILE A 818 3.48 -41.53 13.28
N LEU A 819 2.73 -41.21 14.34
CA LEU A 819 3.15 -41.64 15.67
C LEU A 819 3.01 -43.14 15.85
N GLN A 820 2.23 -43.80 14.98
CA GLN A 820 2.26 -45.25 14.94
C GLN A 820 3.27 -45.72 13.89
N LEU A 821 3.63 -44.85 12.95
CA LEU A 821 4.66 -45.22 11.97
C LEU A 821 6.04 -45.09 12.59
N SER A 822 6.20 -44.19 13.56
CA SER A 822 7.51 -44.00 14.17
C SER A 822 7.80 -45.08 15.20
N GLU A 823 6.82 -45.44 16.02
CA GLU A 823 7.07 -46.36 17.13
C GLU A 823 7.24 -47.79 16.63
N GLU A 824 6.79 -48.07 15.41
CA GLU A 824 7.08 -49.37 14.82
C GLU A 824 8.39 -49.38 14.05
N GLY A 825 9.13 -48.28 14.07
CA GLY A 825 10.45 -48.24 13.46
C GLY A 825 10.47 -48.15 11.96
N GLU A 826 9.31 -48.20 11.30
CA GLU A 826 9.22 -48.06 9.86
C GLU A 826 9.66 -46.67 9.39
N LEU A 827 9.56 -45.66 10.26
CA LEU A 827 10.05 -44.33 9.92
C LEU A 827 11.57 -44.29 9.81
N GLU A 828 12.25 -45.25 10.45
CA GLU A 828 13.69 -45.39 10.34
C GLU A 828 14.11 -46.28 9.17
N LYS A 829 13.30 -47.29 8.84
CA LYS A 829 13.63 -48.22 7.77
C LYS A 829 13.57 -47.54 6.40
N ILE A 830 12.65 -46.59 6.23
CA ILE A 830 12.57 -45.84 4.99
C ILE A 830 13.76 -44.90 4.88
N HIS A 831 14.31 -44.47 6.01
CA HIS A 831 15.43 -43.54 6.02
C HIS A 831 16.70 -44.19 5.49
N ARG A 832 16.82 -45.52 5.63
CA ARG A 832 17.97 -46.23 5.08
C ARG A 832 17.83 -46.49 3.59
N LYS A 833 16.65 -46.32 3.03
CA LYS A 833 16.46 -46.58 1.61
C LYS A 833 17.03 -45.46 0.75
N TRP A 834 16.76 -44.22 1.12
CA TRP A 834 17.20 -43.07 0.35
C TRP A 834 18.36 -42.34 1.02
N LEU A 835 18.23 -42.06 2.32
CA LEU A 835 19.24 -41.30 3.06
C LEU A 835 20.18 -42.23 3.81
N ASN A 836 20.82 -43.14 3.09
CA ASN A 836 21.83 -43.98 3.73
C ASN A 836 23.19 -43.30 3.82
N TYR A 837 23.36 -42.17 3.15
CA TYR A 837 24.63 -41.47 3.07
C TYR A 837 24.90 -40.80 4.41
N LYS A 838 25.84 -41.34 5.18
CA LYS A 838 26.27 -40.73 6.43
C LYS A 838 27.68 -41.21 6.73
N HIS A 839 28.66 -40.30 6.57
CA HIS A 839 30.03 -40.57 6.96
C HIS A 839 30.51 -39.45 7.87
N GLU A 840 31.09 -39.81 9.00
CA GLU A 840 31.50 -38.82 9.99
C GLU A 840 32.70 -38.03 9.50
N CYS A 841 33.84 -38.72 9.31
CA CYS A 841 35.11 -38.16 8.84
C CYS A 841 35.55 -36.98 9.72
N SER A 842 35.94 -37.33 10.95
CA SER A 842 36.28 -36.33 11.96
C SER A 842 37.61 -35.67 11.58
N MET A 843 37.51 -34.70 10.66
CA MET A 843 38.63 -33.82 10.36
C MET A 843 39.01 -32.99 11.58
N GLN A 844 38.08 -32.16 12.05
CA GLN A 844 38.20 -31.46 13.31
C GLN A 844 36.90 -31.66 14.10
N ILE A 845 37.03 -31.83 15.41
CA ILE A 845 35.88 -32.07 16.28
C ILE A 845 35.94 -31.06 17.43
N SER A 846 35.36 -29.88 17.20
CA SER A 846 35.36 -28.73 18.12
C SER A 846 36.74 -28.44 18.69
N ASN A 847 37.72 -28.30 17.77
CA ASN A 847 39.11 -28.18 18.18
C ASN A 847 39.38 -26.84 18.86
N SER A 848 40.08 -26.90 19.99
CA SER A 848 40.45 -25.69 20.71
C SER A 848 41.55 -24.98 19.94
N GLU A 849 41.26 -23.77 19.46
CA GLU A 849 42.29 -22.97 18.80
C GLU A 849 43.10 -22.26 19.88
N ASP A 850 44.27 -22.81 20.14
CA ASP A 850 45.14 -22.41 21.23
C ASP A 850 46.56 -22.63 20.75
N SER A 851 47.50 -22.80 21.69
CA SER A 851 48.94 -22.81 21.51
C SER A 851 49.42 -23.65 20.32
N GLN A 852 49.26 -24.97 20.44
CA GLN A 852 49.25 -25.97 19.37
C GLN A 852 50.41 -25.79 18.38
N LEU A 853 51.62 -25.85 18.92
CA LEU A 853 52.78 -25.63 18.07
C LEU A 853 53.08 -26.93 17.33
N SER A 854 53.29 -26.81 16.02
CA SER A 854 53.18 -27.90 15.06
C SER A 854 54.21 -28.99 15.30
N LEU A 855 53.74 -30.24 15.18
CA LEU A 855 54.60 -31.40 15.40
C LEU A 855 55.68 -31.48 14.34
N LYS A 856 55.36 -31.13 13.10
CA LYS A 856 56.33 -31.13 12.03
C LYS A 856 57.17 -29.87 12.01
N SER A 857 56.80 -28.85 12.79
CA SER A 857 57.66 -27.68 12.91
C SER A 857 58.90 -28.00 13.72
N PHE A 858 58.82 -28.95 14.64
CA PHE A 858 60.01 -29.42 15.31
C PHE A 858 60.42 -30.81 14.85
N TRP A 859 59.84 -31.30 13.76
CA TRP A 859 60.47 -32.39 13.00
C TRP A 859 61.63 -31.87 12.18
N GLY A 860 61.75 -30.55 12.01
CA GLY A 860 62.87 -29.98 11.31
C GLY A 860 64.07 -29.66 12.19
N LEU A 861 63.84 -29.29 13.45
CA LEU A 861 64.95 -29.00 14.34
C LEU A 861 65.66 -30.27 14.80
N PHE A 862 64.93 -31.13 15.52
CA PHE A 862 65.54 -32.26 16.21
C PHE A 862 66.03 -33.33 15.26
N LEU A 863 65.61 -33.30 13.99
CA LEU A 863 66.21 -34.18 12.99
C LEU A 863 67.52 -33.61 12.47
N ILE A 864 67.63 -32.29 12.34
CA ILE A 864 68.92 -31.67 12.09
C ILE A 864 69.82 -31.81 13.33
N CYS A 865 69.22 -31.78 14.52
CA CYS A 865 69.98 -32.02 15.75
C CYS A 865 70.47 -33.46 15.83
N GLY A 866 69.70 -34.39 15.27
CA GLY A 866 70.18 -35.76 15.18
C GLY A 866 71.31 -35.93 14.18
N ILE A 867 71.22 -35.23 13.05
CA ILE A 867 72.28 -35.24 12.05
C ILE A 867 73.54 -34.57 12.61
N THR A 868 73.35 -33.53 13.43
CA THR A 868 74.47 -32.78 13.99
C THR A 868 75.34 -33.65 14.90
N CYS A 869 74.71 -34.43 15.78
CA CYS A 869 75.47 -35.33 16.63
C CYS A 869 76.00 -36.53 15.87
N PHE A 870 75.30 -36.97 14.83
CA PHE A 870 75.76 -38.13 14.07
C PHE A 870 76.94 -37.78 13.17
N MET A 871 77.07 -36.52 12.77
CA MET A 871 78.27 -36.11 12.05
C MET A 871 79.48 -36.09 12.96
N ALA A 872 79.30 -35.61 14.21
CA ALA A 872 80.40 -35.57 15.16
C ALA A 872 80.72 -36.92 15.77
N LEU A 873 79.77 -37.86 15.76
CA LEU A 873 80.05 -39.19 16.27
C LEU A 873 80.94 -39.98 15.32
N THR A 874 80.73 -39.83 14.00
CA THR A 874 81.55 -40.54 13.03
C THR A 874 82.95 -39.95 12.94
N VAL A 875 83.10 -38.65 13.21
CA VAL A 875 84.43 -38.07 13.33
C VAL A 875 85.13 -38.60 14.57
N PHE A 876 84.38 -38.75 15.67
CA PHE A 876 84.90 -39.43 16.85
C PHE A 876 85.17 -40.89 16.56
N PHE A 877 84.35 -41.51 15.70
CA PHE A 877 84.62 -42.87 15.26
C PHE A 877 85.80 -42.91 14.30
N TRP A 878 86.04 -41.82 13.56
CA TRP A 878 87.22 -41.72 12.73
C TRP A 878 88.49 -41.53 13.56
N ARG A 879 88.35 -40.97 14.77
CA ARG A 879 89.48 -40.90 15.70
C ARG A 879 89.91 -42.28 16.18
N VAL A 880 88.98 -43.24 16.18
CA VAL A 880 89.33 -44.62 16.52
C VAL A 880 90.19 -45.23 15.41
N PHE A 881 89.96 -44.83 14.16
CA PHE A 881 90.84 -45.25 13.07
C PHE A 881 92.23 -44.63 13.20
N TRP A 882 92.32 -43.38 13.66
CA TRP A 882 93.63 -42.82 13.93
C TRP A 882 94.27 -43.43 15.17
N GLN A 883 93.47 -43.98 16.08
CA GLN A 883 94.04 -44.81 17.14
C GLN A 883 94.53 -46.15 16.59
N TYR A 884 93.85 -46.67 15.56
CA TYR A 884 94.28 -47.91 14.91
C TYR A 884 95.54 -47.69 14.08
N GLN A 885 95.62 -46.57 13.35
CA GLN A 885 96.76 -46.34 12.46
C GLN A 885 98.00 -45.93 13.24
N ARG A 886 97.82 -45.28 14.38
CA ARG A 886 98.96 -44.89 15.21
C ARG A 886 99.18 -45.88 16.35
N GLN B 56 -64.91 -33.77 -29.71
CA GLN B 56 -65.41 -32.48 -30.14
C GLN B 56 -64.77 -31.35 -29.33
N ARG B 57 -64.39 -30.28 -30.01
CA ARG B 57 -63.88 -29.10 -29.32
C ARG B 57 -64.97 -28.46 -28.48
N PRO B 58 -64.67 -28.01 -27.27
CA PRO B 58 -65.70 -27.48 -26.38
C PRO B 58 -66.18 -26.09 -26.82
N SER B 59 -67.18 -25.60 -26.10
CA SER B 59 -67.62 -24.22 -26.28
C SER B 59 -66.71 -23.26 -25.52
N SER B 60 -66.56 -23.48 -24.22
CA SER B 60 -65.72 -22.66 -23.37
C SER B 60 -64.91 -23.53 -22.45
N VAL B 61 -63.81 -22.98 -21.94
CA VAL B 61 -62.99 -23.62 -20.92
C VAL B 61 -62.82 -22.65 -19.76
N ASN B 62 -62.67 -23.18 -18.56
CA ASN B 62 -62.55 -22.39 -17.35
C ASN B 62 -61.18 -22.60 -16.75
N VAL B 63 -60.48 -21.52 -16.45
CA VAL B 63 -59.30 -21.60 -15.61
C VAL B 63 -59.52 -20.73 -14.39
N GLY B 64 -58.88 -21.11 -13.29
CA GLY B 64 -59.07 -20.44 -12.03
C GLY B 64 -57.95 -19.46 -11.74
N ALA B 65 -58.21 -18.61 -10.77
CA ALA B 65 -57.19 -17.69 -10.29
C ALA B 65 -57.36 -17.54 -8.79
N LEU B 66 -56.24 -17.61 -8.07
CA LEU B 66 -56.21 -17.51 -6.63
C LEU B 66 -55.12 -16.51 -6.27
N PHE B 67 -55.51 -15.34 -5.81
CA PHE B 67 -54.52 -14.40 -5.32
C PHE B 67 -55.19 -13.44 -4.36
N THR B 68 -54.42 -12.98 -3.39
CA THR B 68 -54.89 -11.99 -2.43
C THR B 68 -55.15 -10.68 -3.15
N TYR B 69 -56.38 -10.18 -3.05
CA TYR B 69 -56.71 -8.98 -3.81
C TYR B 69 -56.06 -7.74 -3.25
N ASP B 70 -55.97 -7.62 -1.93
CA ASP B 70 -55.44 -6.41 -1.30
C ASP B 70 -54.00 -6.64 -0.86
N SER B 71 -53.10 -6.61 -1.84
CA SER B 71 -51.67 -6.68 -1.57
C SER B 71 -50.93 -6.06 -2.74
N PHE B 72 -49.64 -5.78 -2.52
CA PHE B 72 -48.84 -5.14 -3.56
C PHE B 72 -48.62 -6.06 -4.75
N ILE B 73 -48.64 -7.37 -4.53
CA ILE B 73 -48.51 -8.31 -5.62
C ILE B 73 -49.86 -8.63 -6.25
N GLY B 74 -50.91 -8.71 -5.45
CA GLY B 74 -52.21 -9.10 -5.98
C GLY B 74 -52.94 -8.04 -6.77
N ARG B 75 -52.91 -6.80 -6.33
CA ARG B 75 -53.59 -5.73 -7.07
C ARG B 75 -52.88 -5.37 -8.35
N ALA B 76 -51.65 -5.84 -8.55
CA ALA B 76 -51.03 -5.82 -9.85
C ALA B 76 -51.33 -7.07 -10.65
N ALA B 77 -51.55 -8.20 -9.98
CA ALA B 77 -51.82 -9.44 -10.68
C ALA B 77 -53.23 -9.47 -11.25
N LYS B 78 -54.15 -8.70 -10.67
CA LYS B 78 -55.52 -8.70 -11.15
C LYS B 78 -55.69 -8.05 -12.53
N PRO B 79 -55.17 -6.85 -12.82
CA PRO B 79 -55.43 -6.30 -14.17
C PRO B 79 -54.64 -6.96 -15.26
N ALA B 80 -53.42 -7.43 -14.99
CA ALA B 80 -52.61 -7.99 -16.06
C ALA B 80 -53.13 -9.35 -16.50
N VAL B 81 -53.72 -10.11 -15.60
CA VAL B 81 -54.40 -11.34 -16.00
C VAL B 81 -55.69 -11.01 -16.73
N LYS B 82 -56.37 -9.94 -16.29
CA LYS B 82 -57.51 -9.43 -17.03
C LYS B 82 -57.10 -8.90 -18.39
N ALA B 83 -55.90 -8.31 -18.50
CA ALA B 83 -55.39 -7.95 -19.81
C ALA B 83 -54.99 -9.18 -20.61
N ALA B 84 -54.48 -10.21 -19.93
CA ALA B 84 -54.13 -11.45 -20.62
C ALA B 84 -55.36 -12.24 -21.03
N MET B 85 -56.48 -12.05 -20.33
CA MET B 85 -57.73 -12.69 -20.74
C MET B 85 -58.25 -12.09 -22.04
N ASP B 86 -57.93 -10.82 -22.31
CA ASP B 86 -58.42 -10.18 -23.52
C ASP B 86 -57.63 -10.64 -24.75
N ASP B 87 -56.30 -10.65 -24.66
CA ASP B 87 -55.47 -10.90 -25.84
C ASP B 87 -55.56 -12.35 -26.30
N VAL B 88 -55.83 -13.28 -25.39
CA VAL B 88 -56.00 -14.68 -25.80
C VAL B 88 -57.38 -14.93 -26.38
N ASN B 89 -58.31 -14.00 -26.23
CA ASN B 89 -59.55 -14.03 -26.98
C ASN B 89 -59.55 -13.03 -28.13
N ALA B 90 -58.52 -12.19 -28.23
CA ALA B 90 -58.41 -11.30 -29.38
C ALA B 90 -57.67 -11.97 -30.53
N ASP B 91 -56.53 -12.58 -30.26
CA ASP B 91 -55.82 -13.35 -31.27
C ASP B 91 -56.57 -14.65 -31.55
N GLN B 92 -56.68 -15.01 -32.83
CA GLN B 92 -57.51 -16.14 -33.24
C GLN B 92 -56.73 -17.43 -33.40
N SER B 93 -55.40 -17.36 -33.48
CA SER B 93 -54.60 -18.59 -33.59
C SER B 93 -54.61 -19.36 -32.28
N VAL B 94 -54.47 -18.66 -31.15
CA VAL B 94 -54.55 -19.31 -29.85
C VAL B 94 -55.98 -19.43 -29.35
N LEU B 95 -56.93 -18.78 -30.02
CA LEU B 95 -58.33 -18.88 -29.62
C LEU B 95 -58.92 -20.23 -30.00
N LYS B 96 -58.83 -20.57 -31.30
CA LYS B 96 -59.46 -21.75 -31.91
C LYS B 96 -60.96 -21.77 -31.67
N GLY B 97 -61.58 -20.59 -31.65
CA GLY B 97 -63.02 -20.45 -31.47
C GLY B 97 -63.55 -20.84 -30.11
N ILE B 98 -62.70 -21.00 -29.11
CA ILE B 98 -63.09 -21.46 -27.79
C ILE B 98 -62.66 -20.43 -26.78
N LYS B 99 -63.63 -19.73 -26.19
CA LYS B 99 -63.33 -18.61 -25.31
C LYS B 99 -62.76 -19.08 -23.98
N LEU B 100 -62.07 -18.17 -23.29
CA LEU B 100 -61.36 -18.47 -22.06
C LEU B 100 -61.73 -17.42 -21.02
N ASN B 101 -62.65 -17.75 -20.13
CA ASN B 101 -62.97 -16.89 -19.00
C ASN B 101 -62.24 -17.39 -17.76
N ILE B 102 -61.81 -16.46 -16.92
CA ILE B 102 -60.95 -16.76 -15.79
C ILE B 102 -61.75 -16.48 -14.53
N ILE B 103 -62.15 -17.54 -13.83
CA ILE B 103 -62.94 -17.39 -12.62
C ILE B 103 -62.06 -16.88 -11.50
N PHE B 104 -62.41 -15.72 -10.96
CA PHE B 104 -61.61 -15.03 -9.96
C PHE B 104 -62.10 -15.38 -8.57
N GLN B 105 -61.22 -15.95 -7.75
CA GLN B 105 -61.46 -16.17 -6.34
C GLN B 105 -60.27 -15.67 -5.56
N ASP B 106 -60.51 -15.20 -4.34
CA ASP B 106 -59.43 -14.65 -3.55
C ASP B 106 -59.36 -15.30 -2.18
N SER B 107 -58.19 -15.16 -1.58
CA SER B 107 -58.05 -15.20 -0.15
C SER B 107 -57.89 -13.79 0.36
N ASN B 108 -57.99 -13.63 1.69
CA ASN B 108 -57.72 -12.32 2.34
C ASN B 108 -56.39 -12.53 3.04
N CYS B 109 -55.45 -13.16 2.36
CA CYS B 109 -54.08 -13.47 2.79
C CYS B 109 -54.04 -14.27 4.08
N SER B 110 -55.20 -14.71 4.56
CA SER B 110 -55.25 -15.76 5.57
C SER B 110 -55.56 -17.07 4.89
N GLY B 111 -54.92 -18.14 5.36
CA GLY B 111 -54.99 -19.41 4.65
C GLY B 111 -56.34 -20.10 4.70
N PHE B 112 -57.27 -19.61 5.53
CA PHE B 112 -58.52 -20.33 5.71
C PHE B 112 -59.44 -20.19 4.51
N ILE B 113 -59.84 -18.95 4.19
CA ILE B 113 -60.85 -18.76 3.16
C ILE B 113 -60.32 -18.98 1.75
N GLY B 114 -59.00 -19.02 1.58
CA GLY B 114 -58.45 -19.32 0.27
C GLY B 114 -58.64 -20.77 -0.10
N THR B 115 -58.36 -21.66 0.84
CA THR B 115 -58.56 -23.09 0.60
C THR B 115 -60.02 -23.44 0.48
N MET B 116 -60.90 -22.75 1.22
CA MET B 116 -62.32 -22.85 0.97
C MET B 116 -62.67 -22.30 -0.40
N GLY B 117 -62.06 -21.18 -0.77
CA GLY B 117 -62.38 -20.55 -2.05
C GLY B 117 -61.81 -21.32 -3.22
N ALA B 118 -60.66 -21.96 -3.04
CA ALA B 118 -60.12 -22.80 -4.09
C ALA B 118 -60.91 -24.10 -4.21
N LEU B 119 -61.47 -24.57 -3.11
CA LEU B 119 -62.36 -25.71 -3.18
C LEU B 119 -63.64 -25.36 -3.92
N GLN B 120 -64.03 -24.09 -3.89
CA GLN B 120 -65.12 -23.62 -4.75
C GLN B 120 -64.69 -23.64 -6.22
N LEU B 121 -63.42 -23.33 -6.49
CA LEU B 121 -62.92 -23.49 -7.86
C LEU B 121 -62.86 -24.95 -8.27
N MET B 122 -62.67 -25.84 -7.31
CA MET B 122 -62.66 -27.26 -7.62
C MET B 122 -64.04 -27.88 -7.56
N GLU B 123 -64.97 -27.26 -6.82
CA GLU B 123 -66.38 -27.58 -7.00
C GLU B 123 -66.83 -27.17 -8.39
N ASN B 124 -66.34 -26.02 -8.86
CA ASN B 124 -66.43 -25.67 -10.27
C ASN B 124 -65.55 -26.62 -11.09
N LYS B 125 -65.82 -26.69 -12.38
CA LYS B 125 -64.96 -27.42 -13.28
C LYS B 125 -63.90 -26.47 -13.84
N VAL B 126 -62.63 -26.89 -13.78
CA VAL B 126 -61.53 -26.12 -14.35
C VAL B 126 -60.60 -27.08 -15.07
N VAL B 127 -59.76 -26.52 -15.95
CA VAL B 127 -58.70 -27.27 -16.60
C VAL B 127 -57.33 -26.84 -16.14
N ALA B 128 -57.22 -25.73 -15.43
CA ALA B 128 -55.98 -25.28 -14.83
C ALA B 128 -56.34 -24.41 -13.64
N ALA B 129 -55.33 -23.80 -13.02
CA ALA B 129 -55.55 -22.87 -11.93
C ALA B 129 -54.30 -22.01 -11.80
N ILE B 130 -54.45 -20.70 -11.98
CA ILE B 130 -53.34 -19.79 -11.72
C ILE B 130 -53.11 -19.75 -10.22
N GLY B 131 -51.93 -20.18 -9.80
CA GLY B 131 -51.67 -20.56 -8.43
C GLY B 131 -51.60 -19.42 -7.45
N PRO B 132 -51.65 -19.75 -6.16
CA PRO B 132 -51.55 -18.72 -5.14
C PRO B 132 -50.13 -18.22 -5.03
N GLN B 133 -49.98 -17.14 -4.27
CA GLN B 133 -48.66 -16.60 -4.03
C GLN B 133 -48.32 -16.46 -2.57
N SER B 134 -49.26 -16.78 -1.67
CA SER B 134 -48.97 -16.66 -0.25
C SER B 134 -48.06 -17.79 0.23
N SER B 135 -48.10 -18.93 -0.45
CA SER B 135 -47.30 -20.14 -0.21
C SER B 135 -47.50 -20.78 1.16
N GLY B 136 -48.50 -20.33 1.90
CA GLY B 136 -49.04 -21.13 2.98
C GLY B 136 -50.29 -21.74 2.41
N ILE B 137 -50.86 -21.02 1.44
CA ILE B 137 -51.95 -21.55 0.66
C ILE B 137 -51.44 -22.60 -0.31
N ALA B 138 -50.24 -22.38 -0.86
CA ALA B 138 -49.76 -23.22 -1.94
C ALA B 138 -49.36 -24.62 -1.48
N HIS B 139 -49.14 -24.84 -0.18
CA HIS B 139 -48.99 -26.21 0.27
C HIS B 139 -50.31 -26.95 0.26
N MET B 140 -51.36 -26.32 0.80
CA MET B 140 -52.63 -27.02 0.93
C MET B 140 -53.30 -27.23 -0.42
N ILE B 141 -53.24 -26.25 -1.31
CA ILE B 141 -53.87 -26.41 -2.61
C ILE B 141 -53.09 -27.38 -3.48
N SER B 142 -51.81 -27.57 -3.18
CA SER B 142 -51.10 -28.64 -3.85
C SER B 142 -51.26 -29.97 -3.14
N TYR B 143 -52.18 -30.08 -2.19
CA TYR B 143 -52.71 -31.37 -1.78
C TYR B 143 -54.13 -31.60 -2.26
N VAL B 144 -54.83 -30.56 -2.69
CA VAL B 144 -56.12 -30.78 -3.35
C VAL B 144 -55.94 -30.91 -4.86
N ALA B 145 -54.83 -30.42 -5.40
CA ALA B 145 -54.53 -30.66 -6.80
C ALA B 145 -54.01 -32.07 -7.01
N ASN B 146 -53.38 -32.65 -5.99
CA ASN B 146 -52.84 -34.00 -6.09
C ASN B 146 -53.92 -35.07 -5.99
N GLU B 147 -55.11 -34.72 -5.53
CA GLU B 147 -56.22 -35.65 -5.50
C GLU B 147 -57.29 -35.34 -6.53
N LEU B 148 -57.13 -34.27 -7.30
CA LEU B 148 -58.07 -33.93 -8.36
C LEU B 148 -57.39 -33.80 -9.71
N HIS B 149 -56.06 -33.91 -9.75
CA HIS B 149 -55.24 -33.92 -10.98
C HIS B 149 -55.38 -32.62 -11.78
N VAL B 150 -55.73 -31.53 -11.11
CA VAL B 150 -55.88 -30.23 -11.76
C VAL B 150 -54.56 -29.49 -11.64
N PRO B 151 -53.96 -29.05 -12.73
CA PRO B 151 -52.63 -28.43 -12.65
C PRO B 151 -52.69 -27.06 -12.00
N LEU B 152 -51.77 -26.83 -11.09
CA LEU B 152 -51.70 -25.59 -10.33
C LEU B 152 -50.44 -24.87 -10.75
N LEU B 153 -50.59 -23.69 -11.32
CA LEU B 153 -49.48 -22.95 -11.91
C LEU B 153 -49.32 -21.64 -11.17
N SER B 154 -48.31 -21.56 -10.31
CA SER B 154 -48.14 -20.37 -9.51
C SER B 154 -47.30 -19.34 -10.25
N PHE B 155 -47.49 -18.09 -9.85
CA PHE B 155 -46.68 -16.98 -10.32
C PHE B 155 -45.91 -16.31 -9.21
N GLY B 156 -46.24 -16.58 -7.96
CA GLY B 156 -45.57 -15.91 -6.86
C GLY B 156 -45.32 -16.85 -5.70
N ALA B 157 -45.09 -18.13 -5.99
CA ALA B 157 -44.82 -19.11 -4.96
C ALA B 157 -43.52 -18.79 -4.22
N THR B 158 -42.38 -18.96 -4.90
CA THR B 158 -41.03 -18.72 -4.37
C THR B 158 -40.82 -19.40 -3.01
N ASP B 159 -41.18 -20.67 -2.95
CA ASP B 159 -41.00 -21.47 -1.74
C ASP B 159 -40.25 -22.70 -2.17
N PRO B 160 -38.99 -22.83 -1.83
CA PRO B 160 -38.14 -23.82 -2.49
C PRO B 160 -38.32 -25.26 -2.02
N THR B 161 -39.41 -25.56 -1.35
CA THR B 161 -39.78 -26.94 -1.09
C THR B 161 -40.98 -27.38 -1.91
N LEU B 162 -41.55 -26.49 -2.72
CA LEU B 162 -42.68 -26.87 -3.56
C LEU B 162 -42.24 -27.61 -4.81
N SER B 163 -41.05 -27.31 -5.32
CA SER B 163 -40.54 -27.97 -6.52
C SER B 163 -39.92 -29.31 -6.12
N SER B 164 -40.80 -30.23 -5.72
CA SER B 164 -40.40 -31.57 -5.34
C SER B 164 -41.41 -32.55 -5.90
N LEU B 165 -40.97 -33.79 -6.07
CA LEU B 165 -41.80 -34.80 -6.70
C LEU B 165 -42.90 -35.32 -5.79
N GLN B 166 -42.95 -34.88 -4.53
CA GLN B 166 -44.11 -35.14 -3.71
C GLN B 166 -45.33 -34.34 -4.14
N PHE B 167 -45.13 -33.24 -4.87
CA PHE B 167 -46.22 -32.48 -5.48
C PHE B 167 -46.09 -32.64 -6.98
N PRO B 168 -46.78 -33.61 -7.58
CA PRO B 168 -46.61 -33.83 -9.03
C PRO B 168 -47.33 -32.81 -9.89
N TYR B 169 -48.25 -32.02 -9.34
CA TYR B 169 -49.04 -31.08 -10.11
C TYR B 169 -48.83 -29.64 -9.70
N PHE B 170 -47.60 -29.20 -9.51
CA PHE B 170 -47.34 -27.82 -9.14
C PHE B 170 -46.17 -27.32 -9.97
N LEU B 171 -46.48 -26.72 -11.11
CA LEU B 171 -45.45 -26.13 -11.96
C LEU B 171 -45.36 -24.65 -11.66
N ARG B 172 -44.13 -24.18 -11.51
CA ARG B 172 -43.87 -22.82 -11.04
C ARG B 172 -43.38 -21.96 -12.19
N THR B 173 -44.12 -20.88 -12.48
CA THR B 173 -43.74 -19.99 -13.57
C THR B 173 -42.89 -18.82 -13.11
N THR B 174 -42.67 -18.67 -11.81
CA THR B 174 -41.71 -17.68 -11.35
C THR B 174 -40.39 -18.35 -11.03
N GLN B 175 -39.38 -17.54 -10.79
CA GLN B 175 -38.06 -18.07 -10.52
C GLN B 175 -38.03 -18.65 -9.12
N ASN B 176 -37.47 -19.85 -9.01
CA ASN B 176 -37.44 -20.58 -7.76
C ASN B 176 -36.58 -19.85 -6.76
N ASP B 177 -37.10 -19.66 -5.55
CA ASP B 177 -36.41 -18.90 -4.52
C ASP B 177 -35.12 -19.55 -4.06
N TYR B 178 -34.96 -20.84 -4.34
CA TYR B 178 -33.69 -21.53 -4.19
C TYR B 178 -32.59 -20.86 -5.01
N PHE B 179 -32.93 -20.33 -6.19
CA PHE B 179 -31.94 -19.64 -7.02
C PHE B 179 -31.74 -18.20 -6.64
N GLN B 180 -32.41 -17.73 -5.60
CA GLN B 180 -32.10 -16.42 -5.08
C GLN B 180 -31.19 -16.53 -3.89
N MET B 181 -31.37 -17.58 -3.09
CA MET B 181 -30.50 -17.76 -1.94
C MET B 181 -29.11 -18.20 -2.33
N HIS B 182 -28.89 -18.64 -3.56
CA HIS B 182 -27.52 -18.70 -4.03
C HIS B 182 -26.98 -17.30 -4.26
N ALA B 183 -27.81 -16.41 -4.81
CA ALA B 183 -27.33 -15.09 -5.18
C ALA B 183 -26.98 -14.25 -3.96
N ILE B 184 -27.61 -14.50 -2.82
CA ILE B 184 -27.08 -13.91 -1.61
C ILE B 184 -25.84 -14.64 -1.16
N ALA B 185 -25.82 -15.97 -1.28
CA ALA B 185 -24.62 -16.69 -0.87
C ALA B 185 -23.48 -16.58 -1.87
N ASP B 186 -23.70 -16.01 -3.04
CA ASP B 186 -22.58 -15.56 -3.85
C ASP B 186 -22.16 -14.15 -3.48
N PHE B 187 -23.12 -13.30 -3.13
CA PHE B 187 -22.80 -11.93 -2.78
C PHE B 187 -22.10 -11.84 -1.44
N LEU B 188 -22.36 -12.78 -0.52
CA LEU B 188 -21.68 -12.75 0.76
C LEU B 188 -20.23 -13.20 0.63
N SER B 189 -19.98 -14.29 -0.10
CA SER B 189 -18.62 -14.74 -0.28
C SER B 189 -17.85 -13.88 -1.27
N TYR B 190 -18.53 -13.05 -2.04
CA TYR B 190 -17.84 -12.03 -2.82
C TYR B 190 -17.30 -10.94 -1.93
N SER B 191 -18.09 -10.51 -0.94
CA SER B 191 -17.59 -9.53 0.00
C SER B 191 -16.80 -10.15 1.13
N GLY B 192 -16.95 -11.45 1.35
CA GLY B 192 -16.23 -12.10 2.43
C GLY B 192 -16.73 -11.76 3.81
N TRP B 193 -18.03 -11.90 4.06
CA TRP B 193 -18.60 -11.55 5.34
C TRP B 193 -18.81 -12.73 6.26
N ARG B 194 -19.19 -13.88 5.69
CA ARG B 194 -19.00 -15.20 6.30
C ARG B 194 -19.89 -15.45 7.52
N GLN B 195 -20.61 -14.45 8.01
CA GLN B 195 -21.41 -14.65 9.22
C GLN B 195 -22.56 -13.66 9.20
N VAL B 196 -23.78 -14.17 9.22
CA VAL B 196 -24.96 -13.46 8.75
C VAL B 196 -26.12 -13.74 9.68
N ILE B 197 -26.81 -12.69 10.13
CA ILE B 197 -27.98 -12.83 10.98
C ILE B 197 -29.22 -12.67 10.12
N ALA B 198 -29.95 -13.75 9.90
CA ALA B 198 -31.12 -13.67 9.06
C ALA B 198 -32.29 -13.14 9.84
N ILE B 199 -33.23 -12.55 9.12
CA ILE B 199 -34.51 -12.09 9.65
C ILE B 199 -35.57 -12.50 8.65
N PHE B 200 -36.54 -13.27 9.08
CA PHE B 200 -37.53 -13.79 8.16
C PHE B 200 -38.88 -13.86 8.83
N VAL B 201 -39.95 -13.66 8.05
CA VAL B 201 -41.28 -13.89 8.59
C VAL B 201 -41.46 -15.38 8.74
N ASP B 202 -42.30 -15.79 9.68
CA ASP B 202 -42.40 -17.22 9.96
C ASP B 202 -43.54 -17.86 9.18
N ASP B 203 -43.59 -17.58 7.88
CA ASP B 203 -44.42 -18.31 6.94
C ASP B 203 -43.65 -19.50 6.42
N GLU B 204 -44.15 -20.08 5.35
CA GLU B 204 -43.42 -21.14 4.69
C GLU B 204 -42.35 -20.58 3.76
N CYS B 205 -42.46 -19.30 3.39
CA CYS B 205 -41.41 -18.66 2.61
C CYS B 205 -40.27 -18.21 3.50
N GLY B 206 -40.47 -18.24 4.82
CA GLY B 206 -39.41 -17.78 5.69
C GLY B 206 -38.56 -18.92 6.20
N ARG B 207 -39.19 -19.97 6.70
CA ARG B 207 -38.44 -21.10 7.23
C ARG B 207 -37.76 -21.84 6.11
N ASN B 208 -38.49 -22.17 5.05
CA ASN B 208 -37.89 -22.91 3.94
C ASN B 208 -37.01 -22.01 3.11
N GLY B 209 -37.22 -20.70 3.20
CA GLY B 209 -36.34 -19.78 2.49
C GLY B 209 -34.97 -19.71 3.13
N ILE B 210 -34.91 -19.59 4.46
CA ILE B 210 -33.64 -19.38 5.13
C ILE B 210 -32.93 -20.70 5.39
N SER B 211 -33.68 -21.80 5.53
CA SER B 211 -33.05 -23.10 5.68
C SER B 211 -32.26 -23.50 4.43
N VAL B 212 -32.61 -22.93 3.28
CA VAL B 212 -31.76 -23.05 2.11
C VAL B 212 -30.48 -22.25 2.29
N LEU B 213 -30.60 -21.04 2.82
CA LEU B 213 -29.41 -20.21 3.02
C LEU B 213 -28.55 -20.77 4.15
N GLY B 214 -29.15 -21.50 5.07
CA GLY B 214 -28.35 -22.26 6.02
C GLY B 214 -27.54 -23.32 5.33
N ASP B 215 -28.10 -23.90 4.27
CA ASP B 215 -27.44 -25.01 3.59
C ASP B 215 -26.34 -24.51 2.67
N VAL B 216 -26.62 -23.46 1.90
CA VAL B 216 -25.69 -23.06 0.86
C VAL B 216 -24.48 -22.35 1.46
N LEU B 217 -24.67 -21.66 2.58
CA LEU B 217 -23.53 -21.03 3.23
C LEU B 217 -22.63 -22.05 3.93
N ALA B 218 -23.13 -23.27 4.14
CA ALA B 218 -22.26 -24.30 4.69
C ALA B 218 -21.26 -24.78 3.65
N LYS B 219 -21.62 -24.69 2.37
CA LYS B 219 -20.74 -25.20 1.32
C LYS B 219 -19.57 -24.25 1.08
N LYS B 220 -19.71 -23.01 1.49
CA LYS B 220 -18.63 -22.04 1.44
C LYS B 220 -18.05 -21.75 2.81
N ARG B 221 -18.38 -22.60 3.77
CA ARG B 221 -17.88 -22.60 5.15
C ARG B 221 -18.24 -21.32 5.90
N SER B 222 -19.29 -20.64 5.48
CA SER B 222 -19.93 -19.60 6.27
C SER B 222 -21.01 -20.23 7.13
N ARG B 223 -21.79 -19.41 7.83
CA ARG B 223 -22.87 -19.91 8.66
C ARG B 223 -23.83 -18.76 8.94
N ILE B 224 -25.04 -19.13 9.34
CA ILE B 224 -25.99 -18.17 9.89
C ILE B 224 -25.84 -18.18 11.40
N SER B 225 -25.70 -17.01 12.00
CA SER B 225 -25.62 -16.95 13.45
C SER B 225 -26.96 -17.27 14.09
N TYR B 226 -27.95 -16.40 13.88
CA TYR B 226 -29.15 -16.43 14.70
C TYR B 226 -30.35 -16.20 13.80
N LYS B 227 -31.09 -17.27 13.52
CA LYS B 227 -32.28 -17.14 12.70
C LYS B 227 -33.39 -16.46 13.49
N ALA B 228 -33.36 -15.12 13.57
CA ALA B 228 -34.45 -14.40 14.21
C ALA B 228 -35.70 -14.54 13.39
N ALA B 229 -36.86 -14.58 14.03
CA ALA B 229 -38.07 -14.91 13.32
C ALA B 229 -39.25 -14.14 13.88
N ILE B 230 -39.73 -13.19 13.12
CA ILE B 230 -40.92 -12.46 13.51
C ILE B 230 -42.14 -13.34 13.22
N THR B 231 -43.22 -13.08 13.91
CA THR B 231 -44.47 -13.78 13.66
C THR B 231 -45.12 -13.21 12.40
N PRO B 232 -46.11 -13.92 11.80
CA PRO B 232 -46.75 -13.37 10.60
C PRO B 232 -47.54 -12.09 10.83
N GLY B 233 -48.39 -12.06 11.85
CA GLY B 233 -49.05 -10.82 12.15
C GLY B 233 -48.15 -9.97 13.02
N ALA B 234 -47.41 -9.06 12.41
CA ALA B 234 -46.34 -8.35 13.10
C ALA B 234 -46.83 -6.99 13.57
N ASP B 235 -46.81 -6.78 14.88
CA ASP B 235 -47.03 -5.46 15.42
C ASP B 235 -45.78 -4.61 15.22
N SER B 236 -45.88 -3.34 15.58
CA SER B 236 -44.66 -2.55 15.67
C SER B 236 -44.01 -2.65 17.04
N SER B 237 -44.49 -3.54 17.89
CA SER B 237 -43.81 -3.80 19.16
C SER B 237 -43.05 -5.12 19.13
N SER B 238 -43.51 -6.08 18.32
CA SER B 238 -42.74 -7.32 18.17
C SER B 238 -41.47 -7.08 17.39
N ILE B 239 -41.45 -6.09 16.50
CA ILE B 239 -40.23 -5.78 15.78
C ILE B 239 -39.25 -5.06 16.70
N ARG B 240 -39.74 -4.23 17.63
CA ARG B 240 -38.85 -3.60 18.58
C ARG B 240 -38.34 -4.59 19.60
N ASP B 241 -39.18 -5.54 20.00
CA ASP B 241 -38.75 -6.59 20.91
C ASP B 241 -37.70 -7.48 20.26
N LEU B 242 -37.80 -7.68 18.95
CA LEU B 242 -36.81 -8.49 18.27
C LEU B 242 -35.53 -7.72 18.07
N LEU B 243 -35.59 -6.62 17.34
CA LEU B 243 -34.40 -5.94 16.85
C LEU B 243 -33.60 -5.25 17.94
N VAL B 244 -34.14 -5.08 19.15
CA VAL B 244 -33.28 -4.77 20.27
C VAL B 244 -32.40 -5.96 20.60
N SER B 245 -32.97 -7.16 20.62
CA SER B 245 -32.21 -8.35 20.94
C SER B 245 -31.42 -8.90 19.76
N VAL B 246 -31.30 -8.17 18.67
CA VAL B 246 -30.43 -8.58 17.58
C VAL B 246 -29.26 -7.62 17.39
N ASN B 247 -29.40 -6.35 17.80
CA ASN B 247 -28.23 -5.48 17.93
C ASN B 247 -27.22 -6.04 18.92
N LEU B 248 -27.70 -6.68 19.97
CA LEU B 248 -26.84 -7.26 20.98
C LEU B 248 -26.31 -8.63 20.60
N MET B 249 -25.82 -8.79 19.37
CA MET B 249 -25.24 -10.05 18.92
C MET B 249 -24.05 -9.77 18.03
N GLU B 250 -23.57 -10.81 17.38
CA GLU B 250 -22.19 -10.86 16.93
C GLU B 250 -21.98 -10.47 15.49
N SER B 251 -23.04 -10.19 14.74
CA SER B 251 -22.85 -9.90 13.33
C SER B 251 -23.65 -8.68 12.92
N ARG B 252 -23.25 -8.12 11.80
CA ARG B 252 -23.92 -6.95 11.27
C ARG B 252 -24.44 -7.15 9.86
N VAL B 253 -24.28 -8.32 9.28
CA VAL B 253 -24.72 -8.49 7.90
C VAL B 253 -26.11 -9.11 7.94
N PHE B 254 -27.13 -8.28 8.03
CA PHE B 254 -28.48 -8.78 8.17
C PHE B 254 -28.99 -9.20 6.80
N VAL B 255 -29.93 -10.13 6.78
CA VAL B 255 -30.59 -10.57 5.55
C VAL B 255 -32.08 -10.62 5.88
N VAL B 256 -32.81 -9.63 5.45
CA VAL B 256 -34.24 -9.66 5.71
C VAL B 256 -34.91 -10.46 4.62
N HIS B 257 -36.02 -11.11 4.98
CA HIS B 257 -36.84 -11.81 4.00
C HIS B 257 -38.26 -11.79 4.55
N VAL B 258 -39.02 -10.75 4.21
CA VAL B 258 -40.35 -10.54 4.76
C VAL B 258 -41.32 -10.53 3.57
N ASN B 259 -42.57 -10.91 3.82
CA ASN B 259 -43.60 -10.64 2.83
C ASN B 259 -43.75 -9.12 2.64
N PRO B 260 -44.07 -8.67 1.42
CA PRO B 260 -43.83 -7.25 1.08
C PRO B 260 -44.73 -6.26 1.79
N ASP B 261 -45.99 -6.60 2.06
CA ASP B 261 -46.92 -5.58 2.55
C ASP B 261 -46.63 -5.18 3.99
N SER B 262 -46.22 -6.12 4.83
CA SER B 262 -45.74 -5.76 6.15
C SER B 262 -44.24 -5.53 6.15
N GLY B 263 -43.59 -5.58 4.99
CA GLY B 263 -42.15 -5.70 4.94
C GLY B 263 -41.40 -4.45 5.31
N LEU B 264 -41.98 -3.28 5.09
CA LEU B 264 -41.22 -2.07 5.29
C LEU B 264 -41.22 -1.64 6.75
N ASN B 265 -41.99 -2.31 7.60
CA ASN B 265 -41.94 -2.01 9.03
C ASN B 265 -40.63 -2.44 9.67
N VAL B 266 -39.90 -3.37 9.06
CA VAL B 266 -38.61 -3.77 9.61
C VAL B 266 -37.61 -2.64 9.48
N PHE B 267 -37.58 -1.98 8.33
CA PHE B 267 -36.67 -0.87 8.15
C PHE B 267 -37.10 0.37 8.91
N SER B 268 -38.41 0.58 9.05
CA SER B 268 -38.90 1.79 9.70
C SER B 268 -38.62 1.76 11.20
N VAL B 269 -38.49 0.57 11.78
CA VAL B 269 -38.00 0.45 13.13
C VAL B 269 -36.48 0.43 13.17
N ALA B 270 -35.83 0.03 12.07
CA ALA B 270 -34.37 -0.05 12.05
C ALA B 270 -33.72 1.33 12.09
N LYS B 271 -34.32 2.31 11.44
CA LYS B 271 -33.80 3.68 11.57
C LYS B 271 -34.14 4.24 12.94
N SER B 272 -35.34 3.92 13.45
CA SER B 272 -35.78 4.46 14.73
C SER B 272 -34.99 3.91 15.90
N LEU B 273 -34.42 2.72 15.74
CA LEU B 273 -33.60 2.12 16.78
C LEU B 273 -32.13 2.43 16.56
N GLY B 274 -31.81 3.17 15.51
CA GLY B 274 -30.45 3.55 15.25
C GLY B 274 -29.61 2.48 14.59
N MET B 275 -30.23 1.62 13.77
CA MET B 275 -29.49 0.50 13.21
C MET B 275 -28.92 0.83 11.84
N MET B 276 -29.66 1.52 11.00
CA MET B 276 -29.14 1.83 9.67
C MET B 276 -28.19 3.00 9.80
N ALA B 277 -26.93 2.68 10.05
CA ALA B 277 -25.88 3.64 10.31
C ALA B 277 -24.61 3.06 9.71
N SER B 278 -23.46 3.56 10.13
CA SER B 278 -22.20 3.05 9.61
C SER B 278 -21.92 1.65 10.16
N GLY B 279 -21.78 0.68 9.26
CA GLY B 279 -21.36 -0.64 9.64
C GLY B 279 -22.45 -1.64 9.93
N TYR B 280 -23.59 -1.54 9.25
CA TYR B 280 -24.72 -2.46 9.40
C TYR B 280 -25.16 -2.78 7.98
N VAL B 281 -24.60 -3.82 7.37
CA VAL B 281 -24.93 -4.08 5.98
C VAL B 281 -26.27 -4.80 5.93
N TRP B 282 -27.28 -4.15 5.42
CA TRP B 282 -28.58 -4.78 5.23
C TRP B 282 -28.67 -5.30 3.82
N ILE B 283 -29.07 -6.55 3.67
CA ILE B 283 -29.35 -7.13 2.37
C ILE B 283 -30.83 -7.46 2.39
N ALA B 284 -31.47 -7.44 1.23
CA ALA B 284 -32.88 -7.72 1.18
C ALA B 284 -33.20 -8.57 -0.02
N THR B 285 -34.22 -9.39 0.10
CA THR B 285 -34.65 -10.24 -0.99
C THR B 285 -35.72 -9.52 -1.80
N ASP B 286 -36.43 -10.26 -2.66
CA ASP B 286 -37.21 -9.68 -3.77
C ASP B 286 -38.30 -8.72 -3.32
N TRP B 287 -38.73 -8.81 -2.07
CA TRP B 287 -39.89 -8.04 -1.61
C TRP B 287 -39.64 -6.54 -1.64
N LEU B 288 -38.40 -6.12 -1.45
CA LEU B 288 -38.13 -4.69 -1.35
C LEU B 288 -38.15 -4.02 -2.72
N PRO B 289 -37.68 -4.61 -3.82
CA PRO B 289 -38.03 -4.07 -5.13
C PRO B 289 -39.39 -4.50 -5.65
N THR B 290 -40.28 -4.99 -4.80
CA THR B 290 -41.70 -5.05 -5.10
C THR B 290 -42.49 -4.11 -4.22
N ALA B 291 -42.01 -3.85 -3.00
CA ALA B 291 -42.61 -2.82 -2.17
C ALA B 291 -42.17 -1.41 -2.52
N MET B 292 -41.50 -1.22 -3.66
CA MET B 292 -41.33 0.12 -4.21
C MET B 292 -41.91 0.28 -5.60
N ASP B 293 -41.92 -0.77 -6.42
CA ASP B 293 -42.51 -0.66 -7.75
C ASP B 293 -44.03 -0.65 -7.69
N SER B 294 -44.62 -1.09 -6.58
CA SER B 294 -46.05 -0.94 -6.37
C SER B 294 -46.39 0.33 -5.63
N MET B 295 -45.39 1.14 -5.30
CA MET B 295 -45.64 2.51 -4.87
C MET B 295 -45.85 3.36 -6.12
N GLU B 296 -46.86 4.25 -6.05
CA GLU B 296 -47.21 5.08 -7.20
C GLU B 296 -46.08 6.04 -7.53
N HIS B 297 -45.46 6.62 -6.51
CA HIS B 297 -44.20 7.32 -6.67
C HIS B 297 -43.36 7.05 -5.45
N VAL B 298 -42.04 7.05 -5.62
CA VAL B 298 -41.13 6.86 -4.50
C VAL B 298 -41.17 8.13 -3.65
N ASP B 299 -41.69 8.02 -2.44
CA ASP B 299 -42.13 9.17 -1.66
C ASP B 299 -40.99 9.96 -1.02
N SER B 300 -39.73 9.70 -1.37
CA SER B 300 -38.53 10.46 -0.98
C SER B 300 -38.25 10.49 0.52
N ASP B 301 -39.06 9.80 1.32
CA ASP B 301 -38.73 9.46 2.69
C ASP B 301 -38.51 7.97 2.89
N THR B 302 -39.25 7.16 2.13
CA THR B 302 -38.93 5.73 2.06
C THR B 302 -37.55 5.55 1.45
N MET B 303 -37.25 6.27 0.38
CA MET B 303 -35.91 6.22 -0.18
C MET B 303 -34.90 6.87 0.75
N ASP B 304 -35.33 7.80 1.61
CA ASP B 304 -34.46 8.26 2.68
C ASP B 304 -34.32 7.21 3.76
N LEU B 305 -35.35 6.36 3.94
CA LEU B 305 -35.28 5.31 4.94
C LEU B 305 -34.33 4.19 4.50
N LEU B 306 -34.17 4.02 3.20
CA LEU B 306 -33.39 2.91 2.62
C LEU B 306 -32.16 3.51 1.94
N GLN B 307 -31.11 3.72 2.71
CA GLN B 307 -29.89 4.30 2.16
C GLN B 307 -28.77 3.27 2.28
N GLY B 308 -28.67 2.39 1.30
CA GLY B 308 -27.59 1.42 1.26
C GLY B 308 -27.98 -0.03 1.36
N VAL B 309 -29.26 -0.33 1.57
CA VAL B 309 -29.71 -1.71 1.63
C VAL B 309 -29.66 -2.33 0.23
N VAL B 310 -28.90 -3.40 0.08
CA VAL B 310 -28.56 -3.95 -1.22
C VAL B 310 -29.60 -4.98 -1.64
N ALA B 311 -30.75 -4.53 -2.13
CA ALA B 311 -31.84 -5.47 -2.36
C ALA B 311 -31.67 -6.18 -3.70
N PHE B 312 -32.36 -7.31 -3.87
CA PHE B 312 -32.31 -8.06 -5.12
C PHE B 312 -33.67 -8.04 -5.78
N ARG B 313 -33.68 -8.16 -7.11
CA ARG B 313 -34.92 -8.11 -7.87
C ARG B 313 -34.86 -9.16 -8.96
N HIS B 314 -36.01 -9.74 -9.29
CA HIS B 314 -36.11 -10.60 -10.46
C HIS B 314 -35.72 -9.85 -11.72
N TYR B 315 -34.89 -10.48 -12.54
CA TYR B 315 -34.41 -9.85 -13.75
C TYR B 315 -35.12 -10.46 -14.96
N THR B 316 -35.65 -9.57 -15.81
CA THR B 316 -36.23 -9.95 -17.08
C THR B 316 -35.51 -9.19 -18.19
N ILE B 317 -35.03 -9.93 -19.19
CA ILE B 317 -34.32 -9.34 -20.32
C ILE B 317 -35.26 -8.44 -21.10
N GLU B 318 -34.77 -7.24 -21.43
CA GLU B 318 -35.56 -6.27 -22.17
C GLU B 318 -35.70 -6.71 -23.62
N SER B 319 -36.94 -6.93 -24.06
CA SER B 319 -37.26 -7.17 -25.45
C SER B 319 -38.32 -6.19 -25.89
N SER B 320 -38.56 -6.13 -27.20
CA SER B 320 -39.63 -5.28 -27.71
C SER B 320 -41.01 -5.84 -27.44
N VAL B 321 -41.11 -7.14 -27.13
CA VAL B 321 -42.39 -7.73 -26.75
C VAL B 321 -42.88 -7.12 -25.46
N LYS B 322 -41.97 -6.91 -24.51
CA LYS B 322 -42.34 -6.28 -23.25
C LYS B 322 -42.59 -4.79 -23.45
N ARG B 323 -41.97 -4.19 -24.47
CA ARG B 323 -42.22 -2.78 -24.79
C ARG B 323 -43.67 -2.58 -25.22
N GLN B 324 -44.22 -3.51 -25.99
CA GLN B 324 -45.65 -3.49 -26.28
C GLN B 324 -46.47 -3.69 -25.02
N PHE B 325 -45.99 -4.56 -24.12
CA PHE B 325 -46.68 -4.75 -22.85
C PHE B 325 -46.51 -3.54 -21.94
N MET B 326 -45.34 -2.91 -21.96
CA MET B 326 -45.18 -1.66 -21.22
C MET B 326 -46.03 -0.55 -21.82
N ALA B 327 -46.18 -0.53 -23.14
CA ALA B 327 -47.11 0.40 -23.76
C ALA B 327 -48.55 0.03 -23.45
N ARG B 328 -48.86 -1.26 -23.34
CA ARG B 328 -50.19 -1.68 -22.92
C ARG B 328 -50.44 -1.31 -21.46
N TRP B 329 -49.37 -1.29 -20.66
CA TRP B 329 -49.52 -0.93 -19.26
C TRP B 329 -49.79 0.54 -19.07
N LYS B 330 -49.33 1.38 -20.00
CA LYS B 330 -49.63 2.80 -19.93
C LYS B 330 -51.09 3.09 -20.26
N ASN B 331 -51.79 2.14 -20.89
CA ASN B 331 -53.18 2.33 -21.24
C ASN B 331 -54.09 2.15 -20.02
N LEU B 332 -53.67 1.35 -19.05
CA LEU B 332 -54.55 0.97 -17.95
C LEU B 332 -54.37 1.86 -16.73
N ARG B 333 -53.11 2.05 -16.30
CA ARG B 333 -52.70 2.63 -15.02
C ARG B 333 -53.41 2.00 -13.83
N PRO B 334 -53.04 0.78 -13.39
CA PRO B 334 -53.47 0.32 -12.06
C PRO B 334 -52.60 0.89 -10.95
N ASN B 335 -52.77 2.19 -10.67
CA ASN B 335 -52.07 2.93 -9.61
C ASN B 335 -50.56 2.94 -9.81
N ASP B 336 -50.11 2.84 -11.06
CA ASP B 336 -48.71 2.67 -11.47
C ASP B 336 -48.04 1.50 -10.75
N GLY B 337 -48.80 0.44 -10.49
CA GLY B 337 -48.26 -0.71 -9.80
C GLY B 337 -47.75 -1.77 -10.75
N PHE B 338 -46.69 -1.48 -11.50
CA PHE B 338 -46.02 -2.51 -12.29
C PHE B 338 -44.84 -3.02 -11.47
N ASN B 339 -45.00 -4.21 -10.90
CA ASN B 339 -44.06 -4.72 -9.90
C ASN B 339 -43.39 -6.02 -10.30
N SER B 340 -43.46 -6.39 -11.58
CA SER B 340 -42.87 -7.56 -12.22
C SER B 340 -43.47 -8.88 -11.77
N TYR B 341 -44.39 -8.90 -10.81
CA TYR B 341 -45.20 -10.11 -10.62
C TYR B 341 -46.40 -10.14 -11.54
N ALA B 342 -46.89 -8.96 -11.96
CA ALA B 342 -47.89 -8.92 -13.00
C ALA B 342 -47.33 -9.45 -14.30
N MET B 343 -46.05 -9.21 -14.55
CA MET B 343 -45.40 -9.72 -15.74
C MET B 343 -45.28 -11.24 -15.72
N TYR B 344 -45.02 -11.82 -14.54
CA TYR B 344 -45.13 -13.28 -14.44
C TYR B 344 -46.58 -13.71 -14.47
N ALA B 345 -47.49 -12.87 -13.98
CA ALA B 345 -48.90 -13.20 -14.07
C ALA B 345 -49.42 -13.07 -15.49
N TYR B 346 -48.83 -12.18 -16.29
CA TYR B 346 -49.24 -12.07 -17.67
C TYR B 346 -48.71 -13.24 -18.49
N ASP B 347 -47.52 -13.74 -18.16
CA ASP B 347 -46.99 -14.89 -18.88
C ASP B 347 -47.76 -16.16 -18.54
N SER B 348 -48.22 -16.27 -17.29
CA SER B 348 -48.79 -17.52 -16.82
C SER B 348 -50.16 -17.81 -17.41
N VAL B 349 -50.80 -16.85 -18.06
CA VAL B 349 -52.04 -17.17 -18.77
C VAL B 349 -51.72 -17.62 -20.19
N TRP B 350 -50.71 -17.00 -20.82
CA TRP B 350 -50.24 -17.47 -22.11
C TRP B 350 -49.62 -18.87 -22.01
N LEU B 351 -49.02 -19.19 -20.86
CA LEU B 351 -48.50 -20.53 -20.68
C LEU B 351 -49.64 -21.54 -20.52
N VAL B 352 -50.81 -21.09 -20.05
CA VAL B 352 -51.97 -21.96 -20.11
C VAL B 352 -52.48 -22.07 -21.54
N ALA B 353 -52.57 -20.95 -22.24
CA ALA B 353 -53.30 -20.88 -23.50
C ALA B 353 -52.58 -21.65 -24.61
N ARG B 354 -51.25 -21.56 -24.66
CA ARG B 354 -50.51 -22.37 -25.63
C ARG B 354 -50.58 -23.85 -25.30
N ALA B 355 -50.54 -24.17 -24.01
CA ALA B 355 -50.67 -25.55 -23.59
C ALA B 355 -52.07 -26.07 -23.84
N LEU B 356 -53.08 -25.22 -23.65
CA LEU B 356 -54.44 -25.61 -23.96
C LEU B 356 -54.67 -25.65 -25.46
N ASP B 357 -53.85 -24.94 -26.24
CA ASP B 357 -53.94 -25.02 -27.69
C ASP B 357 -53.48 -26.38 -28.20
N VAL B 358 -52.30 -26.81 -27.75
CA VAL B 358 -51.73 -28.08 -28.21
C VAL B 358 -52.54 -29.26 -27.65
N PHE B 359 -53.16 -29.08 -26.49
CA PHE B 359 -53.96 -30.14 -25.90
C PHE B 359 -55.22 -30.43 -26.71
N PHE B 360 -55.79 -29.42 -27.38
CA PHE B 360 -56.98 -29.65 -28.18
C PHE B 360 -56.68 -30.24 -29.55
N ARG B 361 -55.46 -30.13 -30.05
CA ARG B 361 -55.15 -30.77 -31.31
C ARG B 361 -55.01 -32.27 -31.14
N GLU B 362 -54.31 -32.70 -30.09
CA GLU B 362 -54.12 -34.13 -29.88
C GLU B 362 -55.36 -34.76 -29.26
N ASN B 363 -55.72 -34.34 -28.05
CA ASN B 363 -56.94 -34.82 -27.42
C ASN B 363 -58.15 -34.07 -27.96
N ASN B 364 -59.25 -34.79 -28.10
CA ASN B 364 -60.47 -34.18 -28.60
C ASN B 364 -61.28 -33.52 -27.49
N ASN B 365 -61.26 -34.07 -26.28
CA ASN B 365 -62.22 -33.64 -25.27
C ASN B 365 -61.65 -33.89 -23.89
N ILE B 366 -61.83 -32.91 -23.00
CA ILE B 366 -61.63 -33.15 -21.57
C ILE B 366 -62.78 -34.01 -21.05
N THR B 367 -62.55 -34.67 -19.92
CA THR B 367 -63.61 -35.46 -19.32
C THR B 367 -63.45 -35.49 -17.81
N PHE B 368 -64.56 -35.74 -17.12
CA PHE B 368 -64.69 -35.57 -15.68
C PHE B 368 -65.33 -36.80 -15.07
N SER B 369 -65.03 -37.05 -13.81
CA SER B 369 -65.72 -38.04 -13.01
C SER B 369 -66.11 -37.40 -11.68
N ASN B 370 -67.36 -37.60 -11.26
CA ASN B 370 -67.88 -37.00 -10.04
C ASN B 370 -67.71 -37.90 -8.82
N ASP B 371 -66.68 -38.73 -8.81
CA ASP B 371 -66.40 -39.60 -7.68
C ASP B 371 -65.88 -38.76 -6.50
N ILE B 382 -71.95 -32.77 3.89
CA ILE B 382 -72.30 -32.24 2.58
C ILE B 382 -71.05 -32.01 1.75
N GLN B 383 -69.90 -32.41 2.28
CA GLN B 383 -68.65 -32.28 1.56
C GLN B 383 -68.40 -33.54 0.74
N LEU B 384 -67.36 -33.47 -0.12
CA LEU B 384 -67.04 -34.48 -1.14
C LEU B 384 -68.23 -34.76 -2.06
N SER B 385 -69.04 -33.74 -2.33
CA SER B 385 -70.34 -33.99 -2.97
C SER B 385 -70.19 -34.17 -4.48
N ALA B 386 -69.79 -33.13 -5.19
CA ALA B 386 -69.52 -33.28 -6.62
C ALA B 386 -68.04 -33.55 -6.82
N LEU B 387 -67.21 -32.53 -6.55
CA LEU B 387 -65.74 -32.53 -6.54
C LEU B 387 -65.15 -33.31 -7.73
N SER B 388 -65.47 -32.82 -8.93
CA SER B 388 -65.20 -33.55 -10.15
C SER B 388 -63.70 -33.63 -10.40
N VAL B 389 -63.16 -34.85 -10.44
CA VAL B 389 -61.76 -35.02 -10.75
C VAL B 389 -61.54 -34.70 -12.21
N PHE B 390 -60.40 -34.10 -12.51
CA PHE B 390 -60.03 -33.81 -13.89
C PHE B 390 -59.37 -35.06 -14.45
N ASN B 391 -60.15 -35.90 -15.12
CA ASN B 391 -59.59 -37.06 -15.78
C ASN B 391 -58.70 -36.62 -16.93
N GLU B 392 -57.69 -37.46 -17.21
CA GLU B 392 -56.60 -37.16 -18.15
C GLU B 392 -55.91 -35.85 -17.74
N GLY B 393 -55.37 -35.83 -16.53
CA GLY B 393 -54.64 -34.67 -16.06
C GLY B 393 -53.16 -34.80 -16.26
N GLU B 394 -52.60 -35.97 -15.99
CA GLU B 394 -51.19 -36.25 -16.17
C GLU B 394 -50.75 -36.22 -17.63
N LYS B 395 -51.67 -36.38 -18.56
CA LYS B 395 -51.34 -36.10 -19.96
C LYS B 395 -51.40 -34.61 -20.25
N PHE B 396 -52.29 -33.88 -19.57
CA PHE B 396 -52.28 -32.43 -19.70
C PHE B 396 -51.14 -31.82 -18.90
N MET B 397 -50.75 -32.44 -17.80
CA MET B 397 -49.64 -31.91 -17.03
C MET B 397 -48.31 -32.12 -17.75
N LYS B 398 -48.19 -33.21 -18.50
CA LYS B 398 -46.92 -33.54 -19.14
C LYS B 398 -46.62 -32.61 -20.31
N ILE B 399 -47.63 -32.19 -21.06
CA ILE B 399 -47.40 -31.33 -22.21
C ILE B 399 -47.08 -29.89 -21.80
N ILE B 400 -47.35 -29.52 -20.56
CA ILE B 400 -46.93 -28.21 -20.08
C ILE B 400 -45.43 -28.23 -19.77
N LEU B 401 -44.90 -29.38 -19.38
CA LEU B 401 -43.48 -29.49 -19.12
C LEU B 401 -42.64 -29.38 -20.38
N GLY B 402 -43.18 -29.82 -21.52
CA GLY B 402 -42.46 -29.70 -22.77
C GLY B 402 -42.65 -28.39 -23.49
N MET B 403 -43.13 -27.36 -22.80
CA MET B 403 -43.40 -26.07 -23.43
C MET B 403 -42.09 -25.34 -23.73
N ASN B 404 -41.99 -24.78 -24.92
CA ASN B 404 -40.83 -23.99 -25.34
C ASN B 404 -41.27 -22.60 -25.76
N HIS B 405 -42.24 -22.06 -25.02
CA HIS B 405 -42.79 -20.74 -25.29
C HIS B 405 -41.74 -19.66 -25.03
N THR B 406 -41.94 -18.50 -25.63
CA THR B 406 -41.13 -17.31 -25.35
C THR B 406 -42.08 -16.20 -24.96
N GLY B 407 -42.18 -15.93 -23.67
CA GLY B 407 -43.13 -14.98 -23.14
C GLY B 407 -42.55 -13.60 -22.98
N VAL B 408 -43.28 -12.76 -22.26
CA VAL B 408 -42.82 -11.40 -22.01
C VAL B 408 -41.63 -11.39 -21.07
N THR B 409 -41.50 -12.41 -20.23
CA THR B 409 -40.31 -12.58 -19.40
C THR B 409 -39.31 -13.54 -20.02
N GLY B 410 -39.00 -13.31 -21.30
CA GLY B 410 -37.98 -14.07 -21.98
C GLY B 410 -38.39 -15.49 -22.25
N PRO B 411 -37.41 -16.37 -22.47
CA PRO B 411 -37.73 -17.77 -22.74
C PRO B 411 -38.16 -18.48 -21.47
N ILE B 412 -39.02 -19.47 -21.61
CA ILE B 412 -39.50 -20.25 -20.48
C ILE B 412 -39.40 -21.73 -20.83
N GLN B 413 -38.79 -22.50 -19.95
CA GLN B 413 -38.54 -23.91 -20.19
C GLN B 413 -38.29 -24.57 -18.85
N PHE B 414 -38.88 -25.75 -18.67
CA PHE B 414 -38.79 -26.45 -17.39
C PHE B 414 -38.00 -27.74 -17.58
N ASP B 415 -36.89 -27.86 -16.87
CA ASP B 415 -36.12 -29.09 -16.92
C ASP B 415 -36.69 -30.15 -15.98
N SER B 416 -35.88 -31.17 -15.68
CA SER B 416 -36.34 -32.29 -14.86
C SER B 416 -36.48 -31.95 -13.38
N ASP B 417 -36.12 -30.75 -12.94
CA ASP B 417 -36.31 -30.35 -11.56
C ASP B 417 -37.35 -29.26 -11.39
N ARG B 418 -38.15 -29.00 -12.42
CA ARG B 418 -39.32 -28.13 -12.40
C ARG B 418 -39.00 -26.69 -12.04
N ASN B 419 -37.78 -26.25 -12.26
CA ASN B 419 -37.47 -24.83 -12.19
C ASN B 419 -37.63 -24.21 -13.57
N ARG B 420 -37.48 -22.89 -13.63
CA ARG B 420 -37.31 -22.30 -14.96
C ARG B 420 -35.86 -22.43 -15.38
N VAL B 421 -35.61 -22.22 -16.68
CA VAL B 421 -34.40 -22.76 -17.29
C VAL B 421 -33.19 -21.89 -16.96
N ASN B 422 -33.35 -20.57 -16.92
CA ASN B 422 -32.22 -19.67 -16.70
C ASN B 422 -32.66 -18.52 -15.83
N PRO B 423 -32.48 -18.62 -14.52
CA PRO B 423 -32.87 -17.54 -13.63
C PRO B 423 -31.70 -16.59 -13.37
N ALA B 424 -32.05 -15.36 -13.04
CA ALA B 424 -31.07 -14.30 -12.91
C ALA B 424 -31.65 -13.17 -12.09
N TYR B 425 -30.81 -12.53 -11.30
CA TYR B 425 -31.24 -11.48 -10.39
C TYR B 425 -30.39 -10.24 -10.56
N GLU B 426 -31.04 -9.08 -10.52
CA GLU B 426 -30.41 -7.79 -10.73
C GLU B 426 -30.16 -7.14 -9.38
N VAL B 427 -28.89 -7.06 -8.98
CA VAL B 427 -28.55 -6.53 -7.68
C VAL B 427 -28.77 -5.03 -7.65
N LEU B 428 -29.68 -4.57 -6.81
CA LEU B 428 -29.97 -3.15 -6.70
C LEU B 428 -29.31 -2.60 -5.45
N ASN B 429 -28.63 -1.48 -5.59
CA ASN B 429 -28.16 -0.69 -4.46
C ASN B 429 -29.08 0.51 -4.33
N LEU B 430 -29.54 0.78 -3.12
CA LEU B 430 -30.45 1.89 -2.87
C LEU B 430 -29.65 2.98 -2.15
N GLU B 431 -29.05 3.90 -2.90
CA GLU B 431 -28.33 5.01 -2.30
C GLU B 431 -28.78 6.38 -2.78
N GLY B 432 -29.36 6.48 -3.97
CA GLY B 432 -29.69 7.79 -4.50
C GLY B 432 -31.11 8.18 -4.17
N THR B 433 -31.83 8.66 -5.18
CA THR B 433 -33.27 8.81 -5.11
C THR B 433 -33.97 7.81 -6.02
N ALA B 434 -33.26 6.77 -6.46
CA ALA B 434 -33.80 5.77 -7.35
C ALA B 434 -33.01 4.49 -7.18
N PRO B 435 -33.61 3.34 -7.44
CA PRO B 435 -32.86 2.09 -7.39
C PRO B 435 -31.92 1.94 -8.57
N ARG B 436 -30.63 2.07 -8.35
CA ARG B 436 -29.67 1.78 -9.42
C ARG B 436 -29.20 0.34 -9.33
N THR B 437 -28.99 -0.29 -10.48
CA THR B 437 -28.32 -1.57 -10.51
C THR B 437 -26.83 -1.41 -10.26
N VAL B 438 -26.20 -2.48 -9.78
CA VAL B 438 -24.76 -2.52 -9.63
C VAL B 438 -24.22 -3.82 -10.19
N GLY B 439 -25.01 -4.54 -10.95
CA GLY B 439 -24.55 -5.77 -11.53
C GLY B 439 -25.71 -6.72 -11.74
N TYR B 440 -25.37 -7.97 -12.01
CA TYR B 440 -26.36 -8.99 -12.30
C TYR B 440 -25.85 -10.33 -11.84
N TRP B 441 -26.67 -11.07 -11.09
CA TRP B 441 -26.39 -12.46 -10.81
C TRP B 441 -27.06 -13.29 -11.88
N SER B 442 -26.44 -14.42 -12.22
CA SER B 442 -27.06 -15.37 -13.13
C SER B 442 -26.84 -16.76 -12.57
N ASN B 443 -27.59 -17.72 -13.07
CA ASN B 443 -27.21 -19.10 -12.78
C ASN B 443 -25.92 -19.46 -13.49
N HIS B 444 -25.69 -18.90 -14.67
CA HIS B 444 -24.60 -19.37 -15.51
C HIS B 444 -23.25 -18.87 -15.02
N SER B 445 -23.14 -17.58 -14.71
CA SER B 445 -21.86 -17.00 -14.31
C SER B 445 -21.86 -16.57 -12.85
N GLY B 446 -22.77 -15.69 -12.47
CA GLY B 446 -22.80 -15.27 -11.08
C GLY B 446 -21.99 -14.02 -10.85
N LEU B 447 -22.70 -12.93 -10.55
CA LEU B 447 -22.15 -11.61 -10.24
C LEU B 447 -21.30 -11.06 -11.41
N SER B 448 -22.00 -10.79 -12.49
CA SER B 448 -21.44 -10.09 -13.63
C SER B 448 -21.87 -8.63 -13.60
N VAL B 449 -21.12 -7.78 -14.32
CA VAL B 449 -21.53 -6.40 -14.54
C VAL B 449 -22.20 -6.20 -15.88
N VAL B 450 -21.99 -7.11 -16.84
CA VAL B 450 -22.70 -7.09 -18.11
C VAL B 450 -24.07 -7.67 -17.88
N HIS B 451 -24.96 -7.53 -18.85
CA HIS B 451 -26.23 -8.24 -18.80
C HIS B 451 -25.97 -9.74 -18.87
N PRO B 452 -26.75 -10.56 -18.16
CA PRO B 452 -26.49 -12.00 -18.15
C PRO B 452 -26.87 -12.71 -19.44
N GLU B 453 -27.52 -12.04 -20.39
CA GLU B 453 -27.79 -12.64 -21.67
C GLU B 453 -26.57 -12.72 -22.57
N THR B 454 -25.58 -11.85 -22.36
CA THR B 454 -24.39 -11.91 -23.21
C THR B 454 -23.48 -13.07 -22.84
N LEU B 455 -23.75 -13.75 -21.72
CA LEU B 455 -22.93 -14.87 -21.30
C LEU B 455 -23.65 -16.21 -21.36
N TYR B 456 -24.88 -16.26 -21.88
CA TYR B 456 -25.55 -17.54 -21.99
C TYR B 456 -24.98 -18.40 -23.11
N SER B 457 -24.34 -17.78 -24.11
CA SER B 457 -23.85 -18.49 -25.27
C SER B 457 -22.40 -18.92 -25.13
N ARG B 458 -21.88 -18.97 -23.92
CA ARG B 458 -20.48 -19.28 -23.65
C ARG B 458 -20.43 -20.54 -22.78
N PRO B 459 -19.26 -21.11 -22.54
CA PRO B 459 -19.13 -22.06 -21.42
C PRO B 459 -19.21 -21.31 -20.09
N PRO B 460 -19.53 -22.01 -19.01
CA PRO B 460 -19.52 -21.36 -17.69
C PRO B 460 -18.10 -21.03 -17.26
N ASN B 461 -17.78 -19.75 -17.23
CA ASN B 461 -16.45 -19.29 -16.84
C ASN B 461 -16.46 -19.04 -15.34
N THR B 462 -15.67 -19.83 -14.62
CA THR B 462 -15.58 -19.76 -13.16
C THR B 462 -14.20 -19.22 -12.79
N SER B 463 -14.10 -17.91 -12.64
CA SER B 463 -12.87 -17.27 -12.21
C SER B 463 -13.22 -16.20 -11.20
N THR B 464 -12.27 -15.90 -10.32
CA THR B 464 -12.49 -14.82 -9.36
C THR B 464 -12.46 -13.45 -10.03
N ALA B 465 -11.81 -13.36 -11.20
CA ALA B 465 -11.88 -12.16 -12.01
C ALA B 465 -13.10 -12.13 -12.91
N ASN B 466 -13.95 -13.16 -12.84
CA ASN B 466 -15.26 -13.09 -13.50
C ASN B 466 -16.32 -12.57 -12.54
N GLN B 467 -16.33 -13.07 -11.31
CA GLN B 467 -17.28 -12.58 -10.30
C GLN B 467 -16.86 -11.17 -9.90
N ARG B 468 -17.55 -10.19 -10.45
CA ARG B 468 -17.15 -8.80 -10.28
C ARG B 468 -18.38 -7.92 -10.35
N LEU B 469 -18.51 -7.00 -9.42
CA LEU B 469 -19.63 -6.08 -9.35
C LEU B 469 -19.14 -4.65 -9.50
N LYS B 470 -20.08 -3.72 -9.51
CA LYS B 470 -19.71 -2.31 -9.50
C LYS B 470 -19.45 -1.87 -8.07
N GLY B 471 -19.26 -0.58 -7.86
CA GLY B 471 -19.11 -0.07 -6.52
C GLY B 471 -20.46 -0.02 -5.81
N ILE B 472 -20.46 -0.43 -4.55
CA ILE B 472 -21.68 -0.55 -3.77
C ILE B 472 -21.59 0.44 -2.62
N ILE B 473 -22.72 1.08 -2.31
CA ILE B 473 -22.80 2.05 -1.22
C ILE B 473 -23.57 1.41 -0.07
N TYR B 474 -22.93 1.33 1.08
CA TYR B 474 -23.45 0.68 2.27
C TYR B 474 -24.11 1.71 3.16
N PRO B 475 -24.88 1.30 4.16
CA PRO B 475 -25.46 2.28 5.09
C PRO B 475 -24.41 3.03 5.87
N GLY B 476 -24.67 4.32 6.06
CA GLY B 476 -23.68 5.24 6.59
C GLY B 476 -22.85 5.93 5.54
N GLU B 477 -23.16 5.70 4.26
CA GLU B 477 -22.45 6.28 3.11
C GLU B 477 -20.96 5.93 3.11
N VAL B 478 -20.63 4.75 3.60
CA VAL B 478 -19.27 4.24 3.49
C VAL B 478 -19.20 3.42 2.22
N THR B 479 -17.99 3.23 1.70
CA THR B 479 -17.82 2.39 0.53
C THR B 479 -16.82 1.26 0.73
N LYS B 480 -15.98 1.34 1.74
CA LYS B 480 -15.22 0.17 2.15
C LYS B 480 -16.20 -0.81 2.78
N PRO B 481 -16.19 -2.08 2.38
CA PRO B 481 -17.14 -3.04 2.94
C PRO B 481 -16.89 -3.29 4.41
N PRO B 482 -17.86 -3.02 5.26
CA PRO B 482 -17.62 -3.03 6.70
C PRO B 482 -17.38 -4.43 7.22
N ARG B 483 -16.58 -4.50 8.27
CA ARG B 483 -16.34 -5.76 8.94
C ARG B 483 -17.62 -6.24 9.60
N GLY B 484 -17.94 -7.51 9.40
CA GLY B 484 -19.20 -8.04 9.89
C GLY B 484 -19.25 -8.16 11.39
N TRP B 485 -18.16 -8.62 12.00
CA TRP B 485 -18.14 -8.93 13.42
C TRP B 485 -18.17 -7.67 14.27
N VAL B 486 -18.99 -7.71 15.31
CA VAL B 486 -19.00 -6.76 16.41
C VAL B 486 -19.19 -7.59 17.67
N PHE B 487 -18.35 -7.37 18.68
CA PHE B 487 -18.39 -8.19 19.89
C PHE B 487 -19.69 -7.95 20.64
N PRO B 488 -20.39 -8.99 21.07
CA PRO B 488 -21.74 -8.81 21.59
C PRO B 488 -21.75 -8.19 22.98
N ASN B 489 -22.90 -7.61 23.32
CA ASN B 489 -23.11 -7.00 24.63
C ASN B 489 -24.09 -7.80 25.46
N ASN B 490 -24.00 -9.12 25.39
CA ASN B 490 -24.90 -10.00 26.14
C ASN B 490 -24.49 -10.03 27.61
N GLY B 491 -25.07 -10.96 28.35
CA GLY B 491 -24.69 -11.15 29.73
C GLY B 491 -23.30 -11.71 29.93
N LYS B 492 -22.69 -12.26 28.89
CA LYS B 492 -21.35 -12.80 29.02
C LYS B 492 -20.30 -11.76 28.59
N PRO B 493 -19.39 -11.37 29.46
CA PRO B 493 -18.32 -10.47 29.06
C PRO B 493 -17.13 -11.28 28.55
N LEU B 494 -16.06 -10.58 28.21
CA LEU B 494 -14.85 -11.19 27.69
C LEU B 494 -14.04 -11.67 28.88
N ARG B 495 -13.97 -12.98 29.09
CA ARG B 495 -13.33 -13.52 30.28
C ARG B 495 -11.82 -13.57 30.06
N ILE B 496 -11.16 -12.44 30.31
CA ILE B 496 -9.71 -12.40 30.20
C ILE B 496 -9.11 -13.21 31.33
N GLY B 497 -8.40 -14.27 30.97
CA GLY B 497 -7.59 -14.98 31.94
C GLY B 497 -6.30 -14.22 32.15
N VAL B 498 -5.85 -14.14 33.38
CA VAL B 498 -4.65 -13.39 33.74
C VAL B 498 -3.85 -14.24 34.71
N PRO B 499 -2.55 -14.46 34.46
CA PRO B 499 -1.76 -15.31 35.36
C PRO B 499 -1.49 -14.61 36.69
N ASN B 500 -1.90 -15.26 37.77
CA ASN B 500 -1.62 -14.78 39.11
C ASN B 500 -0.12 -14.93 39.32
N ARG B 501 0.59 -13.81 39.27
CA ARG B 501 2.03 -13.82 39.06
C ARG B 501 2.76 -13.55 40.37
N VAL B 502 3.83 -14.29 40.61
CA VAL B 502 4.61 -14.18 41.84
C VAL B 502 5.93 -13.46 41.59
N SER B 503 6.73 -13.96 40.65
CA SER B 503 8.00 -13.33 40.31
C SER B 503 7.79 -12.34 39.18
N TYR B 504 8.43 -11.17 39.30
CA TYR B 504 8.39 -10.08 38.32
C TYR B 504 6.95 -9.60 38.10
N THR B 505 6.40 -8.98 39.13
CA THR B 505 5.01 -8.54 39.06
C THR B 505 4.88 -7.16 38.44
N ASP B 506 5.81 -6.80 37.57
CA ASP B 506 5.75 -5.56 36.81
C ASP B 506 5.14 -5.75 35.44
N TYR B 507 5.09 -6.98 34.93
CA TYR B 507 4.49 -7.21 33.63
C TYR B 507 2.99 -7.47 33.71
N VAL B 508 2.60 -8.37 34.60
CA VAL B 508 1.19 -8.64 34.88
C VAL B 508 1.14 -9.19 36.31
N SER B 509 0.11 -8.84 37.04
CA SER B 509 0.20 -8.98 38.49
C SER B 509 -1.19 -9.07 39.10
N LYS B 510 -1.22 -8.95 40.43
CA LYS B 510 -2.44 -8.88 41.20
C LYS B 510 -2.56 -7.49 41.81
N ASP B 511 -3.78 -6.98 41.86
CA ASP B 511 -3.99 -5.59 42.25
C ASP B 511 -5.36 -5.45 42.89
N LYS B 512 -5.49 -4.42 43.73
CA LYS B 512 -6.73 -4.05 44.37
C LYS B 512 -7.45 -2.91 43.66
N ASN B 513 -6.96 -2.49 42.49
CA ASN B 513 -7.59 -1.44 41.72
C ASN B 513 -8.90 -1.95 41.11
N PRO B 514 -9.81 -1.05 40.73
CA PRO B 514 -11.09 -1.49 40.14
C PRO B 514 -11.00 -2.20 38.79
N PRO B 515 -9.92 -2.08 37.98
CA PRO B 515 -9.77 -3.09 36.93
C PRO B 515 -9.43 -4.47 37.46
N GLY B 516 -8.68 -4.55 38.55
CA GLY B 516 -8.38 -5.81 39.20
C GLY B 516 -6.97 -6.32 38.97
N VAL B 517 -6.27 -5.83 37.95
CA VAL B 517 -4.92 -6.26 37.63
C VAL B 517 -4.09 -5.04 37.27
N ARG B 518 -2.77 -5.23 37.28
CA ARG B 518 -1.82 -4.17 37.02
C ARG B 518 -0.60 -4.76 36.35
N GLY B 519 0.00 -4.01 35.46
CA GLY B 519 1.26 -4.44 34.91
C GLY B 519 1.51 -3.75 33.59
N TYR B 520 2.22 -4.46 32.72
CA TYR B 520 2.52 -3.99 31.38
C TYR B 520 1.65 -4.65 30.32
N CYS B 521 1.53 -5.97 30.34
CA CYS B 521 0.73 -6.67 29.33
C CYS B 521 -0.75 -6.39 29.49
N ILE B 522 -1.19 -6.00 30.68
CA ILE B 522 -2.56 -5.51 30.83
C ILE B 522 -2.71 -4.17 30.15
N ASP B 523 -1.77 -3.26 30.34
CA ASP B 523 -1.97 -1.91 29.86
C ASP B 523 -1.67 -1.76 28.38
N VAL B 524 -1.08 -2.75 27.73
CA VAL B 524 -1.08 -2.76 26.28
C VAL B 524 -2.41 -3.30 25.76
N PHE B 525 -2.98 -4.28 26.46
CA PHE B 525 -4.29 -4.79 26.11
C PHE B 525 -5.38 -3.76 26.34
N GLU B 526 -5.26 -2.96 27.39
CA GLU B 526 -6.23 -1.89 27.66
C GLU B 526 -6.19 -0.81 26.58
N ALA B 527 -5.02 -0.57 26.00
CA ALA B 527 -4.94 0.45 24.96
C ALA B 527 -5.42 -0.06 23.63
N ALA B 528 -5.29 -1.36 23.37
CA ALA B 528 -5.76 -1.91 22.11
C ALA B 528 -7.27 -2.04 22.05
N ILE B 529 -7.95 -2.11 23.20
CA ILE B 529 -9.40 -2.08 23.21
C ILE B 529 -9.91 -0.71 22.78
N GLU B 530 -9.19 0.35 23.13
CA GLU B 530 -9.63 1.71 22.82
C GLU B 530 -9.49 2.06 21.34
N LEU B 531 -8.72 1.30 20.58
CA LEU B 531 -8.62 1.49 19.14
C LEU B 531 -9.71 0.76 18.38
N LEU B 532 -10.40 -0.16 19.01
CA LEU B 532 -11.43 -0.90 18.32
C LEU B 532 -12.71 -0.08 18.23
N PRO B 533 -13.55 -0.32 17.22
CA PRO B 533 -14.87 0.31 17.18
C PRO B 533 -15.92 -0.35 18.05
N TYR B 534 -15.54 -1.17 19.02
CA TYR B 534 -16.49 -2.04 19.70
C TYR B 534 -16.59 -1.63 21.15
N PRO B 535 -17.76 -1.60 21.73
CA PRO B 535 -17.84 -1.58 23.19
C PRO B 535 -17.73 -2.98 23.76
N VAL B 536 -16.63 -3.29 24.45
CA VAL B 536 -16.32 -4.66 24.83
C VAL B 536 -16.46 -4.78 26.34
N PRO B 537 -17.47 -5.47 26.86
CA PRO B 537 -17.52 -5.76 28.29
C PRO B 537 -16.53 -6.86 28.63
N ARG B 538 -15.77 -6.66 29.70
CA ARG B 538 -14.68 -7.57 29.98
C ARG B 538 -14.41 -7.66 31.48
N THR B 539 -13.98 -8.84 31.91
CA THR B 539 -13.62 -9.08 33.30
C THR B 539 -12.23 -9.70 33.33
N TYR B 540 -11.63 -9.73 34.52
CA TYR B 540 -10.28 -10.26 34.69
C TYR B 540 -10.28 -11.32 35.77
N ILE B 541 -10.07 -12.56 35.36
CA ILE B 541 -10.01 -13.68 36.30
C ILE B 541 -8.55 -14.03 36.50
N LEU B 542 -8.08 -13.91 37.73
CA LEU B 542 -6.72 -14.32 38.05
C LEU B 542 -6.65 -15.85 38.05
N TYR B 543 -5.61 -16.39 37.44
CA TYR B 543 -5.57 -17.83 37.16
C TYR B 543 -4.86 -18.65 38.22
N GLY B 544 -3.57 -18.44 38.39
CA GLY B 544 -2.75 -19.37 39.15
C GLY B 544 -2.92 -19.22 40.65
N ASP B 545 -2.14 -20.04 41.37
CA ASP B 545 -2.07 -19.90 42.81
C ASP B 545 -1.19 -18.71 43.16
N GLY B 546 -1.47 -18.10 44.32
CA GLY B 546 -0.71 -16.95 44.75
C GLY B 546 0.70 -17.25 45.24
N LYS B 547 1.01 -18.52 45.46
CA LYS B 547 2.30 -18.91 46.02
C LYS B 547 3.38 -19.03 44.95
N ARG B 548 3.13 -19.82 43.92
CA ARG B 548 4.10 -20.05 42.86
C ARG B 548 3.50 -19.62 41.52
N ASN B 549 4.33 -19.66 40.49
CA ASN B 549 3.89 -19.22 39.17
C ASN B 549 2.94 -20.24 38.56
N PRO B 550 2.01 -19.80 37.72
CA PRO B 550 1.14 -20.74 37.03
C PRO B 550 1.80 -21.30 35.78
N SER B 551 1.59 -22.58 35.54
CA SER B 551 2.16 -23.26 34.37
C SER B 551 1.46 -22.74 33.13
N TYR B 552 2.20 -22.02 32.28
CA TYR B 552 1.57 -21.39 31.13
C TYR B 552 1.14 -22.36 30.05
N ASP B 553 1.58 -23.61 30.09
CA ASP B 553 0.96 -24.59 29.21
C ASP B 553 -0.32 -25.14 29.80
N ASN B 554 -0.64 -24.80 31.04
CA ASN B 554 -1.97 -25.05 31.58
C ASN B 554 -2.86 -23.83 31.49
N LEU B 555 -2.27 -22.62 31.41
CA LEU B 555 -3.05 -21.42 31.15
C LEU B 555 -3.62 -21.45 29.73
N VAL B 556 -2.77 -21.71 28.75
CA VAL B 556 -3.20 -21.79 27.36
C VAL B 556 -4.09 -23.01 27.14
N ASN B 557 -3.90 -24.08 27.92
CA ASN B 557 -4.83 -25.19 27.86
C ASN B 557 -6.20 -24.88 28.44
N GLU B 558 -6.35 -23.76 29.15
CA GLU B 558 -7.68 -23.33 29.53
C GLU B 558 -8.40 -22.61 28.39
N VAL B 559 -7.65 -21.90 27.54
CA VAL B 559 -8.25 -21.17 26.43
C VAL B 559 -8.84 -22.14 25.42
N VAL B 560 -8.20 -23.30 25.25
CA VAL B 560 -8.75 -24.33 24.37
C VAL B 560 -10.02 -24.92 24.98
N ALA B 561 -10.04 -25.10 26.30
CA ALA B 561 -11.20 -25.65 26.98
C ALA B 561 -12.19 -24.58 27.41
N ASP B 562 -12.22 -23.44 26.72
CA ASP B 562 -13.29 -22.44 26.73
C ASP B 562 -13.46 -21.73 28.07
N ASN B 563 -12.55 -21.93 29.03
CA ASN B 563 -12.73 -21.27 30.32
C ASN B 563 -12.40 -19.79 30.24
N PHE B 564 -11.38 -19.42 29.47
CA PHE B 564 -11.03 -18.02 29.29
C PHE B 564 -11.02 -17.73 27.80
N ASP B 565 -11.78 -16.72 27.38
CA ASP B 565 -11.87 -16.42 25.97
C ASP B 565 -10.61 -15.77 25.42
N VAL B 566 -9.80 -15.15 26.26
CA VAL B 566 -8.49 -14.65 25.84
C VAL B 566 -7.53 -14.62 27.02
N ALA B 567 -6.38 -15.25 26.87
CA ALA B 567 -5.33 -15.17 27.87
C ALA B 567 -4.41 -14.02 27.50
N VAL B 568 -4.34 -13.03 28.37
CA VAL B 568 -3.49 -11.85 28.21
C VAL B 568 -2.36 -11.94 29.20
N GLY B 569 -1.14 -11.83 28.71
CA GLY B 569 -0.03 -11.73 29.61
C GLY B 569 1.30 -12.05 28.98
N ASP B 570 2.04 -12.92 29.65
CA ASP B 570 3.38 -13.27 29.25
C ASP B 570 3.42 -14.48 28.35
N ILE B 571 2.34 -14.73 27.62
CA ILE B 571 2.22 -15.97 26.87
C ILE B 571 3.14 -15.90 25.66
N THR B 572 3.97 -16.93 25.49
CA THR B 572 5.07 -16.92 24.55
C THR B 572 4.81 -17.91 23.44
N ILE B 573 5.07 -17.50 22.20
CA ILE B 573 4.68 -18.27 21.03
C ILE B 573 5.60 -19.47 20.88
N VAL B 574 5.07 -20.67 21.13
CA VAL B 574 5.77 -21.92 20.88
C VAL B 574 4.99 -22.60 19.75
N THR B 575 5.53 -23.68 19.21
CA THR B 575 4.90 -24.31 18.05
C THR B 575 3.63 -25.05 18.42
N ASN B 576 3.61 -25.80 19.54
CA ASN B 576 2.36 -26.45 19.88
C ASN B 576 1.40 -25.50 20.59
N ARG B 577 1.85 -24.30 20.95
CA ARG B 577 0.88 -23.33 21.43
C ARG B 577 0.16 -22.67 20.26
N THR B 578 0.82 -22.56 19.11
CA THR B 578 0.16 -21.92 17.99
C THR B 578 -0.78 -22.89 17.29
N ARG B 579 -0.68 -24.18 17.60
CA ARG B 579 -1.62 -25.13 17.02
C ARG B 579 -3.00 -25.00 17.64
N TYR B 580 -3.07 -24.85 18.95
CA TYR B 580 -4.35 -25.03 19.62
C TYR B 580 -5.05 -23.71 19.91
N VAL B 581 -4.30 -22.63 20.10
CA VAL B 581 -4.91 -21.32 20.13
C VAL B 581 -4.36 -20.55 18.94
N ASP B 582 -4.81 -19.32 18.74
CA ASP B 582 -4.31 -18.50 17.65
C ASP B 582 -3.92 -17.14 18.17
N PHE B 583 -2.63 -16.85 18.13
CA PHE B 583 -2.05 -15.68 18.75
C PHE B 583 -2.32 -14.43 17.92
N THR B 584 -1.89 -13.30 18.45
CA THR B 584 -1.86 -12.07 17.67
C THR B 584 -0.48 -11.93 17.06
N GLN B 585 -0.17 -10.76 16.52
CA GLN B 585 1.22 -10.45 16.25
C GLN B 585 1.92 -10.17 17.57
N PRO B 586 3.23 -10.39 17.65
CA PRO B 586 3.93 -10.11 18.89
C PRO B 586 4.00 -8.63 19.20
N PHE B 587 3.79 -8.28 20.46
CA PHE B 587 3.88 -6.90 20.88
C PHE B 587 5.14 -6.61 21.67
N ILE B 588 5.97 -7.63 21.92
CA ILE B 588 7.31 -7.44 22.45
C ILE B 588 8.11 -8.63 21.95
N GLU B 589 9.43 -8.49 21.94
CA GLU B 589 10.31 -9.54 21.44
C GLU B 589 11.09 -10.15 22.60
N SER B 590 11.16 -11.47 22.62
CA SER B 590 11.83 -12.19 23.69
C SER B 590 12.55 -13.38 23.11
N GLY B 591 13.62 -13.78 23.78
CA GLY B 591 14.31 -15.00 23.45
C GLY B 591 14.93 -15.57 24.69
N LEU B 592 15.15 -16.88 24.70
CA LEU B 592 15.81 -17.51 25.82
C LEU B 592 17.29 -17.15 25.83
N VAL B 593 17.76 -16.52 26.91
CA VAL B 593 19.18 -16.30 27.12
C VAL B 593 19.59 -17.05 28.38
N VAL B 594 20.90 -17.16 28.56
CA VAL B 594 21.48 -17.85 29.71
C VAL B 594 22.18 -16.82 30.57
N VAL B 595 21.78 -16.71 31.82
CA VAL B 595 22.46 -15.84 32.76
C VAL B 595 23.32 -16.73 33.65
N ALA B 596 24.49 -16.22 34.03
CA ALA B 596 25.48 -16.97 34.79
C ALA B 596 26.37 -15.99 35.52
N PRO B 597 26.96 -16.38 36.66
CA PRO B 597 27.81 -15.44 37.39
C PRO B 597 29.11 -15.17 36.66
N VAL B 598 29.56 -13.92 36.74
CA VAL B 598 30.83 -13.55 36.13
C VAL B 598 31.96 -14.14 36.95
N LYS B 599 33.04 -14.52 36.28
CA LYS B 599 34.11 -15.27 36.93
C LYS B 599 35.43 -14.90 36.28
N GLU B 600 36.52 -15.41 36.85
CA GLU B 600 37.86 -15.14 36.34
C GLU B 600 38.09 -15.85 35.01
N ALA B 601 39.15 -15.43 34.32
CA ALA B 601 39.51 -16.01 33.03
C ALA B 601 40.74 -16.90 33.10
N LYS B 602 41.46 -16.92 34.21
CA LYS B 602 42.70 -17.66 34.32
C LYS B 602 42.47 -19.00 34.98
N SER B 603 43.12 -20.03 34.45
CA SER B 603 43.05 -21.38 35.00
C SER B 603 44.21 -21.58 35.97
N SER B 604 44.48 -22.84 36.33
CA SER B 604 45.48 -23.28 37.28
C SER B 604 46.90 -23.00 36.77
N PRO B 605 47.96 -23.21 37.59
CA PRO B 605 49.32 -23.23 37.03
C PRO B 605 49.61 -24.24 35.92
N TRP B 606 48.73 -25.21 35.70
CA TRP B 606 48.79 -26.03 34.49
C TRP B 606 48.53 -25.24 33.21
N SER B 607 47.87 -24.09 33.31
CA SER B 607 47.64 -23.24 32.15
C SER B 607 48.84 -22.37 31.83
N PHE B 608 49.80 -22.26 32.76
CA PHE B 608 51.08 -21.67 32.42
C PHE B 608 51.84 -22.54 31.43
N LEU B 609 51.75 -23.85 31.58
CA LEU B 609 52.46 -24.81 30.75
C LEU B 609 51.79 -25.01 29.40
N LYS B 610 50.70 -24.29 29.14
CA LYS B 610 49.91 -24.51 27.92
C LYS B 610 50.61 -24.23 26.59
N PRO B 611 51.54 -23.28 26.43
CA PRO B 611 52.35 -23.27 25.21
C PRO B 611 53.24 -24.50 25.15
N PHE B 612 53.61 -24.89 23.92
CA PHE B 612 54.32 -26.15 23.63
C PHE B 612 53.52 -27.32 24.17
N THR B 613 52.46 -27.72 23.45
CA THR B 613 51.62 -28.85 23.84
C THR B 613 52.44 -30.10 24.20
N ILE B 614 51.92 -30.89 25.15
CA ILE B 614 52.72 -31.72 26.05
C ILE B 614 53.50 -32.84 25.38
N GLU B 615 53.32 -33.05 24.08
CA GLU B 615 54.17 -34.01 23.38
C GLU B 615 55.55 -33.43 23.11
N MET B 616 55.68 -32.10 23.08
CA MET B 616 56.94 -31.44 22.77
C MET B 616 57.63 -30.83 23.99
N TRP B 617 57.35 -31.30 25.20
CA TRP B 617 58.19 -30.93 26.32
C TRP B 617 59.24 -31.99 26.61
N ALA B 618 58.83 -33.27 26.60
CA ALA B 618 59.77 -34.35 26.90
C ALA B 618 60.76 -34.54 25.77
N VAL B 619 60.41 -34.13 24.55
CA VAL B 619 61.39 -34.12 23.47
C VAL B 619 62.43 -33.05 23.72
N THR B 620 62.01 -31.91 24.26
CA THR B 620 62.94 -30.82 24.56
C THR B 620 63.90 -31.20 25.68
N GLY B 621 63.36 -31.54 26.85
CA GLY B 621 64.20 -31.93 27.97
C GLY B 621 64.91 -33.25 27.78
N GLY B 622 64.38 -34.12 26.92
CA GLY B 622 65.05 -35.38 26.65
C GLY B 622 66.27 -35.20 25.76
N PHE B 623 66.10 -34.47 24.65
CA PHE B 623 67.24 -34.14 23.81
C PHE B 623 68.08 -33.00 24.37
N PHE B 624 67.64 -32.37 25.47
CA PHE B 624 68.54 -31.58 26.28
C PHE B 624 69.66 -32.44 26.84
N LEU B 625 69.32 -33.66 27.26
CA LEU B 625 70.32 -34.58 27.78
C LEU B 625 71.10 -35.26 26.66
N PHE B 626 70.49 -35.41 25.48
CA PHE B 626 71.18 -36.06 24.36
C PHE B 626 72.33 -35.19 23.85
N VAL B 627 72.07 -33.90 23.67
CA VAL B 627 73.16 -32.99 23.37
C VAL B 627 73.98 -32.74 24.63
N GLY B 628 73.36 -32.87 25.81
CA GLY B 628 74.12 -32.87 27.05
C GLY B 628 75.03 -34.09 27.20
N ALA B 629 74.69 -35.19 26.52
CA ALA B 629 75.57 -36.35 26.54
C ALA B 629 76.83 -36.11 25.71
N MET B 630 76.78 -35.19 24.76
CA MET B 630 77.95 -34.88 23.94
C MET B 630 79.03 -34.15 24.73
N VAL B 631 78.65 -33.48 25.83
CA VAL B 631 79.65 -32.88 26.70
C VAL B 631 80.40 -33.97 27.46
N TRP B 632 79.70 -35.03 27.87
CA TRP B 632 80.32 -36.12 28.61
C TRP B 632 81.23 -36.97 27.72
N ILE B 633 80.94 -37.01 26.42
CA ILE B 633 81.83 -37.72 25.49
C ILE B 633 83.14 -36.98 25.34
N LEU B 634 83.08 -35.66 25.13
CA LEU B 634 84.27 -34.84 24.92
C LEU B 634 84.84 -34.30 26.22
N GLU B 635 84.61 -34.99 27.33
CA GLU B 635 85.16 -34.61 28.64
C GLU B 635 86.67 -34.76 28.67
N GLN B 649 80.43 -40.39 39.43
CA GLN B 649 80.23 -39.26 40.32
C GLN B 649 81.25 -38.16 40.04
N LEU B 650 82.52 -38.55 39.93
CA LEU B 650 83.57 -37.59 39.63
C LEU B 650 83.62 -37.23 38.15
N ILE B 651 83.11 -38.10 37.28
CA ILE B 651 83.05 -37.77 35.87
C ILE B 651 81.78 -36.97 35.57
N THR B 652 80.70 -37.26 36.29
CA THR B 652 79.44 -36.54 36.07
C THR B 652 79.47 -35.14 36.67
N ILE B 653 80.23 -34.93 37.74
CA ILE B 653 80.38 -33.59 38.29
C ILE B 653 81.20 -32.72 37.36
N PHE B 654 82.19 -33.31 36.68
CA PHE B 654 82.92 -32.58 35.65
C PHE B 654 82.15 -32.53 34.34
N TRP B 655 81.09 -33.34 34.21
CA TRP B 655 80.20 -33.24 33.05
C TRP B 655 79.26 -32.05 33.16
N PHE B 656 79.12 -31.47 34.34
CA PHE B 656 78.36 -30.22 34.48
C PHE B 656 79.22 -28.99 34.25
N SER B 657 80.52 -29.18 34.02
CA SER B 657 81.43 -28.04 33.88
C SER B 657 81.28 -27.38 32.51
N PHE B 658 81.57 -28.11 31.44
CA PHE B 658 81.50 -27.53 30.11
C PHE B 658 80.08 -27.44 29.58
N SER B 659 79.12 -28.08 30.25
CA SER B 659 77.73 -28.03 29.81
C SER B 659 77.10 -26.68 30.07
N THR B 660 77.65 -25.89 31.00
CA THR B 660 77.09 -24.59 31.33
C THR B 660 77.42 -23.57 30.25
N MET B 661 78.69 -23.29 30.03
CA MET B 661 79.09 -22.28 29.06
C MET B 661 79.83 -22.89 27.87
N SER B 672 87.19 -26.68 19.71
CA SER B 672 87.38 -28.03 19.23
C SER B 672 86.12 -28.57 18.56
N LEU B 673 86.10 -29.89 18.34
CA LEU B 673 84.97 -30.52 17.70
C LEU B 673 83.77 -30.61 18.63
N GLY B 674 84.00 -30.89 19.92
CA GLY B 674 82.93 -30.81 20.90
C GLY B 674 82.50 -29.40 21.22
N ARG B 675 83.36 -28.42 20.93
CA ARG B 675 83.01 -27.02 21.12
C ARG B 675 82.24 -26.45 19.93
N PHE B 676 82.09 -27.21 18.85
CA PHE B 676 81.30 -26.75 17.72
C PHE B 676 79.81 -27.08 17.89
N VAL B 677 79.50 -28.10 18.68
CA VAL B 677 78.10 -28.39 19.00
C VAL B 677 77.55 -27.30 19.93
N LEU B 678 78.44 -26.69 20.72
CA LEU B 678 78.04 -25.57 21.58
C LEU B 678 77.60 -24.35 20.78
N ILE B 679 78.07 -24.22 19.54
CA ILE B 679 77.54 -23.18 18.67
C ILE B 679 76.13 -23.55 18.22
N ILE B 680 75.93 -24.80 17.83
CA ILE B 680 74.65 -25.21 17.25
C ILE B 680 73.59 -25.35 18.34
N TRP B 681 73.95 -25.91 19.49
CA TRP B 681 73.01 -25.99 20.61
C TRP B 681 72.66 -24.61 21.16
N LEU B 682 73.53 -23.62 20.98
CA LEU B 682 73.13 -22.26 21.27
C LEU B 682 72.06 -21.79 20.30
N PHE B 683 72.13 -22.20 19.04
CA PHE B 683 71.11 -21.81 18.09
C PHE B 683 69.78 -22.49 18.34
N VAL B 684 69.81 -23.72 18.86
CA VAL B 684 68.56 -24.48 19.02
C VAL B 684 67.73 -23.90 20.15
N VAL B 685 68.35 -23.64 21.30
CA VAL B 685 67.59 -23.02 22.39
C VAL B 685 67.31 -21.56 22.11
N LEU B 686 67.97 -20.96 21.13
CA LEU B 686 67.63 -19.60 20.71
C LEU B 686 66.31 -19.56 19.96
N ILE B 687 65.90 -20.67 19.37
CA ILE B 687 64.61 -20.72 18.70
C ILE B 687 63.51 -21.15 19.65
N ILE B 688 63.82 -22.09 20.56
CA ILE B 688 62.87 -22.49 21.59
C ILE B 688 62.58 -21.33 22.53
N ASN B 689 63.52 -20.41 22.73
CA ASN B 689 63.20 -19.17 23.43
C ASN B 689 62.25 -18.32 22.60
N SER B 690 62.45 -18.29 21.28
CA SER B 690 61.55 -17.50 20.45
C SER B 690 60.21 -18.18 20.28
N SER B 691 60.20 -19.50 20.09
CA SER B 691 58.94 -20.19 19.87
C SER B 691 58.09 -20.23 21.13
N TYR B 692 58.71 -20.28 22.31
CA TYR B 692 57.91 -20.21 23.52
C TYR B 692 57.39 -18.80 23.76
N THR B 693 58.11 -17.78 23.31
CA THR B 693 57.53 -16.44 23.38
C THR B 693 56.46 -16.26 22.32
N ALA B 694 56.74 -16.67 21.09
CA ALA B 694 55.75 -16.52 20.03
C ALA B 694 54.61 -17.52 20.12
N SER B 695 54.66 -18.48 21.04
CA SER B 695 53.43 -19.18 21.39
C SER B 695 52.69 -18.45 22.49
N LEU B 696 53.41 -17.87 23.44
CA LEU B 696 52.74 -17.21 24.56
C LEU B 696 52.17 -15.86 24.15
N THR B 697 52.77 -15.18 23.18
CA THR B 697 52.11 -14.02 22.60
C THR B 697 50.93 -14.40 21.75
N SER B 698 50.89 -15.63 21.25
CA SER B 698 49.75 -16.10 20.49
C SER B 698 48.64 -16.64 21.37
N ILE B 699 48.82 -16.59 22.68
CA ILE B 699 47.77 -16.95 23.63
C ILE B 699 47.25 -15.74 24.36
N LEU B 700 48.15 -14.91 24.88
CA LEU B 700 47.75 -13.73 25.63
C LEU B 700 47.22 -12.60 24.75
N THR B 701 47.22 -12.75 23.44
CA THR B 701 46.60 -11.75 22.58
C THR B 701 45.20 -12.15 22.15
N ILE B 702 45.03 -13.38 21.65
CA ILE B 702 43.70 -13.77 21.21
C ILE B 702 42.76 -14.02 22.38
N ARG B 703 43.28 -14.31 23.57
CA ARG B 703 42.43 -14.38 24.75
C ARG B 703 42.04 -13.02 25.29
N GLN B 704 42.55 -11.94 24.70
CA GLN B 704 41.95 -10.64 24.87
C GLN B 704 40.95 -10.32 23.76
N LEU B 705 40.80 -11.22 22.78
CA LEU B 705 39.90 -11.01 21.65
C LEU B 705 39.01 -12.20 21.38
N THR B 706 38.79 -13.08 22.36
CA THR B 706 37.74 -14.10 22.28
C THR B 706 36.62 -13.67 23.21
N SER B 707 35.64 -12.97 22.65
CA SER B 707 34.39 -12.70 23.34
C SER B 707 33.36 -13.79 23.10
N ARG B 708 33.78 -14.94 22.58
CA ARG B 708 32.89 -16.03 22.23
C ARG B 708 33.19 -17.31 23.01
N ILE B 709 33.95 -17.22 24.10
CA ILE B 709 34.28 -18.41 24.89
C ILE B 709 33.15 -18.56 25.92
N GLU B 710 31.99 -18.98 25.42
CA GLU B 710 30.73 -19.17 26.14
C GLU B 710 29.77 -19.89 25.21
N GLY B 711 28.52 -20.02 25.62
CA GLY B 711 27.48 -20.47 24.72
C GLY B 711 26.52 -21.39 25.43
N ILE B 712 25.47 -21.76 24.69
CA ILE B 712 24.56 -22.78 25.17
C ILE B 712 25.24 -24.13 25.23
N ASP B 713 26.23 -24.36 24.34
CA ASP B 713 26.99 -25.59 24.36
C ASP B 713 27.88 -25.70 25.60
N SER B 714 28.25 -24.56 26.18
CA SER B 714 28.91 -24.57 27.48
C SER B 714 27.96 -25.00 28.59
N LEU B 715 26.66 -24.89 28.37
CA LEU B 715 25.67 -25.28 29.34
C LEU B 715 25.14 -26.69 29.11
N VAL B 716 25.23 -27.21 27.88
CA VAL B 716 24.69 -28.54 27.59
C VAL B 716 25.60 -29.63 28.14
N THR B 717 26.84 -29.67 27.66
CA THR B 717 27.71 -30.81 27.93
C THR B 717 28.36 -30.77 29.31
N SER B 718 28.27 -29.67 30.03
CA SER B 718 29.01 -29.54 31.28
C SER B 718 28.27 -30.15 32.48
N ASN B 719 27.16 -30.85 32.23
CA ASN B 719 26.28 -31.59 33.19
C ASN B 719 26.15 -30.91 34.56
N GLU B 720 25.82 -29.63 34.52
CA GLU B 720 25.62 -28.79 35.70
C GLU B 720 24.15 -28.68 36.02
N PRO B 721 23.80 -28.29 37.26
CA PRO B 721 22.40 -27.99 37.57
C PRO B 721 21.97 -26.71 36.89
N ILE B 722 21.01 -26.82 35.98
CA ILE B 722 20.47 -25.69 35.24
C ILE B 722 19.16 -25.28 35.91
N GLY B 723 19.11 -24.04 36.39
CA GLY B 723 17.88 -23.54 36.96
C GLY B 723 16.98 -22.98 35.86
N VAL B 724 15.69 -23.25 35.98
CA VAL B 724 14.69 -22.58 35.17
C VAL B 724 13.70 -21.95 36.13
N GLN B 725 12.87 -21.06 35.61
CA GLN B 725 11.80 -20.53 36.41
C GLN B 725 10.61 -21.48 36.36
N ASP B 726 9.84 -21.48 37.44
CA ASP B 726 8.77 -22.46 37.59
C ASP B 726 7.60 -22.11 36.69
N GLY B 727 7.07 -23.11 35.99
CA GLY B 727 5.91 -22.90 35.14
C GLY B 727 6.21 -22.09 33.91
N THR B 728 6.98 -22.65 32.98
CA THR B 728 7.31 -21.97 31.74
C THR B 728 7.32 -22.97 30.61
N PHE B 729 7.64 -22.50 29.41
CA PHE B 729 7.85 -23.43 28.32
C PHE B 729 9.31 -23.86 28.22
N ALA B 730 10.24 -23.04 28.74
CA ALA B 730 11.65 -23.37 28.69
C ALA B 730 11.99 -24.59 29.52
N ARG B 731 11.20 -24.87 30.55
CA ARG B 731 11.36 -26.10 31.31
C ARG B 731 11.05 -27.31 30.45
N ASN B 732 10.04 -27.22 29.61
CA ASN B 732 9.69 -28.30 28.71
C ASN B 732 10.24 -28.06 27.31
N TYR B 733 11.12 -27.07 27.15
CA TYR B 733 11.83 -26.88 25.90
C TYR B 733 13.20 -27.52 25.94
N LEU B 734 13.92 -27.39 27.05
CA LEU B 734 15.26 -27.95 27.14
C LEU B 734 15.22 -29.46 27.21
N ILE B 735 14.14 -30.04 27.72
CA ILE B 735 14.08 -31.49 27.84
C ILE B 735 13.79 -32.15 26.50
N ASN B 736 12.85 -31.60 25.74
CA ASN B 736 12.45 -32.24 24.49
C ASN B 736 13.41 -31.91 23.36
N GLU B 737 13.97 -30.70 23.34
CA GLU B 737 14.76 -30.27 22.19
C GLU B 737 16.24 -30.50 22.39
N LEU B 738 16.82 -29.88 23.41
CA LEU B 738 18.26 -29.89 23.59
C LEU B 738 18.76 -31.11 24.36
N ASN B 739 17.85 -32.02 24.73
CA ASN B 739 18.16 -33.31 25.35
C ASN B 739 18.87 -33.18 26.70
N ILE B 740 18.61 -32.08 27.41
CA ILE B 740 19.14 -31.91 28.75
C ILE B 740 18.34 -32.79 29.71
N LEU B 741 19.05 -33.44 30.63
CA LEU B 741 18.44 -34.39 31.55
C LEU B 741 17.45 -33.70 32.50
N PRO B 742 16.38 -34.40 32.89
CA PRO B 742 15.42 -33.82 33.83
C PRO B 742 15.96 -33.64 35.24
N SER B 743 17.02 -34.34 35.62
CA SER B 743 17.63 -34.11 36.92
C SER B 743 18.42 -32.81 36.95
N ARG B 744 18.90 -32.36 35.80
CA ARG B 744 19.62 -31.09 35.75
C ARG B 744 18.68 -29.91 35.85
N ILE B 745 17.47 -30.04 35.32
CA ILE B 745 16.51 -28.93 35.29
C ILE B 745 15.95 -28.73 36.69
N VAL B 746 16.23 -27.58 37.29
CA VAL B 746 15.81 -27.27 38.64
C VAL B 746 14.82 -26.11 38.58
N PRO B 747 13.61 -26.25 39.10
CA PRO B 747 12.68 -25.12 39.13
C PRO B 747 12.99 -24.16 40.25
N LEU B 748 12.50 -22.93 40.09
CA LEU B 748 12.77 -21.87 41.04
C LEU B 748 11.54 -20.99 41.13
N LYS B 749 11.09 -20.70 42.35
CA LYS B 749 9.74 -20.13 42.53
C LYS B 749 9.69 -18.62 42.33
N ASP B 750 10.57 -17.86 42.98
CA ASP B 750 10.41 -16.40 42.93
C ASP B 750 11.71 -15.65 42.64
N GLU B 751 11.67 -14.34 42.83
CA GLU B 751 12.74 -13.47 42.34
C GLU B 751 13.99 -13.56 43.21
N GLU B 752 13.83 -13.61 44.53
CA GLU B 752 15.00 -13.64 45.40
C GLU B 752 15.70 -15.00 45.40
N GLN B 753 15.00 -16.07 45.02
CA GLN B 753 15.67 -17.35 44.83
C GLN B 753 16.31 -17.47 43.45
N TYR B 754 16.30 -16.41 42.66
CA TYR B 754 17.14 -16.35 41.47
C TYR B 754 18.51 -15.80 41.81
N LEU B 755 18.62 -15.04 42.90
CA LEU B 755 19.90 -14.63 43.42
C LEU B 755 20.54 -15.76 44.23
N SER B 756 19.78 -16.31 45.17
CA SER B 756 20.32 -17.28 46.12
C SER B 756 20.62 -18.64 45.49
N ALA B 757 20.13 -18.90 44.29
CA ALA B 757 20.53 -20.10 43.57
C ALA B 757 21.76 -19.89 42.71
N LEU B 758 22.30 -18.68 42.67
CA LEU B 758 23.56 -18.42 41.99
C LEU B 758 24.63 -17.83 42.87
N GLN B 759 24.27 -17.28 44.04
CA GLN B 759 25.27 -16.89 45.01
C GLN B 759 25.99 -18.11 45.56
N ARG B 760 25.25 -19.22 45.73
CA ARG B 760 25.87 -20.47 46.16
C ARG B 760 26.63 -21.16 45.04
N GLY B 761 26.40 -20.76 43.78
CA GLY B 761 27.08 -21.35 42.66
C GLY B 761 26.54 -22.72 42.34
N PRO B 762 27.33 -23.54 41.63
CA PRO B 762 26.88 -24.90 41.32
C PRO B 762 26.78 -25.80 42.54
N ASN B 763 27.64 -25.61 43.53
CA ASN B 763 27.61 -26.44 44.73
C ASN B 763 26.62 -25.86 45.73
N ALA B 764 26.54 -26.53 46.90
CA ALA B 764 25.68 -26.17 48.03
C ALA B 764 24.21 -26.12 47.64
N GLY B 765 23.79 -26.98 46.71
CA GLY B 765 22.41 -27.04 46.28
C GLY B 765 22.02 -26.03 45.22
N GLY B 766 22.86 -25.05 44.92
CA GLY B 766 22.52 -24.05 43.94
C GLY B 766 22.65 -24.54 42.51
N VAL B 767 22.21 -23.70 41.58
CA VAL B 767 22.28 -24.00 40.16
C VAL B 767 23.44 -23.25 39.55
N ALA B 768 23.87 -23.68 38.37
CA ALA B 768 25.00 -23.04 37.72
C ALA B 768 24.56 -21.86 36.88
N ALA B 769 23.45 -22.00 36.17
CA ALA B 769 23.01 -20.96 35.25
C ALA B 769 21.49 -21.03 35.12
N ILE B 770 20.85 -19.88 35.23
CA ILE B 770 19.40 -19.78 35.08
C ILE B 770 19.08 -19.48 33.63
N VAL B 771 18.24 -20.29 33.02
CA VAL B 771 17.75 -20.03 31.68
C VAL B 771 16.44 -19.28 31.81
N ASP B 772 16.44 -18.01 31.43
CA ASP B 772 15.25 -17.19 31.46
C ASP B 772 15.00 -16.58 30.10
N GLU B 773 13.81 -16.02 29.93
CA GLU B 773 13.51 -15.22 28.77
C GLU B 773 14.17 -13.86 28.90
N LEU B 774 14.23 -13.15 27.77
CA LEU B 774 15.03 -11.92 27.73
C LEU B 774 14.46 -10.78 28.57
N PRO B 775 13.15 -10.41 28.50
CA PRO B 775 12.73 -9.25 29.30
C PRO B 775 12.46 -9.54 30.77
N TYR B 776 12.89 -10.70 31.24
CA TYR B 776 12.99 -10.94 32.68
C TYR B 776 14.41 -10.71 33.18
N ILE B 777 15.39 -11.08 32.34
CA ILE B 777 16.79 -10.84 32.64
C ILE B 777 17.08 -9.35 32.72
N GLU B 778 16.42 -8.56 31.87
CA GLU B 778 16.56 -7.10 31.93
C GLU B 778 16.06 -6.54 33.25
N VAL B 779 15.00 -7.13 33.81
CA VAL B 779 14.54 -6.67 35.12
C VAL B 779 15.49 -7.15 36.20
N LEU B 780 16.04 -8.36 36.04
CA LEU B 780 16.90 -8.92 37.08
C LEU B 780 18.25 -8.21 37.14
N LEU B 781 18.86 -7.94 36.00
CA LEU B 781 20.21 -7.36 35.98
C LEU B 781 20.21 -5.89 36.38
N THR B 782 19.09 -5.18 36.20
CA THR B 782 19.06 -3.81 36.69
C THR B 782 18.92 -3.79 38.22
N ASN B 783 18.18 -4.75 38.77
CA ASN B 783 18.00 -4.83 40.22
C ASN B 783 19.30 -5.18 40.93
N SER B 784 20.05 -6.16 40.42
CA SER B 784 21.36 -6.47 40.95
C SER B 784 22.40 -5.55 40.35
N ASN B 785 23.64 -5.72 40.79
CA ASN B 785 24.75 -5.11 40.09
C ASN B 785 25.18 -6.04 38.95
N CYS B 786 26.18 -5.61 38.18
CA CYS B 786 26.69 -6.45 37.09
C CYS B 786 27.67 -7.51 37.63
N LYS B 787 27.11 -8.37 38.47
CA LYS B 787 27.77 -9.59 38.92
C LYS B 787 27.30 -10.81 38.15
N PHE B 788 26.34 -10.64 37.26
CA PHE B 788 25.81 -11.70 36.42
C PHE B 788 25.86 -11.25 34.98
N ARG B 789 26.15 -12.17 34.08
CA ARG B 789 26.26 -11.83 32.68
C ARG B 789 25.39 -12.74 31.83
N THR B 790 24.85 -12.17 30.76
CA THR B 790 24.15 -12.94 29.74
C THR B 790 25.19 -13.53 28.80
N VAL B 791 25.57 -14.79 29.06
CA VAL B 791 26.80 -15.34 28.49
C VAL B 791 26.75 -15.53 26.98
N GLY B 792 25.59 -15.65 26.40
CA GLY B 792 25.46 -15.91 24.98
C GLY B 792 24.47 -14.96 24.39
N GLN B 793 23.69 -15.45 23.46
CA GLN B 793 22.60 -14.70 22.87
C GLN B 793 21.32 -15.53 22.91
N GLU B 794 20.30 -15.01 22.25
CA GLU B 794 18.99 -15.63 22.23
C GLU B 794 19.04 -16.87 21.36
N PHE B 795 19.11 -18.04 21.98
CA PHE B 795 19.22 -19.28 21.22
C PHE B 795 17.86 -19.83 20.80
N THR B 796 16.77 -19.15 21.13
CA THR B 796 15.47 -19.37 20.52
C THR B 796 14.69 -18.07 20.67
N ARG B 797 14.62 -17.27 19.60
CA ARG B 797 14.00 -15.95 19.66
C ARG B 797 12.64 -16.00 19.01
N THR B 798 11.58 -15.89 19.83
CA THR B 798 10.22 -15.97 19.31
C THR B 798 9.37 -14.72 19.59
N GLY B 799 9.22 -14.30 20.83
CA GLY B 799 8.40 -13.14 21.16
C GLY B 799 7.09 -13.53 21.84
N TRP B 800 6.51 -12.55 22.53
CA TRP B 800 5.29 -12.74 23.30
C TRP B 800 4.06 -12.57 22.44
N GLY B 801 2.90 -12.48 23.09
CA GLY B 801 1.66 -12.27 22.38
C GLY B 801 0.48 -12.68 23.22
N PHE B 802 -0.70 -12.21 22.80
CA PHE B 802 -1.96 -12.55 23.43
C PHE B 802 -2.46 -13.87 22.88
N ALA B 803 -3.32 -14.56 23.62
CA ALA B 803 -3.72 -15.91 23.24
C ALA B 803 -5.24 -16.01 23.17
N PHE B 804 -5.80 -15.67 22.02
CA PHE B 804 -7.23 -15.78 21.81
C PHE B 804 -7.63 -17.22 21.53
N GLN B 805 -8.92 -17.48 21.65
CA GLN B 805 -9.45 -18.81 21.36
C GLN B 805 -9.41 -19.05 19.85
N ARG B 806 -9.37 -20.32 19.47
CA ARG B 806 -9.08 -20.68 18.08
C ARG B 806 -10.22 -20.29 17.15
N ASP B 807 -9.87 -19.65 16.04
CA ASP B 807 -10.79 -19.10 15.05
C ASP B 807 -11.80 -18.14 15.69
N SER B 808 -11.27 -17.07 16.28
CA SER B 808 -12.11 -16.02 16.84
C SER B 808 -11.83 -14.72 16.12
N PRO B 809 -12.86 -14.05 15.59
CA PRO B 809 -12.63 -12.85 14.77
C PRO B 809 -12.09 -11.66 15.53
N LEU B 810 -12.10 -11.70 16.86
CA LEU B 810 -11.47 -10.66 17.65
C LEU B 810 -9.96 -10.65 17.45
N ALA B 811 -9.37 -11.79 17.10
CA ALA B 811 -7.93 -11.89 17.00
C ALA B 811 -7.41 -11.22 15.73
N VAL B 812 -8.28 -11.04 14.74
CA VAL B 812 -7.83 -10.46 13.48
C VAL B 812 -7.63 -8.97 13.63
N ASP B 813 -8.59 -8.28 14.25
CA ASP B 813 -8.51 -6.83 14.28
C ASP B 813 -7.85 -6.31 15.55
N MET B 814 -7.62 -7.18 16.53
CA MET B 814 -6.64 -6.81 17.55
C MET B 814 -5.24 -7.16 17.13
N SER B 815 -5.09 -7.88 16.02
CA SER B 815 -3.77 -7.92 15.40
C SER B 815 -3.50 -6.63 14.67
N THR B 816 -4.52 -6.07 14.02
CA THR B 816 -4.35 -4.81 13.31
C THR B 816 -4.36 -3.64 14.29
N ALA B 817 -4.94 -3.83 15.47
CA ALA B 817 -4.87 -2.81 16.50
C ALA B 817 -3.45 -2.64 17.02
N ILE B 818 -2.74 -3.75 17.22
CA ILE B 818 -1.39 -3.68 17.78
C ILE B 818 -0.40 -3.09 16.77
N LEU B 819 -0.54 -3.47 15.49
CA LEU B 819 0.30 -2.85 14.46
C LEU B 819 -0.02 -1.38 14.29
N GLN B 820 -1.27 -0.98 14.51
CA GLN B 820 -1.58 0.44 14.50
C GLN B 820 -1.22 1.07 15.84
N LEU B 821 -1.03 0.25 16.87
CA LEU B 821 -0.53 0.78 18.13
C LEU B 821 0.99 0.91 18.10
N SER B 822 1.64 0.21 17.17
CA SER B 822 3.09 0.18 17.17
C SER B 822 3.68 1.17 16.16
N GLU B 823 3.00 1.38 15.04
CA GLU B 823 3.45 2.39 14.09
C GLU B 823 3.29 3.78 14.65
N GLU B 824 2.25 3.99 15.46
CA GLU B 824 2.08 5.25 16.16
C GLU B 824 3.15 5.45 17.22
N GLY B 825 3.68 4.38 17.78
CA GLY B 825 4.70 4.48 18.81
C GLY B 825 4.17 4.43 20.21
N GLU B 826 3.18 3.59 20.49
CA GLU B 826 2.57 3.54 21.80
C GLU B 826 3.09 2.36 22.62
N LEU B 827 3.61 1.31 21.97
CA LEU B 827 4.21 0.20 22.71
C LEU B 827 5.46 0.65 23.46
N GLU B 828 6.23 1.57 22.89
CA GLU B 828 7.42 2.06 23.57
C GLU B 828 7.08 3.02 24.69
N LYS B 829 6.04 3.83 24.52
CA LYS B 829 5.69 4.83 25.52
C LYS B 829 5.11 4.17 26.76
N ILE B 830 4.35 3.10 26.58
CA ILE B 830 3.92 2.31 27.72
C ILE B 830 5.11 1.56 28.31
N HIS B 831 6.06 1.17 27.46
CA HIS B 831 7.29 0.56 27.95
C HIS B 831 8.12 1.56 28.74
N ARG B 832 8.12 2.84 28.34
CA ARG B 832 8.75 3.87 29.17
C ARG B 832 8.02 4.08 30.49
N LYS B 833 6.71 3.81 30.54
CA LYS B 833 5.97 4.06 31.77
C LYS B 833 6.31 3.04 32.83
N TRP B 834 6.42 1.76 32.46
CA TRP B 834 6.70 0.70 33.42
C TRP B 834 8.17 0.29 33.43
N LEU B 835 8.70 -0.08 32.28
CA LEU B 835 10.04 -0.66 32.19
C LEU B 835 11.03 0.37 31.65
N ASN B 836 11.43 1.29 32.52
CA ASN B 836 12.48 2.25 32.19
C ASN B 836 13.77 1.94 32.94
N TYR B 837 14.12 0.67 33.02
CA TYR B 837 15.20 0.19 33.87
C TYR B 837 16.42 -0.09 33.00
N LYS B 838 17.42 0.78 33.10
CA LYS B 838 18.59 0.76 32.22
C LYS B 838 19.88 0.81 33.03
N HIS B 839 19.79 0.83 34.36
CA HIS B 839 20.95 1.02 35.23
C HIS B 839 21.80 -0.24 35.20
N GLU B 840 22.66 -0.35 34.19
CA GLU B 840 23.45 -1.54 33.93
C GLU B 840 24.92 -1.14 33.79
N CYS B 841 25.72 -1.44 34.81
CA CYS B 841 27.15 -1.17 34.77
C CYS B 841 27.83 -2.07 33.75
N SER B 842 28.71 -1.47 32.93
CA SER B 842 29.47 -2.12 31.86
C SER B 842 28.60 -2.88 30.86
N LEU B 853 43.73 -3.61 32.46
CA LEU B 853 44.16 -4.22 31.20
C LEU B 853 44.48 -5.69 31.41
N SER B 854 45.71 -6.09 31.09
CA SER B 854 46.18 -7.44 31.36
C SER B 854 47.29 -7.41 32.39
N LEU B 855 47.34 -8.46 33.20
CA LEU B 855 48.30 -8.56 34.28
C LEU B 855 48.78 -10.01 34.32
N LYS B 856 49.40 -10.40 35.42
CA LYS B 856 49.95 -11.75 35.49
C LYS B 856 50.03 -12.22 36.93
N SER B 857 49.59 -13.45 37.17
CA SER B 857 49.72 -14.10 38.48
C SER B 857 49.58 -15.61 38.31
N PHE B 858 50.45 -16.36 39.00
CA PHE B 858 50.44 -17.82 38.96
C PHE B 858 51.23 -18.32 40.16
N TRP B 859 51.42 -19.64 40.22
CA TRP B 859 52.22 -20.26 41.28
C TRP B 859 53.18 -21.35 40.81
N GLY B 860 53.02 -21.89 39.61
CA GLY B 860 53.62 -23.18 39.29
C GLY B 860 55.11 -23.12 39.02
N LEU B 861 55.58 -22.05 38.38
CA LEU B 861 57.00 -21.95 38.11
C LEU B 861 57.78 -21.62 39.37
N PHE B 862 57.15 -20.96 40.33
CA PHE B 862 57.78 -20.76 41.63
C PHE B 862 57.69 -21.99 42.52
N LEU B 863 56.89 -22.99 42.15
CA LEU B 863 56.93 -24.26 42.86
C LEU B 863 58.23 -25.00 42.57
N ILE B 864 58.72 -24.90 41.33
CA ILE B 864 60.02 -25.47 40.99
C ILE B 864 61.13 -24.69 41.68
N CYS B 865 60.90 -23.40 41.97
CA CYS B 865 61.83 -22.64 42.80
C CYS B 865 61.85 -23.16 44.24
N GLY B 866 60.76 -23.79 44.68
CA GLY B 866 60.70 -24.33 46.03
C GLY B 866 61.22 -25.74 46.15
N ILE B 867 60.94 -26.58 45.14
CA ILE B 867 61.34 -27.99 45.21
C ILE B 867 62.84 -28.13 45.01
N THR B 868 63.42 -27.34 44.09
CA THR B 868 64.85 -27.47 43.81
C THR B 868 65.71 -26.90 44.93
N CYS B 869 65.31 -25.77 45.51
CA CYS B 869 66.10 -25.16 46.57
C CYS B 869 66.01 -25.94 47.88
N PHE B 870 64.83 -26.50 48.19
CA PHE B 870 64.70 -27.30 49.40
C PHE B 870 65.38 -28.66 49.26
N MET B 871 65.59 -29.12 48.02
CA MET B 871 66.37 -30.33 47.81
C MET B 871 67.83 -30.13 48.21
N ALA B 872 68.38 -28.93 47.95
CA ALA B 872 69.78 -28.69 48.23
C ALA B 872 70.04 -28.33 49.68
N LEU B 873 69.00 -27.98 50.45
CA LEU B 873 69.16 -27.88 51.90
C LEU B 873 69.43 -29.26 52.50
N THR B 874 68.78 -30.30 51.98
CA THR B 874 68.96 -31.64 52.53
C THR B 874 70.32 -32.21 52.15
N VAL B 875 70.81 -31.88 50.95
CA VAL B 875 72.15 -32.31 50.55
C VAL B 875 73.20 -31.56 51.35
N PHE B 876 72.94 -30.28 51.65
CA PHE B 876 73.86 -29.51 52.48
C PHE B 876 73.81 -29.99 53.94
N PHE B 877 72.62 -30.34 54.45
CA PHE B 877 72.53 -30.82 55.82
C PHE B 877 73.12 -32.22 55.96
N TRP B 878 73.03 -33.03 54.91
CA TRP B 878 73.75 -34.30 54.90
C TRP B 878 75.25 -34.08 54.80
N ARG B 879 75.68 -32.99 54.17
CA ARG B 879 77.09 -32.62 54.19
C ARG B 879 77.50 -32.13 55.56
N VAL B 880 76.63 -31.38 56.25
CA VAL B 880 76.89 -30.97 57.63
C VAL B 880 76.87 -32.18 58.56
N PHE B 881 75.99 -33.16 58.29
CA PHE B 881 75.99 -34.40 59.05
C PHE B 881 77.24 -35.23 58.75
N TRP B 882 77.82 -35.08 57.56
CA TRP B 882 79.10 -35.69 57.25
C TRP B 882 80.28 -34.81 57.65
N GLN B 883 80.06 -33.48 57.78
CA GLN B 883 81.05 -32.61 58.42
C GLN B 883 81.30 -33.01 59.86
N TYR B 884 80.26 -33.48 60.56
CA TYR B 884 80.39 -33.95 61.93
C TYR B 884 81.02 -35.33 62.02
N GLN B 885 81.19 -36.02 60.88
CA GLN B 885 81.76 -37.35 60.86
C GLN B 885 83.28 -37.34 60.86
N ARG B 886 83.90 -36.20 60.53
CA ARG B 886 85.37 -36.08 60.51
C ARG B 886 86.01 -36.27 61.87
N GLN C 56 -24.79 44.68 -69.99
CA GLN C 56 -25.10 46.10 -70.15
C GLN C 56 -24.54 46.85 -68.94
N ARG C 57 -23.50 47.63 -69.18
CA ARG C 57 -22.83 48.37 -68.10
C ARG C 57 -23.68 49.57 -67.69
N PRO C 58 -24.10 49.65 -66.42
CA PRO C 58 -25.06 50.69 -66.03
C PRO C 58 -24.48 52.10 -65.95
N SER C 59 -25.31 53.05 -65.51
CA SER C 59 -24.86 54.43 -65.40
C SER C 59 -23.96 54.62 -64.18
N SER C 60 -24.31 53.99 -63.07
CA SER C 60 -23.59 54.20 -61.83
C SER C 60 -23.74 52.97 -60.94
N VAL C 61 -22.73 52.72 -60.12
CA VAL C 61 -22.77 51.68 -59.10
C VAL C 61 -22.60 52.34 -57.74
N ASN C 62 -23.24 51.77 -56.73
CA ASN C 62 -23.23 52.31 -55.38
C ASN C 62 -22.54 51.33 -54.45
N VAL C 63 -21.54 51.80 -53.72
CA VAL C 63 -20.95 51.00 -52.65
C VAL C 63 -21.24 51.71 -51.34
N GLY C 64 -21.10 50.97 -50.25
CA GLY C 64 -21.38 51.49 -48.93
C GLY C 64 -20.13 52.03 -48.25
N ALA C 65 -20.35 52.68 -47.13
CA ALA C 65 -19.26 53.26 -46.33
C ALA C 65 -19.76 53.42 -44.91
N LEU C 66 -19.35 52.51 -44.03
CA LEU C 66 -19.69 52.58 -42.61
C LEU C 66 -18.41 52.92 -41.85
N PHE C 67 -18.23 54.19 -41.51
CA PHE C 67 -17.10 54.56 -40.68
C PHE C 67 -17.45 55.78 -39.84
N THR C 68 -17.08 55.72 -38.57
CA THR C 68 -17.41 56.77 -37.62
C THR C 68 -16.63 58.03 -37.95
N TYR C 69 -17.36 59.12 -38.20
CA TYR C 69 -16.72 60.37 -38.60
C TYR C 69 -15.92 60.97 -37.45
N ASP C 70 -16.47 60.92 -36.24
CA ASP C 70 -15.90 61.65 -35.10
C ASP C 70 -14.94 60.73 -34.34
N SER C 71 -13.90 60.29 -35.05
CA SER C 71 -12.81 59.55 -34.42
C SER C 71 -11.54 59.81 -35.20
N PHE C 72 -10.43 59.28 -34.68
CA PHE C 72 -9.14 59.55 -35.30
C PHE C 72 -8.95 58.78 -36.59
N ILE C 73 -9.71 57.70 -36.78
CA ILE C 73 -9.59 56.93 -38.00
C ILE C 73 -10.48 57.51 -39.09
N GLY C 74 -11.73 57.85 -38.74
CA GLY C 74 -12.69 58.27 -39.73
C GLY C 74 -12.43 59.62 -40.35
N ARG C 75 -11.89 60.56 -39.56
CA ARG C 75 -11.56 61.87 -40.10
C ARG C 75 -10.40 61.83 -41.07
N ALA C 76 -9.62 60.76 -41.06
CA ALA C 76 -8.69 60.50 -42.15
C ALA C 76 -9.31 59.64 -43.23
N ALA C 77 -10.28 58.80 -42.87
CA ALA C 77 -10.88 57.89 -43.84
C ALA C 77 -11.80 58.62 -44.81
N LYS C 78 -12.56 59.59 -44.31
CA LYS C 78 -13.51 60.31 -45.17
C LYS C 78 -12.88 61.08 -46.33
N PRO C 79 -11.72 61.74 -46.20
CA PRO C 79 -11.11 62.26 -47.43
C PRO C 79 -10.54 61.16 -48.30
N ALA C 80 -10.02 60.09 -47.70
CA ALA C 80 -9.34 59.05 -48.48
C ALA C 80 -10.32 58.27 -49.34
N VAL C 81 -11.53 58.03 -48.84
CA VAL C 81 -12.57 57.42 -49.65
C VAL C 81 -13.03 58.40 -50.73
N LYS C 82 -13.11 59.68 -50.37
CA LYS C 82 -13.44 60.69 -51.35
C LYS C 82 -12.31 60.93 -52.34
N ALA C 83 -11.06 60.65 -51.94
CA ALA C 83 -9.94 60.83 -52.85
C ALA C 83 -9.93 59.75 -53.93
N ALA C 84 -10.06 58.49 -53.53
CA ALA C 84 -10.00 57.40 -54.48
C ALA C 84 -11.23 57.36 -55.36
N MET C 85 -12.36 57.87 -54.87
CA MET C 85 -13.53 58.03 -55.72
C MET C 85 -13.26 59.04 -56.83
N ASP C 86 -12.46 60.06 -56.56
CA ASP C 86 -12.11 61.01 -57.59
C ASP C 86 -11.11 60.45 -58.59
N ASP C 87 -10.32 59.45 -58.20
CA ASP C 87 -9.36 58.88 -59.13
C ASP C 87 -9.95 57.77 -59.99
N VAL C 88 -10.92 57.02 -59.48
CA VAL C 88 -11.53 55.97 -60.30
C VAL C 88 -12.45 56.58 -61.34
N ASN C 89 -13.00 57.76 -61.10
CA ASN C 89 -13.72 58.49 -62.13
C ASN C 89 -12.80 59.32 -63.01
N ALA C 90 -11.51 59.41 -62.65
CA ALA C 90 -10.52 59.99 -63.54
C ALA C 90 -9.78 58.93 -64.35
N ASP C 91 -9.64 57.72 -63.82
CA ASP C 91 -9.02 56.62 -64.54
C ASP C 91 -10.08 55.96 -65.40
N GLN C 92 -9.97 56.14 -66.72
CA GLN C 92 -10.96 55.62 -67.65
C GLN C 92 -10.78 54.13 -67.92
N SER C 93 -9.66 53.53 -67.51
CA SER C 93 -9.48 52.09 -67.67
C SER C 93 -10.39 51.32 -66.72
N VAL C 94 -10.69 51.87 -65.55
CA VAL C 94 -11.60 51.24 -64.60
C VAL C 94 -12.97 51.89 -64.58
N LEU C 95 -13.16 52.99 -65.32
CA LEU C 95 -14.44 53.67 -65.33
C LEU C 95 -15.48 52.86 -66.10
N LYS C 96 -15.19 52.59 -67.39
CA LYS C 96 -15.97 51.73 -68.26
C LYS C 96 -17.40 52.23 -68.43
N GLY C 97 -17.56 53.55 -68.50
CA GLY C 97 -18.88 54.14 -68.63
C GLY C 97 -19.71 54.12 -67.38
N ILE C 98 -19.10 53.92 -66.21
CA ILE C 98 -19.82 53.81 -64.95
C ILE C 98 -19.25 54.83 -63.98
N LYS C 99 -20.11 55.70 -63.46
CA LYS C 99 -19.71 56.72 -62.50
C LYS C 99 -19.87 56.13 -61.10
N LEU C 100 -18.76 55.68 -60.53
CA LEU C 100 -18.77 55.05 -59.21
C LEU C 100 -18.89 56.14 -58.15
N ASN C 101 -20.12 56.40 -57.71
CA ASN C 101 -20.35 57.25 -56.56
C ASN C 101 -20.50 56.39 -55.30
N ILE C 102 -20.09 56.95 -54.16
CA ILE C 102 -20.01 56.20 -52.91
C ILE C 102 -20.97 56.82 -51.91
N ILE C 103 -22.00 56.05 -51.55
CA ILE C 103 -22.95 56.51 -50.53
C ILE C 103 -22.29 56.38 -49.17
N PHE C 104 -22.27 57.48 -48.43
CA PHE C 104 -21.70 57.49 -47.10
C PHE C 104 -22.78 57.19 -46.06
N GLN C 105 -22.35 56.62 -44.94
CA GLN C 105 -23.25 56.36 -43.83
C GLN C 105 -22.41 56.34 -42.56
N ASP C 106 -22.41 57.43 -41.82
CA ASP C 106 -21.63 57.46 -40.61
C ASP C 106 -22.34 56.74 -39.48
N SER C 107 -21.66 56.64 -38.36
CA SER C 107 -22.22 56.13 -37.13
C SER C 107 -21.50 56.79 -35.97
N ASN C 108 -22.19 56.83 -34.81
CA ASN C 108 -21.63 57.42 -33.57
C ASN C 108 -21.07 56.32 -32.71
N CYS C 109 -20.33 55.44 -33.31
CA CYS C 109 -19.62 54.31 -32.69
C CYS C 109 -20.48 53.52 -31.72
N SER C 110 -21.80 53.57 -31.91
CA SER C 110 -22.69 52.75 -31.12
C SER C 110 -23.22 51.60 -31.97
N GLY C 111 -23.49 50.49 -31.31
CA GLY C 111 -23.97 49.31 -32.02
C GLY C 111 -25.35 49.47 -32.61
N PHE C 112 -26.15 50.41 -32.10
CA PHE C 112 -27.50 50.54 -32.61
C PHE C 112 -27.54 51.31 -33.92
N ILE C 113 -27.13 52.58 -33.90
CA ILE C 113 -27.26 53.38 -35.12
C ILE C 113 -26.21 53.06 -36.16
N GLY C 114 -25.21 52.25 -35.82
CA GLY C 114 -24.37 51.68 -36.86
C GLY C 114 -25.14 50.73 -37.74
N THR C 115 -25.89 49.81 -37.12
CA THR C 115 -26.69 48.87 -37.89
C THR C 115 -27.86 49.57 -38.57
N MET C 116 -28.52 50.48 -37.86
CA MET C 116 -29.69 51.17 -38.40
C MET C 116 -29.32 52.08 -39.56
N GLY C 117 -28.10 52.60 -39.56
CA GLY C 117 -27.61 53.27 -40.76
C GLY C 117 -27.30 52.29 -41.87
N ALA C 118 -26.79 51.11 -41.53
CA ALA C 118 -26.44 50.13 -42.54
C ALA C 118 -27.66 49.42 -43.09
N LEU C 119 -28.71 49.26 -42.27
CA LEU C 119 -29.99 48.81 -42.81
C LEU C 119 -30.57 49.86 -43.75
N GLN C 120 -30.27 51.14 -43.54
CA GLN C 120 -30.62 52.12 -44.53
C GLN C 120 -29.73 52.00 -45.77
N LEU C 121 -28.49 51.54 -45.61
CA LEU C 121 -27.67 51.25 -46.77
C LEU C 121 -28.19 50.05 -47.55
N MET C 122 -28.76 49.07 -46.85
CA MET C 122 -29.25 47.89 -47.56
C MET C 122 -30.60 48.11 -48.19
N GLU C 123 -31.41 49.04 -47.66
CA GLU C 123 -32.61 49.46 -48.38
C GLU C 123 -32.23 50.22 -49.64
N ASN C 124 -31.13 50.95 -49.60
CA ASN C 124 -30.53 51.47 -50.81
C ASN C 124 -29.90 50.32 -51.60
N LYS C 125 -29.74 50.53 -52.90
CA LYS C 125 -29.06 49.53 -53.71
C LYS C 125 -27.56 49.63 -53.50
N VAL C 126 -26.91 48.49 -53.28
CA VAL C 126 -25.47 48.44 -53.08
C VAL C 126 -24.90 47.27 -53.87
N VAL C 127 -23.59 47.29 -54.04
CA VAL C 127 -22.85 46.14 -54.56
C VAL C 127 -21.74 45.69 -53.63
N ALA C 128 -21.32 46.55 -52.70
CA ALA C 128 -20.32 46.25 -51.68
C ALA C 128 -20.46 47.31 -50.61
N ALA C 129 -19.70 47.16 -49.54
CA ALA C 129 -19.72 48.12 -48.45
C ALA C 129 -18.35 48.19 -47.82
N ILE C 130 -17.71 49.36 -47.90
CA ILE C 130 -16.46 49.59 -47.21
C ILE C 130 -16.72 49.52 -45.72
N GLY C 131 -16.16 48.49 -45.09
CA GLY C 131 -16.71 47.93 -43.88
C GLY C 131 -16.55 48.78 -42.64
N PRO C 132 -17.12 48.29 -41.54
CA PRO C 132 -16.97 49.00 -40.28
C PRO C 132 -15.56 48.84 -39.77
N GLN C 133 -15.12 49.79 -38.93
CA GLN C 133 -13.86 49.62 -38.24
C GLN C 133 -14.06 49.44 -36.75
N SER C 134 -15.29 49.55 -36.27
CA SER C 134 -15.52 49.48 -34.83
C SER C 134 -15.40 48.06 -34.28
N SER C 135 -15.51 47.06 -35.15
CA SER C 135 -15.38 45.64 -34.85
C SER C 135 -16.40 45.12 -33.84
N GLY C 136 -17.42 45.90 -33.53
CA GLY C 136 -18.59 45.41 -32.83
C GLY C 136 -19.75 45.65 -33.76
N ILE C 137 -19.62 46.70 -34.57
CA ILE C 137 -20.49 46.84 -35.72
C ILE C 137 -20.20 45.72 -36.71
N ALA C 138 -18.93 45.36 -36.85
CA ALA C 138 -18.55 44.40 -37.87
C ALA C 138 -18.96 42.97 -37.55
N HIS C 139 -19.31 42.65 -36.30
CA HIS C 139 -19.98 41.37 -36.09
C HIS C 139 -21.39 41.40 -36.63
N MET C 140 -22.18 42.39 -36.21
CA MET C 140 -23.60 42.36 -36.52
C MET C 140 -23.88 42.62 -37.99
N ILE C 141 -23.13 43.54 -38.60
CA ILE C 141 -23.34 43.81 -40.02
C ILE C 141 -22.87 42.62 -40.84
N SER C 142 -21.92 41.83 -40.33
CA SER C 142 -21.61 40.59 -40.99
C SER C 142 -22.54 39.45 -40.56
N TYR C 143 -23.68 39.76 -39.97
CA TYR C 143 -24.84 38.87 -40.03
C TYR C 143 -25.87 39.33 -41.03
N VAL C 144 -26.03 40.64 -41.24
CA VAL C 144 -26.94 41.08 -42.28
C VAL C 144 -26.28 41.05 -43.65
N ALA C 145 -24.95 40.96 -43.71
CA ALA C 145 -24.28 40.73 -44.98
C ALA C 145 -24.04 39.26 -45.24
N ASN C 146 -24.31 38.40 -44.26
CA ASN C 146 -24.29 36.96 -44.50
C ASN C 146 -25.65 36.47 -44.97
N GLU C 147 -26.67 37.33 -44.96
CA GLU C 147 -27.97 36.95 -45.47
C GLU C 147 -28.41 37.77 -46.67
N LEU C 148 -27.72 38.86 -46.98
CA LEU C 148 -27.96 39.59 -48.22
C LEU C 148 -26.85 39.38 -49.23
N HIS C 149 -25.83 38.59 -48.87
CA HIS C 149 -24.75 38.14 -49.75
C HIS C 149 -23.94 39.31 -50.32
N VAL C 150 -23.84 40.38 -49.54
CA VAL C 150 -23.12 41.58 -49.95
C VAL C 150 -21.71 41.51 -49.36
N PRO C 151 -20.66 41.71 -50.14
CA PRO C 151 -19.31 41.66 -49.59
C PRO C 151 -19.03 42.86 -48.72
N LEU C 152 -18.41 42.61 -47.58
CA LEU C 152 -18.22 43.62 -46.55
C LEU C 152 -16.72 43.78 -46.35
N LEU C 153 -16.12 44.71 -47.09
CA LEU C 153 -14.67 44.88 -47.09
C LEU C 153 -14.30 45.88 -46.01
N SER C 154 -13.78 45.39 -44.90
CA SER C 154 -13.40 46.28 -43.82
C SER C 154 -12.02 46.84 -44.04
N PHE C 155 -11.80 48.07 -43.56
CA PHE C 155 -10.48 48.66 -43.58
C PHE C 155 -9.88 48.83 -42.20
N GLY C 156 -10.68 48.69 -41.15
CA GLY C 156 -10.13 48.86 -39.82
C GLY C 156 -10.67 47.85 -38.85
N ALA C 157 -10.93 46.63 -39.32
CA ALA C 157 -11.51 45.59 -38.48
C ALA C 157 -10.60 45.21 -37.32
N THR C 158 -9.49 44.55 -37.63
CA THR C 158 -8.52 44.03 -36.67
C THR C 158 -9.19 43.27 -35.54
N ASP C 159 -9.90 42.24 -35.91
CA ASP C 159 -10.55 41.43 -34.89
C ASP C 159 -10.28 39.97 -35.23
N PRO C 160 -9.65 39.23 -34.35
CA PRO C 160 -9.11 37.93 -34.75
C PRO C 160 -10.12 36.79 -34.79
N THR C 161 -11.41 37.09 -34.81
CA THR C 161 -12.42 36.05 -34.99
C THR C 161 -13.27 36.27 -36.23
N LEU C 162 -13.10 37.40 -36.92
CA LEU C 162 -13.91 37.65 -38.09
C LEU C 162 -13.41 36.93 -39.32
N SER C 163 -12.19 36.39 -39.28
CA SER C 163 -11.64 35.63 -40.40
C SER C 163 -11.92 34.15 -40.13
N SER C 164 -13.17 33.77 -40.28
CA SER C 164 -13.58 32.38 -40.10
C SER C 164 -14.71 32.08 -41.05
N LEU C 165 -15.14 30.82 -41.04
CA LEU C 165 -16.09 30.35 -42.02
C LEU C 165 -17.53 30.71 -41.69
N GLN C 166 -17.81 31.16 -40.47
CA GLN C 166 -19.15 31.62 -40.18
C GLN C 166 -19.45 32.97 -40.81
N PHE C 167 -18.40 33.74 -41.16
CA PHE C 167 -18.55 35.01 -41.87
C PHE C 167 -17.92 34.85 -43.24
N PRO C 168 -18.64 34.36 -44.24
CA PRO C 168 -18.02 34.14 -45.55
C PRO C 168 -17.91 35.40 -46.39
N TYR C 169 -18.69 36.43 -46.09
CA TYR C 169 -18.69 37.64 -46.90
C TYR C 169 -17.95 38.80 -46.24
N PHE C 170 -17.06 38.51 -45.30
CA PHE C 170 -16.36 39.56 -44.58
C PHE C 170 -14.88 39.48 -44.94
N LEU C 171 -14.51 40.20 -45.99
CA LEU C 171 -13.11 40.27 -46.38
C LEU C 171 -12.47 41.43 -45.65
N ARG C 172 -11.22 41.24 -45.26
CA ARG C 172 -10.49 42.19 -44.42
C ARG C 172 -9.29 42.72 -45.19
N THR C 173 -9.30 44.01 -45.49
CA THR C 173 -8.19 44.60 -46.22
C THR C 173 -7.03 44.99 -45.34
N THR C 174 -7.31 45.40 -44.09
CA THR C 174 -6.23 45.66 -43.16
C THR C 174 -5.63 44.37 -42.67
N GLN C 175 -4.55 44.49 -41.92
CA GLN C 175 -3.89 43.29 -41.46
C GLN C 175 -4.61 42.74 -40.25
N ASN C 176 -4.59 41.42 -40.13
CA ASN C 176 -5.30 40.73 -39.08
C ASN C 176 -4.64 41.02 -37.74
N ASP C 177 -5.44 41.33 -36.73
CA ASP C 177 -4.91 41.59 -35.41
C ASP C 177 -4.38 40.35 -34.73
N TYR C 178 -4.63 39.18 -35.32
CA TYR C 178 -4.03 37.93 -34.89
C TYR C 178 -2.51 37.94 -35.00
N PHE C 179 -1.93 38.82 -35.81
CA PHE C 179 -0.49 38.81 -36.00
C PHE C 179 0.24 39.72 -35.02
N GLN C 180 -0.39 40.77 -34.51
CA GLN C 180 0.25 41.57 -33.47
C GLN C 180 0.45 40.74 -32.22
N MET C 181 -0.53 39.91 -31.88
CA MET C 181 -0.38 39.04 -30.74
C MET C 181 0.60 37.91 -31.00
N HIS C 182 1.05 37.72 -32.23
CA HIS C 182 2.30 37.01 -32.40
C HIS C 182 3.48 37.93 -32.22
N ALA C 183 3.39 39.16 -32.74
CA ALA C 183 4.54 40.05 -32.72
C ALA C 183 4.85 40.53 -31.33
N ILE C 184 3.85 40.63 -30.46
CA ILE C 184 4.18 40.81 -29.05
C ILE C 184 4.71 39.50 -28.48
N ALA C 185 4.11 38.38 -28.83
CA ALA C 185 4.62 37.11 -28.31
C ALA C 185 5.92 36.67 -28.97
N ASP C 186 6.40 37.38 -29.99
CA ASP C 186 7.80 37.24 -30.36
C ASP C 186 8.65 38.25 -29.63
N PHE C 187 8.10 39.42 -29.31
CA PHE C 187 8.85 40.45 -28.60
C PHE C 187 9.09 40.07 -27.15
N LEU C 188 8.17 39.36 -26.53
CA LEU C 188 8.31 39.05 -25.12
C LEU C 188 9.35 37.97 -24.90
N SER C 189 9.25 36.86 -25.63
CA SER C 189 10.23 35.81 -25.50
C SER C 189 11.58 36.18 -26.09
N TYR C 190 11.65 37.26 -26.87
CA TYR C 190 12.92 37.88 -27.19
C TYR C 190 13.58 38.43 -25.94
N SER C 191 12.88 39.30 -25.22
CA SER C 191 13.42 39.83 -23.98
C SER C 191 13.35 38.84 -22.83
N GLY C 192 12.51 37.83 -22.95
CA GLY C 192 12.42 36.83 -21.90
C GLY C 192 11.71 37.28 -20.65
N TRP C 193 10.50 37.80 -20.77
CA TRP C 193 9.75 38.29 -19.63
C TRP C 193 8.75 37.28 -19.10
N ARG C 194 8.06 36.58 -19.99
CA ARG C 194 7.31 35.36 -19.70
C ARG C 194 6.14 35.51 -18.72
N GLN C 195 5.84 36.72 -18.25
CA GLN C 195 4.72 36.89 -17.34
C GLN C 195 4.17 38.31 -17.43
N VAL C 196 3.08 38.46 -18.16
CA VAL C 196 2.59 39.74 -18.65
C VAL C 196 1.23 40.01 -18.01
N ILE C 197 0.96 41.25 -17.65
CA ILE C 197 -0.34 41.64 -17.12
C ILE C 197 -1.00 42.60 -18.10
N ALA C 198 -2.07 42.16 -18.74
CA ALA C 198 -2.63 42.85 -19.88
C ALA C 198 -3.68 43.85 -19.45
N ILE C 199 -3.92 44.84 -20.31
CA ILE C 199 -4.94 45.86 -20.11
C ILE C 199 -5.63 46.09 -21.43
N PHE C 200 -6.95 45.96 -21.46
CA PHE C 200 -7.63 46.01 -22.74
C PHE C 200 -9.04 46.55 -22.53
N VAL C 201 -9.53 47.27 -23.53
CA VAL C 201 -10.93 47.69 -23.48
C VAL C 201 -11.79 46.46 -23.67
N ASP C 202 -12.91 46.42 -22.99
CA ASP C 202 -13.73 45.20 -22.96
C ASP C 202 -14.84 45.28 -24.00
N ASP C 203 -14.41 45.49 -25.23
CA ASP C 203 -15.24 45.52 -26.41
C ASP C 203 -15.08 44.16 -27.09
N GLU C 204 -15.61 44.02 -28.31
CA GLU C 204 -15.33 42.80 -29.04
C GLU C 204 -13.89 42.73 -29.52
N CYS C 205 -13.17 43.85 -29.59
CA CYS C 205 -11.79 43.85 -30.04
C CYS C 205 -10.82 43.53 -28.92
N GLY C 206 -11.17 43.76 -27.68
CA GLY C 206 -10.27 43.43 -26.62
C GLY C 206 -10.34 41.96 -26.26
N ARG C 207 -11.54 41.48 -25.97
CA ARG C 207 -11.71 40.12 -25.47
C ARG C 207 -11.36 39.07 -26.49
N ASN C 208 -11.41 39.40 -27.78
CA ASN C 208 -10.91 38.51 -28.82
C ASN C 208 -9.43 38.67 -29.02
N GLY C 209 -8.92 39.89 -28.89
CA GLY C 209 -7.51 40.16 -29.06
C GLY C 209 -6.68 39.49 -28.00
N ILE C 210 -6.91 39.81 -26.73
CA ILE C 210 -6.05 39.30 -25.66
C ILE C 210 -6.38 37.84 -25.33
N SER C 211 -7.43 37.28 -25.88
CA SER C 211 -7.57 35.83 -25.81
C SER C 211 -6.57 35.14 -26.72
N VAL C 212 -6.16 35.81 -27.79
CA VAL C 212 -5.15 35.22 -28.68
C VAL C 212 -3.78 35.25 -28.01
N LEU C 213 -3.41 36.41 -27.45
CA LEU C 213 -2.15 36.57 -26.73
C LEU C 213 -2.07 35.67 -25.51
N GLY C 214 -3.20 35.28 -24.94
CA GLY C 214 -3.17 34.25 -23.93
C GLY C 214 -2.78 32.91 -24.50
N ASP C 215 -3.07 32.67 -25.77
CA ASP C 215 -2.83 31.37 -26.37
C ASP C 215 -1.47 31.29 -27.04
N VAL C 216 -1.04 32.35 -27.71
CA VAL C 216 0.25 32.32 -28.38
C VAL C 216 1.37 32.33 -27.37
N LEU C 217 1.18 33.01 -26.23
CA LEU C 217 2.16 32.92 -25.16
C LEU C 217 2.15 31.58 -24.46
N ALA C 218 1.10 30.78 -24.61
CA ALA C 218 1.14 29.47 -23.98
C ALA C 218 2.05 28.50 -24.72
N LYS C 219 2.30 28.72 -26.02
CA LYS C 219 3.22 27.86 -26.75
C LYS C 219 4.64 28.05 -26.26
N LYS C 220 4.99 29.28 -25.88
CA LYS C 220 6.31 29.61 -25.38
C LYS C 220 6.37 29.54 -23.87
N ARG C 221 5.37 28.90 -23.24
CA ARG C 221 5.24 28.68 -21.80
C ARG C 221 5.17 29.96 -20.99
N SER C 222 4.87 31.09 -21.63
CA SER C 222 4.52 32.32 -20.96
C SER C 222 3.04 32.32 -20.64
N ARG C 223 2.57 33.37 -19.97
CA ARG C 223 1.16 33.45 -19.62
C ARG C 223 0.79 34.89 -19.35
N ILE C 224 -0.50 35.16 -19.41
CA ILE C 224 -1.05 36.44 -18.99
C ILE C 224 -1.59 36.29 -17.58
N SER C 225 -1.06 37.08 -16.64
CA SER C 225 -1.45 36.92 -15.25
C SER C 225 -2.87 37.37 -14.98
N TYR C 226 -3.15 38.64 -15.17
CA TYR C 226 -4.41 39.23 -14.73
C TYR C 226 -4.98 40.06 -15.87
N LYS C 227 -5.98 39.52 -16.56
CA LYS C 227 -6.60 40.24 -17.67
C LYS C 227 -7.44 41.37 -17.09
N ALA C 228 -6.77 42.47 -16.77
CA ALA C 228 -7.49 43.66 -16.34
C ALA C 228 -8.27 44.22 -17.51
N ALA C 229 -9.45 44.76 -17.23
CA ALA C 229 -10.35 45.09 -18.32
C ALA C 229 -11.11 46.36 -17.98
N ILE C 230 -10.79 47.44 -18.67
CA ILE C 230 -11.56 48.66 -18.48
C ILE C 230 -12.90 48.49 -19.17
N THR C 231 -13.90 49.16 -18.66
CA THR C 231 -15.23 49.20 -19.23
C THR C 231 -15.26 50.22 -20.37
N PRO C 232 -15.93 49.91 -21.50
CA PRO C 232 -15.83 50.81 -22.67
C PRO C 232 -16.37 52.20 -22.46
N GLY C 233 -17.38 52.37 -21.62
CA GLY C 233 -17.70 53.70 -21.18
C GLY C 233 -16.88 53.99 -19.94
N ALA C 234 -15.73 54.65 -20.14
CA ALA C 234 -14.77 54.84 -19.06
C ALA C 234 -14.52 56.31 -18.82
N ASP C 235 -14.67 56.72 -17.57
CA ASP C 235 -14.27 58.04 -17.11
C ASP C 235 -12.80 57.99 -16.69
N SER C 236 -12.35 59.05 -16.03
CA SER C 236 -11.02 59.02 -15.44
C SER C 236 -11.02 58.43 -14.04
N SER C 237 -12.15 57.86 -13.59
CA SER C 237 -12.18 57.26 -12.27
C SER C 237 -12.09 55.74 -12.33
N SER C 238 -12.70 55.13 -13.35
CA SER C 238 -12.58 53.69 -13.51
C SER C 238 -11.21 53.27 -14.00
N ILE C 239 -10.46 54.20 -14.60
CA ILE C 239 -9.08 53.90 -14.94
C ILE C 239 -8.22 53.90 -13.68
N ARG C 240 -8.44 54.84 -12.77
CA ARG C 240 -7.66 54.89 -11.54
C ARG C 240 -8.01 53.74 -10.62
N ASP C 241 -9.27 53.30 -10.63
CA ASP C 241 -9.66 52.16 -9.80
C ASP C 241 -9.01 50.87 -10.30
N LEU C 242 -8.66 50.82 -11.58
CA LEU C 242 -8.07 49.62 -12.13
C LEU C 242 -6.55 49.64 -12.07
N LEU C 243 -5.93 50.74 -12.54
CA LEU C 243 -4.48 50.80 -12.61
C LEU C 243 -3.82 50.86 -11.24
N VAL C 244 -4.55 51.26 -10.21
CA VAL C 244 -4.05 51.05 -8.85
C VAL C 244 -4.09 49.57 -8.50
N SER C 245 -5.17 48.89 -8.88
CA SER C 245 -5.31 47.50 -8.49
C SER C 245 -4.44 46.53 -9.28
N VAL C 246 -3.69 47.00 -10.28
CA VAL C 246 -2.72 46.16 -10.96
C VAL C 246 -1.29 46.56 -10.67
N ASN C 247 -1.06 47.69 -10.01
CA ASN C 247 0.26 47.95 -9.46
C ASN C 247 0.59 46.98 -8.34
N LEU C 248 -0.43 46.53 -7.62
CA LEU C 248 -0.23 45.65 -6.48
C LEU C 248 -0.27 44.20 -6.92
N MET C 249 0.47 43.85 -7.97
CA MET C 249 0.48 42.50 -8.49
C MET C 249 1.86 42.13 -9.00
N GLU C 250 1.95 40.93 -9.55
CA GLU C 250 3.21 40.22 -9.68
C GLU C 250 3.95 40.52 -10.97
N SER C 251 3.49 41.46 -11.78
CA SER C 251 4.16 41.69 -13.03
C SER C 251 4.20 43.17 -13.35
N ARG C 252 5.17 43.54 -14.17
CA ARG C 252 5.33 44.93 -14.59
C ARG C 252 5.49 45.02 -16.09
N VAL C 253 4.91 44.10 -16.83
CA VAL C 253 5.01 44.12 -18.28
C VAL C 253 3.60 44.34 -18.80
N PHE C 254 3.24 45.58 -19.05
CA PHE C 254 1.86 45.92 -19.37
C PHE C 254 1.67 45.98 -20.88
N VAL C 255 0.81 45.11 -21.41
CA VAL C 255 0.31 45.25 -22.76
C VAL C 255 -0.96 46.07 -22.67
N VAL C 256 -1.06 47.15 -23.46
CA VAL C 256 -2.30 47.90 -23.53
C VAL C 256 -2.85 47.83 -24.94
N HIS C 257 -4.12 47.45 -25.05
CA HIS C 257 -4.80 47.38 -26.34
C HIS C 257 -6.17 48.04 -26.16
N VAL C 258 -6.20 49.36 -26.35
CA VAL C 258 -7.37 50.19 -26.09
C VAL C 258 -7.73 50.85 -27.43
N ASN C 259 -9.00 51.22 -27.58
CA ASN C 259 -9.40 52.03 -28.72
C ASN C 259 -8.71 53.39 -28.66
N PRO C 260 -8.41 54.01 -29.81
CA PRO C 260 -7.46 55.14 -29.81
C PRO C 260 -7.97 56.42 -29.17
N ASP C 261 -9.27 56.69 -29.20
CA ASP C 261 -9.75 57.99 -28.74
C ASP C 261 -9.63 58.13 -27.23
N SER C 262 -9.95 57.09 -26.48
CA SER C 262 -9.74 57.11 -25.05
C SER C 262 -8.47 56.38 -24.65
N GLY C 263 -7.61 56.04 -25.60
CA GLY C 263 -6.46 55.24 -25.27
C GLY C 263 -5.36 56.03 -24.60
N LEU C 264 -5.16 57.27 -25.03
CA LEU C 264 -4.10 58.09 -24.48
C LEU C 264 -4.40 58.55 -23.05
N ASN C 265 -5.65 58.47 -22.61
CA ASN C 265 -6.03 58.77 -21.24
C ASN C 265 -5.66 57.65 -20.28
N VAL C 266 -5.14 56.53 -20.77
CA VAL C 266 -4.60 55.54 -19.85
C VAL C 266 -3.26 55.99 -19.32
N PHE C 267 -2.39 56.48 -20.20
CA PHE C 267 -1.06 56.89 -19.78
C PHE C 267 -1.06 58.18 -18.98
N SER C 268 -2.03 59.06 -19.23
CA SER C 268 -2.16 60.26 -18.40
C SER C 268 -2.62 59.95 -16.99
N VAL C 269 -3.18 58.77 -16.76
CA VAL C 269 -3.36 58.29 -15.40
C VAL C 269 -2.12 57.56 -14.91
N ALA C 270 -1.43 56.82 -15.78
CA ALA C 270 -0.26 56.06 -15.36
C ALA C 270 0.92 56.95 -15.03
N LYS C 271 1.04 58.10 -15.69
CA LYS C 271 2.07 59.06 -15.29
C LYS C 271 1.72 59.70 -13.97
N SER C 272 0.49 60.15 -13.81
CA SER C 272 0.06 60.85 -12.61
C SER C 272 -0.30 59.92 -11.47
N LEU C 273 0.02 58.64 -11.57
CA LEU C 273 -0.07 57.71 -10.46
C LEU C 273 1.31 57.20 -10.08
N GLY C 274 2.33 57.61 -10.81
CA GLY C 274 3.67 57.15 -10.52
C GLY C 274 3.99 55.79 -11.07
N MET C 275 3.23 55.34 -12.07
CA MET C 275 3.50 54.02 -12.64
C MET C 275 4.68 54.05 -13.58
N MET C 276 4.69 54.97 -14.53
CA MET C 276 5.75 54.99 -15.51
C MET C 276 7.02 55.53 -14.87
N ALA C 277 7.94 54.64 -14.57
CA ALA C 277 9.16 54.90 -13.85
C ALA C 277 10.14 53.81 -14.22
N SER C 278 11.17 53.62 -13.41
CA SER C 278 12.11 52.53 -13.66
C SER C 278 11.46 51.20 -13.30
N GLY C 279 11.45 50.28 -14.26
CA GLY C 279 10.99 48.93 -14.03
C GLY C 279 9.55 48.65 -14.41
N TYR C 280 9.00 49.33 -15.40
CA TYR C 280 7.60 49.20 -15.81
C TYR C 280 7.59 49.21 -17.34
N VAL C 281 7.67 48.04 -17.95
CA VAL C 281 7.66 48.01 -19.41
C VAL C 281 6.23 48.18 -19.90
N TRP C 282 5.98 49.22 -20.67
CA TRP C 282 4.71 49.38 -21.34
C TRP C 282 4.88 48.97 -22.79
N ILE C 283 4.06 48.05 -23.25
CA ILE C 283 4.00 47.67 -24.65
C ILE C 283 2.65 48.09 -25.16
N ALA C 284 2.60 48.72 -26.32
CA ALA C 284 1.35 49.23 -26.84
C ALA C 284 1.16 48.74 -28.26
N THR C 285 -0.07 48.42 -28.61
CA THR C 285 -0.38 47.99 -29.96
C THR C 285 -0.76 49.20 -30.81
N ASP C 286 -1.26 48.94 -32.02
CA ASP C 286 -1.36 49.90 -33.13
C ASP C 286 -2.08 51.21 -32.82
N TRP C 287 -2.86 51.25 -31.74
CA TRP C 287 -3.60 52.45 -31.42
C TRP C 287 -2.70 53.61 -31.04
N LEU C 288 -1.52 53.33 -30.48
CA LEU C 288 -0.67 54.40 -29.97
C LEU C 288 0.00 55.21 -31.07
N PRO C 289 0.53 54.63 -32.16
CA PRO C 289 0.93 55.50 -33.26
C PRO C 289 -0.23 56.13 -33.98
N THR C 290 -1.40 55.49 -33.98
CA THR C 290 -2.57 56.12 -34.54
C THR C 290 -3.07 57.24 -33.64
N ALA C 291 -2.78 57.17 -32.33
CA ALA C 291 -3.11 58.28 -31.44
C ALA C 291 -2.15 59.44 -31.63
N MET C 292 -0.95 59.18 -32.17
CA MET C 292 -0.02 60.28 -32.41
C MET C 292 -0.16 60.82 -33.82
N ASP C 293 -0.16 59.94 -34.82
CA ASP C 293 -0.15 60.37 -36.21
C ASP C 293 -1.46 61.02 -36.65
N SER C 294 -2.54 60.81 -35.91
CA SER C 294 -3.77 61.54 -36.20
C SER C 294 -3.71 62.97 -35.76
N MET C 295 -2.97 63.25 -34.68
CA MET C 295 -2.62 64.62 -34.37
C MET C 295 -1.69 65.15 -35.44
N GLU C 296 -1.90 66.41 -35.84
CA GLU C 296 -1.14 66.98 -36.96
C GLU C 296 0.33 67.10 -36.63
N HIS C 297 0.64 67.57 -35.42
CA HIS C 297 1.98 67.57 -34.89
C HIS C 297 1.94 67.03 -33.47
N VAL C 298 2.97 66.31 -33.08
CA VAL C 298 3.08 65.83 -31.71
C VAL C 298 3.37 67.03 -30.81
N ASP C 299 2.46 67.30 -29.87
CA ASP C 299 2.48 68.53 -29.10
C ASP C 299 3.55 68.55 -28.01
N SER C 300 4.36 67.50 -27.89
CA SER C 300 5.52 67.34 -27.01
C SER C 300 5.18 67.34 -25.53
N ASP C 301 3.91 67.46 -25.15
CA ASP C 301 3.50 67.10 -23.79
C ASP C 301 3.02 65.65 -23.73
N THR C 302 2.23 65.22 -24.72
CA THR C 302 1.86 63.82 -24.83
C THR C 302 3.07 62.95 -25.11
N MET C 303 4.05 63.49 -25.84
CA MET C 303 5.31 62.79 -26.02
C MET C 303 6.08 62.65 -24.72
N ASP C 304 5.91 63.58 -23.78
CA ASP C 304 6.52 63.40 -22.47
C ASP C 304 5.81 62.33 -21.65
N LEU C 305 4.52 62.11 -21.90
CA LEU C 305 3.83 60.99 -21.28
C LEU C 305 4.34 59.65 -21.79
N LEU C 306 4.84 59.61 -23.03
CA LEU C 306 5.25 58.38 -23.67
C LEU C 306 6.77 58.35 -23.73
N GLN C 307 7.39 57.91 -22.65
CA GLN C 307 8.85 57.85 -22.55
C GLN C 307 9.25 56.43 -22.23
N GLY C 308 9.34 55.59 -23.26
CA GLY C 308 9.75 54.21 -23.07
C GLY C 308 8.75 53.15 -23.50
N VAL C 309 7.61 53.56 -24.03
CA VAL C 309 6.57 52.62 -24.38
C VAL C 309 6.79 52.09 -25.80
N VAL C 310 6.97 50.78 -25.91
CA VAL C 310 7.45 50.14 -27.12
C VAL C 310 6.28 49.85 -28.04
N ALA C 311 5.82 50.85 -28.79
CA ALA C 311 4.60 50.68 -29.57
C ALA C 311 4.87 49.92 -30.85
N PHE C 312 3.82 49.30 -31.40
CA PHE C 312 3.92 48.65 -32.70
C PHE C 312 3.13 49.46 -33.72
N ARG C 313 3.36 49.20 -34.99
CA ARG C 313 2.71 49.98 -36.03
C ARG C 313 2.74 49.18 -37.32
N HIS C 314 1.71 49.38 -38.16
CA HIS C 314 1.63 48.67 -39.43
C HIS C 314 2.69 49.15 -40.40
N TYR C 315 3.61 48.26 -40.74
CA TYR C 315 4.64 48.59 -41.73
C TYR C 315 4.08 48.45 -43.15
N THR C 316 4.48 49.38 -44.00
CA THR C 316 4.08 49.40 -45.39
C THR C 316 5.27 49.75 -46.26
N ILE C 317 5.54 48.90 -47.27
CA ILE C 317 6.64 49.16 -48.20
C ILE C 317 6.30 50.34 -49.10
N GLU C 318 7.31 51.18 -49.33
CA GLU C 318 7.16 52.41 -50.10
C GLU C 318 7.24 52.14 -51.61
N SER C 319 6.58 53.01 -52.36
CA SER C 319 6.66 53.03 -53.82
C SER C 319 6.37 54.44 -54.28
N SER C 320 6.41 54.66 -55.59
CA SER C 320 6.03 55.95 -56.12
C SER C 320 4.52 56.17 -56.06
N VAL C 321 3.73 55.10 -55.94
CA VAL C 321 2.29 55.25 -55.83
C VAL C 321 1.93 55.79 -54.45
N LYS C 322 2.59 55.28 -53.41
CA LYS C 322 2.36 55.82 -52.08
C LYS C 322 3.00 57.19 -51.92
N ARG C 323 4.10 57.43 -52.65
CA ARG C 323 4.81 58.70 -52.56
C ARG C 323 3.98 59.83 -53.15
N GLN C 324 3.34 59.60 -54.30
CA GLN C 324 2.47 60.62 -54.87
C GLN C 324 1.19 60.77 -54.07
N PHE C 325 0.79 59.76 -53.30
CA PHE C 325 -0.39 59.88 -52.46
C PHE C 325 -0.10 60.76 -51.25
N MET C 326 1.14 60.73 -50.75
CA MET C 326 1.50 61.59 -49.62
C MET C 326 1.52 63.05 -50.02
N ALA C 327 2.01 63.36 -51.22
CA ALA C 327 1.87 64.71 -51.76
C ALA C 327 0.43 65.04 -52.11
N ARG C 328 -0.35 64.03 -52.54
CA ARG C 328 -1.78 64.21 -52.71
C ARG C 328 -2.45 64.46 -51.37
N TRP C 329 -1.95 63.83 -50.32
CA TRP C 329 -2.48 64.06 -48.98
C TRP C 329 -2.16 65.46 -48.48
N LYS C 330 -0.98 65.98 -48.84
CA LYS C 330 -0.65 67.36 -48.52
C LYS C 330 -1.49 68.34 -49.32
N ASN C 331 -1.96 67.93 -50.51
CA ASN C 331 -2.85 68.78 -51.29
C ASN C 331 -4.23 68.88 -50.64
N LEU C 332 -4.65 67.85 -49.91
CA LEU C 332 -5.98 67.84 -49.33
C LEU C 332 -6.04 68.64 -48.04
N ARG C 333 -5.17 68.30 -47.08
CA ARG C 333 -5.11 68.82 -45.72
C ARG C 333 -6.45 68.73 -45.00
N PRO C 334 -6.87 67.56 -44.51
CA PRO C 334 -7.91 67.52 -43.47
C PRO C 334 -7.30 67.60 -42.08
N ASN C 335 -6.58 68.71 -41.83
CA ASN C 335 -5.70 68.95 -40.68
C ASN C 335 -4.62 67.88 -40.55
N ASP C 336 -4.26 67.23 -41.67
CA ASP C 336 -3.09 66.36 -41.81
C ASP C 336 -3.09 65.19 -40.83
N GLY C 337 -4.25 64.59 -40.58
CA GLY C 337 -4.31 63.46 -39.67
C GLY C 337 -3.97 62.13 -40.33
N PHE C 338 -2.83 62.05 -40.99
CA PHE C 338 -2.43 60.87 -41.75
C PHE C 338 -2.02 59.78 -40.76
N ASN C 339 -2.88 58.78 -40.59
CA ASN C 339 -2.73 57.80 -39.52
C ASN C 339 -2.63 56.37 -40.01
N SER C 340 -2.41 56.17 -41.31
CA SER C 340 -2.17 54.91 -42.01
C SER C 340 -3.40 54.02 -42.12
N TYR C 341 -4.51 54.34 -41.45
CA TYR C 341 -5.74 53.65 -41.81
C TYR C 341 -6.38 54.25 -43.04
N ALA C 342 -6.14 55.54 -43.29
CA ALA C 342 -6.57 56.12 -44.54
C ALA C 342 -5.79 55.54 -45.71
N MET C 343 -4.57 55.08 -45.45
CA MET C 343 -3.81 54.36 -46.46
C MET C 343 -4.45 53.02 -46.79
N TYR C 344 -5.15 52.40 -45.83
CA TYR C 344 -5.95 51.24 -46.17
C TYR C 344 -7.28 51.63 -46.77
N ALA C 345 -7.85 52.76 -46.34
CA ALA C 345 -9.12 53.20 -46.88
C ALA C 345 -8.98 53.68 -48.32
N TYR C 346 -7.82 54.22 -48.67
CA TYR C 346 -7.55 54.52 -50.06
C TYR C 346 -7.29 53.25 -50.85
N ASP C 347 -6.83 52.19 -50.18
CA ASP C 347 -6.60 50.93 -50.86
C ASP C 347 -7.91 50.24 -51.19
N SER C 348 -8.84 50.21 -50.23
CA SER C 348 -10.04 49.38 -50.35
C SER C 348 -10.97 49.85 -51.44
N VAL C 349 -10.94 51.13 -51.80
CA VAL C 349 -11.78 51.59 -52.88
C VAL C 349 -11.24 51.10 -54.21
N TRP C 350 -9.91 51.05 -54.37
CA TRP C 350 -9.33 50.44 -55.56
C TRP C 350 -9.59 48.94 -55.59
N LEU C 351 -9.55 48.29 -54.43
CA LEU C 351 -9.76 46.86 -54.38
C LEU C 351 -11.20 46.49 -54.69
N VAL C 352 -12.14 47.40 -54.40
CA VAL C 352 -13.48 47.27 -54.95
C VAL C 352 -13.45 47.46 -56.46
N ALA C 353 -12.87 48.60 -56.91
CA ALA C 353 -13.05 49.06 -58.29
C ALA C 353 -12.34 48.15 -59.29
N ARG C 354 -11.16 47.64 -58.94
CA ARG C 354 -10.48 46.70 -59.83
C ARG C 354 -11.23 45.37 -59.88
N ALA C 355 -11.76 44.92 -58.75
CA ALA C 355 -12.65 43.79 -58.75
C ALA C 355 -14.01 44.11 -59.37
N LEU C 356 -14.43 45.37 -59.30
CA LEU C 356 -15.63 45.78 -60.01
C LEU C 356 -15.38 45.77 -61.52
N ASP C 357 -14.14 46.02 -61.93
CA ASP C 357 -13.79 46.03 -63.34
C ASP C 357 -13.79 44.61 -63.91
N VAL C 358 -13.16 43.67 -63.19
CA VAL C 358 -13.03 42.29 -63.68
C VAL C 358 -14.38 41.58 -63.69
N PHE C 359 -15.25 41.91 -62.73
CA PHE C 359 -16.54 41.24 -62.66
C PHE C 359 -17.46 41.61 -63.82
N PHE C 360 -17.34 42.83 -64.34
CA PHE C 360 -18.21 43.25 -65.43
C PHE C 360 -17.73 42.81 -66.79
N ARG C 361 -16.51 42.32 -66.91
CA ARG C 361 -16.11 41.67 -68.15
C ARG C 361 -16.67 40.26 -68.24
N GLU C 362 -17.08 39.68 -67.13
CA GLU C 362 -17.77 38.39 -67.13
C GLU C 362 -19.29 38.58 -67.09
N ASN C 363 -19.79 39.24 -66.05
CA ASN C 363 -21.22 39.46 -65.91
C ASN C 363 -21.65 40.68 -66.70
N ASN C 364 -22.79 40.55 -67.38
CA ASN C 364 -23.34 41.68 -68.12
C ASN C 364 -23.99 42.72 -67.23
N ASN C 365 -24.51 42.31 -66.07
CA ASN C 365 -25.35 43.19 -65.28
C ASN C 365 -25.45 42.64 -63.86
N ILE C 366 -25.42 43.52 -62.87
CA ILE C 366 -25.75 43.12 -61.51
C ILE C 366 -27.24 42.79 -61.42
N THR C 367 -27.60 42.05 -60.37
CA THR C 367 -28.96 41.59 -60.21
C THR C 367 -29.38 41.64 -58.75
N PHE C 368 -30.62 42.07 -58.53
CA PHE C 368 -31.22 42.28 -57.21
C PHE C 368 -32.43 41.37 -57.06
N SER C 369 -33.19 41.61 -56.00
CA SER C 369 -34.50 40.99 -55.81
C SER C 369 -35.30 41.87 -54.85
N ASN C 370 -36.49 41.38 -54.51
CA ASN C 370 -37.35 42.02 -53.53
C ASN C 370 -37.83 40.97 -52.55
N ASP C 371 -37.81 41.31 -51.26
CA ASP C 371 -38.26 40.38 -50.24
C ASP C 371 -39.34 41.05 -49.41
N ILE C 382 -46.12 47.47 -39.43
CA ILE C 382 -44.76 47.28 -38.93
C ILE C 382 -43.77 47.49 -40.05
N GLN C 383 -42.48 47.45 -39.70
CA GLN C 383 -41.40 47.62 -40.66
C GLN C 383 -40.97 46.24 -41.16
N LEU C 384 -41.41 45.89 -42.37
CA LEU C 384 -41.25 44.55 -42.89
C LEU C 384 -39.81 44.30 -43.35
N SER C 385 -39.55 43.08 -43.80
CA SER C 385 -38.25 42.71 -44.35
C SER C 385 -38.25 42.92 -45.87
N ALA C 386 -38.43 44.18 -46.27
CA ALA C 386 -38.45 44.56 -47.67
C ALA C 386 -37.07 44.94 -48.19
N LEU C 387 -36.01 44.43 -47.57
CA LEU C 387 -34.65 44.72 -47.99
C LEU C 387 -34.33 43.94 -49.26
N SER C 388 -33.72 44.64 -50.22
CA SER C 388 -33.37 44.01 -51.49
C SER C 388 -32.16 43.12 -51.29
N VAL C 389 -32.33 41.80 -51.45
CA VAL C 389 -31.20 40.90 -51.36
C VAL C 389 -30.37 41.07 -52.64
N PHE C 390 -29.10 40.69 -52.55
CA PHE C 390 -28.21 40.80 -53.70
C PHE C 390 -28.08 39.42 -54.32
N ASN C 391 -28.81 39.20 -55.41
CA ASN C 391 -28.65 37.97 -56.16
C ASN C 391 -27.27 37.92 -56.79
N GLU C 392 -26.69 36.72 -56.82
CA GLU C 392 -25.42 36.42 -57.47
C GLU C 392 -24.29 37.27 -56.87
N GLY C 393 -24.01 36.97 -55.60
CA GLY C 393 -23.03 37.71 -54.85
C GLY C 393 -21.81 36.89 -54.49
N GLU C 394 -22.03 35.60 -54.26
CA GLU C 394 -20.91 34.72 -53.94
C GLU C 394 -19.98 34.52 -55.11
N LYS C 395 -20.46 34.73 -56.33
CA LYS C 395 -19.55 34.80 -57.47
C LYS C 395 -18.74 36.08 -57.44
N PHE C 396 -19.39 37.20 -57.09
CA PHE C 396 -18.66 38.45 -56.96
C PHE C 396 -17.73 38.42 -55.74
N MET C 397 -18.09 37.67 -54.71
CA MET C 397 -17.17 37.51 -53.60
C MET C 397 -15.98 36.65 -53.98
N LYS C 398 -16.20 35.67 -54.86
CA LYS C 398 -15.14 34.72 -55.18
C LYS C 398 -14.03 35.35 -56.00
N ILE C 399 -14.36 36.33 -56.84
CA ILE C 399 -13.33 36.97 -57.64
C ILE C 399 -12.49 37.95 -56.83
N ILE C 400 -13.01 38.43 -55.70
CA ILE C 400 -12.23 39.35 -54.87
C ILE C 400 -11.20 38.57 -54.06
N LEU C 401 -11.49 37.31 -53.72
CA LEU C 401 -10.50 36.51 -53.02
C LEU C 401 -9.35 36.11 -53.93
N GLY C 402 -9.58 36.07 -55.24
CA GLY C 402 -8.53 35.71 -56.17
C GLY C 402 -7.81 36.91 -56.73
N MET C 403 -7.87 38.03 -56.03
CA MET C 403 -7.27 39.26 -56.51
C MET C 403 -5.77 39.24 -56.26
N ASN C 404 -5.02 39.82 -57.21
CA ASN C 404 -3.57 39.93 -57.09
C ASN C 404 -3.14 41.38 -57.27
N HIS C 405 -4.00 42.32 -56.90
CA HIS C 405 -3.73 43.73 -57.11
C HIS C 405 -2.61 44.21 -56.20
N THR C 406 -1.91 45.26 -56.64
CA THR C 406 -0.89 45.92 -55.84
C THR C 406 -1.33 47.35 -55.62
N GLY C 407 -1.88 47.63 -54.44
CA GLY C 407 -2.35 48.95 -54.08
C GLY C 407 -1.24 49.85 -53.59
N VAL C 408 -1.62 50.84 -52.79
CA VAL C 408 -0.61 51.73 -52.23
C VAL C 408 0.18 51.03 -51.14
N THR C 409 -0.43 50.06 -50.46
CA THR C 409 0.25 49.32 -49.41
C THR C 409 0.76 47.97 -49.92
N GLY C 410 1.56 48.04 -50.97
CA GLY C 410 2.27 46.88 -51.48
C GLY C 410 1.35 45.87 -52.13
N PRO C 411 1.75 44.59 -52.09
CA PRO C 411 0.93 43.56 -52.72
C PRO C 411 -0.28 43.24 -51.87
N ILE C 412 -1.32 42.73 -52.53
CA ILE C 412 -2.54 42.30 -51.88
C ILE C 412 -2.84 40.90 -52.35
N GLN C 413 -2.94 39.97 -51.41
CA GLN C 413 -3.32 38.61 -51.74
C GLN C 413 -3.93 38.00 -50.49
N PHE C 414 -4.93 37.14 -50.70
CA PHE C 414 -5.63 36.51 -49.58
C PHE C 414 -5.46 35.01 -49.70
N ASP C 415 -4.89 34.39 -48.67
CA ASP C 415 -4.79 32.94 -48.66
C ASP C 415 -6.07 32.30 -48.17
N SER C 416 -6.01 31.03 -47.78
CA SER C 416 -7.21 30.31 -47.37
C SER C 416 -7.76 30.80 -46.03
N ASP C 417 -6.93 31.44 -45.20
CA ASP C 417 -7.38 31.96 -43.92
C ASP C 417 -7.91 33.38 -44.00
N ARG C 418 -8.06 33.93 -45.21
CA ARG C 418 -8.60 35.26 -45.49
C ARG C 418 -7.78 36.39 -44.86
N ASN C 419 -6.54 36.12 -44.45
CA ASN C 419 -5.64 37.17 -44.02
C ASN C 419 -5.10 37.90 -45.25
N ARG C 420 -4.46 39.03 -45.02
CA ARG C 420 -3.66 39.60 -46.09
C ARG C 420 -2.28 38.98 -46.01
N VAL C 421 -1.62 38.85 -47.16
CA VAL C 421 -0.62 37.79 -47.33
C VAL C 421 0.68 38.10 -46.58
N ASN C 422 1.03 39.38 -46.45
CA ASN C 422 2.32 39.75 -45.86
C ASN C 422 2.12 40.74 -44.73
N PRO C 423 1.88 40.24 -43.51
CA PRO C 423 1.76 41.15 -42.36
C PRO C 423 3.13 41.50 -41.82
N ALA C 424 3.36 42.79 -41.62
CA ALA C 424 4.66 43.27 -41.20
C ALA C 424 4.47 44.42 -40.24
N TYR C 425 5.10 44.35 -39.07
CA TYR C 425 4.91 45.37 -38.05
C TYR C 425 6.22 46.07 -37.72
N GLU C 426 6.20 47.38 -37.87
CA GLU C 426 7.32 48.27 -37.63
C GLU C 426 7.32 48.67 -36.16
N VAL C 427 8.13 47.98 -35.36
CA VAL C 427 8.25 48.29 -33.94
C VAL C 427 8.82 49.69 -33.78
N LEU C 428 8.36 50.42 -32.77
CA LEU C 428 8.94 51.73 -32.52
C LEU C 428 9.01 52.00 -31.04
N ASN C 429 10.04 52.74 -30.64
CA ASN C 429 10.28 53.16 -29.26
C ASN C 429 10.04 54.66 -29.16
N LEU C 430 9.58 55.09 -27.99
CA LEU C 430 9.30 56.50 -27.71
C LEU C 430 10.17 56.88 -26.53
N GLU C 431 11.28 57.59 -26.78
CA GLU C 431 12.16 57.94 -25.67
C GLU C 431 12.49 59.43 -25.64
N GLY C 432 12.49 60.08 -26.79
CA GLY C 432 12.84 61.48 -26.83
C GLY C 432 11.66 62.31 -27.27
N THR C 433 11.84 63.08 -28.35
CA THR C 433 10.74 63.69 -29.06
C THR C 433 10.58 63.07 -30.45
N ALA C 434 11.32 62.02 -30.75
CA ALA C 434 11.30 61.37 -32.05
C ALA C 434 11.06 59.87 -31.90
N PRO C 435 10.06 59.34 -32.59
CA PRO C 435 9.82 57.89 -32.59
C PRO C 435 10.79 57.19 -33.55
N ARG C 436 11.78 56.51 -32.99
CA ARG C 436 12.73 55.74 -33.80
C ARG C 436 12.36 54.27 -33.82
N THR C 437 12.61 53.62 -34.95
CA THR C 437 12.06 52.30 -35.23
C THR C 437 13.13 51.27 -34.92
N VAL C 438 13.01 50.62 -33.75
CA VAL C 438 14.08 49.75 -33.26
C VAL C 438 14.11 48.41 -33.98
N GLY C 439 13.24 48.21 -34.96
CA GLY C 439 13.31 46.98 -35.73
C GLY C 439 12.16 46.90 -36.71
N TYR C 440 11.88 45.66 -37.14
CA TYR C 440 10.75 45.34 -37.99
C TYR C 440 10.36 43.89 -37.72
N TRP C 441 9.09 43.65 -37.40
CA TRP C 441 8.56 42.30 -37.29
C TRP C 441 7.90 41.92 -38.59
N SER C 442 8.09 40.68 -39.03
CA SER C 442 7.41 40.17 -40.21
C SER C 442 6.78 38.83 -39.90
N ASN C 443 5.86 38.39 -40.76
CA ASN C 443 5.42 37.01 -40.65
C ASN C 443 6.53 36.05 -41.05
N HIS C 444 7.39 36.47 -41.97
CA HIS C 444 8.32 35.56 -42.61
C HIS C 444 9.44 35.16 -41.66
N SER C 445 10.25 36.12 -41.23
CA SER C 445 11.38 35.85 -40.36
C SER C 445 11.06 36.16 -38.90
N GLY C 446 10.57 37.36 -38.62
CA GLY C 446 10.27 37.73 -37.26
C GLY C 446 11.43 38.43 -36.59
N LEU C 447 11.21 39.71 -36.27
CA LEU C 447 12.15 40.58 -35.57
C LEU C 447 13.49 40.74 -36.30
N SER C 448 13.46 41.40 -37.44
CA SER C 448 14.66 41.79 -38.15
C SER C 448 15.10 43.17 -37.68
N VAL C 449 16.10 43.73 -38.36
CA VAL C 449 16.44 45.14 -38.23
C VAL C 449 16.51 45.72 -39.63
N VAL C 450 16.62 44.85 -40.63
CA VAL C 450 16.52 45.27 -42.01
C VAL C 450 15.06 45.56 -42.35
N HIS C 451 14.85 46.21 -43.48
CA HIS C 451 13.49 46.34 -43.99
C HIS C 451 12.96 44.97 -44.39
N PRO C 452 11.78 44.57 -43.92
CA PRO C 452 11.36 43.18 -44.05
C PRO C 452 10.91 42.76 -45.44
N GLU C 453 11.10 43.59 -46.47
CA GLU C 453 10.89 43.14 -47.83
C GLU C 453 12.09 42.39 -48.39
N THR C 454 13.26 42.51 -47.75
CA THR C 454 14.45 41.85 -48.27
C THR C 454 14.38 40.35 -48.08
N LEU C 455 13.88 39.90 -46.95
CA LEU C 455 13.93 38.48 -46.61
C LEU C 455 12.83 37.68 -47.26
N TYR C 456 11.94 38.31 -48.04
CA TYR C 456 10.81 37.59 -48.61
C TYR C 456 11.22 36.65 -49.72
N SER C 457 12.35 36.90 -50.38
CA SER C 457 12.86 35.97 -51.38
C SER C 457 13.76 34.90 -50.77
N ARG C 458 14.22 35.10 -49.53
CA ARG C 458 15.07 34.14 -48.85
C ARG C 458 14.27 32.92 -48.42
N PRO C 459 14.93 31.85 -47.99
CA PRO C 459 14.26 30.85 -47.17
C PRO C 459 13.92 31.42 -45.80
N PRO C 460 12.95 30.83 -45.10
CA PRO C 460 12.65 31.30 -43.74
C PRO C 460 13.74 30.93 -42.76
N ASN C 461 14.57 31.90 -42.38
CA ASN C 461 15.69 31.65 -41.48
C ASN C 461 15.20 31.79 -40.04
N THR C 462 15.16 30.68 -39.33
CA THR C 462 14.71 30.66 -37.94
C THR C 462 15.95 30.48 -37.06
N SER C 463 16.62 31.59 -36.77
CA SER C 463 17.87 31.57 -36.01
C SER C 463 17.78 32.57 -34.87
N THR C 464 18.50 32.29 -33.79
CA THR C 464 18.55 33.21 -32.67
C THR C 464 19.33 34.47 -33.00
N ALA C 465 20.28 34.40 -33.93
CA ALA C 465 20.95 35.59 -34.40
C ALA C 465 20.10 36.37 -35.40
N ASN C 466 18.99 35.79 -35.87
CA ASN C 466 18.10 36.50 -36.77
C ASN C 466 17.10 37.34 -36.00
N GLN C 467 16.58 36.80 -34.90
CA GLN C 467 15.72 37.58 -34.01
C GLN C 467 16.58 38.58 -33.27
N ARG C 468 16.62 39.80 -33.77
CA ARG C 468 17.59 40.78 -33.31
C ARG C 468 16.97 42.16 -33.37
N LEU C 469 17.20 42.96 -32.34
CA LEU C 469 16.62 44.28 -32.24
C LEU C 469 17.67 45.29 -31.80
N LYS C 470 17.39 46.56 -32.08
CA LYS C 470 18.32 47.63 -31.78
C LYS C 470 18.28 48.00 -30.31
N GLY C 471 18.84 49.16 -29.98
CA GLY C 471 18.83 49.63 -28.60
C GLY C 471 17.48 50.17 -28.18
N ILE C 472 16.90 49.55 -27.16
CA ILE C 472 15.56 49.89 -26.68
C ILE C 472 15.71 50.67 -25.39
N ILE C 473 15.02 51.80 -25.29
CA ILE C 473 14.98 52.59 -24.07
C ILE C 473 13.66 52.31 -23.37
N TYR C 474 13.73 51.63 -22.23
CA TYR C 474 12.56 51.33 -21.42
C TYR C 474 12.24 52.53 -20.55
N PRO C 475 11.07 52.57 -19.91
CA PRO C 475 10.75 53.72 -19.04
C PRO C 475 11.62 53.75 -17.80
N GLY C 476 11.69 54.94 -17.22
CA GLY C 476 12.69 55.25 -16.22
C GLY C 476 14.05 55.56 -16.80
N GLU C 477 14.13 55.74 -18.12
CA GLU C 477 15.35 56.05 -18.88
C GLU C 477 16.42 54.98 -18.73
N VAL C 478 16.04 53.77 -18.39
CA VAL C 478 16.96 52.65 -18.33
C VAL C 478 17.07 52.06 -19.73
N THR C 479 18.08 51.25 -19.96
CA THR C 479 18.23 50.58 -21.25
C THR C 479 18.62 49.13 -21.15
N LYS C 480 19.02 48.64 -19.99
CA LYS C 480 18.96 47.21 -19.74
C LYS C 480 17.50 46.82 -19.59
N PRO C 481 17.07 45.69 -20.14
CA PRO C 481 15.66 45.28 -20.05
C PRO C 481 15.26 45.01 -18.62
N PRO C 482 14.28 45.76 -18.10
CA PRO C 482 13.95 45.66 -16.68
C PRO C 482 13.23 44.36 -16.37
N ARG C 483 13.53 43.83 -15.20
CA ARG C 483 12.97 42.56 -14.79
C ARG C 483 11.47 42.70 -14.53
N GLY C 484 10.70 41.76 -15.05
CA GLY C 484 9.27 41.83 -14.99
C GLY C 484 8.69 41.64 -13.60
N TRP C 485 9.17 40.62 -12.89
CA TRP C 485 8.60 40.25 -11.61
C TRP C 485 8.83 41.32 -10.55
N VAL C 486 7.78 41.59 -9.77
CA VAL C 486 7.84 42.40 -8.57
C VAL C 486 6.89 41.74 -7.59
N PHE C 487 7.35 41.48 -6.37
CA PHE C 487 6.54 40.76 -5.40
C PHE C 487 5.33 41.59 -4.99
N PRO C 488 4.14 41.01 -4.95
CA PRO C 488 2.93 41.80 -4.77
C PRO C 488 2.74 42.29 -3.35
N ASN C 489 1.97 43.37 -3.23
CA ASN C 489 1.67 43.98 -1.94
C ASN C 489 0.25 43.68 -1.50
N ASN C 490 -0.29 42.53 -1.87
CA ASN C 490 -1.68 42.20 -1.60
C ASN C 490 -1.87 41.72 -0.17
N GLY C 491 -3.04 41.14 0.10
CA GLY C 491 -3.35 40.64 1.42
C GLY C 491 -2.60 39.41 1.86
N LYS C 492 -1.85 38.77 0.95
CA LYS C 492 -1.06 37.61 1.34
C LYS C 492 0.33 38.05 1.78
N PRO C 493 0.80 37.63 2.93
CA PRO C 493 2.22 37.80 3.26
C PRO C 493 3.01 36.54 2.91
N LEU C 494 4.32 36.72 2.80
CA LEU C 494 5.23 35.63 2.47
C LEU C 494 5.37 34.71 3.67
N ARG C 495 4.79 33.50 3.60
CA ARG C 495 4.80 32.60 4.75
C ARG C 495 6.16 31.90 4.85
N ILE C 496 7.10 32.56 5.52
CA ILE C 496 8.38 31.93 5.81
C ILE C 496 8.18 30.82 6.83
N GLY C 497 8.55 29.60 6.46
CA GLY C 497 8.46 28.48 7.37
C GLY C 497 9.75 28.20 8.11
N VAL C 498 9.81 28.61 9.36
CA VAL C 498 11.01 28.51 10.17
C VAL C 498 10.91 27.25 11.03
N PRO C 499 11.95 26.42 11.08
CA PRO C 499 11.91 25.26 11.95
C PRO C 499 12.06 25.65 13.41
N ASN C 500 11.64 24.75 14.28
CA ASN C 500 11.55 25.01 15.71
C ASN C 500 12.63 24.19 16.39
N ARG C 501 13.80 24.80 16.55
CA ARG C 501 15.00 24.08 16.96
C ARG C 501 15.07 23.96 18.48
N VAL C 502 15.36 22.76 18.96
CA VAL C 502 15.70 22.54 20.35
C VAL C 502 17.21 22.46 20.54
N SER C 503 17.89 21.67 19.71
CA SER C 503 19.34 21.61 19.70
C SER C 503 19.90 22.67 18.77
N TYR C 504 21.00 23.31 19.20
CA TYR C 504 21.74 24.33 18.45
C TYR C 504 20.83 25.50 18.06
N THR C 505 20.42 26.25 19.07
CA THR C 505 19.56 27.41 18.85
C THR C 505 20.34 28.67 18.52
N ASP C 506 21.53 28.53 17.92
CA ASP C 506 22.27 29.65 17.40
C ASP C 506 21.97 29.90 15.93
N TYR C 507 21.70 28.85 15.17
CA TYR C 507 21.48 29.01 13.73
C TYR C 507 20.10 29.58 13.44
N VAL C 508 19.07 29.02 14.06
CA VAL C 508 17.71 29.49 13.90
C VAL C 508 16.91 29.01 15.11
N SER C 509 16.04 29.87 15.64
CA SER C 509 15.49 29.58 16.96
C SER C 509 14.19 30.32 17.20
N LYS C 510 13.43 29.81 18.16
CA LYS C 510 12.31 30.55 18.71
C LYS C 510 12.80 31.80 19.43
N ASP C 511 12.01 32.87 19.38
CA ASP C 511 12.40 34.11 20.03
C ASP C 511 11.16 34.87 20.46
N LYS C 512 11.31 35.67 21.51
CA LYS C 512 10.26 36.53 22.03
C LYS C 512 10.25 37.91 21.39
N ASN C 513 11.14 38.16 20.43
CA ASN C 513 11.26 39.46 19.81
C ASN C 513 10.11 39.70 18.83
N PRO C 514 9.81 40.96 18.49
CA PRO C 514 8.72 41.25 17.53
C PRO C 514 8.95 40.75 16.11
N PRO C 515 10.17 40.41 15.64
CA PRO C 515 10.20 39.56 14.43
C PRO C 515 9.68 38.16 14.68
N GLY C 516 10.02 37.56 15.81
CA GLY C 516 9.50 36.26 16.16
C GLY C 516 10.52 35.15 16.15
N VAL C 517 11.58 35.25 15.36
CA VAL C 517 12.62 34.23 15.31
C VAL C 517 13.99 34.89 15.38
N ARG C 518 14.98 34.08 15.73
CA ARG C 518 16.33 34.54 16.00
C ARG C 518 17.30 33.51 15.44
N GLY C 519 18.43 33.98 14.97
CA GLY C 519 19.46 33.04 14.63
C GLY C 519 20.48 33.63 13.69
N TYR C 520 21.06 32.77 12.87
CA TYR C 520 21.99 33.14 11.82
C TYR C 520 21.37 33.12 10.44
N CYS C 521 20.71 32.02 10.06
CA CYS C 521 20.11 31.93 8.75
C CYS C 521 18.98 32.92 8.55
N ILE C 522 18.31 33.30 9.64
CA ILE C 522 17.32 34.36 9.55
C ILE C 522 17.96 35.68 9.18
N ASP C 523 19.10 36.00 9.78
CA ASP C 523 19.74 37.27 9.48
C ASP C 523 20.52 37.23 8.17
N VAL C 524 20.77 36.04 7.62
CA VAL C 524 21.20 36.00 6.23
C VAL C 524 20.02 36.25 5.31
N PHE C 525 18.86 35.71 5.67
CA PHE C 525 17.65 35.93 4.89
C PHE C 525 17.18 37.37 4.98
N GLU C 526 17.30 37.99 6.15
CA GLU C 526 16.95 39.40 6.30
C GLU C 526 17.88 40.29 5.50
N ALA C 527 19.18 40.02 5.54
CA ALA C 527 20.13 40.88 4.85
C ALA C 527 20.18 40.64 3.35
N ALA C 528 19.39 39.71 2.82
CA ALA C 528 19.23 39.60 1.39
C ALA C 528 18.01 40.36 0.90
N ILE C 529 17.03 40.59 1.79
CA ILE C 529 15.81 41.29 1.44
C ILE C 529 16.08 42.75 1.09
N GLU C 530 16.88 43.45 1.90
CA GLU C 530 17.20 44.82 1.58
C GLU C 530 18.20 44.98 0.44
N LEU C 531 18.66 43.89 -0.17
CA LEU C 531 19.35 44.04 -1.45
C LEU C 531 18.39 44.03 -2.62
N LEU C 532 17.24 43.41 -2.47
CA LEU C 532 16.27 43.36 -3.53
C LEU C 532 15.56 44.71 -3.65
N PRO C 533 15.14 45.09 -4.85
CA PRO C 533 14.32 46.29 -5.03
C PRO C 533 12.86 46.14 -4.66
N TYR C 534 12.48 45.09 -3.94
CA TYR C 534 11.08 44.71 -3.80
C TYR C 534 10.69 44.97 -2.36
N PRO C 535 9.72 45.79 -2.07
CA PRO C 535 9.18 45.80 -0.70
C PRO C 535 8.36 44.56 -0.44
N VAL C 536 8.89 43.62 0.34
CA VAL C 536 8.31 42.29 0.48
C VAL C 536 7.66 42.19 1.86
N PRO C 537 6.33 42.14 1.95
CA PRO C 537 5.70 41.81 3.22
C PRO C 537 5.87 40.34 3.54
N ARG C 538 6.09 40.06 4.82
CA ARG C 538 6.45 38.70 5.19
C ARG C 538 6.12 38.44 6.65
N THR C 539 5.83 37.18 6.95
CA THR C 539 5.54 36.72 8.29
C THR C 539 6.47 35.54 8.59
N TYR C 540 6.49 35.13 9.86
CA TYR C 540 7.33 34.01 10.28
C TYR C 540 6.50 33.02 11.06
N ILE C 541 6.30 31.84 10.50
CA ILE C 541 5.51 30.80 11.13
C ILE C 541 6.46 29.70 11.58
N LEU C 542 6.49 29.43 12.87
CA LEU C 542 7.29 28.32 13.38
C LEU C 542 6.63 27.00 12.99
N TYR C 543 7.41 25.94 12.99
CA TYR C 543 6.88 24.69 12.47
C TYR C 543 6.72 23.58 13.50
N GLY C 544 7.79 23.21 14.21
CA GLY C 544 7.78 22.04 15.03
C GLY C 544 7.47 22.31 16.50
N ASP C 545 7.51 21.23 17.27
CA ASP C 545 7.34 21.34 18.71
C ASP C 545 8.61 21.88 19.36
N GLY C 546 8.49 22.22 20.63
CA GLY C 546 9.62 22.64 21.43
C GLY C 546 10.31 21.52 22.16
N LYS C 547 10.08 20.27 21.78
CA LYS C 547 10.67 19.12 22.46
C LYS C 547 11.81 18.49 21.69
N ARG C 548 11.73 18.40 20.37
CA ARG C 548 12.79 17.83 19.55
C ARG C 548 12.91 18.66 18.28
N ASN C 549 13.83 18.26 17.41
CA ASN C 549 13.94 18.91 16.13
C ASN C 549 12.74 18.53 15.25
N PRO C 550 12.30 19.40 14.36
CA PRO C 550 11.29 19.00 13.39
C PRO C 550 11.91 18.26 12.23
N SER C 551 11.16 17.28 11.73
CA SER C 551 11.61 16.45 10.62
C SER C 551 11.71 17.31 9.37
N TYR C 552 12.93 17.51 8.87
CA TYR C 552 13.09 18.41 7.74
C TYR C 552 12.60 17.82 6.43
N ASP C 553 12.35 16.52 6.36
CA ASP C 553 11.62 16.01 5.20
C ASP C 553 10.14 16.32 5.31
N ASN C 554 9.67 16.62 6.52
CA ASN C 554 8.31 17.13 6.68
C ASN C 554 8.27 18.64 6.81
N LEU C 555 9.41 19.33 6.71
CA LEU C 555 9.37 20.78 6.50
C LEU C 555 9.27 21.10 5.03
N VAL C 556 10.11 20.45 4.21
CA VAL C 556 10.06 20.63 2.76
C VAL C 556 8.78 20.05 2.18
N ASN C 557 8.20 19.03 2.83
CA ASN C 557 6.88 18.57 2.42
C ASN C 557 5.81 19.63 2.66
N GLU C 558 6.03 20.52 3.61
CA GLU C 558 5.11 21.64 3.80
C GLU C 558 5.44 22.83 2.93
N VAL C 559 6.34 22.69 1.97
CA VAL C 559 6.55 23.68 0.93
C VAL C 559 6.03 23.18 -0.42
N VAL C 560 6.12 21.88 -0.65
CA VAL C 560 5.52 21.28 -1.85
C VAL C 560 4.02 21.41 -1.81
N ALA C 561 3.40 21.11 -0.66
CA ALA C 561 1.97 21.27 -0.48
C ALA C 561 1.56 22.71 -0.20
N ASP C 562 2.47 23.67 -0.35
CA ASP C 562 2.21 25.10 -0.46
C ASP C 562 1.61 25.68 0.82
N ASN C 563 1.85 25.04 1.96
CA ASN C 563 1.49 25.67 3.22
C ASN C 563 2.46 26.80 3.57
N PHE C 564 3.71 26.68 3.17
CA PHE C 564 4.70 27.73 3.32
C PHE C 564 5.26 28.09 1.96
N ASP C 565 5.37 29.39 1.68
CA ASP C 565 5.97 29.78 0.43
C ASP C 565 7.48 29.60 0.42
N VAL C 566 8.12 29.57 1.58
CA VAL C 566 9.57 29.48 1.69
C VAL C 566 9.97 28.91 3.04
N ALA C 567 10.85 27.91 3.06
CA ALA C 567 11.40 27.40 4.30
C ALA C 567 12.80 27.96 4.46
N VAL C 568 12.96 28.90 5.40
CA VAL C 568 14.25 29.47 5.75
C VAL C 568 14.75 28.73 6.97
N GLY C 569 15.95 28.18 6.89
CA GLY C 569 16.55 27.55 8.04
C GLY C 569 17.83 26.85 7.70
N ASP C 570 17.98 25.64 8.21
CA ASP C 570 19.16 24.83 7.98
C ASP C 570 18.88 23.73 6.98
N ILE C 571 18.10 24.04 5.96
CA ILE C 571 17.66 23.02 5.02
C ILE C 571 18.83 22.67 4.10
N THR C 572 19.13 21.37 4.00
CA THR C 572 20.32 20.88 3.35
C THR C 572 19.95 20.26 2.01
N ILE C 573 20.74 20.57 0.99
CA ILE C 573 20.41 20.20 -0.39
C ILE C 573 20.68 18.71 -0.60
N VAL C 574 19.61 17.93 -0.72
CA VAL C 574 19.70 16.51 -1.05
C VAL C 574 18.99 16.34 -2.38
N THR C 575 19.23 15.22 -3.06
CA THR C 575 18.74 15.08 -4.42
C THR C 575 17.32 14.54 -4.49
N ASN C 576 16.59 14.48 -3.37
CA ASN C 576 15.14 14.59 -3.53
C ASN C 576 14.68 16.02 -3.31
N ARG C 577 15.33 16.71 -2.39
CA ARG C 577 14.87 18.05 -2.04
C ARG C 577 15.09 19.03 -3.18
N THR C 578 16.12 18.80 -4.00
CA THR C 578 16.28 19.64 -5.17
C THR C 578 15.25 19.28 -6.23
N ARG C 579 14.70 18.08 -6.16
CA ARG C 579 13.78 17.62 -7.20
C ARG C 579 12.39 18.22 -7.00
N TYR C 580 11.93 18.34 -5.77
CA TYR C 580 10.57 18.78 -5.54
C TYR C 580 10.43 20.27 -5.30
N VAL C 581 11.43 20.94 -4.71
CA VAL C 581 11.40 22.38 -4.56
C VAL C 581 12.64 22.95 -5.25
N ASP C 582 12.72 24.27 -5.31
CA ASP C 582 13.92 24.93 -5.80
C ASP C 582 14.68 25.55 -4.65
N PHE C 583 15.99 25.45 -4.71
CA PHE C 583 16.85 26.07 -3.71
C PHE C 583 17.55 27.28 -4.28
N THR C 584 18.14 28.07 -3.39
CA THR C 584 19.00 29.14 -3.83
C THR C 584 20.40 28.59 -4.03
N GLN C 585 21.38 29.45 -4.19
CA GLN C 585 22.75 28.99 -4.16
C GLN C 585 23.13 28.64 -2.73
N PRO C 586 24.07 27.74 -2.54
CA PRO C 586 24.53 27.44 -1.18
C PRO C 586 25.25 28.61 -0.56
N PHE C 587 24.62 29.23 0.44
CA PHE C 587 25.22 30.37 1.11
C PHE C 587 26.23 29.97 2.16
N ILE C 588 26.25 28.70 2.57
CA ILE C 588 27.27 28.18 3.48
C ILE C 588 27.53 26.74 3.08
N GLU C 589 28.73 26.26 3.35
CA GLU C 589 29.12 24.91 2.97
C GLU C 589 29.05 23.98 4.17
N SER C 590 28.66 22.73 3.92
CA SER C 590 28.50 21.77 4.98
C SER C 590 28.77 20.38 4.44
N GLY C 591 29.16 19.49 5.34
CA GLY C 591 29.34 18.10 4.98
C GLY C 591 29.17 17.24 6.21
N LEU C 592 28.74 16.01 5.98
CA LEU C 592 28.62 15.07 7.08
C LEU C 592 30.00 14.63 7.54
N VAL C 593 30.29 14.82 8.82
CA VAL C 593 31.55 14.37 9.39
C VAL C 593 31.25 13.31 10.43
N VAL C 594 32.31 12.75 11.04
CA VAL C 594 32.18 11.75 12.08
C VAL C 594 32.94 12.27 13.29
N VAL C 595 32.23 12.63 14.34
CA VAL C 595 32.87 13.04 15.58
C VAL C 595 32.90 11.85 16.51
N ALA C 596 33.95 11.76 17.33
CA ALA C 596 34.30 10.57 18.08
C ALA C 596 35.27 10.98 19.18
N PRO C 597 35.40 10.18 20.24
CA PRO C 597 36.36 10.52 21.28
C PRO C 597 37.81 10.41 20.81
N VAL C 598 38.65 11.27 21.39
CA VAL C 598 40.07 11.35 21.03
C VAL C 598 40.85 10.18 21.60
N LYS C 599 42.08 10.03 21.14
CA LYS C 599 42.97 8.98 21.65
C LYS C 599 43.64 9.45 22.94
N GLU C 600 43.31 8.80 24.04
CA GLU C 600 43.97 9.05 25.32
C GLU C 600 44.99 7.94 25.54
N ALA C 601 46.18 8.11 24.96
CA ALA C 601 47.27 7.15 25.09
C ALA C 601 48.11 7.56 26.30
N LYS C 602 48.09 6.73 27.33
CA LYS C 602 48.74 7.08 28.58
C LYS C 602 50.25 6.95 28.47
N SER C 603 50.95 7.53 29.44
CA SER C 603 52.40 7.47 29.51
C SER C 603 52.81 7.62 30.97
N SER C 604 53.53 6.64 31.49
CA SER C 604 53.90 6.61 32.90
C SER C 604 55.03 5.60 33.08
N PRO C 605 55.80 5.71 34.17
CA PRO C 605 56.55 4.55 34.65
C PRO C 605 55.65 3.45 35.20
N TRP C 606 54.40 3.77 35.54
CA TRP C 606 53.41 2.74 35.78
C TRP C 606 53.11 1.97 34.51
N SER C 607 53.10 2.66 33.36
CA SER C 607 52.92 1.99 32.08
C SER C 607 54.15 1.17 31.71
N PHE C 608 55.31 1.50 32.26
CA PHE C 608 56.49 0.66 32.14
C PHE C 608 56.30 -0.66 32.88
N LEU C 609 56.04 -0.59 34.18
CA LEU C 609 55.89 -1.79 35.02
C LEU C 609 54.54 -2.47 34.88
N LYS C 610 53.67 -1.97 34.00
CA LYS C 610 52.33 -2.52 33.85
C LYS C 610 52.22 -4.02 33.49
N PRO C 611 53.05 -4.63 32.63
CA PRO C 611 52.76 -6.04 32.25
C PRO C 611 52.90 -7.08 33.36
N PHE C 612 53.31 -6.71 34.57
CA PHE C 612 53.11 -7.59 35.70
C PHE C 612 52.30 -6.89 36.78
N THR C 613 51.61 -7.71 37.58
CA THR C 613 50.88 -7.26 38.74
C THR C 613 51.86 -6.68 39.76
N ILE C 614 51.37 -5.75 40.60
CA ILE C 614 52.18 -5.14 41.64
C ILE C 614 52.65 -6.20 42.64
N GLU C 615 51.86 -7.25 42.86
CA GLU C 615 52.36 -8.37 43.64
C GLU C 615 53.43 -9.18 42.91
N MET C 616 53.38 -9.21 41.57
CA MET C 616 54.37 -10.00 40.83
C MET C 616 55.72 -9.32 40.81
N TRP C 617 55.76 -7.98 40.82
CA TRP C 617 57.03 -7.28 40.88
C TRP C 617 57.70 -7.42 42.25
N ALA C 618 56.95 -7.82 43.28
CA ALA C 618 57.57 -8.09 44.58
C ALA C 618 57.92 -9.57 44.73
N VAL C 619 57.19 -10.46 44.07
CA VAL C 619 57.53 -11.88 44.10
C VAL C 619 58.78 -12.13 43.27
N THR C 620 58.87 -11.50 42.09
CA THR C 620 60.02 -11.70 41.21
C THR C 620 61.28 -11.10 41.80
N GLY C 621 61.20 -9.85 42.27
CA GLY C 621 62.31 -9.27 42.99
C GLY C 621 62.58 -9.92 44.32
N GLY C 622 61.56 -10.57 44.89
CA GLY C 622 61.77 -11.30 46.14
C GLY C 622 62.45 -12.64 45.92
N PHE C 623 62.06 -13.36 44.88
CA PHE C 623 62.67 -14.65 44.56
C PHE C 623 63.85 -14.52 43.61
N PHE C 624 64.51 -13.36 43.60
CA PHE C 624 65.91 -13.28 43.19
C PHE C 624 66.85 -13.13 44.38
N LEU C 625 66.35 -12.66 45.52
CA LEU C 625 67.19 -12.57 46.71
C LEU C 625 67.13 -13.86 47.52
N PHE C 626 65.97 -14.51 47.59
CA PHE C 626 65.89 -15.79 48.28
C PHE C 626 66.61 -16.87 47.49
N VAL C 627 66.55 -16.81 46.16
CA VAL C 627 67.43 -17.64 45.35
C VAL C 627 68.86 -17.13 45.44
N GLY C 628 69.03 -15.82 45.59
CA GLY C 628 70.35 -15.26 45.84
C GLY C 628 70.89 -15.61 47.21
N ALA C 629 70.01 -15.84 48.18
CA ALA C 629 70.45 -16.34 49.49
C ALA C 629 70.79 -17.81 49.43
N MET C 630 70.34 -18.54 48.41
CA MET C 630 70.75 -19.92 48.25
C MET C 630 72.21 -20.01 47.81
N VAL C 631 72.73 -18.94 47.20
CA VAL C 631 74.14 -18.88 46.85
C VAL C 631 75.02 -18.83 48.10
N TRP C 632 74.56 -18.15 49.16
CA TRP C 632 75.32 -18.05 50.40
C TRP C 632 75.43 -19.39 51.09
N ILE C 633 74.42 -20.25 50.92
CA ILE C 633 74.47 -21.60 51.46
C ILE C 633 75.53 -22.42 50.73
N LEU C 634 75.65 -22.25 49.41
CA LEU C 634 76.74 -22.89 48.69
C LEU C 634 78.07 -22.18 48.95
N GLU C 635 78.03 -20.89 49.27
CA GLU C 635 79.26 -20.15 49.58
C GLU C 635 79.47 -20.05 51.09
N GLN C 649 76.70 -4.19 54.14
CA GLN C 649 76.37 -3.90 52.75
C GLN C 649 77.48 -4.33 51.79
N LEU C 650 78.73 -4.04 52.19
CA LEU C 650 79.88 -4.39 51.35
C LEU C 650 80.16 -5.88 51.34
N ILE C 651 79.77 -6.61 52.39
CA ILE C 651 79.96 -8.05 52.41
C ILE C 651 78.91 -8.74 51.55
N THR C 652 77.70 -8.18 51.50
CA THR C 652 76.62 -8.79 50.74
C THR C 652 76.81 -8.60 49.23
N ILE C 653 77.67 -7.67 48.82
CA ILE C 653 77.94 -7.47 47.40
C ILE C 653 78.95 -8.47 46.87
N PHE C 654 79.50 -9.33 47.73
CA PHE C 654 80.46 -10.34 47.27
C PHE C 654 79.77 -11.45 46.49
N TRP C 655 78.47 -11.65 46.70
CA TRP C 655 77.76 -12.69 45.97
C TRP C 655 77.48 -12.27 44.53
N PHE C 656 77.33 -10.96 44.29
CA PHE C 656 77.13 -10.47 42.94
C PHE C 656 78.37 -10.61 42.07
N SER C 657 79.55 -10.64 42.68
CA SER C 657 80.76 -10.95 41.94
C SER C 657 80.86 -12.43 41.62
N PHE C 658 80.12 -13.27 42.34
CA PHE C 658 80.13 -14.71 42.12
C PHE C 658 78.98 -15.19 41.25
N SER C 659 77.89 -14.43 41.14
CA SER C 659 76.73 -14.80 40.35
C SER C 659 76.69 -14.06 39.01
N THR C 660 77.85 -13.81 38.42
CA THR C 660 77.90 -13.07 37.15
C THR C 660 77.55 -13.98 35.98
N MET C 661 78.18 -15.13 35.90
CA MET C 661 77.92 -16.07 34.81
C MET C 661 77.73 -17.50 35.34
N SER C 672 79.18 -28.96 40.60
CA SER C 672 78.72 -29.22 41.97
C SER C 672 77.21 -29.13 42.05
N LEU C 673 76.70 -28.78 43.23
CA LEU C 673 75.27 -28.61 43.42
C LEU C 673 74.81 -27.19 43.19
N GLY C 674 75.69 -26.20 43.43
CA GLY C 674 75.35 -24.81 43.17
C GLY C 674 75.21 -24.48 41.70
N ARG C 675 75.86 -25.24 40.83
CA ARG C 675 75.64 -25.10 39.40
C ARG C 675 74.25 -25.57 39.01
N PHE C 676 73.70 -26.56 39.72
CA PHE C 676 72.35 -27.01 39.43
C PHE C 676 71.31 -26.00 39.90
N VAL C 677 71.66 -25.18 40.89
CA VAL C 677 70.79 -24.07 41.25
C VAL C 677 70.79 -23.03 40.13
N LEU C 678 71.93 -22.83 39.47
CA LEU C 678 72.03 -21.88 38.38
C LEU C 678 71.32 -22.36 37.12
N ILE C 679 71.16 -23.68 36.93
CA ILE C 679 70.48 -24.19 35.75
C ILE C 679 68.99 -23.94 35.84
N ILE C 680 68.39 -24.19 37.00
CA ILE C 680 66.95 -23.95 37.17
C ILE C 680 66.66 -22.46 37.21
N TRP C 681 67.52 -21.69 37.88
CA TRP C 681 67.37 -20.23 37.91
C TRP C 681 67.55 -19.60 36.53
N LEU C 682 68.30 -20.25 35.64
CA LEU C 682 68.38 -19.78 34.26
C LEU C 682 67.03 -19.90 33.56
N PHE C 683 66.37 -21.05 33.69
CA PHE C 683 65.10 -21.25 33.01
C PHE C 683 63.98 -20.47 33.68
N VAL C 684 64.19 -19.94 34.89
CA VAL C 684 63.26 -18.98 35.44
C VAL C 684 63.37 -17.65 34.71
N VAL C 685 64.60 -17.15 34.57
CA VAL C 685 64.81 -15.87 33.90
C VAL C 685 64.54 -16.00 32.41
N LEU C 686 64.68 -17.19 31.83
CA LEU C 686 64.22 -17.41 30.45
C LEU C 686 62.72 -17.63 30.35
N ILE C 687 61.97 -17.41 31.42
CA ILE C 687 60.52 -17.33 31.36
C ILE C 687 60.02 -15.95 31.73
N ILE C 688 60.62 -15.32 32.74
CA ILE C 688 60.28 -13.94 33.05
C ILE C 688 60.75 -12.98 31.97
N ASN C 689 61.79 -13.34 31.20
CA ASN C 689 62.01 -12.66 29.93
C ASN C 689 60.91 -13.00 28.95
N SER C 690 60.52 -14.26 28.89
CA SER C 690 59.63 -14.71 27.85
C SER C 690 58.16 -14.60 28.22
N SER C 691 57.84 -13.96 29.33
CA SER C 691 56.47 -13.59 29.61
C SER C 691 56.26 -12.10 29.68
N TYR C 692 57.26 -11.37 30.17
CA TYR C 692 57.18 -9.91 30.17
C TYR C 692 57.14 -9.35 28.75
N THR C 693 57.76 -10.04 27.81
CA THR C 693 57.54 -9.74 26.40
C THR C 693 56.10 -10.05 26.02
N ALA C 694 55.56 -11.17 26.47
CA ALA C 694 54.23 -11.56 26.04
C ALA C 694 53.13 -10.79 26.73
N SER C 695 53.44 -10.03 27.77
CA SER C 695 52.44 -9.16 28.32
C SER C 695 52.73 -7.69 28.05
N LEU C 696 53.83 -7.39 27.37
CA LEU C 696 54.01 -6.04 26.83
C LEU C 696 53.60 -6.00 25.36
N THR C 697 53.64 -7.14 24.67
CA THR C 697 53.01 -7.24 23.36
C THR C 697 51.49 -7.19 23.50
N SER C 698 50.93 -8.00 24.38
CA SER C 698 49.49 -8.11 24.52
C SER C 698 48.84 -6.88 25.13
N ILE C 699 49.62 -5.91 25.60
CA ILE C 699 49.09 -4.58 25.85
C ILE C 699 49.24 -3.71 24.61
N LEU C 700 50.39 -3.75 23.96
CA LEU C 700 50.64 -2.87 22.82
C LEU C 700 49.98 -3.34 21.53
N THR C 701 49.19 -4.41 21.56
CA THR C 701 48.37 -4.73 20.40
C THR C 701 46.92 -4.40 20.67
N ILE C 702 46.44 -4.72 21.87
CA ILE C 702 45.04 -4.46 22.23
C ILE C 702 44.81 -2.97 22.41
N ARG C 703 45.85 -2.21 22.77
CA ARG C 703 45.77 -0.76 22.71
C ARG C 703 45.60 -0.27 21.28
N GLN C 704 46.16 -0.98 20.31
CA GLN C 704 46.00 -0.59 18.91
C GLN C 704 44.71 -1.15 18.32
N LEU C 705 44.45 -2.43 18.56
CA LEU C 705 43.29 -3.12 17.98
C LEU C 705 42.05 -3.03 18.85
N THR C 706 41.91 -1.98 19.64
CA THR C 706 40.66 -1.73 20.31
C THR C 706 39.63 -1.23 19.29
N SER C 707 38.42 -0.94 19.79
CA SER C 707 37.33 -0.49 18.93
C SER C 707 37.66 0.92 18.44
N ARG C 708 38.17 1.02 17.22
CA ARG C 708 38.65 2.26 16.65
C ARG C 708 37.88 2.59 15.38
N ILE C 709 37.80 3.89 15.09
CA ILE C 709 37.26 4.41 13.84
C ILE C 709 38.15 5.56 13.39
N GLU C 710 38.54 5.54 12.11
CA GLU C 710 39.36 6.60 11.53
C GLU C 710 38.81 7.01 10.17
N GLY C 711 37.54 6.74 9.94
CA GLY C 711 36.91 7.06 8.67
C GLY C 711 35.50 6.51 8.68
N ILE C 712 34.74 6.91 7.67
CA ILE C 712 33.36 6.46 7.60
C ILE C 712 33.30 4.97 7.22
N ASP C 713 34.30 4.48 6.47
CA ASP C 713 34.33 3.06 6.15
C ASP C 713 34.68 2.22 7.38
N SER C 714 35.37 2.81 8.35
CA SER C 714 35.56 2.13 9.63
C SER C 714 34.24 2.05 10.39
N LEU C 715 33.37 3.03 10.21
CA LEU C 715 32.13 3.10 10.96
C LEU C 715 31.02 2.29 10.33
N VAL C 716 31.12 1.98 9.04
CA VAL C 716 30.13 1.13 8.39
C VAL C 716 30.26 -0.31 8.85
N THR C 717 31.49 -0.82 8.87
CA THR C 717 31.70 -2.25 9.08
C THR C 717 31.78 -2.66 10.55
N SER C 718 32.14 -1.74 11.45
CA SER C 718 32.45 -2.16 12.82
C SER C 718 31.21 -2.25 13.71
N ASN C 719 30.01 -2.30 13.13
CA ASN C 719 28.68 -2.59 13.69
C ASN C 719 28.42 -2.10 15.12
N GLU C 720 28.88 -0.89 15.42
CA GLU C 720 28.62 -0.22 16.68
C GLU C 720 27.45 0.74 16.52
N PRO C 721 26.70 1.04 17.59
CA PRO C 721 25.61 2.00 17.48
C PRO C 721 26.11 3.40 17.19
N ILE C 722 25.47 4.03 16.20
CA ILE C 722 25.85 5.36 15.70
C ILE C 722 24.78 6.34 16.16
N GLY C 723 25.20 7.46 16.73
CA GLY C 723 24.27 8.51 17.04
C GLY C 723 24.10 9.45 15.87
N VAL C 724 22.88 9.95 15.69
CA VAL C 724 22.61 11.05 14.78
C VAL C 724 21.78 12.05 15.53
N GLN C 725 21.57 13.21 14.92
CA GLN C 725 20.58 14.11 15.46
C GLN C 725 19.20 13.73 14.92
N ASP C 726 18.16 14.12 15.65
CA ASP C 726 16.81 13.81 15.26
C ASP C 726 16.35 14.77 14.18
N GLY C 727 15.49 14.27 13.29
CA GLY C 727 14.89 15.08 12.26
C GLY C 727 15.89 15.60 11.25
N THR C 728 16.44 14.72 10.43
CA THR C 728 17.47 15.13 9.49
C THR C 728 17.38 14.23 8.27
N PHE C 729 18.21 14.51 7.28
CA PHE C 729 18.37 13.59 6.18
C PHE C 729 19.46 12.57 6.46
N ALA C 730 20.29 12.81 7.47
CA ALA C 730 21.38 11.90 7.81
C ALA C 730 20.88 10.57 8.30
N ARG C 731 19.68 10.52 8.88
CA ARG C 731 19.09 9.23 9.23
C ARG C 731 18.74 8.44 7.99
N ASN C 732 18.15 9.09 6.98
CA ASN C 732 17.72 8.39 5.79
C ASN C 732 18.71 8.52 4.65
N TYR C 733 19.93 8.95 4.93
CA TYR C 733 21.02 8.83 3.97
C TYR C 733 21.96 7.69 4.31
N LEU C 734 22.21 7.43 5.60
CA LEU C 734 23.01 6.29 5.98
C LEU C 734 22.28 4.98 5.72
N ILE C 735 20.96 4.96 5.91
CA ILE C 735 20.19 3.76 5.62
C ILE C 735 20.10 3.53 4.13
N ASN C 736 19.84 4.60 3.37
CA ASN C 736 19.55 4.45 1.95
C ASN C 736 20.81 4.24 1.12
N GLU C 737 21.94 4.79 1.54
CA GLU C 737 23.12 4.78 0.69
C GLU C 737 24.31 4.05 1.27
N LEU C 738 24.60 4.25 2.54
CA LEU C 738 25.79 3.63 3.14
C LEU C 738 25.55 2.21 3.60
N ASN C 739 24.32 1.71 3.50
CA ASN C 739 23.91 0.36 3.93
C ASN C 739 24.23 0.12 5.40
N ILE C 740 23.55 0.89 6.25
CA ILE C 740 23.64 0.73 7.69
C ILE C 740 22.27 0.27 8.20
N LEU C 741 22.28 -0.69 9.12
CA LEU C 741 21.08 -1.21 9.73
C LEU C 741 20.31 -0.11 10.45
N PRO C 742 18.98 -0.18 10.44
CA PRO C 742 18.19 0.83 11.17
C PRO C 742 18.28 0.69 12.68
N SER C 743 18.72 -0.46 13.19
CA SER C 743 18.87 -0.64 14.62
C SER C 743 20.15 -0.03 15.16
N ARG C 744 21.12 0.28 14.29
CA ARG C 744 22.35 0.90 14.75
C ARG C 744 22.19 2.40 14.93
N ILE C 745 21.39 3.03 14.08
CA ILE C 745 21.25 4.48 14.12
C ILE C 745 20.31 4.87 15.25
N VAL C 746 20.81 5.66 16.19
CA VAL C 746 20.10 6.03 17.40
C VAL C 746 19.84 7.53 17.35
N PRO C 747 18.58 7.97 17.41
CA PRO C 747 18.30 9.41 17.44
C PRO C 747 18.62 10.01 18.80
N LEU C 748 18.78 11.33 18.81
CA LEU C 748 19.27 12.06 19.98
C LEU C 748 18.67 13.46 19.95
N LYS C 749 18.16 13.96 21.07
CA LYS C 749 17.38 15.19 21.01
C LYS C 749 18.23 16.46 21.05
N ASP C 750 18.99 16.70 22.11
CA ASP C 750 19.59 18.03 22.27
C ASP C 750 21.08 17.93 22.56
N GLU C 751 21.72 19.09 22.73
CA GLU C 751 23.17 19.17 22.81
C GLU C 751 23.73 18.74 24.14
N GLU C 752 22.90 18.51 25.16
CA GLU C 752 23.42 17.89 26.37
C GLU C 752 23.48 16.37 26.23
N GLN C 753 22.54 15.78 25.50
CA GLN C 753 22.57 14.36 25.26
C GLN C 753 23.52 14.00 24.13
N TYR C 754 24.04 15.00 23.41
CA TYR C 754 25.11 14.73 22.45
C TYR C 754 26.44 14.50 23.15
N LEU C 755 26.51 14.73 24.45
CA LEU C 755 27.68 14.39 25.27
C LEU C 755 27.47 13.09 26.03
N SER C 756 26.31 12.92 26.65
CA SER C 756 25.99 11.73 27.43
C SER C 756 25.83 10.48 26.58
N ALA C 757 25.73 10.62 25.27
CA ALA C 757 25.80 9.47 24.38
C ALA C 757 27.20 9.18 23.90
N LEU C 758 28.18 9.98 24.31
CA LEU C 758 29.57 9.70 24.03
C LEU C 758 30.43 9.56 25.27
N GLN C 759 30.02 10.13 26.40
CA GLN C 759 30.72 9.87 27.65
C GLN C 759 30.50 8.43 28.10
N ARG C 760 29.35 7.86 27.77
CA ARG C 760 29.09 6.45 28.06
C ARG C 760 29.72 5.52 27.05
N GLY C 761 30.17 6.04 25.90
CA GLY C 761 30.81 5.23 24.91
C GLY C 761 29.85 4.29 24.21
N PRO C 762 30.39 3.30 23.49
CA PRO C 762 29.51 2.34 22.79
C PRO C 762 28.71 1.45 23.74
N ASN C 763 29.19 1.26 24.96
CA ASN C 763 28.46 0.49 25.96
C ASN C 763 27.58 1.43 26.77
N ALA C 764 26.84 0.85 27.73
CA ALA C 764 25.93 1.54 28.64
C ALA C 764 24.86 2.35 27.90
N GLY C 765 24.40 1.83 26.77
CA GLY C 765 23.34 2.45 26.01
C GLY C 765 23.73 3.61 25.12
N GLY C 766 24.98 4.07 25.19
CA GLY C 766 25.42 5.16 24.37
C GLY C 766 25.80 4.69 22.97
N VAL C 767 26.36 5.62 22.20
CA VAL C 767 26.71 5.37 20.82
C VAL C 767 28.18 5.65 20.61
N ALA C 768 28.73 5.07 19.53
CA ALA C 768 30.16 5.18 19.27
C ALA C 768 30.51 6.54 18.67
N ALA C 769 29.73 6.99 17.68
CA ALA C 769 30.06 8.21 16.96
C ALA C 769 28.77 8.93 16.58
N ILE C 770 28.84 10.26 16.57
CA ILE C 770 27.75 11.11 16.11
C ILE C 770 28.12 11.60 14.71
N VAL C 771 27.19 11.47 13.78
CA VAL C 771 27.38 11.92 12.41
C VAL C 771 26.50 13.14 12.20
N ASP C 772 27.13 14.30 12.10
CA ASP C 772 26.41 15.56 11.89
C ASP C 772 27.09 16.37 10.80
N GLU C 773 26.41 17.45 10.43
CA GLU C 773 26.96 18.38 9.45
C GLU C 773 28.07 19.18 10.09
N LEU C 774 28.98 19.67 9.24
CA LEU C 774 30.14 20.42 9.71
C LEU C 774 29.83 21.68 10.51
N PRO C 775 28.89 22.56 10.17
CA PRO C 775 28.66 23.72 11.03
C PRO C 775 27.90 23.41 12.32
N TYR C 776 27.35 22.21 12.47
CA TYR C 776 26.89 21.82 13.79
C TYR C 776 28.05 21.36 14.66
N ILE C 777 29.01 20.68 14.06
CA ILE C 777 30.10 20.10 14.81
C ILE C 777 31.09 21.16 15.26
N GLU C 778 31.31 22.22 14.46
CA GLU C 778 32.22 23.27 14.93
C GLU C 778 31.62 24.10 16.06
N VAL C 779 30.34 23.93 16.37
CA VAL C 779 29.79 24.47 17.60
C VAL C 779 30.08 23.53 18.77
N LEU C 780 29.97 22.22 18.53
CA LEU C 780 30.04 21.24 19.61
C LEU C 780 31.43 21.10 20.20
N LEU C 781 32.46 21.31 19.39
CA LEU C 781 33.84 21.27 19.89
C LEU C 781 34.12 22.43 20.84
N THR C 782 33.67 23.63 20.50
CA THR C 782 33.89 24.79 21.35
C THR C 782 33.04 24.72 22.61
N ASN C 783 31.79 24.24 22.47
CA ASN C 783 30.89 24.13 23.61
C ASN C 783 31.35 23.09 24.62
N SER C 784 32.07 22.07 24.19
CA SER C 784 32.62 21.09 25.11
C SER C 784 34.11 21.34 25.29
N ASN C 785 34.78 20.44 25.99
CA ASN C 785 36.22 20.53 26.17
C ASN C 785 36.92 19.89 24.98
N CYS C 786 38.22 19.70 25.09
CA CYS C 786 39.03 19.24 23.96
C CYS C 786 39.11 17.73 23.91
N LYS C 787 37.96 17.05 24.01
CA LYS C 787 37.89 15.60 24.13
C LYS C 787 37.36 14.92 22.90
N PHE C 788 37.02 15.66 21.86
CA PHE C 788 36.48 15.10 20.65
C PHE C 788 37.14 15.72 19.44
N ARG C 789 37.18 14.97 18.35
CA ARG C 789 37.85 15.45 17.15
C ARG C 789 37.26 14.69 15.97
N THR C 790 37.05 15.42 14.87
CA THR C 790 36.46 14.88 13.66
C THR C 790 37.43 13.89 13.02
N VAL C 791 37.13 12.60 13.13
CA VAL C 791 38.10 11.57 12.75
C VAL C 791 38.22 11.38 11.25
N GLY C 792 37.36 11.99 10.45
CA GLY C 792 37.40 11.82 9.02
C GLY C 792 37.22 13.15 8.31
N GLN C 793 37.19 13.07 6.99
CA GLN C 793 36.80 14.23 6.19
C GLN C 793 35.30 14.16 5.90
N GLU C 794 34.81 15.16 5.18
CA GLU C 794 33.41 15.19 4.82
C GLU C 794 33.16 14.20 3.70
N PHE C 795 32.25 13.26 3.92
CA PHE C 795 31.97 12.22 2.95
C PHE C 795 30.72 12.49 2.14
N THR C 796 30.08 13.66 2.32
CA THR C 796 29.05 14.15 1.42
C THR C 796 29.04 15.66 1.56
N ARG C 797 29.64 16.37 0.62
CA ARG C 797 29.87 17.81 0.75
C ARG C 797 28.91 18.56 -0.16
N THR C 798 27.81 19.05 0.41
CA THR C 798 26.74 19.67 -0.38
C THR C 798 26.52 21.15 -0.07
N GLY C 799 26.23 21.52 1.15
CA GLY C 799 25.89 22.90 1.47
C GLY C 799 24.43 23.06 1.84
N TRP C 800 24.13 24.23 2.38
CA TRP C 800 22.79 24.57 2.84
C TRP C 800 22.06 25.42 1.82
N GLY C 801 20.92 25.98 2.23
CA GLY C 801 20.18 26.82 1.33
C GLY C 801 18.73 27.06 1.72
N PHE C 802 18.11 28.04 1.08
CA PHE C 802 16.71 28.35 1.32
C PHE C 802 15.84 27.53 0.40
N ALA C 803 14.76 26.99 0.94
CA ALA C 803 13.86 26.13 0.17
C ALA C 803 12.65 26.93 -0.26
N PHE C 804 12.57 27.25 -1.55
CA PHE C 804 11.45 28.02 -2.06
C PHE C 804 10.32 27.13 -2.55
N GLN C 805 9.21 27.79 -2.88
CA GLN C 805 8.16 27.16 -3.67
C GLN C 805 8.72 26.86 -5.05
N ARG C 806 8.28 25.75 -5.65
CA ARG C 806 8.91 25.25 -6.85
C ARG C 806 8.63 26.15 -8.04
N ASP C 807 9.70 26.52 -8.75
CA ASP C 807 9.69 27.42 -9.90
C ASP C 807 9.07 28.77 -9.52
N SER C 808 9.50 29.26 -8.41
CA SER C 808 9.08 30.62 -8.10
C SER C 808 10.14 31.59 -8.58
N PRO C 809 9.73 32.74 -9.12
CA PRO C 809 10.69 33.70 -9.65
C PRO C 809 11.49 34.45 -8.59
N LEU C 810 11.21 34.24 -7.32
CA LEU C 810 12.04 34.79 -6.27
C LEU C 810 13.37 34.07 -6.16
N ALA C 811 13.46 32.84 -6.68
CA ALA C 811 14.69 32.06 -6.59
C ALA C 811 15.78 32.66 -7.46
N VAL C 812 15.41 33.21 -8.60
CA VAL C 812 16.40 33.90 -9.42
C VAL C 812 16.65 35.29 -8.85
N ASP C 813 15.74 35.77 -8.01
CA ASP C 813 15.94 37.06 -7.37
C ASP C 813 16.89 36.98 -6.20
N MET C 814 16.81 35.90 -5.42
CA MET C 814 17.68 35.80 -4.25
C MET C 814 18.95 35.00 -4.52
N SER C 815 19.02 34.29 -5.63
CA SER C 815 20.32 33.75 -6.04
C SER C 815 21.24 34.87 -6.47
N THR C 816 20.69 35.93 -7.06
CA THR C 816 21.51 37.07 -7.43
C THR C 816 21.80 37.93 -6.20
N ALA C 817 20.95 37.84 -5.18
CA ALA C 817 21.22 38.58 -3.95
C ALA C 817 22.35 37.95 -3.17
N ILE C 818 22.31 36.63 -2.97
CA ILE C 818 23.32 35.93 -2.18
C ILE C 818 24.69 35.97 -2.86
N LEU C 819 24.74 35.79 -4.18
CA LEU C 819 26.01 35.89 -4.88
C LEU C 819 26.53 37.31 -4.93
N GLN C 820 25.66 38.29 -4.67
CA GLN C 820 26.15 39.65 -4.44
C GLN C 820 26.35 39.88 -2.94
N LEU C 821 25.72 39.07 -2.10
CA LEU C 821 25.95 39.18 -0.67
C LEU C 821 27.26 38.53 -0.27
N SER C 822 27.67 37.50 -1.02
CA SER C 822 28.91 36.80 -0.70
C SER C 822 30.13 37.58 -1.16
N GLU C 823 30.08 38.15 -2.36
CA GLU C 823 31.26 38.78 -2.94
C GLU C 823 31.55 40.12 -2.28
N GLU C 824 30.57 40.69 -1.59
CA GLU C 824 30.84 41.89 -0.80
C GLU C 824 31.27 41.55 0.62
N GLY C 825 31.43 40.27 0.94
CA GLY C 825 31.95 39.86 2.22
C GLY C 825 30.99 39.97 3.39
N GLU C 826 29.77 40.49 3.16
CA GLU C 826 28.75 40.57 4.19
C GLU C 826 28.31 39.19 4.65
N LEU C 827 28.44 38.17 3.80
CA LEU C 827 28.12 36.80 4.20
C LEU C 827 29.09 36.27 5.24
N GLU C 828 30.29 36.86 5.31
CA GLU C 828 31.28 36.52 6.32
C GLU C 828 31.13 37.36 7.58
N LYS C 829 30.71 38.62 7.45
CA LYS C 829 30.57 39.50 8.60
C LYS C 829 29.44 39.07 9.52
N ILE C 830 28.37 38.52 8.95
CA ILE C 830 27.27 38.00 9.76
C ILE C 830 27.72 36.73 10.49
N HIS C 831 28.67 36.00 9.90
CA HIS C 831 29.14 34.76 10.50
C HIS C 831 29.92 35.01 11.79
N ARG C 832 30.54 36.19 11.92
CA ARG C 832 31.24 36.53 13.14
C ARG C 832 30.30 37.00 14.23
N LYS C 833 29.04 37.32 13.89
CA LYS C 833 28.12 37.81 14.90
C LYS C 833 27.60 36.69 15.77
N TRP C 834 27.21 35.57 15.16
CA TRP C 834 26.65 34.45 15.90
C TRP C 834 27.63 33.28 16.02
N LEU C 835 28.27 32.91 14.91
CA LEU C 835 29.17 31.77 14.89
C LEU C 835 30.62 32.21 15.03
N ASN C 836 30.93 32.95 16.09
CA ASN C 836 32.32 33.31 16.34
C ASN C 836 33.09 32.20 17.04
N TYR C 837 32.40 31.18 17.53
CA TYR C 837 33.01 30.11 18.31
C TYR C 837 33.81 29.22 17.36
N LYS C 838 35.14 29.31 17.44
CA LYS C 838 36.01 28.43 16.68
C LYS C 838 37.35 28.35 17.41
N HIS C 839 37.63 27.21 18.02
CA HIS C 839 38.92 26.95 18.64
C HIS C 839 39.45 25.63 18.10
N GLU C 840 40.70 25.63 17.64
CA GLU C 840 41.26 24.42 17.02
C GLU C 840 41.53 23.35 18.06
N CYS C 841 42.44 23.63 19.01
CA CYS C 841 42.84 22.74 20.10
C CYS C 841 43.31 21.38 19.57
N SER C 842 44.47 21.42 18.91
CA SER C 842 45.00 20.24 18.23
C SER C 842 45.47 19.23 19.28
N MET C 843 44.49 18.47 19.80
CA MET C 843 44.79 17.31 20.63
C MET C 843 45.54 16.26 19.83
N GLN C 844 44.90 15.73 18.79
CA GLN C 844 45.54 14.88 17.81
C GLN C 844 45.21 15.39 16.41
N ILE C 845 46.18 15.35 15.50
CA ILE C 845 46.00 15.85 14.14
C ILE C 845 46.43 14.74 13.17
N SER C 846 45.48 13.86 12.84
CA SER C 846 45.67 12.67 11.98
C SER C 846 46.90 11.86 12.41
N ASN C 847 46.94 11.52 13.70
CA ASN C 847 48.14 10.89 14.26
C ASN C 847 48.30 9.46 13.74
N SER C 848 49.52 9.14 13.32
CA SER C 848 49.83 7.80 12.86
C SER C 848 49.86 6.85 14.05
N GLU C 849 48.95 5.88 14.08
CA GLU C 849 48.98 4.88 15.14
C GLU C 849 49.98 3.80 14.74
N ASP C 850 51.16 3.89 15.35
CA ASP C 850 52.31 3.08 15.01
C ASP C 850 53.08 2.86 16.31
N SER C 851 54.38 2.59 16.19
CA SER C 851 55.29 2.15 17.26
C SER C 851 55.14 2.91 18.57
N GLN C 852 55.56 4.19 18.53
CA GLN C 852 55.21 5.25 19.47
C GLN C 852 55.35 4.82 20.94
N LEU C 853 56.56 4.41 21.30
CA LEU C 853 56.75 3.92 22.66
C LEU C 853 56.94 5.12 23.58
N SER C 854 56.21 5.10 24.69
CA SER C 854 55.90 6.29 25.49
C SER C 854 57.14 6.93 26.09
N LEU C 855 57.17 8.26 26.04
CA LEU C 855 58.29 9.02 26.55
C LEU C 855 58.41 8.87 28.06
N LYS C 856 57.28 8.81 28.76
CA LYS C 856 57.29 8.63 30.20
C LYS C 856 57.43 7.17 30.59
N SER C 857 57.32 6.25 29.63
CA SER C 857 57.60 4.85 29.94
C SER C 857 59.08 4.62 30.14
N PHE C 858 59.92 5.42 29.49
CA PHE C 858 61.34 5.37 29.80
C PHE C 858 61.81 6.58 30.59
N TRP C 859 60.89 7.38 31.12
CA TRP C 859 61.21 8.28 32.22
C TRP C 859 61.34 7.51 33.53
N GLY C 860 60.86 6.26 33.56
CA GLY C 860 61.01 5.44 34.74
C GLY C 860 62.28 4.62 34.79
N LEU C 861 62.80 4.20 33.63
CA LEU C 861 64.04 3.44 33.62
C LEU C 861 65.25 4.32 33.86
N PHE C 862 65.50 5.27 32.95
CA PHE C 862 66.73 6.04 32.95
C PHE C 862 66.84 7.00 34.13
N LEU C 863 65.74 7.27 34.83
CA LEU C 863 65.83 8.01 36.08
C LEU C 863 66.21 7.11 37.24
N ILE C 864 65.76 5.86 37.24
CA ILE C 864 66.30 4.88 38.18
C ILE C 864 67.75 4.55 37.81
N CYS C 865 68.08 4.56 36.51
CA CYS C 865 69.46 4.38 36.08
C CYS C 865 70.33 5.54 36.50
N GLY C 866 69.77 6.76 36.57
CA GLY C 866 70.51 7.88 37.10
C GLY C 866 70.73 7.77 38.60
N ILE C 867 69.71 7.30 39.32
CA ILE C 867 69.83 7.07 40.76
C ILE C 867 70.82 5.96 41.05
N THR C 868 70.87 4.95 40.18
CA THR C 868 71.74 3.80 40.35
C THR C 868 73.21 4.20 40.32
N CYS C 869 73.60 5.03 39.34
CA CYS C 869 74.97 5.50 39.28
C CYS C 869 75.27 6.54 40.36
N PHE C 870 74.27 7.32 40.75
CA PHE C 870 74.51 8.35 41.77
C PHE C 870 74.65 7.74 43.16
N MET C 871 74.06 6.57 43.39
CA MET C 871 74.30 5.88 44.65
C MET C 871 75.72 5.33 44.71
N ALA C 872 76.21 4.79 43.59
CA ALA C 872 77.57 4.25 43.56
C ALA C 872 78.64 5.33 43.44
N LEU C 873 78.28 6.53 42.98
CA LEU C 873 79.25 7.61 42.92
C LEU C 873 79.54 8.17 44.31
N THR C 874 78.52 8.26 45.16
CA THR C 874 78.70 8.77 46.51
C THR C 874 79.44 7.76 47.40
N VAL C 875 79.27 6.47 47.12
CA VAL C 875 80.08 5.46 47.80
C VAL C 875 81.53 5.56 47.35
N PHE C 876 81.74 5.81 46.07
CA PHE C 876 83.09 6.11 45.58
C PHE C 876 83.59 7.44 46.15
N PHE C 877 82.69 8.39 46.36
CA PHE C 877 83.06 9.63 47.04
C PHE C 877 83.28 9.40 48.52
N TRP C 878 82.62 8.39 49.10
CA TRP C 878 82.89 8.00 50.48
C TRP C 878 84.23 7.28 50.61
N ARG C 879 84.71 6.66 49.53
CA ARG C 879 86.06 6.10 49.53
C ARG C 879 87.13 7.18 49.60
N VAL C 880 86.80 8.38 49.13
CA VAL C 880 87.73 9.51 49.26
C VAL C 880 87.85 9.93 50.72
N PHE C 881 86.75 9.80 51.48
CA PHE C 881 86.83 10.03 52.93
C PHE C 881 87.66 8.97 53.63
N TRP C 882 87.59 7.72 53.19
CA TRP C 882 88.49 6.71 53.74
C TRP C 882 89.93 6.92 53.28
N GLN C 883 90.13 7.58 52.14
CA GLN C 883 91.47 8.02 51.78
C GLN C 883 91.92 9.17 52.68
N TYR C 884 90.98 10.02 53.10
CA TYR C 884 91.29 11.11 54.02
C TYR C 884 91.58 10.59 55.43
N GLN C 885 90.78 9.62 55.90
CA GLN C 885 90.94 9.13 57.27
C GLN C 885 92.16 8.24 57.40
N ARG C 886 92.54 7.53 56.34
CA ARG C 886 93.71 6.68 56.38
C ARG C 886 94.92 7.38 55.76
N GLN D 56 -52.73 57.24 -14.11
CA GLN D 56 -53.78 56.26 -14.25
C GLN D 56 -53.22 54.90 -14.62
N ARG D 57 -53.75 53.85 -14.00
CA ARG D 57 -53.35 52.49 -14.34
C ARG D 57 -53.80 52.15 -15.75
N PRO D 58 -52.98 51.48 -16.54
CA PRO D 58 -53.32 51.22 -17.94
C PRO D 58 -54.40 50.15 -18.07
N SER D 59 -54.81 49.92 -19.32
CA SER D 59 -55.69 48.81 -19.63
C SER D 59 -54.91 47.52 -19.75
N SER D 60 -53.90 47.50 -20.63
CA SER D 60 -53.07 46.33 -20.84
C SER D 60 -51.62 46.77 -20.94
N VAL D 61 -50.72 45.82 -20.70
CA VAL D 61 -49.30 46.00 -20.88
C VAL D 61 -48.78 44.88 -21.78
N ASN D 62 -47.73 45.18 -22.53
CA ASN D 62 -47.15 44.24 -23.48
C ASN D 62 -45.74 43.90 -23.05
N VAL D 63 -45.43 42.61 -22.97
CA VAL D 63 -44.04 42.18 -22.85
C VAL D 63 -43.73 41.30 -24.04
N GLY D 64 -42.47 41.30 -24.42
CA GLY D 64 -42.03 40.57 -25.59
C GLY D 64 -41.40 39.24 -25.23
N ALA D 65 -41.25 38.41 -26.24
CA ALA D 65 -40.55 37.14 -26.07
C ALA D 65 -39.77 36.87 -27.34
N LEU D 66 -38.51 36.47 -27.17
CA LEU D 66 -37.61 36.17 -28.28
C LEU D 66 -36.97 34.84 -27.99
N PHE D 67 -37.35 33.81 -28.73
CA PHE D 67 -36.67 32.54 -28.60
C PHE D 67 -36.86 31.75 -29.87
N THR D 68 -35.85 30.94 -30.18
CA THR D 68 -35.92 30.04 -31.33
C THR D 68 -37.01 29.01 -31.12
N TYR D 69 -37.96 28.94 -32.03
CA TYR D 69 -39.08 28.04 -31.80
C TYR D 69 -38.69 26.57 -31.97
N ASP D 70 -37.84 26.27 -32.94
CA ASP D 70 -37.49 24.89 -33.24
C ASP D 70 -36.12 24.54 -32.63
N SER D 71 -36.12 24.34 -31.32
CA SER D 71 -34.93 23.89 -30.62
C SER D 71 -35.37 23.21 -29.33
N PHE D 72 -34.42 22.49 -28.71
CA PHE D 72 -34.74 21.76 -27.49
C PHE D 72 -35.02 22.69 -26.32
N ILE D 73 -34.45 23.89 -26.35
CA ILE D 73 -34.74 24.87 -25.31
C ILE D 73 -35.97 25.70 -25.66
N GLY D 74 -36.16 26.03 -26.91
CA GLY D 74 -37.27 26.90 -27.28
C GLY D 74 -38.63 26.26 -27.27
N ARG D 75 -38.77 25.02 -27.75
CA ARG D 75 -40.06 24.37 -27.74
C ARG D 75 -40.50 23.95 -26.35
N ALA D 76 -39.61 23.99 -25.37
CA ALA D 76 -40.00 23.94 -23.97
C ALA D 76 -40.29 25.31 -23.40
N ALA D 77 -39.64 26.36 -23.92
CA ALA D 77 -39.85 27.70 -23.40
C ALA D 77 -41.18 28.27 -23.85
N LYS D 78 -41.72 27.78 -24.96
CA LYS D 78 -42.98 28.30 -25.48
C LYS D 78 -44.18 27.94 -24.59
N PRO D 79 -44.42 26.68 -24.18
CA PRO D 79 -45.64 26.43 -23.41
C PRO D 79 -45.56 26.91 -21.97
N ALA D 80 -44.37 26.92 -21.36
CA ALA D 80 -44.29 27.30 -19.95
C ALA D 80 -44.47 28.80 -19.77
N VAL D 81 -44.04 29.60 -20.75
CA VAL D 81 -44.36 31.02 -20.72
C VAL D 81 -45.84 31.23 -21.02
N LYS D 82 -46.39 30.41 -21.92
CA LYS D 82 -47.83 30.42 -22.14
C LYS D 82 -48.59 29.96 -20.90
N ALA D 83 -48.01 29.03 -20.14
CA ALA D 83 -48.60 28.67 -18.85
C ALA D 83 -48.41 29.80 -17.83
N ALA D 84 -47.28 30.49 -17.90
CA ALA D 84 -47.06 31.62 -17.01
C ALA D 84 -47.91 32.83 -17.38
N MET D 85 -48.31 32.93 -18.64
CA MET D 85 -49.21 34.00 -19.03
C MET D 85 -50.60 33.79 -18.44
N ASP D 86 -50.98 32.54 -18.19
CA ASP D 86 -52.30 32.26 -17.65
C ASP D 86 -52.38 32.58 -16.16
N ASP D 87 -51.38 32.13 -15.38
CA ASP D 87 -51.47 32.24 -13.93
C ASP D 87 -51.32 33.67 -13.45
N VAL D 88 -50.62 34.53 -14.21
CA VAL D 88 -50.54 35.93 -13.83
C VAL D 88 -51.77 36.71 -14.22
N ASN D 89 -52.64 36.14 -15.03
CA ASN D 89 -53.97 36.68 -15.24
C ASN D 89 -55.04 35.89 -14.49
N ALA D 90 -54.68 34.77 -13.86
CA ALA D 90 -55.62 34.05 -13.02
C ALA D 90 -55.61 34.58 -11.59
N ASP D 91 -54.43 34.73 -11.01
CA ASP D 91 -54.30 35.34 -9.69
C ASP D 91 -54.56 36.84 -9.79
N GLN D 92 -55.33 37.37 -8.84
CA GLN D 92 -55.77 38.75 -8.91
C GLN D 92 -54.89 39.71 -8.13
N SER D 93 -54.04 39.22 -7.23
CA SER D 93 -53.15 40.11 -6.50
C SER D 93 -52.06 40.67 -7.41
N VAL D 94 -51.49 39.82 -8.27
CA VAL D 94 -50.50 40.28 -9.24
C VAL D 94 -51.14 40.82 -10.51
N LEU D 95 -52.45 40.61 -10.69
CA LEU D 95 -53.14 41.12 -11.86
C LEU D 95 -53.33 42.64 -11.77
N LYS D 96 -53.97 43.09 -10.68
CA LYS D 96 -54.40 44.47 -10.47
C LYS D 96 -55.29 44.98 -11.60
N GLY D 97 -56.10 44.09 -12.15
CA GLY D 97 -57.03 44.41 -13.21
C GLY D 97 -56.43 44.78 -14.54
N ILE D 98 -55.14 44.50 -14.75
CA ILE D 98 -54.43 44.91 -15.95
C ILE D 98 -53.84 43.66 -16.58
N LYS D 99 -54.38 43.26 -17.73
CA LYS D 99 -54.00 42.00 -18.35
C LYS D 99 -52.60 42.08 -18.95
N LEU D 100 -52.00 40.92 -19.15
CA LEU D 100 -50.62 40.79 -19.61
C LEU D 100 -50.58 39.80 -20.77
N ASN D 101 -50.54 40.31 -21.99
CA ASN D 101 -50.34 39.47 -23.16
C ASN D 101 -48.89 39.53 -23.59
N ILE D 102 -48.38 38.41 -24.07
CA ILE D 102 -46.97 38.25 -24.36
C ILE D 102 -46.81 38.10 -25.86
N ILE D 103 -46.29 39.13 -26.51
CA ILE D 103 -46.13 39.11 -27.96
C ILE D 103 -44.99 38.19 -28.33
N PHE D 104 -45.29 37.15 -29.10
CA PHE D 104 -44.33 36.11 -29.45
C PHE D 104 -43.67 36.44 -30.78
N GLN D 105 -42.35 36.56 -30.78
CA GLN D 105 -41.55 36.67 -31.98
C GLN D 105 -40.39 35.68 -31.88
N ASP D 106 -39.95 35.17 -33.03
CA ASP D 106 -38.89 34.19 -33.02
C ASP D 106 -37.76 34.59 -33.94
N SER D 107 -36.61 34.01 -33.68
CA SER D 107 -35.59 33.82 -34.69
C SER D 107 -35.65 32.37 -35.14
N ASN D 108 -34.93 32.08 -36.24
CA ASN D 108 -34.79 30.68 -36.69
C ASN D 108 -33.36 30.32 -36.37
N CYS D 109 -32.90 30.70 -35.21
CA CYS D 109 -31.56 30.47 -34.64
C CYS D 109 -30.45 31.05 -35.49
N SER D 110 -30.80 31.79 -36.55
CA SER D 110 -29.85 32.64 -37.22
C SER D 110 -30.04 34.07 -36.72
N GLY D 111 -28.94 34.79 -36.56
CA GLY D 111 -29.01 36.09 -35.91
C GLY D 111 -29.68 37.18 -36.72
N PHE D 112 -29.98 36.93 -37.98
CA PHE D 112 -30.49 38.01 -38.83
C PHE D 112 -31.94 38.33 -38.52
N ILE D 113 -32.84 37.36 -38.67
CA ILE D 113 -34.26 37.65 -38.54
C ILE D 113 -34.69 37.85 -37.10
N GLY D 114 -33.87 37.46 -36.12
CA GLY D 114 -34.22 37.73 -34.75
C GLY D 114 -34.09 39.20 -34.40
N THR D 115 -33.00 39.81 -34.84
CA THR D 115 -32.80 41.24 -34.60
C THR D 115 -33.78 42.08 -35.40
N MET D 116 -34.15 41.63 -36.59
CA MET D 116 -35.27 42.25 -37.30
C MET D 116 -36.57 42.03 -36.54
N GLY D 117 -36.76 40.81 -36.01
CA GLY D 117 -37.99 40.51 -35.31
C GLY D 117 -38.08 41.18 -33.95
N ALA D 118 -36.94 41.37 -33.29
CA ALA D 118 -36.95 42.11 -32.04
C ALA D 118 -37.14 43.59 -32.28
N LEU D 119 -36.67 44.08 -33.43
CA LEU D 119 -36.95 45.46 -33.79
C LEU D 119 -38.43 45.65 -34.08
N GLN D 120 -39.12 44.59 -34.51
CA GLN D 120 -40.57 44.64 -34.58
C GLN D 120 -41.19 44.71 -33.20
N LEU D 121 -40.58 44.02 -32.22
CA LEU D 121 -41.04 44.17 -30.84
C LEU D 121 -40.76 45.56 -30.31
N MET D 122 -39.72 46.21 -30.81
CA MET D 122 -39.42 47.57 -30.39
C MET D 122 -40.15 48.60 -31.24
N GLU D 123 -40.53 48.24 -32.46
CA GLU D 123 -41.53 49.05 -33.18
C GLU D 123 -42.86 49.00 -32.45
N ASN D 124 -43.20 47.82 -31.93
CA ASN D 124 -44.27 47.70 -30.95
C ASN D 124 -43.86 48.40 -29.65
N LYS D 125 -44.83 48.73 -28.82
CA LYS D 125 -44.54 49.23 -27.49
C LYS D 125 -44.49 48.04 -26.52
N VAL D 126 -43.44 48.01 -25.71
CA VAL D 126 -43.28 47.00 -24.67
C VAL D 126 -42.75 47.67 -23.42
N VAL D 127 -42.92 46.97 -22.29
CA VAL D 127 -42.34 47.40 -21.02
C VAL D 127 -41.24 46.48 -20.55
N ALA D 128 -41.09 45.32 -21.17
CA ALA D 128 -39.99 44.40 -20.90
C ALA D 128 -39.79 43.56 -22.15
N ALA D 129 -38.90 42.58 -22.06
CA ALA D 129 -38.68 41.63 -23.14
C ALA D 129 -38.02 40.39 -22.56
N ILE D 130 -38.68 39.25 -22.68
CA ILE D 130 -38.06 37.99 -22.30
C ILE D 130 -36.96 37.68 -23.29
N GLY D 131 -35.72 37.63 -22.81
CA GLY D 131 -34.56 37.73 -23.66
C GLY D 131 -34.27 36.51 -24.50
N PRO D 132 -33.39 36.66 -25.47
CA PRO D 132 -33.02 35.54 -26.32
C PRO D 132 -32.12 34.57 -25.58
N GLN D 133 -31.90 33.42 -26.19
CA GLN D 133 -31.01 32.45 -25.60
C GLN D 133 -29.90 32.01 -26.53
N SER D 134 -29.89 32.51 -27.77
CA SER D 134 -28.83 32.12 -28.69
C SER D 134 -27.51 32.81 -28.34
N SER D 135 -27.58 33.97 -27.69
CA SER D 135 -26.46 34.80 -27.23
C SER D 135 -25.52 35.28 -28.32
N GLY D 136 -25.91 35.12 -29.58
CA GLY D 136 -25.33 35.90 -30.65
C GLY D 136 -26.36 36.96 -30.93
N ILE D 137 -27.60 36.61 -30.63
CA ILE D 137 -28.68 37.58 -30.66
C ILE D 137 -28.57 38.51 -29.47
N ALA D 138 -28.16 37.96 -28.32
CA ALA D 138 -28.21 38.73 -27.08
C ALA D 138 -27.17 39.83 -27.01
N HIS D 139 -26.14 39.80 -27.84
CA HIS D 139 -25.27 40.97 -27.92
C HIS D 139 -25.95 42.10 -28.66
N MET D 140 -26.56 41.81 -29.81
CA MET D 140 -27.13 42.86 -30.62
C MET D 140 -28.37 43.47 -29.99
N ILE D 141 -29.22 42.63 -29.39
CA ILE D 141 -30.43 43.16 -28.78
C ILE D 141 -30.09 43.92 -27.50
N SER D 142 -28.97 43.63 -26.89
CA SER D 142 -28.52 44.47 -25.80
C SER D 142 -27.74 45.69 -26.28
N TYR D 143 -27.74 45.97 -27.58
CA TYR D 143 -27.41 47.30 -28.06
C TYR D 143 -28.63 48.05 -28.57
N VAL D 144 -29.74 47.37 -28.82
CA VAL D 144 -30.97 48.10 -29.09
C VAL D 144 -31.75 48.35 -27.81
N ALA D 145 -31.49 47.59 -26.75
CA ALA D 145 -32.09 47.90 -25.47
C ALA D 145 -31.39 49.06 -24.80
N ASN D 146 -30.11 49.25 -25.11
CA ASN D 146 -29.33 50.34 -24.53
C ASN D 146 -29.65 51.68 -25.15
N GLU D 147 -30.32 51.71 -26.30
CA GLU D 147 -30.75 52.95 -26.91
C GLU D 147 -32.25 53.15 -26.84
N LEU D 148 -32.99 52.20 -26.28
CA LEU D 148 -34.43 52.33 -26.11
C LEU D 148 -34.85 52.16 -24.66
N HIS D 149 -33.92 51.82 -23.77
CA HIS D 149 -34.11 51.71 -22.32
C HIS D 149 -35.14 50.65 -21.95
N VAL D 150 -35.36 49.67 -22.82
CA VAL D 150 -36.31 48.58 -22.58
C VAL D 150 -35.55 47.44 -21.92
N PRO D 151 -35.98 46.96 -20.76
CA PRO D 151 -35.21 45.92 -20.07
C PRO D 151 -35.31 44.59 -20.77
N LEU D 152 -34.17 43.93 -20.91
CA LEU D 152 -34.07 42.67 -21.60
C LEU D 152 -33.70 41.62 -20.57
N LEU D 153 -34.56 40.64 -20.38
CA LEU D 153 -34.41 39.65 -19.31
C LEU D 153 -34.27 38.27 -19.94
N SER D 154 -33.05 37.76 -19.96
CA SER D 154 -32.84 36.49 -20.61
C SER D 154 -33.07 35.34 -19.65
N PHE D 155 -33.37 34.19 -20.23
CA PHE D 155 -33.48 32.94 -19.50
C PHE D 155 -32.47 31.91 -19.95
N GLY D 156 -31.81 32.11 -21.08
CA GLY D 156 -30.88 31.13 -21.58
C GLY D 156 -29.66 31.76 -22.18
N ALA D 157 -29.24 32.91 -21.66
CA ALA D 157 -28.06 33.61 -22.15
C ALA D 157 -26.81 32.79 -21.93
N THR D 158 -26.39 32.64 -20.68
CA THR D 158 -25.19 31.90 -20.26
C THR D 158 -23.96 32.28 -21.09
N ASP D 159 -23.73 33.57 -21.21
CA ASP D 159 -22.58 34.11 -21.93
C ASP D 159 -21.90 35.06 -20.96
N PRO D 160 -20.76 34.71 -20.42
CA PRO D 160 -20.25 35.43 -19.25
C PRO D 160 -19.60 36.77 -19.54
N THR D 161 -19.84 37.34 -20.71
CA THR D 161 -19.47 38.72 -20.97
C THR D 161 -20.67 39.63 -21.03
N LEU D 162 -21.87 39.10 -20.89
CA LEU D 162 -23.07 39.93 -20.91
C LEU D 162 -23.29 40.64 -19.59
N SER D 163 -22.89 40.03 -18.49
CA SER D 163 -23.07 40.63 -17.17
C SER D 163 -21.93 41.62 -16.92
N SER D 164 -21.96 42.71 -17.67
CA SER D 164 -21.00 43.78 -17.54
C SER D 164 -21.73 45.11 -17.62
N LEU D 165 -21.11 46.14 -17.08
CA LEU D 165 -21.74 47.45 -16.99
C LEU D 165 -21.75 48.18 -18.31
N GLN D 166 -21.14 47.63 -19.36
CA GLN D 166 -21.35 48.17 -20.69
C GLN D 166 -22.75 47.88 -21.23
N PHE D 167 -23.44 46.88 -20.68
CA PHE D 167 -24.84 46.61 -21.00
C PHE D 167 -25.65 46.92 -19.75
N PRO D 168 -26.17 48.13 -19.60
CA PRO D 168 -26.89 48.46 -18.37
C PRO D 168 -28.29 47.86 -18.29
N TYR D 169 -28.85 47.36 -19.39
CA TYR D 169 -30.21 46.86 -19.40
C TYR D 169 -30.29 45.38 -19.77
N PHE D 170 -29.45 44.54 -19.19
CA PHE D 170 -29.51 43.12 -19.47
C PHE D 170 -29.40 42.37 -18.15
N LEU D 171 -30.53 42.05 -17.56
CA LEU D 171 -30.55 41.28 -16.34
C LEU D 171 -30.79 39.82 -16.68
N ARG D 172 -30.02 38.94 -16.08
CA ARG D 172 -29.99 37.54 -16.45
C ARG D 172 -30.67 36.71 -15.38
N THR D 173 -31.73 35.99 -15.74
CA THR D 173 -32.45 35.18 -14.78
C THR D 173 -31.98 33.74 -14.74
N THR D 174 -31.05 33.35 -15.61
CA THR D 174 -30.43 32.05 -15.47
C THR D 174 -29.08 32.19 -14.80
N GLN D 175 -28.49 31.05 -14.45
CA GLN D 175 -27.21 31.07 -13.76
C GLN D 175 -26.13 31.44 -14.75
N ASN D 176 -25.25 32.34 -14.32
CA ASN D 176 -24.19 32.85 -15.17
C ASN D 176 -23.21 31.74 -15.49
N ASP D 177 -22.87 31.59 -16.76
CA ASP D 177 -22.00 30.51 -17.21
C ASP D 177 -20.60 30.63 -16.66
N TYR D 178 -20.22 31.82 -16.19
CA TYR D 178 -19.00 32.00 -15.41
C TYR D 178 -18.99 31.12 -14.17
N PHE D 179 -20.14 30.89 -13.55
CA PHE D 179 -20.21 30.03 -12.37
C PHE D 179 -20.32 28.57 -12.72
N GLN D 180 -20.29 28.23 -13.99
CA GLN D 180 -20.20 26.83 -14.35
C GLN D 180 -18.76 26.47 -14.67
N MET D 181 -18.03 27.40 -15.28
CA MET D 181 -16.65 27.13 -15.59
C MET D 181 -15.75 27.13 -14.36
N HIS D 182 -16.24 27.61 -13.22
CA HIS D 182 -15.56 27.26 -11.99
C HIS D 182 -15.80 25.81 -11.64
N ALA D 183 -17.02 25.33 -11.85
CA ALA D 183 -17.37 23.98 -11.43
C ALA D 183 -16.64 22.93 -12.24
N ILE D 184 -16.29 23.23 -13.49
CA ILE D 184 -15.36 22.35 -14.16
C ILE D 184 -13.96 22.55 -13.62
N ALA D 185 -13.56 23.79 -13.35
CA ALA D 185 -12.24 24.01 -12.82
C ALA D 185 -12.09 23.65 -11.35
N ASP D 186 -13.19 23.34 -10.66
CA ASP D 186 -13.06 22.65 -9.38
C ASP D 186 -13.01 21.15 -9.58
N PHE D 187 -13.76 20.64 -10.56
CA PHE D 187 -13.77 19.21 -10.80
C PHE D 187 -12.46 18.71 -11.39
N LEU D 188 -11.76 19.55 -12.14
CA LEU D 188 -10.48 19.14 -12.69
C LEU D 188 -9.40 19.08 -11.61
N SER D 189 -9.32 20.11 -10.78
CA SER D 189 -8.33 20.09 -9.72
C SER D 189 -8.70 19.16 -8.58
N TYR D 190 -9.96 18.71 -8.52
CA TYR D 190 -10.32 17.63 -7.62
C TYR D 190 -9.74 16.31 -8.09
N SER D 191 -9.81 16.05 -9.39
CA SER D 191 -9.21 14.84 -9.92
C SER D 191 -7.73 15.01 -10.21
N GLY D 192 -7.25 16.25 -10.32
CA GLY D 192 -5.84 16.48 -10.61
C GLY D 192 -5.45 16.14 -12.02
N TRP D 193 -6.14 16.69 -13.01
CA TRP D 193 -5.85 16.38 -14.41
C TRP D 193 -5.01 17.44 -15.08
N ARG D 194 -5.25 18.72 -14.75
CA ARG D 194 -4.29 19.80 -14.93
C ARG D 194 -4.05 20.18 -16.40
N GLN D 195 -4.58 19.42 -17.36
CA GLN D 195 -4.31 19.72 -18.75
C GLN D 195 -5.46 19.19 -19.58
N VAL D 196 -6.13 20.07 -20.31
CA VAL D 196 -7.49 19.88 -20.79
C VAL D 196 -7.61 20.41 -22.21
N ILE D 197 -8.17 19.60 -23.11
CA ILE D 197 -8.40 20.03 -24.48
C ILE D 197 -9.86 20.40 -24.62
N ALA D 198 -10.14 21.68 -24.79
CA ALA D 198 -11.51 22.11 -24.88
C ALA D 198 -12.03 21.91 -26.30
N ILE D 199 -13.34 21.78 -26.42
CA ILE D 199 -14.04 21.69 -27.69
C ILE D 199 -15.28 22.57 -27.54
N PHE D 200 -15.42 23.56 -28.38
CA PHE D 200 -16.51 24.51 -28.24
C PHE D 200 -17.01 24.94 -29.60
N VAL D 201 -18.31 25.20 -29.71
CA VAL D 201 -18.83 25.80 -30.93
C VAL D 201 -18.35 27.24 -30.98
N ASP D 202 -18.21 27.78 -32.18
CA ASP D 202 -17.62 29.11 -32.27
C ASP D 202 -18.69 30.19 -32.32
N ASP D 203 -19.64 30.11 -31.39
CA ASP D 203 -20.56 31.20 -31.10
C ASP D 203 -19.95 32.11 -30.07
N GLU D 204 -20.78 32.96 -29.50
CA GLU D 204 -20.32 33.79 -28.40
C GLU D 204 -20.35 33.03 -27.09
N CYS D 205 -21.09 31.91 -27.04
CA CYS D 205 -21.07 31.07 -25.85
C CYS D 205 -19.86 30.14 -25.86
N GLY D 206 -19.17 30.07 -26.99
CA GLY D 206 -18.04 29.18 -27.05
C GLY D 206 -16.73 29.88 -26.76
N ARG D 207 -16.51 31.01 -27.42
CA ARG D 207 -15.26 31.75 -27.21
C ARG D 207 -15.23 32.36 -25.82
N ASN D 208 -16.30 33.04 -25.44
CA ASN D 208 -16.33 33.67 -24.12
C ASN D 208 -16.55 32.64 -23.03
N GLY D 209 -17.08 31.47 -23.40
CA GLY D 209 -17.23 30.42 -22.42
C GLY D 209 -15.91 29.81 -22.04
N ILE D 210 -15.07 29.51 -23.04
CA ILE D 210 -13.82 28.79 -22.78
C ILE D 210 -12.71 29.74 -22.37
N SER D 211 -12.77 31.00 -22.81
CA SER D 211 -11.79 31.99 -22.36
C SER D 211 -11.89 32.26 -20.87
N VAL D 212 -13.06 31.99 -20.27
CA VAL D 212 -13.16 31.97 -18.82
C VAL D 212 -12.44 30.77 -18.26
N LEU D 213 -12.60 29.60 -18.88
CA LEU D 213 -11.91 28.41 -18.39
C LEU D 213 -10.42 28.48 -18.64
N GLY D 214 -10.01 29.27 -19.63
CA GLY D 214 -8.60 29.57 -19.76
C GLY D 214 -8.10 30.38 -18.58
N ASP D 215 -8.95 31.25 -18.06
CA ASP D 215 -8.55 32.15 -16.99
C ASP D 215 -8.54 31.43 -15.65
N VAL D 216 -9.57 30.64 -15.36
CA VAL D 216 -9.73 30.08 -14.03
C VAL D 216 -8.74 28.94 -13.82
N LEU D 217 -8.40 28.22 -14.88
CA LEU D 217 -7.40 27.17 -14.74
C LEU D 217 -6.00 27.72 -14.58
N ALA D 218 -5.79 28.99 -14.90
CA ALA D 218 -4.48 29.60 -14.64
C ALA D 218 -4.28 29.83 -13.15
N LYS D 219 -5.37 30.04 -12.41
CA LYS D 219 -5.24 30.35 -11.00
C LYS D 219 -4.91 29.10 -10.19
N LYS D 220 -5.16 27.94 -10.74
CA LYS D 220 -4.77 26.67 -10.14
C LYS D 220 -3.61 26.03 -10.86
N ARG D 221 -2.93 26.82 -11.70
CA ARG D 221 -1.72 26.47 -12.43
C ARG D 221 -1.93 25.30 -13.39
N SER D 222 -3.16 25.08 -13.82
CA SER D 222 -3.46 24.23 -14.96
C SER D 222 -3.46 25.07 -16.22
N ARG D 223 -3.85 24.47 -17.34
CA ARG D 223 -3.91 25.19 -18.60
C ARG D 223 -4.78 24.42 -19.58
N ILE D 224 -5.24 25.12 -20.59
CA ILE D 224 -5.88 24.48 -21.73
C ILE D 224 -4.83 24.24 -22.80
N SER D 225 -4.75 23.02 -23.31
CA SER D 225 -3.80 22.75 -24.38
C SER D 225 -4.23 23.41 -25.68
N TYR D 226 -5.34 22.97 -26.24
CA TYR D 226 -5.65 23.29 -27.63
C TYR D 226 -7.13 23.60 -27.72
N LYS D 227 -7.46 24.88 -27.85
CA LYS D 227 -8.85 25.27 -28.00
C LYS D 227 -9.36 24.90 -29.37
N ALA D 228 -9.74 23.64 -29.58
CA ALA D 228 -10.34 23.24 -30.84
C ALA D 228 -11.69 23.91 -30.98
N ALA D 229 -12.07 24.26 -32.21
CA ALA D 229 -13.27 25.07 -32.39
C ALA D 229 -13.98 24.67 -33.66
N ILE D 230 -15.13 24.04 -33.51
CA ILE D 230 -15.96 23.72 -34.65
C ILE D 230 -16.69 24.98 -35.08
N THR D 231 -17.10 25.02 -36.33
CA THR D 231 -17.89 26.13 -36.84
C THR D 231 -19.33 25.98 -36.36
N PRO D 232 -20.16 27.05 -36.43
CA PRO D 232 -21.56 26.91 -35.99
C PRO D 232 -22.39 25.95 -36.82
N GLY D 233 -22.35 26.08 -38.15
CA GLY D 233 -23.05 25.10 -38.95
C GLY D 233 -22.15 23.90 -39.15
N ALA D 234 -22.34 22.88 -38.33
CA ALA D 234 -21.40 21.76 -38.26
C ALA D 234 -21.90 20.60 -39.10
N ASP D 235 -21.13 20.23 -40.11
CA ASP D 235 -21.39 19.00 -40.83
C ASP D 235 -20.93 17.81 -39.99
N SER D 236 -21.20 16.61 -40.48
CA SER D 236 -20.56 15.46 -39.87
C SER D 236 -19.22 15.16 -40.50
N SER D 237 -18.71 16.04 -41.36
CA SER D 237 -17.35 15.89 -41.86
C SER D 237 -16.39 16.87 -41.19
N SER D 238 -16.90 18.02 -40.74
CA SER D 238 -16.04 18.93 -40.00
C SER D 238 -15.71 18.38 -38.63
N ILE D 239 -16.61 17.57 -38.05
CA ILE D 239 -16.31 16.96 -36.78
C ILE D 239 -15.29 15.85 -36.95
N ARG D 240 -15.33 15.12 -38.07
CA ARG D 240 -14.32 14.10 -38.30
C ARG D 240 -12.98 14.72 -38.63
N ASP D 241 -13.00 15.84 -39.36
CA ASP D 241 -11.76 16.56 -39.66
C ASP D 241 -11.15 17.12 -38.39
N LEU D 242 -11.97 17.51 -37.43
CA LEU D 242 -11.44 18.02 -36.18
C LEU D 242 -10.92 16.90 -35.30
N LEU D 243 -11.81 15.97 -34.93
CA LEU D 243 -11.51 15.01 -33.87
C LEU D 243 -10.51 13.95 -34.29
N VAL D 244 -10.18 13.82 -35.57
CA VAL D 244 -8.97 13.10 -35.92
C VAL D 244 -7.75 13.87 -35.47
N SER D 245 -7.72 15.17 -35.72
CA SER D 245 -6.58 15.99 -35.33
C SER D 245 -6.59 16.38 -33.87
N VAL D 246 -7.46 15.81 -33.04
CA VAL D 246 -7.40 16.04 -31.60
C VAL D 246 -7.02 14.77 -30.84
N ASN D 247 -7.29 13.58 -31.39
CA ASN D 247 -6.69 12.35 -30.87
C ASN D 247 -5.17 12.41 -30.92
N LEU D 248 -4.62 13.04 -31.95
CA LEU D 248 -3.19 13.15 -32.10
C LEU D 248 -2.59 14.30 -31.30
N MET D 249 -2.97 14.45 -30.02
CA MET D 249 -2.42 15.49 -29.17
C MET D 249 -2.25 14.93 -27.77
N GLU D 250 -1.98 15.82 -26.84
CA GLU D 250 -1.28 15.47 -25.62
C GLU D 250 -2.18 15.22 -24.44
N SER D 251 -3.48 15.40 -24.56
CA SER D 251 -4.34 15.26 -23.40
C SER D 251 -5.56 14.45 -23.74
N ARG D 252 -6.18 13.93 -22.70
CA ARG D 252 -7.38 13.14 -22.86
C ARG D 252 -8.56 13.67 -22.09
N VAL D 253 -8.43 14.79 -21.40
CA VAL D 253 -9.54 15.27 -20.61
C VAL D 253 -10.28 16.30 -21.43
N PHE D 254 -11.21 15.87 -22.24
CA PHE D 254 -11.91 16.77 -23.14
C PHE D 254 -12.98 17.51 -22.38
N VAL D 255 -13.32 18.71 -22.84
CA VAL D 255 -14.41 19.49 -22.26
C VAL D 255 -15.23 19.99 -23.44
N VAL D 256 -16.35 19.38 -23.69
CA VAL D 256 -17.17 19.86 -24.79
C VAL D 256 -18.06 20.98 -24.29
N HIS D 257 -18.38 21.91 -25.19
CA HIS D 257 -19.33 22.96 -24.86
C HIS D 257 -19.99 23.35 -26.19
N VAL D 258 -21.08 22.68 -26.54
CA VAL D 258 -21.73 22.87 -27.82
C VAL D 258 -23.15 23.33 -27.53
N ASN D 259 -23.76 24.07 -28.46
CA ASN D 259 -25.19 24.29 -28.40
C ASN D 259 -25.93 22.96 -28.53
N PRO D 260 -27.07 22.80 -27.85
CA PRO D 260 -27.60 21.44 -27.62
C PRO D 260 -28.11 20.73 -28.85
N ASP D 261 -28.71 21.43 -29.81
CA ASP D 261 -29.39 20.73 -30.89
C ASP D 261 -28.41 20.08 -31.87
N SER D 262 -27.29 20.71 -32.14
CA SER D 262 -26.24 20.03 -32.88
C SER D 262 -25.26 19.32 -31.97
N GLY D 263 -25.53 19.29 -30.66
CA GLY D 263 -24.52 18.93 -29.70
C GLY D 263 -24.18 17.47 -29.66
N LEU D 264 -25.12 16.61 -30.00
CA LEU D 264 -24.88 15.19 -29.83
C LEU D 264 -24.10 14.59 -30.99
N ASN D 265 -23.87 15.37 -32.05
CA ASN D 265 -23.03 14.89 -33.14
C ASN D 265 -21.58 14.76 -32.76
N VAL D 266 -21.14 15.46 -31.71
CA VAL D 266 -19.75 15.34 -31.27
C VAL D 266 -19.53 13.95 -30.67
N PHE D 267 -20.47 13.49 -29.85
CA PHE D 267 -20.31 12.16 -29.28
C PHE D 267 -20.55 11.06 -30.29
N SER D 268 -21.46 11.28 -31.25
CA SER D 268 -21.79 10.24 -32.21
C SER D 268 -20.64 9.98 -33.18
N VAL D 269 -19.78 10.97 -33.38
CA VAL D 269 -18.54 10.74 -34.10
C VAL D 269 -17.45 10.24 -33.16
N ALA D 270 -17.55 10.54 -31.86
CA ALA D 270 -16.52 10.12 -30.92
C ALA D 270 -16.51 8.62 -30.71
N LYS D 271 -17.68 7.98 -30.70
CA LYS D 271 -17.69 6.52 -30.65
C LYS D 271 -17.26 5.92 -31.98
N SER D 272 -17.66 6.57 -33.08
CA SER D 272 -17.36 6.04 -34.41
C SER D 272 -15.87 6.15 -34.74
N LEU D 273 -15.17 7.08 -34.11
CA LEU D 273 -13.74 7.23 -34.31
C LEU D 273 -12.96 6.48 -33.25
N GLY D 274 -13.65 5.80 -32.34
CA GLY D 274 -12.99 5.03 -31.32
C GLY D 274 -12.46 5.84 -30.16
N MET D 275 -13.11 6.95 -29.82
CA MET D 275 -12.58 7.81 -28.78
C MET D 275 -13.15 7.49 -27.42
N MET D 276 -14.44 7.21 -27.33
CA MET D 276 -15.01 6.90 -26.02
C MET D 276 -14.67 5.48 -25.66
N ALA D 277 -13.52 5.31 -25.02
CA ALA D 277 -12.94 4.03 -24.67
C ALA D 277 -12.25 4.22 -23.34
N SER D 278 -11.34 3.32 -22.99
CA SER D 278 -10.63 3.45 -21.74
C SER D 278 -9.61 4.58 -21.81
N GLY D 279 -9.75 5.55 -20.92
CA GLY D 279 -8.76 6.59 -20.78
C GLY D 279 -9.01 7.86 -21.56
N TYR D 280 -10.27 8.23 -21.77
CA TYR D 280 -10.64 9.45 -22.48
C TYR D 280 -11.74 10.09 -21.66
N VAL D 281 -11.38 10.94 -20.70
CA VAL D 281 -12.40 11.48 -19.81
C VAL D 281 -13.12 12.61 -20.53
N TRP D 282 -14.38 12.40 -20.86
CA TRP D 282 -15.18 13.46 -21.46
C TRP D 282 -15.96 14.16 -20.37
N ILE D 283 -15.91 15.47 -20.36
CA ILE D 283 -16.73 16.28 -19.46
C ILE D 283 -17.63 17.08 -20.37
N ALA D 284 -18.81 17.42 -19.90
CA ALA D 284 -19.75 18.16 -20.72
C ALA D 284 -20.43 19.22 -19.89
N THR D 285 -20.79 20.31 -20.53
CA THR D 285 -21.49 21.40 -19.86
C THR D 285 -22.99 21.18 -20.00
N ASP D 286 -23.78 22.23 -19.70
CA ASP D 286 -25.21 22.09 -19.42
C ASP D 286 -26.02 21.51 -20.57
N TRP D 287 -25.50 21.58 -21.79
CA TRP D 287 -26.28 21.19 -22.96
C TRP D 287 -26.63 19.72 -22.97
N LEU D 288 -25.79 18.87 -22.39
CA LEU D 288 -26.03 17.44 -22.47
C LEU D 288 -27.13 16.99 -21.51
N PRO D 289 -27.29 17.53 -20.31
CA PRO D 289 -28.55 17.33 -19.59
C PRO D 289 -29.68 18.25 -19.99
N THR D 290 -29.60 18.88 -21.15
CA THR D 290 -30.75 19.46 -21.81
C THR D 290 -31.07 18.74 -23.10
N ALA D 291 -30.07 18.17 -23.76
CA ALA D 291 -30.30 17.33 -24.91
C ALA D 291 -30.69 15.90 -24.52
N MET D 292 -31.01 15.64 -23.26
CA MET D 292 -31.70 14.40 -22.90
C MET D 292 -33.04 14.64 -22.22
N ASP D 293 -33.19 15.72 -21.47
CA ASP D 293 -34.48 15.98 -20.84
C ASP D 293 -35.51 16.49 -21.84
N SER D 294 -35.08 16.95 -23.00
CA SER D 294 -35.99 17.26 -24.09
C SER D 294 -36.19 16.09 -25.02
N MET D 295 -35.56 14.97 -24.76
CA MET D 295 -35.93 13.71 -25.40
C MET D 295 -37.15 13.15 -24.70
N GLU D 296 -38.11 12.66 -25.48
CA GLU D 296 -39.36 12.15 -24.93
C GLU D 296 -39.12 10.91 -24.09
N HIS D 297 -38.24 10.03 -24.54
CA HIS D 297 -37.70 8.97 -23.71
C HIS D 297 -36.24 8.78 -24.09
N VAL D 298 -35.44 8.36 -23.12
CA VAL D 298 -34.02 8.09 -23.37
C VAL D 298 -33.95 6.82 -24.20
N ASP D 299 -33.51 6.94 -25.45
CA ASP D 299 -33.71 5.90 -26.46
C ASP D 299 -32.79 4.70 -26.34
N SER D 300 -32.03 4.56 -25.24
CA SER D 300 -31.21 3.41 -24.87
C SER D 300 -30.08 3.08 -25.85
N ASP D 301 -29.90 3.90 -26.88
CA ASP D 301 -28.70 3.92 -27.68
C ASP D 301 -27.92 5.21 -27.51
N THR D 302 -28.63 6.33 -27.30
CA THR D 302 -27.98 7.55 -26.86
C THR D 302 -27.34 7.35 -25.50
N MET D 303 -28.04 6.70 -24.58
CA MET D 303 -27.44 6.37 -23.30
C MET D 303 -26.36 5.30 -23.45
N ASP D 304 -26.44 4.47 -24.50
CA ASP D 304 -25.33 3.61 -24.83
C ASP D 304 -24.19 4.40 -25.43
N LEU D 305 -24.50 5.50 -26.12
CA LEU D 305 -23.46 6.34 -26.71
C LEU D 305 -22.70 7.13 -25.64
N LEU D 306 -23.34 7.40 -24.52
CA LEU D 306 -22.80 8.24 -23.45
C LEU D 306 -22.57 7.36 -22.22
N GLN D 307 -21.42 6.71 -22.17
CA GLN D 307 -21.11 5.83 -21.05
C GLN D 307 -19.91 6.39 -20.31
N GLY D 308 -20.16 7.30 -19.38
CA GLY D 308 -19.11 7.85 -18.56
C GLY D 308 -18.82 9.33 -18.70
N VAL D 309 -19.47 10.01 -19.63
CA VAL D 309 -19.28 11.44 -19.79
C VAL D 309 -19.93 12.18 -18.61
N VAL D 310 -19.12 12.94 -17.89
CA VAL D 310 -19.52 13.51 -16.61
C VAL D 310 -20.16 14.87 -16.83
N ALA D 311 -21.42 14.90 -17.23
CA ALA D 311 -22.01 16.18 -17.62
C ALA D 311 -22.49 16.95 -16.40
N PHE D 312 -22.71 18.25 -16.58
CA PHE D 312 -23.20 19.10 -15.49
C PHE D 312 -24.58 19.64 -15.85
N ARG D 313 -25.39 19.91 -14.83
CA ARG D 313 -26.75 20.39 -15.03
C ARG D 313 -27.03 21.48 -14.02
N HIS D 314 -27.85 22.45 -14.43
CA HIS D 314 -28.35 23.44 -13.50
C HIS D 314 -29.14 22.78 -12.38
N TYR D 315 -28.86 23.18 -11.15
CA TYR D 315 -29.50 22.60 -9.99
C TYR D 315 -30.56 23.55 -9.45
N THR D 316 -31.76 23.02 -9.23
CA THR D 316 -32.84 23.73 -8.59
C THR D 316 -33.30 22.92 -7.38
N ILE D 317 -33.34 23.58 -6.22
CA ILE D 317 -33.76 22.93 -4.98
C ILE D 317 -35.22 22.52 -5.08
N GLU D 318 -35.49 21.27 -4.67
CA GLU D 318 -36.84 20.73 -4.71
C GLU D 318 -37.70 21.38 -3.65
N SER D 319 -38.77 22.04 -4.07
CA SER D 319 -39.78 22.56 -3.17
C SER D 319 -41.13 22.06 -3.63
N SER D 320 -42.15 22.25 -2.80
CA SER D 320 -43.50 21.88 -3.17
C SER D 320 -44.12 22.84 -4.18
N VAL D 321 -43.53 24.04 -4.32
CA VAL D 321 -43.99 24.98 -5.35
C VAL D 321 -43.72 24.41 -6.73
N LYS D 322 -42.57 23.79 -6.90
CA LYS D 322 -42.24 23.16 -8.17
C LYS D 322 -43.05 21.89 -8.37
N ARG D 323 -43.46 21.24 -7.28
CA ARG D 323 -44.32 20.06 -7.36
C ARG D 323 -45.67 20.41 -7.96
N GLN D 324 -46.23 21.58 -7.61
CA GLN D 324 -47.42 22.07 -8.30
C GLN D 324 -47.11 22.38 -9.76
N PHE D 325 -45.92 22.89 -10.03
CA PHE D 325 -45.54 23.14 -11.42
C PHE D 325 -45.26 21.84 -12.15
N MET D 326 -44.67 20.86 -11.47
CA MET D 326 -44.50 19.54 -12.09
C MET D 326 -45.86 18.87 -12.32
N ALA D 327 -46.80 19.08 -11.39
CA ALA D 327 -48.16 18.61 -11.62
C ALA D 327 -48.84 19.39 -12.73
N ARG D 328 -48.55 20.69 -12.85
CA ARG D 328 -49.07 21.48 -13.96
C ARG D 328 -48.46 21.03 -15.27
N TRP D 329 -47.21 20.54 -15.21
CA TRP D 329 -46.54 20.09 -16.43
C TRP D 329 -47.12 18.78 -16.93
N LYS D 330 -47.66 17.95 -16.03
CA LYS D 330 -48.32 16.73 -16.45
C LYS D 330 -49.63 16.99 -17.15
N ASN D 331 -50.20 18.19 -16.99
CA ASN D 331 -51.46 18.54 -17.64
C ASN D 331 -51.26 18.85 -19.11
N LEU D 332 -50.08 19.34 -19.49
CA LEU D 332 -49.87 19.84 -20.85
C LEU D 332 -49.28 18.79 -21.77
N ARG D 333 -48.20 18.13 -21.33
CA ARG D 333 -47.30 17.29 -22.12
C ARG D 333 -46.83 17.97 -23.40
N PRO D 334 -45.88 18.92 -23.36
CA PRO D 334 -45.19 19.32 -24.58
C PRO D 334 -44.07 18.35 -24.95
N ASN D 335 -44.46 17.17 -25.44
CA ASN D 335 -43.55 16.10 -25.91
C ASN D 335 -42.62 15.61 -24.79
N ASP D 336 -43.08 15.72 -23.54
CA ASP D 336 -42.28 15.45 -22.32
C ASP D 336 -40.97 16.23 -22.30
N GLY D 337 -40.97 17.43 -22.85
CA GLY D 337 -39.78 18.23 -22.89
C GLY D 337 -39.66 19.17 -21.71
N PHE D 338 -39.50 18.63 -20.51
CA PHE D 338 -39.17 19.47 -19.36
C PHE D 338 -37.66 19.45 -19.17
N ASN D 339 -37.00 20.54 -19.56
CA ASN D 339 -35.55 20.57 -19.66
C ASN D 339 -34.89 21.60 -18.78
N SER D 340 -35.62 22.14 -17.81
CA SER D 340 -35.21 23.11 -16.80
C SER D 340 -34.91 24.49 -17.35
N TYR D 341 -34.93 24.70 -18.67
CA TYR D 341 -34.97 26.07 -19.17
C TYR D 341 -36.37 26.62 -19.23
N ALA D 342 -37.37 25.75 -19.37
CA ALA D 342 -38.76 26.17 -19.21
C ALA D 342 -39.01 26.66 -17.78
N MET D 343 -38.34 26.03 -16.82
CA MET D 343 -38.48 26.44 -15.43
C MET D 343 -37.85 27.81 -15.19
N TYR D 344 -36.73 28.12 -15.85
CA TYR D 344 -36.26 29.49 -15.81
C TYR D 344 -37.13 30.40 -16.67
N ALA D 345 -37.75 29.85 -17.70
CA ALA D 345 -38.68 30.66 -18.49
C ALA D 345 -39.98 30.88 -17.76
N TYR D 346 -40.37 29.96 -16.89
CA TYR D 346 -41.57 30.17 -16.09
C TYR D 346 -41.33 31.20 -14.99
N ASP D 347 -40.12 31.21 -14.43
CA ASP D 347 -39.80 32.20 -13.41
C ASP D 347 -39.70 33.59 -13.99
N SER D 348 -39.19 33.69 -15.22
CA SER D 348 -38.88 34.99 -15.80
C SER D 348 -40.09 35.81 -16.17
N VAL D 349 -41.28 35.21 -16.19
CA VAL D 349 -42.48 36.01 -16.39
C VAL D 349 -43.00 36.51 -15.04
N TRP D 350 -42.91 35.67 -14.01
CA TRP D 350 -43.23 36.12 -12.66
C TRP D 350 -42.27 37.19 -12.18
N LEU D 351 -41.01 37.15 -12.63
CA LEU D 351 -40.07 38.20 -12.28
C LEU D 351 -40.43 39.50 -13.00
N VAL D 352 -41.10 39.42 -14.14
CA VAL D 352 -41.66 40.63 -14.74
C VAL D 352 -42.87 41.09 -13.95
N ALA D 353 -43.77 40.16 -13.62
CA ALA D 353 -45.09 40.51 -13.10
C ALA D 353 -45.02 41.12 -11.72
N ARG D 354 -44.16 40.61 -10.84
CA ARG D 354 -43.98 41.22 -9.54
C ARG D 354 -43.32 42.58 -9.66
N ALA D 355 -42.36 42.70 -10.58
CA ALA D 355 -41.72 43.99 -10.81
C ALA D 355 -42.69 44.98 -11.44
N LEU D 356 -43.55 44.50 -12.32
CA LEU D 356 -44.57 45.36 -12.90
C LEU D 356 -45.67 45.67 -11.90
N ASP D 357 -45.82 44.83 -10.87
CA ASP D 357 -46.78 45.13 -9.80
C ASP D 357 -46.31 46.30 -8.96
N VAL D 358 -45.06 46.25 -8.50
CA VAL D 358 -44.51 47.30 -7.64
C VAL D 358 -44.33 48.59 -8.41
N PHE D 359 -44.09 48.49 -9.73
CA PHE D 359 -43.92 49.67 -10.56
C PHE D 359 -45.22 50.48 -10.69
N PHE D 360 -46.37 49.81 -10.66
CA PHE D 360 -47.62 50.54 -10.78
C PHE D 360 -48.09 51.15 -9.48
N ARG D 361 -47.58 50.70 -8.33
CA ARG D 361 -47.95 51.36 -7.09
C ARG D 361 -47.23 52.69 -6.94
N GLU D 362 -45.93 52.72 -7.26
CA GLU D 362 -45.18 53.96 -7.13
C GLU D 362 -45.44 54.88 -8.31
N ASN D 363 -45.08 54.45 -9.51
CA ASN D 363 -45.37 55.24 -10.69
C ASN D 363 -46.81 55.01 -11.14
N ASN D 364 -47.42 56.08 -11.65
CA ASN D 364 -48.80 55.99 -12.12
C ASN D 364 -48.89 55.49 -13.55
N ASN D 365 -47.92 55.85 -14.40
CA ASN D 365 -48.10 55.65 -15.82
C ASN D 365 -46.75 55.50 -16.50
N ILE D 366 -46.63 54.53 -17.41
CA ILE D 366 -45.52 54.51 -18.35
C ILE D 366 -45.70 55.63 -19.37
N THR D 367 -44.60 56.02 -20.00
CA THR D 367 -44.69 57.04 -21.04
C THR D 367 -43.61 56.82 -22.08
N PHE D 368 -43.87 57.35 -23.28
CA PHE D 368 -43.12 57.04 -24.49
C PHE D 368 -42.76 58.33 -25.21
N SER D 369 -41.66 58.29 -25.96
CA SER D 369 -41.31 59.35 -26.89
C SER D 369 -40.95 58.72 -28.23
N ASN D 370 -41.49 59.28 -29.31
CA ASN D 370 -41.30 58.73 -30.64
C ASN D 370 -40.11 59.34 -31.36
N ASP D 371 -39.09 59.78 -30.61
CA ASP D 371 -37.89 60.35 -31.19
C ASP D 371 -37.07 59.24 -31.87
N ILE D 382 -36.78 54.36 -44.39
CA ILE D 382 -38.04 54.16 -43.68
C ILE D 382 -37.77 53.63 -42.27
N GLN D 383 -36.49 53.54 -41.91
CA GLN D 383 -36.11 53.10 -40.58
C GLN D 383 -36.03 54.29 -39.64
N LEU D 384 -35.87 53.98 -38.34
CA LEU D 384 -35.95 54.95 -37.23
C LEU D 384 -37.26 55.74 -37.25
N SER D 385 -38.35 55.09 -37.67
CA SER D 385 -39.57 55.83 -37.97
C SER D 385 -40.35 56.16 -36.71
N ALA D 386 -40.88 55.14 -36.04
CA ALA D 386 -41.54 55.38 -34.76
C ALA D 386 -40.54 55.15 -33.63
N LEU D 387 -40.14 53.88 -33.45
CA LEU D 387 -39.12 53.40 -32.51
C LEU D 387 -39.19 54.06 -31.15
N SER D 388 -40.33 53.88 -30.49
CA SER D 388 -40.66 54.62 -29.28
C SER D 388 -39.76 54.22 -28.13
N VAL D 389 -38.98 55.18 -27.62
CA VAL D 389 -38.13 54.92 -26.48
C VAL D 389 -39.02 54.72 -25.25
N PHE D 390 -38.62 53.82 -24.38
CA PHE D 390 -39.33 53.61 -23.13
C PHE D 390 -38.79 54.62 -22.13
N ASN D 391 -39.48 55.74 -22.00
CA ASN D 391 -39.11 56.72 -20.99
C ASN D 391 -39.37 56.16 -19.61
N GLU D 392 -38.56 56.63 -18.66
CA GLU D 392 -38.48 56.11 -17.29
C GLU D 392 -38.20 54.61 -17.33
N GLY D 393 -37.06 54.26 -17.91
CA GLY D 393 -36.65 52.87 -17.96
C GLY D 393 -35.70 52.50 -16.84
N GLU D 394 -34.74 53.39 -16.56
CA GLU D 394 -33.77 53.18 -15.49
C GLU D 394 -34.39 53.20 -14.10
N LYS D 395 -35.58 53.77 -13.95
CA LYS D 395 -36.32 53.59 -12.71
C LYS D 395 -37.04 52.25 -12.72
N PHE D 396 -37.49 51.78 -13.88
CA PHE D 396 -38.06 50.45 -13.94
C PHE D 396 -36.98 49.39 -13.92
N MET D 397 -35.79 49.70 -14.44
CA MET D 397 -34.70 48.73 -14.39
C MET D 397 -34.16 48.57 -12.98
N LYS D 398 -34.18 49.64 -12.19
CA LYS D 398 -33.59 49.60 -10.86
C LYS D 398 -34.43 48.78 -9.88
N ILE D 399 -35.76 48.82 -10.01
CA ILE D 399 -36.62 48.09 -9.09
C ILE D 399 -36.61 46.60 -9.37
N ILE D 400 -36.14 46.18 -10.55
CA ILE D 400 -36.00 44.75 -10.81
C ILE D 400 -34.76 44.22 -10.10
N LEU D 401 -33.75 45.08 -9.91
CA LEU D 401 -32.54 44.67 -9.19
C LEU D 401 -32.81 44.43 -7.71
N GLY D 402 -33.75 45.16 -7.13
CA GLY D 402 -34.08 44.98 -5.74
C GLY D 402 -35.11 43.90 -5.46
N MET D 403 -35.35 43.02 -6.43
CA MET D 403 -36.37 42.00 -6.26
C MET D 403 -35.89 40.92 -5.30
N ASN D 404 -36.77 40.51 -4.39
CA ASN D 404 -36.49 39.44 -3.44
C ASN D 404 -37.55 38.34 -3.58
N HIS D 405 -37.94 38.07 -4.82
CA HIS D 405 -38.94 37.05 -5.12
C HIS D 405 -38.40 35.66 -4.79
N THR D 406 -39.31 34.73 -4.60
CA THR D 406 -38.98 33.32 -4.44
C THR D 406 -39.78 32.55 -5.48
N GLY D 407 -39.12 32.16 -6.57
CA GLY D 407 -39.77 31.53 -7.69
C GLY D 407 -39.73 30.02 -7.61
N VAL D 408 -40.08 29.39 -8.73
CA VAL D 408 -40.07 27.93 -8.81
C VAL D 408 -38.64 27.41 -8.77
N THR D 409 -37.67 28.21 -9.20
CA THR D 409 -36.26 27.85 -9.06
C THR D 409 -35.63 28.49 -7.84
N GLY D 410 -36.30 28.34 -6.70
CA GLY D 410 -35.75 28.79 -5.43
C GLY D 410 -35.73 30.29 -5.31
N PRO D 411 -34.89 30.80 -4.42
CA PRO D 411 -34.81 32.26 -4.24
C PRO D 411 -34.05 32.90 -5.38
N ILE D 412 -34.42 34.13 -5.72
CA ILE D 412 -33.77 34.87 -6.78
C ILE D 412 -33.43 36.26 -6.26
N GLN D 413 -32.17 36.66 -6.45
CA GLN D 413 -31.67 37.93 -5.93
C GLN D 413 -30.42 38.29 -6.73
N PHE D 414 -30.32 39.56 -7.10
CA PHE D 414 -29.23 40.02 -7.93
C PHE D 414 -28.36 40.97 -7.13
N ASP D 415 -27.09 40.63 -6.96
CA ASP D 415 -26.17 41.52 -6.27
C ASP D 415 -25.61 42.58 -7.22
N SER D 416 -24.51 43.22 -6.82
CA SER D 416 -23.94 44.31 -7.60
C SER D 416 -23.21 43.86 -8.86
N ASP D 417 -23.10 42.55 -9.11
CA ASP D 417 -22.48 42.07 -10.34
C ASP D 417 -23.47 41.38 -11.26
N ARG D 418 -24.77 41.54 -11.02
CA ARG D 418 -25.87 41.12 -11.88
C ARG D 418 -25.91 39.62 -12.12
N ASN D 419 -25.35 38.83 -11.23
CA ASN D 419 -25.57 37.40 -11.28
C ASN D 419 -26.76 37.05 -10.41
N ARG D 420 -27.15 35.78 -10.41
CA ARG D 420 -28.07 35.35 -9.37
C ARG D 420 -27.27 35.02 -8.10
N VAL D 421 -27.99 34.92 -6.99
CA VAL D 421 -27.35 35.09 -5.69
C VAL D 421 -26.59 33.83 -5.28
N ASN D 422 -27.13 32.65 -5.57
CA ASN D 422 -26.50 31.40 -5.14
C ASN D 422 -26.66 30.35 -6.24
N PRO D 423 -25.67 30.22 -7.11
CA PRO D 423 -25.74 29.22 -8.17
C PRO D 423 -25.09 27.91 -7.74
N ALA D 424 -25.54 26.83 -8.37
CA ALA D 424 -25.14 25.50 -7.97
C ALA D 424 -25.41 24.54 -9.11
N TYR D 425 -24.53 23.56 -9.27
CA TYR D 425 -24.62 22.61 -10.36
C TYR D 425 -24.55 21.18 -9.85
N GLU D 426 -25.37 20.32 -10.44
CA GLU D 426 -25.50 18.93 -10.03
C GLU D 426 -24.71 18.06 -10.99
N VAL D 427 -23.60 17.52 -10.49
CA VAL D 427 -22.71 16.74 -11.34
C VAL D 427 -23.36 15.41 -11.68
N LEU D 428 -23.62 15.18 -12.97
CA LEU D 428 -24.24 13.94 -13.42
C LEU D 428 -23.17 13.05 -14.01
N ASN D 429 -23.16 11.78 -13.61
CA ASN D 429 -22.39 10.75 -14.28
C ASN D 429 -23.36 9.92 -15.10
N LEU D 430 -23.01 9.68 -16.36
CA LEU D 430 -23.86 8.90 -17.26
C LEU D 430 -23.22 7.53 -17.45
N GLU D 431 -23.59 6.57 -16.59
CA GLU D 431 -23.08 5.21 -16.75
C GLU D 431 -24.17 4.15 -16.83
N GLY D 432 -25.35 4.40 -16.30
CA GLY D 432 -26.36 3.36 -16.27
C GLY D 432 -27.27 3.43 -17.46
N THR D 433 -28.58 3.35 -17.20
CA THR D 433 -29.59 3.70 -18.17
C THR D 433 -30.31 4.98 -17.81
N ALA D 434 -29.74 5.76 -16.89
CA ALA D 434 -30.35 7.00 -16.43
C ALA D 434 -29.25 7.90 -15.89
N PRO D 435 -29.45 9.21 -15.95
CA PRO D 435 -28.47 10.11 -15.35
C PRO D 435 -28.50 10.10 -13.83
N ARG D 436 -27.50 9.51 -13.20
CA ARG D 436 -27.41 9.59 -11.75
C ARG D 436 -26.54 10.76 -11.34
N THR D 437 -26.91 11.42 -10.25
CA THR D 437 -26.03 12.40 -9.64
C THR D 437 -24.88 11.72 -8.91
N VAL D 438 -23.78 12.44 -8.75
CA VAL D 438 -22.66 11.97 -7.94
C VAL D 438 -22.19 13.07 -7.02
N GLY D 439 -22.98 14.10 -6.86
CA GLY D 439 -22.61 15.17 -5.96
C GLY D 439 -23.23 16.48 -6.41
N TYR D 440 -22.73 17.57 -5.84
CA TYR D 440 -23.27 18.89 -6.13
C TYR D 440 -22.16 19.91 -5.99
N TRP D 441 -22.01 20.77 -6.99
CA TRP D 441 -21.17 21.94 -6.85
C TRP D 441 -22.02 23.08 -6.36
N SER D 442 -21.43 23.96 -5.57
CA SER D 442 -22.11 25.18 -5.14
C SER D 442 -21.13 26.32 -5.26
N ASN D 443 -21.64 27.55 -5.24
CA ASN D 443 -20.73 28.67 -5.05
C ASN D 443 -20.15 28.66 -3.65
N HIS D 444 -20.93 28.20 -2.66
CA HIS D 444 -20.54 28.38 -1.28
C HIS D 444 -19.45 27.40 -0.87
N SER D 445 -19.62 26.12 -1.18
CA SER D 445 -18.69 25.11 -0.75
C SER D 445 -17.90 24.50 -1.91
N GLY D 446 -18.59 23.95 -2.90
CA GLY D 446 -17.88 23.39 -4.03
C GLY D 446 -17.59 21.92 -3.86
N LEU D 447 -18.27 21.09 -4.67
CA LEU D 447 -18.13 19.64 -4.71
C LEU D 447 -18.46 18.99 -3.35
N SER D 448 -19.73 19.11 -3.00
CA SER D 448 -20.30 18.42 -1.86
C SER D 448 -21.08 17.20 -2.33
N VAL D 449 -21.30 16.25 -1.41
CA VAL D 449 -22.19 15.13 -1.68
C VAL D 449 -23.58 15.35 -1.09
N VAL D 450 -23.71 16.24 -0.12
CA VAL D 450 -25.02 16.62 0.40
C VAL D 450 -25.64 17.61 -0.57
N HIS D 451 -26.91 17.90 -0.40
CA HIS D 451 -27.53 18.98 -1.15
C HIS D 451 -26.89 20.30 -0.75
N PRO D 452 -26.70 21.24 -1.69
CA PRO D 452 -26.03 22.50 -1.35
C PRO D 452 -26.86 23.45 -0.52
N GLU D 453 -28.14 23.15 -0.30
CA GLU D 453 -28.94 23.98 0.60
C GLU D 453 -28.63 23.76 2.06
N THR D 454 -28.11 22.59 2.43
CA THR D 454 -27.78 22.35 3.82
C THR D 454 -26.51 23.07 4.26
N LEU D 455 -25.77 23.66 3.32
CA LEU D 455 -24.55 24.37 3.65
C LEU D 455 -24.64 25.87 3.40
N TYR D 456 -25.81 26.40 3.04
CA TYR D 456 -25.91 27.84 2.86
C TYR D 456 -25.93 28.58 4.18
N SER D 457 -26.33 27.92 5.27
CA SER D 457 -26.48 28.57 6.56
C SER D 457 -25.22 28.46 7.43
N ARG D 458 -24.08 28.18 6.82
CA ARG D 458 -22.83 27.96 7.55
C ARG D 458 -21.83 29.01 7.07
N PRO D 459 -20.66 29.12 7.69
CA PRO D 459 -19.54 29.81 7.03
C PRO D 459 -19.01 28.97 5.88
N PRO D 460 -18.31 29.59 4.93
CA PRO D 460 -17.69 28.80 3.85
C PRO D 460 -16.54 27.97 4.37
N ASN D 461 -16.74 26.66 4.40
CA ASN D 461 -15.72 25.73 4.88
C ASN D 461 -14.86 25.31 3.70
N THR D 462 -13.58 25.68 3.75
CA THR D 462 -12.64 25.40 2.67
C THR D 462 -11.61 24.39 3.19
N SER D 463 -11.89 23.11 2.98
CA SER D 463 -10.99 22.04 3.36
C SER D 463 -10.96 21.03 2.22
N THR D 464 -9.84 20.32 2.12
CA THR D 464 -9.75 19.26 1.11
C THR D 464 -10.62 18.07 1.49
N ALA D 465 -10.94 17.91 2.77
CA ALA D 465 -11.90 16.92 3.20
C ALA D 465 -13.33 17.42 3.11
N ASN D 466 -13.54 18.65 2.65
CA ASN D 466 -14.88 19.12 2.32
C ASN D 466 -15.20 18.87 0.84
N GLN D 467 -14.26 19.18 -0.04
CA GLN D 467 -14.45 18.91 -1.46
C GLN D 467 -14.38 17.41 -1.67
N ARG D 468 -15.55 16.79 -1.82
CA ARG D 468 -15.63 15.34 -1.87
C ARG D 468 -16.83 14.95 -2.70
N LEU D 469 -16.64 14.01 -3.61
CA LEU D 469 -17.69 13.52 -4.49
C LEU D 469 -17.93 12.04 -4.23
N LYS D 470 -18.91 11.49 -4.93
CA LYS D 470 -19.13 10.05 -4.89
C LYS D 470 -18.19 9.37 -5.88
N GLY D 471 -18.36 8.07 -6.06
CA GLY D 471 -17.59 7.38 -7.07
C GLY D 471 -18.10 7.70 -8.45
N ILE D 472 -17.16 7.91 -9.37
CA ILE D 472 -17.48 8.34 -10.73
C ILE D 472 -17.03 7.24 -11.68
N ILE D 473 -17.83 6.99 -12.71
CA ILE D 473 -17.55 5.97 -13.71
C ILE D 473 -17.14 6.67 -15.00
N TYR D 474 -15.93 6.39 -15.46
CA TYR D 474 -15.33 7.02 -16.62
C TYR D 474 -15.56 6.15 -17.85
N PRO D 475 -15.34 6.68 -19.05
CA PRO D 475 -15.49 5.84 -20.24
C PRO D 475 -14.52 4.68 -20.27
N GLY D 476 -15.01 3.54 -20.74
CA GLY D 476 -14.31 2.29 -20.64
C GLY D 476 -14.63 1.50 -19.39
N GLU D 477 -15.57 1.98 -18.58
CA GLU D 477 -16.00 1.36 -17.32
C GLU D 477 -14.83 1.16 -16.34
N VAL D 478 -13.90 2.09 -16.35
CA VAL D 478 -12.85 2.12 -15.35
C VAL D 478 -13.32 3.02 -14.23
N THR D 479 -12.74 2.86 -13.04
CA THR D 479 -13.08 3.75 -11.95
C THR D 479 -11.87 4.43 -11.32
N LYS D 480 -10.67 3.95 -11.57
CA LYS D 480 -9.49 4.73 -11.26
C LYS D 480 -9.43 5.89 -12.25
N PRO D 481 -9.25 7.11 -11.79
CA PRO D 481 -9.25 8.26 -12.69
C PRO D 481 -8.05 8.22 -13.61
N PRO D 482 -8.29 8.20 -14.93
CA PRO D 482 -7.20 7.94 -15.86
C PRO D 482 -6.23 9.10 -15.94
N ARG D 483 -4.99 8.75 -16.24
CA ARG D 483 -3.97 9.76 -16.44
C ARG D 483 -4.28 10.55 -17.70
N GLY D 484 -4.20 11.88 -17.58
CA GLY D 484 -4.59 12.73 -18.69
C GLY D 484 -3.63 12.66 -19.85
N TRP D 485 -2.34 12.65 -19.57
CA TRP D 485 -1.32 12.75 -20.61
C TRP D 485 -1.24 11.48 -21.43
N VAL D 486 -1.13 11.66 -22.74
CA VAL D 486 -0.77 10.63 -23.70
C VAL D 486 0.18 11.30 -24.69
N PHE D 487 1.32 10.68 -24.96
CA PHE D 487 2.34 11.31 -25.81
C PHE D 487 1.81 11.43 -27.24
N PRO D 488 1.96 12.58 -27.88
CA PRO D 488 1.28 12.80 -29.16
C PRO D 488 1.93 12.04 -30.29
N ASN D 489 1.16 11.85 -31.36
CA ASN D 489 1.63 11.18 -32.56
C ASN D 489 1.74 12.15 -33.72
N ASN D 490 2.21 13.37 -33.46
CA ASN D 490 2.35 14.39 -34.48
C ASN D 490 3.58 14.10 -35.34
N GLY D 491 3.95 15.06 -36.16
CA GLY D 491 5.15 14.93 -36.95
C GLY D 491 6.44 14.96 -36.16
N LYS D 492 6.40 15.40 -34.90
CA LYS D 492 7.60 15.43 -34.09
C LYS D 492 7.70 14.17 -33.23
N PRO D 493 8.75 13.38 -33.37
CA PRO D 493 8.95 12.24 -32.50
C PRO D 493 9.72 12.65 -31.26
N LEU D 494 10.01 11.68 -30.41
CA LEU D 494 10.75 11.91 -29.18
C LEU D 494 12.23 11.93 -29.50
N ARG D 495 12.84 13.11 -29.47
CA ARG D 495 14.23 13.24 -29.90
C ARG D 495 15.16 12.80 -28.78
N ILE D 496 15.40 11.49 -28.69
CA ILE D 496 16.33 10.98 -27.69
C ILE D 496 17.74 11.39 -28.07
N GLY D 497 18.37 12.18 -27.23
CA GLY D 497 19.77 12.45 -27.37
C GLY D 497 20.55 11.28 -26.81
N VAL D 498 21.61 10.88 -27.47
CA VAL D 498 22.42 9.74 -27.08
C VAL D 498 23.88 10.15 -27.21
N PRO D 499 24.70 9.94 -26.18
CA PRO D 499 26.11 10.34 -26.26
C PRO D 499 26.89 9.44 -27.19
N ASN D 500 27.51 10.05 -28.19
CA ASN D 500 28.40 9.33 -29.10
C ASN D 500 29.63 8.93 -28.31
N ARG D 501 29.71 7.66 -27.95
CA ARG D 501 30.59 7.21 -26.89
C ARG D 501 31.83 6.54 -27.45
N VAL D 502 32.98 6.84 -26.86
CA VAL D 502 34.27 6.31 -27.33
C VAL D 502 34.78 5.23 -26.39
N SER D 503 34.91 5.54 -25.11
CA SER D 503 35.38 4.58 -24.13
C SER D 503 34.18 3.86 -23.52
N TYR D 504 34.31 2.54 -23.34
CA TYR D 504 33.29 1.67 -22.75
C TYR D 504 31.98 1.73 -23.55
N THR D 505 32.03 1.22 -24.77
CA THR D 505 30.87 1.28 -25.65
C THR D 505 29.91 0.11 -25.42
N ASP D 506 29.90 -0.43 -24.20
CA ASP D 506 28.97 -1.46 -23.82
C ASP D 506 27.73 -0.91 -23.13
N TYR D 507 27.79 0.33 -22.62
CA TYR D 507 26.62 0.90 -21.97
C TYR D 507 25.73 1.65 -22.96
N VAL D 508 26.32 2.51 -23.78
CA VAL D 508 25.61 3.20 -24.84
C VAL D 508 26.66 3.53 -25.90
N SER D 509 26.28 3.47 -27.17
CA SER D 509 27.31 3.38 -28.20
C SER D 509 26.75 3.85 -29.53
N LYS D 510 27.53 3.59 -30.57
CA LYS D 510 27.14 3.83 -31.94
C LYS D 510 26.97 2.50 -32.65
N ASP D 511 25.98 2.42 -33.54
CA ASP D 511 25.60 1.15 -34.13
C ASP D 511 25.00 1.39 -35.51
N LYS D 512 25.10 0.37 -36.36
CA LYS D 512 24.51 0.37 -37.68
C LYS D 512 23.18 -0.37 -37.74
N ASN D 513 22.64 -0.77 -36.58
CA ASN D 513 21.35 -1.43 -36.51
C ASN D 513 20.22 -0.43 -36.81
N PRO D 514 19.05 -0.92 -37.21
CA PRO D 514 17.92 -0.01 -37.52
C PRO D 514 17.38 0.79 -36.33
N PRO D 515 17.58 0.43 -35.04
CA PRO D 515 17.36 1.46 -34.03
C PRO D 515 18.41 2.56 -34.05
N GLY D 516 19.65 2.24 -34.40
CA GLY D 516 20.69 3.23 -34.55
C GLY D 516 21.70 3.25 -33.42
N VAL D 517 21.38 2.70 -32.26
CA VAL D 517 22.27 2.68 -31.10
C VAL D 517 22.21 1.31 -30.46
N ARG D 518 23.20 1.04 -29.61
CA ARG D 518 23.33 -0.24 -28.94
C ARG D 518 23.96 -0.01 -27.58
N GLY D 519 23.57 -0.80 -26.61
CA GLY D 519 24.25 -0.76 -25.35
C GLY D 519 23.36 -1.31 -24.25
N TYR D 520 23.55 -0.77 -23.05
CA TYR D 520 22.74 -1.14 -21.90
C TYR D 520 21.69 -0.11 -21.56
N CYS D 521 22.07 1.18 -21.49
CA CYS D 521 21.11 2.22 -21.14
C CYS D 521 20.09 2.44 -22.23
N ILE D 522 20.39 2.08 -23.47
CA ILE D 522 19.37 2.06 -24.50
C ILE D 522 18.37 0.95 -24.23
N ASP D 523 18.85 -0.24 -23.91
CA ASP D 523 17.95 -1.36 -23.83
C ASP D 523 17.17 -1.42 -22.53
N VAL D 524 17.51 -0.61 -21.54
CA VAL D 524 16.59 -0.42 -20.42
C VAL D 524 15.53 0.60 -20.80
N PHE D 525 15.91 1.61 -21.58
CA PHE D 525 14.94 2.59 -22.07
C PHE D 525 13.97 1.96 -23.07
N GLU D 526 14.45 1.04 -23.90
CA GLU D 526 13.58 0.34 -24.84
C GLU D 526 12.57 -0.54 -24.13
N ALA D 527 12.93 -1.09 -22.98
CA ALA D 527 11.99 -1.94 -22.26
C ALA D 527 10.97 -1.12 -21.48
N ALA D 528 11.34 0.08 -21.03
CA ALA D 528 10.41 0.92 -20.30
C ALA D 528 9.36 1.54 -21.20
N ILE D 529 9.64 1.69 -22.48
CA ILE D 529 8.62 2.15 -23.42
C ILE D 529 7.53 1.11 -23.58
N GLU D 530 7.89 -0.18 -23.53
CA GLU D 530 6.93 -1.26 -23.73
C GLU D 530 5.97 -1.43 -22.56
N LEU D 531 6.30 -0.89 -21.39
CA LEU D 531 5.39 -0.91 -20.26
C LEU D 531 4.39 0.23 -20.27
N LEU D 532 4.62 1.24 -21.07
CA LEU D 532 3.72 2.37 -21.10
C LEU D 532 2.50 2.05 -21.95
N PRO D 533 1.36 2.69 -21.68
CA PRO D 533 0.19 2.55 -22.55
C PRO D 533 0.24 3.40 -23.81
N TYR D 534 1.39 3.91 -24.21
CA TYR D 534 1.45 4.95 -25.22
C TYR D 534 2.17 4.43 -26.45
N PRO D 535 1.69 4.72 -27.64
CA PRO D 535 2.55 4.53 -28.80
C PRO D 535 3.47 5.74 -28.99
N VAL D 536 4.77 5.57 -28.78
CA VAL D 536 5.69 6.69 -28.71
C VAL D 536 6.59 6.65 -29.95
N PRO D 537 6.44 7.58 -30.89
CA PRO D 537 7.42 7.67 -31.99
C PRO D 537 8.69 8.31 -31.48
N ARG D 538 9.83 7.75 -31.85
CA ARG D 538 11.08 8.19 -31.26
C ARG D 538 12.24 7.98 -32.22
N THR D 539 13.21 8.88 -32.15
CA THR D 539 14.42 8.81 -32.94
C THR D 539 15.63 8.91 -32.01
N TYR D 540 16.80 8.60 -32.53
CA TYR D 540 18.03 8.59 -31.75
C TYR D 540 19.07 9.45 -32.44
N ILE D 541 19.38 10.60 -31.86
CA ILE D 541 20.39 11.50 -32.39
C ILE D 541 21.66 11.31 -31.58
N LEU D 542 22.73 10.87 -32.24
CA LEU D 542 24.02 10.76 -31.58
C LEU D 542 24.58 12.15 -31.35
N TYR D 543 25.11 12.38 -30.14
CA TYR D 543 25.45 13.75 -29.74
C TYR D 543 26.89 14.15 -30.00
N GLY D 544 27.83 13.49 -29.34
CA GLY D 544 29.19 13.98 -29.29
C GLY D 544 29.98 13.71 -30.56
N ASP D 545 31.23 14.11 -30.51
CA ASP D 545 32.16 13.77 -31.59
C ASP D 545 32.59 12.32 -31.45
N GLY D 546 32.91 11.71 -32.58
CA GLY D 546 33.33 10.32 -32.58
C GLY D 546 34.71 10.06 -32.02
N LYS D 547 35.52 11.11 -31.84
CA LYS D 547 36.90 10.96 -31.40
C LYS D 547 37.01 10.85 -29.88
N ARG D 548 36.46 11.81 -29.16
CA ARG D 548 36.53 11.83 -27.71
C ARG D 548 35.14 11.80 -27.12
N ASN D 549 35.08 11.69 -25.80
CA ASN D 549 33.79 11.60 -25.12
C ASN D 549 33.09 12.95 -25.13
N PRO D 550 31.76 12.96 -25.13
CA PRO D 550 31.03 14.22 -25.03
C PRO D 550 30.90 14.68 -23.58
N SER D 551 31.04 15.98 -23.38
CA SER D 551 30.92 16.57 -22.05
C SER D 551 29.48 16.48 -21.60
N TYR D 552 29.21 15.67 -20.57
CA TYR D 552 27.83 15.43 -20.17
C TYR D 552 27.18 16.63 -19.50
N ASP D 553 27.95 17.64 -19.08
CA ASP D 553 27.29 18.87 -18.69
C ASP D 553 26.94 19.74 -19.88
N ASN D 554 27.40 19.38 -21.07
CA ASN D 554 26.88 19.98 -22.29
C ASN D 554 25.80 19.15 -22.94
N LEU D 555 25.75 17.85 -22.66
CA LEU D 555 24.62 17.03 -23.10
C LEU D 555 23.35 17.42 -22.38
N VAL D 556 23.42 17.52 -21.04
CA VAL D 556 22.26 17.91 -20.26
C VAL D 556 21.91 19.37 -20.49
N ASN D 557 22.90 20.20 -20.84
CA ASN D 557 22.59 21.58 -21.24
C ASN D 557 21.90 21.65 -22.59
N GLU D 558 21.86 20.57 -23.37
CA GLU D 558 21.02 20.58 -24.56
C GLU D 558 19.57 20.29 -24.22
N VAL D 559 19.31 19.49 -23.19
CA VAL D 559 17.94 19.16 -22.80
C VAL D 559 17.23 20.39 -22.28
N VAL D 560 17.95 21.28 -21.60
CA VAL D 560 17.37 22.54 -21.16
C VAL D 560 17.07 23.43 -22.35
N ALA D 561 17.94 23.44 -23.35
CA ALA D 561 17.75 24.25 -24.54
C ALA D 561 16.97 23.53 -25.63
N ASP D 562 16.13 22.57 -25.26
CA ASP D 562 15.04 22.00 -26.06
C ASP D 562 15.53 21.22 -27.28
N ASN D 563 16.84 20.98 -27.42
CA ASN D 563 17.30 20.26 -28.60
C ASN D 563 16.98 18.77 -28.50
N PHE D 564 17.08 18.18 -27.32
CA PHE D 564 16.74 16.79 -27.13
C PHE D 564 15.70 16.70 -26.03
N ASP D 565 14.57 16.07 -26.32
CA ASP D 565 13.52 16.01 -25.32
C ASP D 565 13.83 15.04 -24.19
N VAL D 566 14.71 14.08 -24.40
CA VAL D 566 15.18 13.23 -23.32
C VAL D 566 16.59 12.72 -23.61
N ALA D 567 17.52 12.94 -22.69
CA ALA D 567 18.85 12.39 -22.81
C ALA D 567 18.87 11.05 -22.08
N VAL D 568 19.13 9.99 -22.83
CA VAL D 568 19.21 8.64 -22.31
C VAL D 568 20.67 8.20 -22.34
N GLY D 569 21.16 7.75 -21.20
CA GLY D 569 22.48 7.16 -21.21
C GLY D 569 23.12 7.11 -19.84
N ASP D 570 24.35 7.58 -19.78
CA ASP D 570 25.16 7.50 -18.58
C ASP D 570 25.02 8.73 -17.72
N ILE D 571 23.89 9.42 -17.81
CA ILE D 571 23.76 10.71 -17.17
C ILE D 571 23.61 10.50 -15.67
N THR D 572 24.43 11.20 -14.88
CA THR D 572 24.61 10.93 -13.47
C THR D 572 24.05 12.09 -12.67
N ILE D 573 23.32 11.78 -11.60
CA ILE D 573 22.56 12.78 -10.86
C ILE D 573 23.52 13.62 -10.01
N VAL D 574 23.71 14.87 -10.40
CA VAL D 574 24.47 15.84 -9.61
C VAL D 574 23.44 16.88 -9.15
N THR D 575 23.85 17.77 -8.26
CA THR D 575 22.89 18.72 -7.69
C THR D 575 22.49 19.80 -8.69
N ASN D 576 23.44 20.35 -9.47
CA ASN D 576 23.01 21.34 -10.44
C ASN D 576 22.45 20.69 -11.70
N ARG D 577 22.60 19.37 -11.84
CA ARG D 577 21.89 18.72 -12.94
C ARG D 577 20.43 18.50 -12.58
N THR D 578 20.12 18.33 -11.30
CA THR D 578 18.73 18.10 -10.94
C THR D 578 17.97 19.42 -10.88
N ARG D 579 18.67 20.54 -10.90
CA ARG D 579 17.98 21.82 -10.93
C ARG D 579 17.36 22.09 -12.28
N TYR D 580 18.08 21.80 -13.36
CA TYR D 580 17.67 22.32 -14.65
C TYR D 580 16.92 21.29 -15.48
N VAL D 581 17.21 20.00 -15.29
CA VAL D 581 16.35 18.98 -15.86
C VAL D 581 15.72 18.23 -14.70
N ASP D 582 14.87 17.26 -14.98
CA ASP D 582 14.24 16.46 -13.93
C ASP D 582 14.39 14.99 -14.25
N PHE D 583 15.15 14.30 -13.44
CA PHE D 583 15.55 12.92 -13.69
C PHE D 583 14.42 11.97 -13.38
N THR D 584 14.66 10.69 -13.64
CA THR D 584 13.79 9.64 -13.18
C THR D 584 14.31 9.12 -11.86
N GLN D 585 13.80 8.00 -11.40
CA GLN D 585 14.48 7.28 -10.35
C GLN D 585 15.71 6.60 -10.96
N PRO D 586 16.74 6.34 -10.15
CA PRO D 586 17.93 5.70 -10.70
C PRO D 586 17.66 4.26 -11.07
N PHE D 587 18.20 3.84 -12.21
CA PHE D 587 18.05 2.46 -12.66
C PHE D 587 19.34 1.67 -12.50
N ILE D 588 20.42 2.30 -12.04
CA ILE D 588 21.62 1.61 -11.62
C ILE D 588 22.27 2.51 -10.58
N GLU D 589 23.14 1.94 -9.75
CA GLU D 589 23.79 2.69 -8.69
C GLU D 589 25.27 2.84 -9.00
N SER D 590 25.79 4.04 -8.82
CA SER D 590 27.17 4.36 -9.13
C SER D 590 27.71 5.29 -8.08
N GLY D 591 29.02 5.22 -7.87
CA GLY D 591 29.71 6.18 -7.02
C GLY D 591 31.12 6.33 -7.51
N LEU D 592 31.72 7.48 -7.21
CA LEU D 592 33.11 7.70 -7.59
C LEU D 592 34.02 6.86 -6.69
N VAL D 593 34.81 5.99 -7.30
CA VAL D 593 35.86 5.27 -6.59
C VAL D 593 37.19 5.66 -7.20
N VAL D 594 38.26 5.30 -6.50
CA VAL D 594 39.62 5.60 -6.92
C VAL D 594 40.30 4.29 -7.27
N VAL D 595 40.77 4.17 -8.50
CA VAL D 595 41.55 3.01 -8.90
C VAL D 595 43.02 3.43 -8.92
N ALA D 596 43.89 2.51 -8.54
CA ALA D 596 45.32 2.79 -8.39
C ALA D 596 46.06 1.47 -8.52
N PRO D 597 47.33 1.49 -8.96
CA PRO D 597 48.06 0.24 -9.11
C PRO D 597 48.42 -0.36 -7.76
N VAL D 598 48.36 -1.68 -7.69
CA VAL D 598 48.73 -2.39 -6.47
C VAL D 598 50.24 -2.33 -6.31
N LYS D 599 50.70 -2.25 -5.07
CA LYS D 599 52.11 -1.99 -4.79
C LYS D 599 52.49 -2.71 -3.50
N GLU D 600 53.80 -2.66 -3.19
CA GLU D 600 54.31 -3.31 -1.99
C GLU D 600 53.87 -2.56 -0.74
N ALA D 601 54.03 -3.20 0.41
CA ALA D 601 53.67 -2.62 1.69
C ALA D 601 54.87 -2.22 2.53
N LYS D 602 56.09 -2.59 2.14
CA LYS D 602 57.28 -2.34 2.93
C LYS D 602 57.98 -1.08 2.43
N SER D 603 58.45 -0.28 3.39
CA SER D 603 59.21 0.93 3.10
C SER D 603 60.70 0.60 3.11
N SER D 604 61.53 1.64 3.15
CA SER D 604 62.99 1.59 3.11
C SER D 604 63.56 0.92 4.37
N PRO D 605 64.88 0.66 4.44
CA PRO D 605 65.50 0.28 5.72
C PRO D 605 65.33 1.27 6.88
N TRP D 606 64.90 2.50 6.62
CA TRP D 606 64.47 3.40 7.69
C TRP D 606 63.22 2.91 8.39
N SER D 607 62.42 2.05 7.76
CA SER D 607 61.24 1.49 8.40
C SER D 607 61.59 0.31 9.30
N PHE D 608 62.80 -0.23 9.18
CA PHE D 608 63.28 -1.18 10.17
C PHE D 608 63.48 -0.50 11.52
N LEU D 609 63.95 0.74 11.50
CA LEU D 609 64.25 1.50 12.71
C LEU D 609 63.00 2.09 13.35
N LYS D 610 61.83 1.82 12.78
CA LYS D 610 60.59 2.44 13.22
C LYS D 610 60.14 2.13 14.65
N PRO D 611 60.37 0.94 15.24
CA PRO D 611 60.15 0.81 16.70
C PRO D 611 61.15 1.67 17.45
N PHE D 612 60.77 2.08 18.68
CA PHE D 612 61.52 3.04 19.49
C PHE D 612 61.69 4.34 18.73
N THR D 613 60.63 5.15 18.65
CA THR D 613 60.69 6.45 17.96
C THR D 613 61.91 7.28 18.37
N ILE D 614 62.41 8.07 17.40
CA ILE D 614 63.81 8.46 17.32
C ILE D 614 64.32 9.34 18.46
N GLU D 615 63.45 9.76 19.38
CA GLU D 615 63.92 10.45 20.57
C GLU D 615 64.52 9.47 21.57
N MET D 616 64.14 8.19 21.51
CA MET D 616 64.60 7.20 22.47
C MET D 616 65.64 6.24 21.90
N TRP D 617 66.35 6.63 20.85
CA TRP D 617 67.53 5.84 20.48
C TRP D 617 68.81 6.44 21.04
N ALA D 618 68.95 7.77 20.96
CA ALA D 618 70.16 8.42 21.45
C ALA D 618 70.21 8.42 22.96
N VAL D 619 69.06 8.31 23.62
CA VAL D 619 69.05 8.11 25.07
C VAL D 619 69.57 6.73 25.41
N THR D 620 69.24 5.74 24.58
CA THR D 620 69.70 4.37 24.81
C THR D 620 71.20 4.25 24.61
N GLY D 621 71.68 4.60 23.40
CA GLY D 621 73.10 4.54 23.13
C GLY D 621 73.93 5.56 23.89
N GLY D 622 73.31 6.66 24.31
CA GLY D 622 74.03 7.64 25.11
C GLY D 622 74.26 7.18 26.53
N PHE D 623 73.20 6.69 27.18
CA PHE D 623 73.36 6.11 28.51
C PHE D 623 73.90 4.69 28.47
N PHE D 624 74.08 4.12 27.27
CA PHE D 624 74.95 2.96 27.14
C PHE D 624 76.38 3.32 27.51
N LEU D 625 76.82 4.51 27.13
CA LEU D 625 78.16 4.97 27.49
C LEU D 625 78.22 5.48 28.92
N PHE D 626 77.10 5.98 29.45
CA PHE D 626 77.10 6.49 30.82
C PHE D 626 77.28 5.37 31.82
N VAL D 627 76.55 4.27 31.65
CA VAL D 627 76.81 3.09 32.45
C VAL D 627 78.10 2.42 31.97
N GLY D 628 78.45 2.61 30.70
CA GLY D 628 79.77 2.18 30.23
C GLY D 628 80.90 2.99 30.83
N ALA D 629 80.61 4.22 31.27
CA ALA D 629 81.63 5.02 31.97
C ALA D 629 81.91 4.47 33.35
N MET D 630 80.97 3.74 33.94
CA MET D 630 81.16 3.17 35.27
C MET D 630 82.16 2.02 35.25
N VAL D 631 82.37 1.39 34.11
CA VAL D 631 83.42 0.38 33.99
C VAL D 631 84.78 1.04 34.01
N TRP D 632 84.91 2.21 33.39
CA TRP D 632 86.18 2.93 33.36
C TRP D 632 86.54 3.52 34.71
N ILE D 633 85.53 3.83 35.54
CA ILE D 633 85.80 4.31 36.89
C ILE D 633 86.37 3.20 37.75
N LEU D 634 85.75 2.02 37.71
CA LEU D 634 86.17 0.88 38.51
C LEU D 634 87.20 0.02 37.81
N GLU D 635 87.98 0.59 36.89
CA GLU D 635 89.05 -0.11 36.20
C GLU D 635 90.20 -0.49 37.15
N GLN D 649 94.54 5.48 25.66
CA GLN D 649 94.58 4.37 24.72
C GLN D 649 94.73 3.05 25.45
N LEU D 650 95.69 2.99 26.38
CA LEU D 650 95.90 1.77 27.15
C LEU D 650 94.88 1.61 28.28
N ILE D 651 94.27 2.71 28.73
CA ILE D 651 93.22 2.61 29.73
C ILE D 651 91.87 2.33 29.06
N THR D 652 91.66 2.88 27.85
CA THR D 652 90.42 2.66 27.14
C THR D 652 90.34 1.27 26.52
N ILE D 653 91.48 0.67 26.17
CA ILE D 653 91.47 -0.71 25.67
C ILE D 653 91.16 -1.68 26.80
N PHE D 654 91.62 -1.37 28.01
CA PHE D 654 91.23 -2.16 29.17
C PHE D 654 89.84 -1.78 29.68
N TRP D 655 89.30 -0.65 29.21
CA TRP D 655 87.93 -0.30 29.52
C TRP D 655 86.93 -1.10 28.71
N PHE D 656 87.37 -1.75 27.63
CA PHE D 656 86.50 -2.67 26.89
C PHE D 656 86.55 -4.07 27.47
N SER D 657 87.38 -4.31 28.49
CA SER D 657 87.53 -5.66 29.03
C SER D 657 86.34 -6.06 29.89
N PHE D 658 86.11 -5.34 30.98
CA PHE D 658 85.03 -5.68 31.89
C PHE D 658 83.67 -5.20 31.38
N SER D 659 83.65 -4.37 30.34
CA SER D 659 82.38 -3.89 29.81
C SER D 659 81.65 -4.99 29.03
N THR D 660 82.36 -6.01 28.58
CA THR D 660 81.73 -7.09 27.81
C THR D 660 80.92 -8.02 28.71
N MET D 661 81.58 -8.66 29.66
CA MET D 661 80.91 -9.63 30.53
C MET D 661 80.88 -9.15 31.98
N SER D 672 82.14 -7.06 43.34
CA SER D 672 82.44 -5.79 43.99
C SER D 672 81.32 -4.78 43.78
N LEU D 673 81.62 -3.52 44.09
CA LEU D 673 80.64 -2.46 43.95
C LEU D 673 80.41 -2.09 42.48
N GLY D 674 81.48 -2.08 41.68
CA GLY D 674 81.33 -1.91 40.25
C GLY D 674 80.76 -3.13 39.55
N ARG D 675 80.84 -4.29 40.20
CA ARG D 675 80.23 -5.50 39.66
C ARG D 675 78.77 -5.63 40.01
N PHE D 676 78.23 -4.72 40.84
CA PHE D 676 76.81 -4.75 41.14
C PHE D 676 75.99 -3.96 40.12
N VAL D 677 76.62 -2.99 39.44
CA VAL D 677 75.94 -2.31 38.35
C VAL D 677 75.78 -3.25 37.17
N LEU D 678 76.69 -4.22 37.02
CA LEU D 678 76.57 -5.24 35.98
C LEU D 678 75.34 -6.12 36.18
N ILE D 679 74.84 -6.25 37.40
CA ILE D 679 73.56 -6.93 37.59
C ILE D 679 72.42 -6.05 37.10
N ILE D 680 72.46 -4.76 37.43
CA ILE D 680 71.35 -3.88 37.11
C ILE D 680 71.34 -3.53 35.63
N TRP D 681 72.51 -3.27 35.04
CA TRP D 681 72.59 -3.03 33.60
C TRP D 681 72.23 -4.26 32.79
N LEU D 682 72.39 -5.46 33.36
CA LEU D 682 71.83 -6.64 32.72
C LEU D 682 70.31 -6.58 32.73
N PHE D 683 69.70 -6.06 33.78
CA PHE D 683 68.25 -5.97 33.82
C PHE D 683 67.72 -4.91 32.87
N VAL D 684 68.48 -3.83 32.63
CA VAL D 684 67.98 -2.73 31.82
C VAL D 684 67.91 -3.13 30.36
N VAL D 685 68.97 -3.73 29.83
CA VAL D 685 68.93 -4.19 28.45
C VAL D 685 68.06 -5.43 28.30
N LEU D 686 67.70 -6.09 29.40
CA LEU D 686 66.74 -7.18 29.33
C LEU D 686 65.32 -6.68 29.08
N ILE D 687 65.04 -5.42 29.40
CA ILE D 687 63.74 -4.86 29.10
C ILE D 687 63.72 -4.21 27.72
N ILE D 688 64.82 -3.56 27.35
CA ILE D 688 64.95 -3.00 26.01
C ILE D 688 64.95 -4.10 24.97
N ASN D 689 65.41 -5.30 25.29
CA ASN D 689 65.21 -6.44 24.40
C ASN D 689 63.74 -6.81 24.34
N SER D 690 63.03 -6.74 25.47
CA SER D 690 61.61 -7.05 25.43
C SER D 690 60.79 -5.94 24.80
N SER D 691 61.12 -4.69 25.10
CA SER D 691 60.34 -3.59 24.55
C SER D 691 60.55 -3.42 23.07
N TYR D 692 61.75 -3.74 22.56
CA TYR D 692 61.94 -3.70 21.12
C TYR D 692 61.24 -4.87 20.44
N THR D 693 61.11 -6.00 21.11
CA THR D 693 60.31 -7.07 20.52
C THR D 693 58.83 -6.73 20.63
N ALA D 694 58.38 -6.28 21.80
CA ALA D 694 56.97 -5.96 21.97
C ALA D 694 56.57 -4.64 21.30
N SER D 695 57.51 -3.89 20.74
CA SER D 695 57.11 -2.87 19.79
C SER D 695 57.04 -3.44 18.39
N LEU D 696 57.96 -4.35 18.05
CA LEU D 696 57.96 -4.88 16.69
C LEU D 696 56.85 -5.90 16.47
N THR D 697 56.43 -6.61 17.52
CA THR D 697 55.21 -7.40 17.39
C THR D 697 53.97 -6.52 17.34
N SER D 698 54.05 -5.31 17.85
CA SER D 698 52.93 -4.38 17.78
C SER D 698 52.89 -3.63 16.46
N ILE D 699 53.82 -3.89 15.56
CA ILE D 699 53.82 -3.33 14.23
C ILE D 699 53.51 -4.38 13.19
N LEU D 700 54.19 -5.52 13.26
CA LEU D 700 53.98 -6.58 12.29
C LEU D 700 52.68 -7.34 12.48
N THR D 701 51.89 -7.04 13.51
CA THR D 701 50.58 -7.65 13.65
C THR D 701 49.46 -6.75 13.15
N ILE D 702 49.44 -5.48 13.58
CA ILE D 702 48.37 -4.61 13.12
C ILE D 702 48.54 -4.22 11.65
N ARG D 703 49.76 -4.27 11.11
CA ARG D 703 49.93 -4.07 9.68
C ARG D 703 49.54 -5.28 8.85
N GLN D 704 49.16 -6.37 9.49
CA GLN D 704 48.40 -7.41 8.82
C GLN D 704 46.91 -7.23 9.00
N LEU D 705 46.48 -6.21 9.77
CA LEU D 705 45.07 -5.96 10.03
C LEU D 705 44.67 -4.50 9.82
N THR D 706 45.44 -3.75 9.05
CA THR D 706 45.01 -2.43 8.57
C THR D 706 44.66 -2.56 7.10
N SER D 707 43.39 -2.81 6.82
CA SER D 707 42.86 -2.74 5.48
C SER D 707 42.36 -1.34 5.13
N ARG D 708 42.72 -0.35 5.94
CA ARG D 708 42.25 1.02 5.78
C ARG D 708 43.39 2.01 5.53
N ILE D 709 44.57 1.53 5.16
CA ILE D 709 45.69 2.42 4.90
C ILE D 709 45.62 2.82 3.43
N GLU D 710 44.63 3.67 3.13
CA GLU D 710 44.26 4.16 1.81
C GLU D 710 43.26 5.29 2.00
N GLY D 711 42.68 5.77 0.91
CA GLY D 711 41.55 6.66 1.00
C GLY D 711 41.63 7.76 -0.03
N ILE D 712 40.56 8.55 -0.09
CA ILE D 712 40.58 9.75 -0.92
C ILE D 712 41.55 10.76 -0.34
N ASP D 713 41.75 10.76 0.97
CA ASP D 713 42.73 11.65 1.60
C ASP D 713 44.16 11.29 1.23
N SER D 714 44.41 10.03 0.87
CA SER D 714 45.68 9.65 0.30
C SER D 714 45.86 10.22 -1.09
N LEU D 715 44.77 10.59 -1.76
CA LEU D 715 44.84 11.17 -3.09
C LEU D 715 44.80 12.69 -3.08
N VAL D 716 44.26 13.30 -2.02
CA VAL D 716 44.15 14.76 -1.97
C VAL D 716 45.50 15.39 -1.68
N THR D 717 46.09 15.08 -0.52
CA THR D 717 47.25 15.81 -0.04
C THR D 717 48.55 15.39 -0.69
N SER D 718 48.57 14.28 -1.43
CA SER D 718 49.83 13.76 -1.94
C SER D 718 50.29 14.42 -3.24
N ASN D 719 49.59 15.48 -3.67
CA ASN D 719 49.83 16.34 -4.87
C ASN D 719 50.37 15.59 -6.09
N GLU D 720 49.69 14.50 -6.43
CA GLU D 720 50.00 13.63 -7.55
C GLU D 720 49.15 13.99 -8.74
N PRO D 721 49.56 13.59 -9.95
CA PRO D 721 48.67 13.74 -11.10
C PRO D 721 47.50 12.77 -11.02
N ILE D 722 46.29 13.32 -10.92
CA ILE D 722 45.06 12.55 -10.84
C ILE D 722 44.45 12.52 -12.23
N GLY D 723 44.28 11.32 -12.78
CA GLY D 723 43.61 11.19 -14.05
C GLY D 723 42.11 11.11 -13.85
N VAL D 724 41.37 11.79 -14.72
CA VAL D 724 39.94 11.60 -14.82
C VAL D 724 39.63 11.23 -16.26
N GLN D 725 38.43 10.74 -16.48
CA GLN D 725 38.01 10.51 -17.85
C GLN D 725 37.48 11.80 -18.45
N ASP D 726 37.61 11.93 -19.76
CA ASP D 726 37.30 13.17 -20.43
C ASP D 726 35.79 13.36 -20.52
N GLY D 727 35.32 14.56 -20.20
CA GLY D 727 33.91 14.88 -20.29
C GLY D 727 33.06 14.17 -19.26
N THR D 728 33.20 14.56 -18.00
CA THR D 728 32.41 13.96 -16.94
C THR D 728 32.05 15.05 -15.94
N PHE D 729 31.35 14.66 -14.88
CA PHE D 729 31.14 15.59 -13.79
C PHE D 729 32.23 15.50 -12.75
N ALA D 730 32.93 14.37 -12.66
CA ALA D 730 34.00 14.20 -11.68
C ALA D 730 35.17 15.12 -11.95
N ARG D 731 35.37 15.50 -13.21
CA ARG D 731 36.38 16.50 -13.54
C ARG D 731 36.03 17.85 -12.92
N ASN D 732 34.76 18.21 -12.94
CA ASN D 732 34.32 19.45 -12.33
C ASN D 732 33.73 19.22 -10.95
N TYR D 733 33.91 18.03 -10.39
CA TYR D 733 33.55 17.77 -9.01
C TYR D 733 34.74 17.90 -8.08
N LEU D 734 35.90 17.38 -8.51
CA LEU D 734 37.09 17.45 -7.65
C LEU D 734 37.63 18.86 -7.54
N ILE D 735 37.39 19.70 -8.55
CA ILE D 735 37.91 21.06 -8.50
C ILE D 735 37.09 21.93 -7.57
N ASN D 736 35.77 21.85 -7.66
CA ASN D 736 34.92 22.74 -6.87
C ASN D 736 34.77 22.25 -5.44
N GLU D 737 34.72 20.94 -5.22
CA GLU D 737 34.40 20.42 -3.90
C GLU D 737 35.65 20.11 -3.08
N LEU D 738 36.48 19.20 -3.58
CA LEU D 738 37.61 18.69 -2.80
C LEU D 738 38.85 19.56 -2.93
N ASN D 739 38.76 20.68 -3.66
CA ASN D 739 39.81 21.71 -3.79
C ASN D 739 41.10 21.16 -4.40
N ILE D 740 41.00 20.14 -5.23
CA ILE D 740 42.16 19.63 -5.95
C ILE D 740 42.50 20.58 -7.07
N LEU D 741 43.80 20.84 -7.25
CA LEU D 741 44.28 21.82 -8.23
C LEU D 741 43.95 21.39 -9.66
N PRO D 742 43.69 22.35 -10.54
CA PRO D 742 43.41 22.00 -11.95
C PRO D 742 44.61 21.47 -12.71
N SER D 743 45.84 21.72 -12.24
CA SER D 743 47.01 21.14 -12.87
C SER D 743 47.14 19.66 -12.56
N ARG D 744 46.58 19.21 -11.44
CA ARG D 744 46.63 17.80 -11.09
C ARG D 744 45.63 17.00 -11.92
N ILE D 745 44.50 17.59 -12.26
CA ILE D 745 43.44 16.90 -12.97
C ILE D 745 43.87 16.72 -14.43
N VAL D 746 44.04 15.47 -14.85
CA VAL D 746 44.50 15.14 -16.20
C VAL D 746 43.37 14.41 -16.91
N PRO D 747 42.91 14.88 -18.06
CA PRO D 747 41.89 14.15 -18.80
C PRO D 747 42.49 12.99 -19.59
N LEU D 748 41.63 12.04 -19.92
CA LEU D 748 42.06 10.83 -20.61
C LEU D 748 40.95 10.41 -21.57
N LYS D 749 41.31 10.14 -22.82
CA LYS D 749 40.30 10.04 -23.88
C LYS D 749 39.62 8.67 -23.95
N ASP D 750 40.39 7.58 -23.98
CA ASP D 750 39.75 6.29 -24.22
C ASP D 750 40.22 5.19 -23.27
N GLU D 751 39.86 3.95 -23.61
CA GLU D 751 40.01 2.84 -22.66
C GLU D 751 41.46 2.39 -22.52
N GLU D 752 42.21 2.33 -23.63
CA GLU D 752 43.57 1.85 -23.54
C GLU D 752 44.53 2.88 -22.95
N GLN D 753 44.16 4.17 -22.96
CA GLN D 753 44.93 5.16 -22.24
C GLN D 753 44.57 5.23 -20.77
N TYR D 754 43.69 4.35 -20.29
CA TYR D 754 43.50 4.15 -18.86
C TYR D 754 44.49 3.14 -18.32
N LEU D 755 44.98 2.25 -19.18
CA LEU D 755 46.09 1.37 -18.82
C LEU D 755 47.42 2.10 -18.89
N SER D 756 47.67 2.76 -20.03
CA SER D 756 48.98 3.35 -20.28
C SER D 756 49.25 4.59 -19.45
N ALA D 757 48.23 5.16 -18.81
CA ALA D 757 48.47 6.25 -17.86
C ALA D 757 48.72 5.74 -16.45
N LEU D 758 48.66 4.43 -16.23
CA LEU D 758 49.01 3.85 -14.94
C LEU D 758 50.12 2.82 -15.02
N GLN D 759 50.41 2.29 -16.21
CA GLN D 759 51.60 1.46 -16.36
C GLN D 759 52.85 2.29 -16.18
N ARG D 760 52.83 3.54 -16.64
CA ARG D 760 53.95 4.45 -16.42
C ARG D 760 54.00 4.98 -15.00
N GLY D 761 52.92 4.84 -14.23
CA GLY D 761 52.89 5.31 -12.87
C GLY D 761 52.78 6.82 -12.79
N PRO D 762 53.16 7.40 -11.66
CA PRO D 762 53.12 8.86 -11.53
C PRO D 762 54.11 9.57 -12.41
N ASN D 763 55.28 8.99 -12.66
CA ASN D 763 56.29 9.60 -13.49
C ASN D 763 56.04 9.28 -14.95
N ALA D 764 56.95 9.77 -15.81
CA ALA D 764 56.94 9.59 -17.27
C ALA D 764 55.64 10.08 -17.91
N GLY D 765 55.06 11.15 -17.35
CA GLY D 765 53.84 11.73 -17.89
C GLY D 765 52.56 11.05 -17.45
N GLY D 766 52.63 9.90 -16.81
CA GLY D 766 51.42 9.19 -16.40
C GLY D 766 50.79 9.80 -15.17
N VAL D 767 49.62 9.27 -14.83
CA VAL D 767 48.85 9.72 -13.67
C VAL D 767 49.03 8.71 -12.55
N ALA D 768 48.73 9.13 -11.33
CA ALA D 768 48.89 8.23 -10.20
C ALA D 768 47.66 7.39 -9.97
N ALA D 769 46.48 7.98 -10.12
CA ALA D 769 45.24 7.28 -9.83
C ALA D 769 44.13 7.87 -10.66
N ILE D 770 43.35 7.00 -11.30
CA ILE D 770 42.22 7.42 -12.12
C ILE D 770 40.98 7.42 -11.25
N VAL D 771 40.28 8.55 -11.21
CA VAL D 771 39.01 8.64 -10.53
C VAL D 771 37.92 8.36 -11.56
N ASP D 772 37.24 7.24 -11.41
CA ASP D 772 36.15 6.87 -12.29
C ASP D 772 34.91 6.55 -11.48
N GLU D 773 33.79 6.46 -12.18
CA GLU D 773 32.57 5.97 -11.58
C GLU D 773 32.66 4.46 -11.42
N LEU D 774 31.74 3.92 -10.61
CA LEU D 774 31.86 2.51 -10.22
C LEU D 774 31.61 1.52 -11.36
N PRO D 775 30.53 1.63 -12.20
CA PRO D 775 30.34 0.58 -13.21
C PRO D 775 31.17 0.76 -14.46
N TYR D 776 32.17 1.64 -14.42
CA TYR D 776 33.23 1.65 -15.42
C TYR D 776 34.45 0.89 -14.94
N ILE D 777 34.73 1.01 -13.64
CA ILE D 777 35.81 0.27 -13.00
C ILE D 777 35.56 -1.23 -13.07
N GLU D 778 34.30 -1.63 -12.93
CA GLU D 778 33.94 -3.04 -13.06
C GLU D 778 34.24 -3.58 -14.46
N VAL D 779 34.06 -2.74 -15.48
CA VAL D 779 34.40 -3.16 -16.84
C VAL D 779 35.91 -3.18 -17.01
N LEU D 780 36.60 -2.24 -16.38
CA LEU D 780 38.05 -2.12 -16.56
C LEU D 780 38.79 -3.25 -15.85
N LEU D 781 38.40 -3.56 -14.62
CA LEU D 781 39.14 -4.56 -13.84
C LEU D 781 38.89 -5.98 -14.32
N THR D 782 37.76 -6.24 -14.97
CA THR D 782 37.57 -7.57 -15.54
C THR D 782 38.43 -7.74 -16.79
N ASN D 783 38.60 -6.66 -17.57
CA ASN D 783 39.41 -6.72 -18.78
C ASN D 783 40.88 -6.92 -18.46
N SER D 784 41.41 -6.20 -17.48
CA SER D 784 42.77 -6.42 -17.02
C SER D 784 42.80 -7.55 -16.01
N ASN D 785 44.00 -7.86 -15.54
CA ASN D 785 44.12 -8.71 -14.36
C ASN D 785 44.02 -7.84 -13.12
N CYS D 786 44.08 -8.49 -11.96
CA CYS D 786 44.05 -7.74 -10.70
C CYS D 786 45.42 -7.15 -10.36
N LYS D 787 45.87 -6.25 -11.24
CA LYS D 787 47.02 -5.41 -11.03
C LYS D 787 46.62 -4.02 -10.58
N PHE D 788 45.33 -3.73 -10.53
CA PHE D 788 44.79 -2.46 -10.10
C PHE D 788 43.76 -2.72 -9.00
N ARG D 789 43.71 -1.83 -8.02
CA ARG D 789 42.79 -2.01 -6.92
C ARG D 789 41.95 -0.76 -6.71
N THR D 790 40.71 -0.96 -6.30
CA THR D 790 39.84 0.12 -5.88
C THR D 790 40.17 0.44 -4.43
N VAL D 791 41.03 1.44 -4.22
CA VAL D 791 41.71 1.62 -2.94
C VAL D 791 40.79 2.01 -1.79
N GLY D 792 39.65 2.60 -2.08
CA GLY D 792 38.76 3.05 -1.03
C GLY D 792 37.37 2.58 -1.32
N GLN D 793 36.40 3.43 -1.05
CA GLN D 793 35.02 3.17 -1.38
C GLN D 793 34.43 4.36 -2.12
N GLU D 794 33.13 4.30 -2.32
CA GLU D 794 32.41 5.33 -3.06
C GLU D 794 32.32 6.59 -2.21
N PHE D 795 33.16 7.57 -2.49
CA PHE D 795 33.17 8.79 -1.69
C PHE D 795 32.15 9.82 -2.16
N THR D 796 31.37 9.50 -3.19
CA THR D 796 30.14 10.23 -3.52
C THR D 796 29.25 9.26 -4.28
N ARG D 797 28.26 8.68 -3.61
CA ARG D 797 27.43 7.64 -4.20
C ARG D 797 26.08 8.24 -4.57
N THR D 798 25.81 8.38 -5.87
CA THR D 798 24.56 8.98 -6.33
C THR D 798 23.73 8.08 -7.23
N GLY D 799 24.26 7.57 -8.33
CA GLY D 799 23.50 6.73 -9.24
C GLY D 799 23.16 7.44 -10.54
N TRP D 800 22.85 6.63 -11.55
CA TRP D 800 22.55 7.12 -12.89
C TRP D 800 21.08 7.49 -13.02
N GLY D 801 20.66 7.71 -14.27
CA GLY D 801 19.28 8.04 -14.53
C GLY D 801 19.13 8.71 -15.88
N PHE D 802 17.88 8.71 -16.36
CA PHE D 802 17.51 9.38 -17.60
C PHE D 802 17.25 10.84 -17.33
N ALA D 803 17.36 11.68 -18.35
CA ALA D 803 17.30 13.12 -18.15
C ALA D 803 16.24 13.75 -19.03
N PHE D 804 15.00 13.77 -18.55
CA PHE D 804 13.91 14.38 -19.29
C PHE D 804 13.94 15.89 -19.16
N GLN D 805 13.20 16.56 -20.02
CA GLN D 805 13.11 18.01 -19.98
C GLN D 805 12.26 18.41 -18.77
N ARG D 806 12.47 19.63 -18.29
CA ARG D 806 11.93 20.04 -17.00
C ARG D 806 10.42 20.20 -17.06
N ASP D 807 9.74 19.62 -16.07
CA ASP D 807 8.28 19.53 -15.96
C ASP D 807 7.66 18.91 -17.21
N SER D 808 8.03 17.65 -17.45
CA SER D 808 7.45 16.89 -18.53
C SER D 808 6.75 15.68 -17.96
N PRO D 809 5.48 15.46 -18.30
CA PRO D 809 4.71 14.37 -17.67
C PRO D 809 5.16 12.98 -18.06
N LEU D 810 6.00 12.84 -19.09
CA LEU D 810 6.59 11.56 -19.42
C LEU D 810 7.51 11.07 -18.31
N ALA D 811 8.09 11.99 -17.53
CA ALA D 811 9.07 11.59 -16.53
C ALA D 811 8.40 10.97 -15.32
N VAL D 812 7.10 11.22 -15.13
CA VAL D 812 6.42 10.69 -13.95
C VAL D 812 6.15 9.21 -14.13
N ASP D 813 5.64 8.81 -15.29
CA ASP D 813 5.22 7.42 -15.44
C ASP D 813 6.31 6.56 -16.06
N MET D 814 7.39 7.17 -16.56
CA MET D 814 8.58 6.36 -16.77
C MET D 814 9.42 6.27 -15.51
N SER D 815 9.07 7.02 -14.48
CA SER D 815 9.60 6.71 -13.17
C SER D 815 8.90 5.50 -12.60
N THR D 816 7.58 5.40 -12.81
CA THR D 816 6.83 4.26 -12.31
C THR D 816 7.04 3.05 -13.22
N ALA D 817 7.45 3.28 -14.46
CA ALA D 817 7.79 2.16 -15.33
C ALA D 817 9.06 1.46 -14.86
N ILE D 818 10.06 2.23 -14.42
CA ILE D 818 11.34 1.64 -14.00
C ILE D 818 11.18 0.89 -12.68
N LEU D 819 10.41 1.45 -11.75
CA LEU D 819 10.13 0.72 -10.49
C LEU D 819 9.30 -0.53 -10.76
N GLN D 820 8.43 -0.50 -11.76
CA GLN D 820 7.73 -1.72 -12.13
C GLN D 820 8.62 -2.60 -13.00
N LEU D 821 9.68 -2.02 -13.57
CA LEU D 821 10.64 -2.85 -14.28
C LEU D 821 11.63 -3.48 -13.31
N SER D 822 11.73 -2.93 -12.10
CA SER D 822 12.76 -3.40 -11.18
C SER D 822 12.20 -4.39 -10.16
N GLU D 823 10.94 -4.20 -9.75
CA GLU D 823 10.32 -5.17 -8.86
C GLU D 823 10.08 -6.49 -9.57
N GLU D 824 9.80 -6.44 -10.88
CA GLU D 824 9.69 -7.65 -11.67
C GLU D 824 11.04 -8.33 -11.84
N GLY D 825 12.13 -7.59 -11.79
CA GLY D 825 13.45 -8.16 -11.95
C GLY D 825 14.00 -8.11 -13.34
N GLU D 826 13.76 -7.03 -14.08
CA GLU D 826 14.18 -6.94 -15.47
C GLU D 826 15.46 -6.13 -15.62
N LEU D 827 15.77 -5.24 -14.68
CA LEU D 827 17.03 -4.51 -14.71
C LEU D 827 18.22 -5.44 -14.57
N GLU D 828 18.08 -6.48 -13.75
CA GLU D 828 19.19 -7.42 -13.57
C GLU D 828 19.33 -8.36 -14.77
N LYS D 829 18.22 -8.74 -15.39
CA LYS D 829 18.26 -9.68 -16.50
C LYS D 829 18.87 -9.03 -17.73
N ILE D 830 18.59 -7.75 -17.95
CA ILE D 830 19.28 -7.02 -19.00
C ILE D 830 20.73 -6.79 -18.60
N HIS D 831 20.99 -6.64 -17.30
CA HIS D 831 22.36 -6.55 -16.83
C HIS D 831 23.10 -7.86 -17.02
N ARG D 832 22.42 -9.01 -16.87
CA ARG D 832 23.04 -10.28 -17.24
C ARG D 832 23.28 -10.41 -18.74
N LYS D 833 22.49 -9.71 -19.57
CA LYS D 833 22.67 -9.86 -21.01
C LYS D 833 23.92 -9.15 -21.49
N TRP D 834 24.20 -7.97 -20.97
CA TRP D 834 25.36 -7.19 -21.40
C TRP D 834 26.53 -7.30 -20.43
N LEU D 835 26.29 -6.98 -19.15
CA LEU D 835 27.37 -6.88 -18.17
C LEU D 835 27.37 -8.11 -17.27
N ASN D 836 27.89 -9.21 -17.79
CA ASN D 836 28.08 -10.43 -17.01
C ASN D 836 29.56 -10.67 -16.71
N TYR D 837 30.29 -9.61 -16.41
CA TYR D 837 31.75 -9.63 -16.31
C TYR D 837 32.14 -9.67 -14.83
N LYS D 838 32.60 -10.84 -14.38
CA LYS D 838 32.87 -11.10 -12.97
C LYS D 838 34.27 -11.69 -12.78
N HIS D 839 35.03 -11.84 -13.86
CA HIS D 839 36.33 -12.53 -13.81
C HIS D 839 37.33 -11.63 -13.10
N GLU D 840 37.32 -11.70 -11.77
CA GLU D 840 38.12 -10.82 -10.92
C GLU D 840 38.92 -11.66 -9.94
N CYS D 841 40.22 -11.80 -10.18
CA CYS D 841 41.11 -12.51 -9.28
C CYS D 841 41.24 -11.77 -7.95
N SER D 842 41.14 -12.52 -6.85
CA SER D 842 41.21 -12.04 -5.47
C SER D 842 40.23 -10.91 -5.15
N LEU D 853 52.04 -15.54 3.27
CA LEU D 853 51.75 -14.95 4.58
C LEU D 853 52.61 -13.72 4.80
N SER D 854 53.41 -13.72 5.88
CA SER D 854 54.36 -12.65 6.14
C SER D 854 55.77 -13.19 6.04
N LEU D 855 56.68 -12.34 5.58
CA LEU D 855 58.07 -12.70 5.37
C LEU D 855 58.91 -11.51 5.82
N LYS D 856 60.18 -11.50 5.43
CA LYS D 856 61.06 -10.44 5.89
C LYS D 856 62.19 -10.21 4.89
N SER D 857 62.45 -8.94 4.58
CA SER D 857 63.59 -8.55 3.75
C SER D 857 63.90 -7.07 3.98
N PHE D 858 65.18 -6.76 4.08
CA PHE D 858 65.65 -5.39 4.30
C PHE D 858 67.14 -5.35 3.93
N TRP D 859 67.76 -4.19 4.17
CA TRP D 859 69.19 -4.02 3.94
C TRP D 859 69.92 -3.27 5.04
N GLY D 860 69.24 -2.55 5.93
CA GLY D 860 69.90 -1.51 6.72
C GLY D 860 70.75 -2.02 7.86
N LEU D 861 70.30 -3.10 8.50
CA LEU D 861 71.09 -3.64 9.60
C LEU D 861 72.32 -4.37 9.08
N PHE D 862 72.26 -4.90 7.86
CA PHE D 862 73.45 -5.47 7.25
C PHE D 862 74.38 -4.40 6.66
N LEU D 863 73.91 -3.16 6.56
CA LEU D 863 74.82 -2.08 6.20
C LEU D 863 75.80 -1.79 7.33
N ILE D 864 75.33 -1.89 8.58
CA ILE D 864 76.21 -1.76 9.74
C ILE D 864 77.16 -2.95 9.81
N CYS D 865 76.74 -4.11 9.29
CA CYS D 865 77.66 -5.23 9.14
C CYS D 865 78.75 -4.94 8.12
N GLY D 866 78.49 -4.05 7.16
CA GLY D 866 79.48 -3.69 6.17
C GLY D 866 80.40 -2.56 6.59
N ILE D 867 79.85 -1.55 7.28
CA ILE D 867 80.64 -0.39 7.66
C ILE D 867 81.62 -0.73 8.77
N THR D 868 81.18 -1.55 9.74
CA THR D 868 82.03 -1.88 10.88
C THR D 868 83.15 -2.84 10.49
N CYS D 869 82.85 -3.83 9.65
CA CYS D 869 83.87 -4.81 9.27
C CYS D 869 84.90 -4.21 8.31
N PHE D 870 84.46 -3.34 7.40
CA PHE D 870 85.40 -2.70 6.49
C PHE D 870 86.25 -1.65 7.19
N MET D 871 85.78 -1.13 8.32
CA MET D 871 86.60 -0.24 9.13
C MET D 871 87.79 -0.97 9.71
N ALA D 872 87.61 -2.23 10.12
CA ALA D 872 88.67 -2.97 10.77
C ALA D 872 89.66 -3.59 9.76
N LEU D 873 89.30 -3.67 8.49
CA LEU D 873 90.29 -3.99 7.46
C LEU D 873 91.33 -2.87 7.34
N THR D 874 90.90 -1.61 7.45
CA THR D 874 91.82 -0.49 7.32
C THR D 874 92.73 -0.38 8.54
N VAL D 875 92.20 -0.69 9.72
CA VAL D 875 93.02 -0.69 10.93
C VAL D 875 94.00 -1.85 10.89
N PHE D 876 93.59 -3.00 10.33
CA PHE D 876 94.49 -4.12 10.19
C PHE D 876 95.54 -3.86 9.11
N PHE D 877 95.14 -3.20 8.00
CA PHE D 877 96.11 -2.89 6.96
C PHE D 877 97.08 -1.81 7.40
N TRP D 878 96.64 -0.88 8.25
CA TRP D 878 97.57 0.06 8.86
C TRP D 878 98.48 -0.63 9.86
N ARG D 879 98.01 -1.72 10.48
CA ARG D 879 98.87 -2.54 11.31
C ARG D 879 99.87 -3.32 10.45
N VAL D 880 99.44 -3.81 9.29
CA VAL D 880 100.35 -4.45 8.35
C VAL D 880 101.33 -3.44 7.77
N PHE D 881 100.87 -2.20 7.55
CA PHE D 881 101.79 -1.13 7.12
C PHE D 881 102.75 -0.74 8.23
N TRP D 882 102.35 -0.93 9.49
CA TRP D 882 103.25 -0.76 10.62
C TRP D 882 104.03 -2.03 10.94
N GLN D 883 103.51 -3.19 10.54
CA GLN D 883 104.30 -4.43 10.57
C GLN D 883 105.52 -4.33 9.67
N TYR D 884 105.39 -3.63 8.55
CA TYR D 884 106.51 -3.41 7.63
C TYR D 884 107.48 -2.35 8.14
N GLN D 885 107.11 -1.62 9.20
CA GLN D 885 107.95 -0.56 9.74
C GLN D 885 109.01 -1.09 10.70
N ARG D 886 108.85 -2.31 11.20
CA ARG D 886 109.80 -2.92 12.14
C ARG D 886 111.18 -3.13 11.52
C1 NAG E . -36.04 -26.83 29.58
C2 NAG E . -37.24 -25.99 29.97
C3 NAG E . -36.96 -24.52 29.71
C4 NAG E . -35.72 -24.09 30.47
C5 NAG E . -34.54 -24.98 30.09
C6 NAG E . -33.30 -24.72 30.92
C7 NAG E . -39.60 -26.62 29.84
C8 NAG E . -40.73 -27.04 28.95
N2 NAG E . -38.44 -26.41 29.24
O3 NAG E . -38.09 -23.76 30.11
O4 NAG E . -35.39 -22.74 30.16
O5 NAG E . -34.88 -26.36 30.30
O6 NAG E . -33.63 -24.42 32.27
O7 NAG E . -39.75 -26.50 31.06
C1 NAG E . -35.63 -21.88 31.29
C2 NAG E . -34.64 -20.72 31.22
C3 NAG E . -34.89 -19.74 32.36
C4 NAG E . -36.35 -19.28 32.35
C5 NAG E . -37.28 -20.49 32.39
C6 NAG E . -38.74 -20.12 32.26
C7 NAG E . -32.46 -21.22 30.21
C8 NAG E . -31.09 -21.77 30.44
N2 NAG E . -33.27 -21.22 31.27
O3 NAG E . -34.03 -18.62 32.22
O4 NAG E . -36.60 -18.45 33.48
O5 NAG E . -36.98 -21.36 31.28
O6 NAG E . -39.42 -21.01 31.39
O7 NAG E . -32.83 -20.82 29.11
C1 NAG F . 3.69 -14.69 7.62
C2 NAG F . 4.61 -13.87 6.76
C3 NAG F . 3.81 -13.16 5.66
C4 NAG F . 2.49 -13.83 5.26
C5 NAG F . 2.15 -15.18 5.93
C6 NAG F . 1.91 -16.28 4.93
C7 NAG F . 6.55 -12.41 7.16
C8 NAG F . 7.19 -11.45 8.11
N2 NAG F . 5.37 -12.92 7.54
O3 NAG F . 4.62 -13.02 4.50
O4 NAG F . 1.42 -12.93 5.58
O5 NAG F . 3.13 -15.68 6.85
O6 NAG F . 3.03 -16.44 4.07
O7 NAG F . 7.07 -12.73 6.09
C1 NAG F . 0.41 -12.68 4.54
C2 NAG F . 1.05 -11.89 3.38
C3 NAG F . 0.03 -11.66 2.26
C4 NAG F . -0.64 -12.96 1.85
C5 NAG F . -1.24 -13.64 3.07
C6 NAG F . -1.89 -14.97 2.76
C7 NAG F . 2.63 -10.00 3.28
C8 NAG F . 3.03 -8.70 3.91
N2 NAG F . 1.59 -10.62 3.85
O3 NAG F . 0.66 -11.07 1.13
O4 NAG F . -1.66 -12.71 0.89
O5 NAG F . -0.20 -13.90 4.03
O6 NAG F . -3.30 -14.93 2.93
O7 NAG F . 3.20 -10.46 2.31
C1 NAG G . -28.14 -23.82 -13.22
C2 NAG G . -28.82 -24.73 -14.24
C3 NAG G . -27.83 -25.72 -14.90
C4 NAG G . -26.79 -26.29 -13.94
C5 NAG G . -26.35 -25.28 -12.89
C6 NAG G . -24.85 -25.22 -12.73
C7 NAG G . -31.16 -24.91 -13.56
C8 NAG G . -32.20 -25.77 -12.91
N2 NAG G . -29.93 -25.44 -13.64
O3 NAG G . -27.16 -25.05 -15.97
O4 NAG G . -27.26 -27.49 -13.32
O5 NAG G . -26.77 -23.98 -13.29
O6 NAG G . -24.24 -24.68 -13.91
O7 NAG G . -31.42 -23.81 -14.00
C1 NAG G . -26.33 -28.52 -13.71
C2 NAG G . -26.79 -29.85 -13.10
C3 NAG G . -25.87 -30.98 -13.54
C4 NAG G . -25.75 -31.02 -15.07
C5 NAG G . -25.30 -29.64 -15.59
C6 NAG G . -25.29 -29.57 -17.10
C7 NAG G . -27.97 -29.53 -10.98
C8 NAG G . -27.83 -29.48 -9.49
N2 NAG G . -26.84 -29.77 -11.66
O3 NAG G . -26.38 -32.22 -13.08
O4 NAG G . -24.78 -31.99 -15.45
O5 NAG G . -26.23 -28.64 -15.14
O6 NAG G . -26.55 -29.17 -17.61
O7 NAG G . -29.04 -29.37 -11.54
C1 NAG H . 1.87 -29.14 23.14
C2 NAG H . 2.21 -30.32 24.02
C3 NAG H . 1.05 -31.32 24.04
C4 NAG H . -0.24 -30.64 24.46
C5 NAG H . -0.49 -29.40 23.60
C6 NAG H . -1.65 -28.56 24.08
C7 NAG H . 4.41 -31.33 24.38
C8 NAG H . 5.60 -31.98 23.74
N2 NAG H . 3.43 -30.97 23.56
O3 NAG H . 1.36 -32.37 24.95
O4 NAG H . -1.32 -31.55 24.26
O5 NAG H . 0.65 -28.55 23.58
O6 NAG H . -1.72 -28.56 25.50
O7 NAG H . 4.34 -31.15 25.60
C1 NAG H . -2.02 -31.88 25.48
C2 NAG H . -3.36 -32.54 25.11
C3 NAG H . -3.56 -33.84 25.91
C4 NAG H . -3.25 -33.66 27.39
C5 NAG H . -1.90 -32.98 27.59
C6 NAG H . -0.93 -33.80 28.41
C7 NAG H . -5.47 -31.41 24.45
C8 NAG H . -5.38 -32.17 23.15
N2 NAG H . -4.48 -31.63 25.33
O3 NAG H . -2.75 -34.87 25.36
O4 NAG H . -4.26 -32.87 28.01
O5 NAG H . -1.27 -32.76 26.32
O6 NAG H . -1.40 -33.98 29.74
O7 NAG H . -6.39 -30.63 24.68
C1 NAG I . 2.39 33.50 -42.08
C2 NAG I . 1.48 33.07 -43.21
C3 NAG I . 1.00 31.65 -42.98
C4 NAG I . 2.20 30.71 -42.84
C5 NAG I . 3.11 31.20 -41.72
C6 NAG I . 4.39 30.41 -41.60
C7 NAG I . -0.02 34.48 -44.54
C8 NAG I . -1.20 35.38 -44.51
N2 NAG I . 0.35 33.97 -43.36
O3 NAG I . 0.18 31.25 -44.07
O4 NAG I . 1.75 29.39 -42.55
O5 NAG I . 3.49 32.56 -41.97
O6 NAG I . 4.89 30.06 -42.89
O7 NAG I . 0.60 34.23 -45.57
C1 NAG I . 1.99 28.51 -43.67
C2 NAG I . 2.25 27.12 -43.13
C3 NAG I . 2.44 26.13 -44.29
C4 NAG I . 1.26 26.19 -45.24
C5 NAG I . 1.04 27.63 -45.72
C6 NAG I . -0.18 27.80 -46.57
C7 NAG I . 3.32 26.96 -40.93
C8 NAG I . 4.61 26.97 -40.18
N2 NAG I . 3.41 27.10 -42.26
O3 NAG I . 2.57 24.81 -43.78
O4 NAG I . 1.50 25.37 -46.38
O5 NAG I . 0.86 28.49 -44.57
O6 NAG I . -0.90 28.98 -46.24
O7 NAG I . 2.24 26.84 -40.36
C1 NAG J . 12.19 11.57 -1.69
C2 NAG J . 12.04 10.60 -0.56
C3 NAG J . 10.55 10.36 -0.24
C4 NAG J . 9.59 11.45 -0.73
C5 NAG J . 10.21 12.76 -1.25
C6 NAG J . 9.81 13.97 -0.42
C7 NAG J . 13.17 8.53 0.11
C8 NAG J . 13.86 7.29 -0.37
N2 NAG J . 12.72 9.35 -0.84
O3 NAG J . 10.39 10.18 1.16
O4 NAG J . 8.78 10.91 -1.79
O5 NAG J . 11.64 12.78 -1.31
O6 NAG J . 10.41 13.92 0.86
O7 NAG J . 13.02 8.77 1.30
C1 NAG J . 7.34 11.12 -1.66
C2 NAG J . 6.79 10.30 -0.47
C3 NAG J . 5.29 10.54 -0.30
C4 NAG J . 4.98 12.03 -0.22
C5 NAG J . 5.55 12.74 -1.44
C6 NAG J . 5.32 14.23 -1.44
C7 NAG J . 7.23 8.02 0.34
C8 NAG J . 7.49 6.60 -0.05
N2 NAG J . 7.05 8.88 -0.66
O3 NAG J . 4.82 9.90 0.88
O4 NAG J . 3.57 12.24 -0.16
O5 NAG J . 6.97 12.52 -1.50
O6 NAG J . 4.52 14.64 -2.53
O7 NAG J . 7.18 8.37 1.52
C1 NAG K . -20.06 33.43 -4.69
C2 NAG K . -20.87 34.62 -4.21
C3 NAG K . -20.27 35.29 -2.96
C4 NAG K . -18.74 35.33 -2.93
C5 NAG K . -18.12 34.10 -3.58
C6 NAG K . -17.02 33.48 -2.75
C7 NAG K . -22.04 35.49 -6.17
C8 NAG K . -22.08 36.55 -7.22
N2 NAG K . -21.05 35.59 -5.28
O3 NAG K . -20.75 34.63 -1.80
O4 NAG K . -18.23 36.51 -3.51
O5 NAG K . -19.12 33.10 -3.73
O6 NAG K . -17.54 33.02 -1.51
O7 NAG K . -22.88 34.60 -6.11
C1 NAG K . -17.46 37.17 -2.47
C2 NAG K . -16.93 38.50 -3.01
C3 NAG K . -16.17 39.25 -1.91
C4 NAG K . -17.04 39.40 -0.67
C5 NAG K . -17.56 38.04 -0.21
C6 NAG K . -18.53 38.14 0.94
C7 NAG K . -16.49 38.37 -5.42
C8 NAG K . -15.46 38.11 -6.48
N2 NAG K . -16.06 38.27 -4.15
O3 NAG K . -15.79 40.52 -2.40
O4 NAG K . -16.28 39.99 0.38
O5 NAG K . -18.27 37.41 -1.30
O6 NAG K . -19.85 38.36 0.48
O7 NAG K . -17.65 38.65 -5.68
C1 NAG L . 25.63 23.58 -12.91
C2 NAG L . 26.84 24.44 -13.24
C3 NAG L . 26.40 25.76 -13.88
C4 NAG L . 25.51 25.52 -15.09
C5 NAG L . 24.36 24.58 -14.72
C6 NAG L . 23.56 24.12 -15.91
C7 NAG L . 28.98 24.64 -12.06
C8 NAG L . 29.64 24.91 -10.75
N2 NAG L . 27.64 24.69 -12.06
O3 NAG L . 27.56 26.50 -14.27
O4 NAG L . 24.95 26.76 -15.51
O5 NAG L . 24.85 23.39 -14.08
O6 NAG L . 24.39 23.96 -17.06
O7 NAG L . 29.61 24.38 -13.08
C1 NAG L . 25.34 27.14 -16.85
C2 NAG L . 24.39 28.26 -17.33
C3 NAG L . 25.20 29.44 -17.90
C4 NAG L . 26.27 28.98 -18.87
C5 NAG L . 27.12 27.85 -18.27
C6 NAG L . 28.59 28.17 -18.21
C7 NAG L . 22.12 28.01 -18.30
C8 NAG L . 21.61 28.86 -17.17
N2 NAG L . 23.44 27.77 -18.31
O3 NAG L . 25.77 30.17 -16.83
O4 NAG L . 25.68 28.53 -20.08
O5 NAG L . 26.69 27.60 -16.93
O6 NAG L . 29.12 28.41 -19.52
O7 NAG L . 21.37 27.57 -19.15
N GLU M . 13.39 -26.71 4.81
CA GLU M . 13.42 -25.62 3.85
C GLU M . 12.09 -24.89 3.91
O GLU M . 11.99 -23.71 3.60
CB GLU M . 13.70 -26.17 2.44
CG GLU M . 13.88 -25.11 1.37
CD GLU M . 14.36 -25.68 0.03
OE1 GLU M . 14.58 -26.91 -0.05
OE2 GLU M . 14.53 -24.90 -0.92
OXT GLU M . 11.08 -25.47 4.31
C1 NAG N . -56.73 -45.53 3.32
C2 NAG N . -55.75 -46.67 3.48
C3 NAG N . -56.32 -47.93 2.86
C4 NAG N . -57.82 -48.11 3.09
C5 NAG N . -58.58 -46.80 2.93
C6 NAG N . -60.07 -46.97 3.26
C7 NAG N . -53.46 -45.92 3.44
C8 NAG N . -52.51 -45.05 2.66
N2 NAG N . -54.53 -46.32 2.79
O3 NAG N . -55.63 -49.07 3.41
O4 NAG N . -58.33 -49.05 2.14
O5 NAG N . -58.01 -45.84 3.81
O6 NAG N . -60.23 -48.00 4.22
O7 NAG N . -53.25 -46.22 4.61
C1 NAG O . -49.00 -27.94 40.33
C2 NAG O . -48.63 -26.56 40.90
C3 NAG O . -47.33 -26.65 41.69
C4 NAG O . -47.43 -27.73 42.76
C5 NAG O . -47.86 -29.06 42.13
C6 NAG O . -48.12 -30.14 43.16
C7 NAG O . -49.45 -24.64 39.58
C8 NAG O . -50.65 -24.60 40.47
N2 NAG O . -48.53 -25.58 39.83
O3 NAG O . -47.06 -25.39 42.27
O4 NAG O . -46.16 -27.90 43.39
O5 NAG O . -49.07 -28.88 41.41
O6 NAG O . -49.33 -30.83 42.90
O7 NAG O . -49.31 -23.84 38.65
N1 GSH P . -47.89 -40.01 8.68
CA1 GSH P . -47.37 -41.25 9.22
C1 GSH P . -47.35 -42.31 8.14
O11 GSH P . -46.81 -42.09 7.03
O12 GSH P . -47.88 -43.43 8.37
CB1 GSH P . -48.29 -41.75 10.31
CG1 GSH P . -48.24 -40.83 11.52
CD1 GSH P . -46.84 -40.35 11.85
OE1 GSH P . -46.07 -41.12 12.30
N2 GSH P . -46.47 -38.97 11.59
CA2 GSH P . -45.15 -38.45 11.85
C2 GSH P . -44.77 -38.55 13.33
O2 GSH P . -45.59 -38.39 14.16
CB2 GSH P . -45.11 -36.98 11.46
SG2 GSH P . -43.92 -36.08 12.48
N3 GSH P . -43.39 -38.87 13.64
CA3 GSH P . -42.87 -39.00 14.98
C3 GSH P . -41.37 -38.74 14.93
O31 GSH P . -40.83 -37.97 15.77
O32 GSH P . -40.67 -39.27 14.04
N GLU Q . 7.73 -16.02 29.59
CA GLU Q . 7.60 -17.25 30.37
C GLU Q . 6.64 -18.17 29.62
O GLU Q . 6.60 -19.37 29.83
CB GLU Q . 7.14 -16.94 31.80
CG GLU Q . 7.07 -18.10 32.77
CD GLU Q . 6.85 -17.67 34.22
OE1 GLU Q . 6.76 -18.55 35.10
OE2 GLU Q . 6.77 -16.46 34.48
OXT GLU Q . 5.89 -17.71 28.77
C1 NAG R . -58.80 -9.00 5.72
C2 NAG R . -58.20 -9.23 7.09
C3 NAG R . -59.23 -9.08 8.21
C4 NAG R . -60.57 -9.73 7.91
C5 NAG R . -60.86 -9.68 6.41
C6 NAG R . -62.34 -9.58 6.06
C7 NAG R . -56.33 -10.72 7.42
C8 NAG R . -56.01 -11.89 8.30
N2 NAG R . -57.61 -10.56 7.13
O3 NAG R . -59.43 -7.68 8.48
O4 NAG R . -60.51 -11.11 8.31
O5 NAG R . -60.14 -8.58 5.88
O6 NAG R . -62.52 -10.28 4.84
O7 NAG R . -55.47 -9.97 7.00
C1 NAG S . -36.56 -24.44 -27.76
C2 NAG S . -35.74 -25.69 -28.01
C3 NAG S . -34.28 -25.33 -28.20
C4 NAG S . -34.14 -24.31 -29.32
C5 NAG S . -35.03 -23.09 -29.07
C6 NAG S . -35.06 -22.12 -30.22
C7 NAG S . -36.58 -27.81 -27.05
C8 NAG S . -37.21 -28.10 -28.38
N2 NAG S . -35.90 -26.66 -26.94
O3 NAG S . -33.53 -26.50 -28.50
O4 NAG S . -32.77 -23.87 -29.43
O5 NAG S . -36.39 -23.52 -28.86
O6 NAG S . -36.39 -21.76 -30.56
O7 NAG S . -36.69 -28.58 -26.10
N1 GSH T . -49.10 -13.28 1.83
CA1 GSH T . -48.76 -11.91 1.61
C1 GSH T . -49.36 -11.04 2.69
O11 GSH T . -48.77 -10.89 3.79
O12 GSH T . -50.46 -10.48 2.46
CB1 GSH T . -49.33 -11.48 0.26
CG1 GSH T . -48.75 -12.33 -0.85
CD1 GSH T . -47.25 -12.46 -0.70
OE1 GSH T . -46.58 -11.50 -0.89
N2 GSH T . -46.63 -13.71 -0.31
CA2 GSH T . -45.20 -13.81 -0.12
C2 GSH T . -44.39 -13.69 -1.40
O2 GSH T . -44.91 -13.73 -2.47
CB2 GSH T . -44.89 -15.13 0.58
SG2 GSH T . -44.35 -16.36 -0.64
N3 GSH T . -42.97 -13.52 -1.26
CA3 GSH T . -42.06 -13.37 -2.37
C3 GSH T . -40.65 -13.33 -1.78
O31 GSH T . -39.68 -13.76 -2.45
O32 GSH T . -40.46 -12.86 -0.64
N GLU U . 21.26 19.91 8.07
CA GLU U . 20.29 19.00 8.68
C GLU U . 19.16 18.75 7.71
O GLU U . 18.49 17.74 7.74
CB GLU U . 19.79 19.60 10.00
CG GLU U . 18.87 18.68 10.81
CD GLU U . 18.57 19.22 12.21
OE1 GLU U . 19.08 20.30 12.55
OE2 GLU U . 17.82 18.56 12.95
OXT GLU U . 18.91 19.58 6.84
C1 NAG V . -22.57 60.99 -30.17
C2 NAG V . -23.86 61.68 -29.76
C3 NAG V . -23.78 63.20 -29.83
C4 NAG V . -23.17 63.72 -31.13
C5 NAG V . -22.10 62.77 -31.66
C6 NAG V . -20.94 63.55 -32.28
C7 NAG V . -25.94 60.45 -30.04
C8 NAG V . -27.21 61.17 -29.70
N2 NAG V . -24.98 61.19 -30.57
O3 NAG V . -23.03 63.68 -28.72
O4 NAG V . -24.18 63.86 -32.14
O5 NAG V . -21.61 61.98 -30.59
O6 NAG V . -20.25 64.27 -31.25
O7 NAG V . -25.80 59.25 -29.85
C1 NAG W . 0.51 37.52 -58.37
C2 NAG W . 0.64 36.03 -58.67
C3 NAG W . 2.06 35.57 -58.41
C4 NAG W . 3.05 36.42 -59.20
C5 NAG W . 2.82 37.90 -58.90
C6 NAG W . 3.66 38.82 -59.76
C7 NAG W . -1.44 34.71 -58.35
C8 NAG W . -1.72 34.91 -59.82
N2 NAG W . -0.31 35.26 -57.88
O3 NAG W . 2.19 34.20 -58.78
O4 NAG W . 4.39 36.08 -58.84
O5 NAG W . 1.46 38.26 -59.16
O6 NAG W . 2.93 39.96 -60.19
O7 NAG W . -2.21 34.07 -57.63
N1 GSH X . -14.53 52.36 -31.72
CA1 GSH X . -13.47 53.34 -31.78
C1 GSH X . -13.79 54.49 -30.85
O11 GSH X . -14.12 54.27 -29.66
O12 GSH X . -13.71 55.66 -31.29
CB1 GSH X . -13.38 53.92 -33.19
CG1 GSH X . -12.85 52.90 -34.19
CD1 GSH X . -11.80 51.98 -33.58
OE1 GSH X . -10.71 52.40 -33.41
N2 GSH X . -12.15 50.62 -33.25
CA2 GSH X . -11.22 49.68 -32.66
C2 GSH X . -10.02 49.43 -33.56
O2 GSH X . -10.14 49.46 -34.73
CB2 GSH X . -11.95 48.36 -32.39
SG2 GSH X . -10.89 46.94 -32.78
N3 GSH X . -8.76 49.16 -32.91
CA3 GSH X . -7.52 48.90 -33.62
C3 GSH X . -6.56 48.24 -32.64
O31 GSH X . -5.92 47.20 -32.95
O32 GSH X . -6.41 48.74 -31.50
N GLU Y . 29.34 8.56 -15.76
CA GLU Y . 30.16 9.64 -16.27
C GLU Y . 29.32 10.91 -16.21
O GLU Y . 29.83 12.03 -16.24
CB GLU Y . 30.62 9.32 -17.71
CG GLU Y . 31.59 10.31 -18.36
CD GLU Y . 32.20 9.80 -19.65
OE1 GLU Y . 33.00 10.53 -20.27
OE2 GLU Y . 31.90 8.65 -20.05
OXT GLU Y . 28.11 10.85 -16.09
C1 NAG Z . -35.62 27.51 -40.42
C2 NAG Z . -34.35 27.10 -41.14
C3 NAG Z . -34.44 27.28 -42.66
C4 NAG Z . -35.06 28.63 -43.06
C5 NAG Z . -36.10 29.05 -42.03
C6 NAG Z . -37.25 29.86 -42.60
C7 NAG Z . -32.38 27.39 -39.73
C8 NAG Z . -30.96 27.84 -39.90
N2 NAG Z . -33.23 27.87 -40.63
O3 NAG Z . -35.21 26.22 -43.23
O4 NAG Z . -34.02 29.62 -43.08
O5 NAG Z . -36.58 27.86 -41.40
O6 NAG Z . -37.66 30.78 -41.57
O7 NAG Z . -32.73 26.65 -38.83
C1 NAG AA . -34.89 38.71 1.15
C2 NAG AA . -34.08 39.63 2.06
C3 NAG AA . -33.29 38.80 3.07
C4 NAG AA . -34.25 37.91 3.85
C5 NAG AA . -35.09 37.06 2.90
C6 NAG AA . -36.18 36.27 3.62
C7 NAG AA . -33.35 41.80 1.11
C8 NAG AA . -34.55 42.42 1.79
N2 NAG AA . -33.18 40.48 1.28
O3 NAG AA . -32.59 39.66 3.95
O4 NAG AA . -33.51 37.05 4.73
O5 NAG AA . -35.77 37.91 1.95
O6 NAG AA . -37.46 36.52 3.06
O7 NAG AA . -32.57 42.47 0.45
N1 GSH BA . -28.83 28.71 -30.73
CA1 GSH BA . -29.16 27.33 -30.50
C1 GSH BA . -29.21 26.59 -31.81
O11 GSH BA . -28.16 26.06 -32.28
O12 GSH BA . -30.30 26.51 -32.42
CB1 GSH BA . -30.53 27.26 -29.86
CG1 GSH BA . -30.53 28.06 -28.57
CD1 GSH BA . -29.36 27.66 -27.71
OE1 GSH BA . -29.34 26.58 -27.25
N2 GSH BA . -28.26 28.57 -27.47
CA2 GSH BA . -27.12 28.14 -26.68
C2 GSH BA . -27.42 27.96 -25.18
O2 GSH BA . -28.43 28.33 -24.71
CB2 GSH BA . -25.97 29.14 -26.86
SG2 GSH BA . -25.96 30.31 -25.48
N3 GSH BA . -26.40 27.30 -24.40
CA3 GSH BA . -26.52 27.04 -22.99
C3 GSH BA . -25.23 26.39 -22.52
O31 GSH BA . -24.85 26.53 -21.33
O32 GSH BA . -24.54 25.71 -23.32
#